data_3GLI
#
_entry.id   3GLI
#
_cell.length_a   98.690
_cell.length_b   217.180
_cell.length_c   275.320
_cell.angle_alpha   90.00
_cell.angle_beta   90.00
_cell.angle_gamma   90.00
#
_symmetry.space_group_name_H-M   'P 21 21 21'
#
loop_
_entity.id
_entity.type
_entity.pdbx_description
1 polymer 'DNA polymerase III subunit delta'
2 polymer 'DNA polymerase III subunit tau'
3 polymer "DNA polymerase III subunit delta'"
4 polymer "DNA (5'-D(*TP*TP*TP*TP*TP*TP*AP*TP*AP*GP*GP*CP*CP*AP*G)-3')"
5 polymer "DNA (5'-D(*CP*TP*GP*GP*CP*CP*TP*AP*TP*A)-3')"
6 polymer 'DNA polymerase III subunit psi'
7 non-polymer "ADENOSINE-5'-DIPHOSPHATE"
8 non-polymer 'BERYLLIUM TRIFLUORIDE ION'
9 non-polymer 'MAGNESIUM ION'
10 non-polymer 'ZINC ION'
#
loop_
_entity_poly.entity_id
_entity_poly.type
_entity_poly.pdbx_seq_one_letter_code
_entity_poly.pdbx_strand_id
1 'polypeptide(L)'
;MIRLYPEQLRAQLNEGLRAAYLLLGNDPLLLQESQDAVRQVAAAQGFEEHHTFSIDPNTDWNAIFSLCQAMSLFASRQTL
LLLLPENGPNAAINEQLLTLTGLLHDDLLLIVRGNKLSKAQENAAWFTALANRSVQVTCQTPEQAQLPRWVAARAKQLNL
ELDDAANQVLCYCYEGNLLALAQALERLSLLWPDGKLTLPRVEQAVNDAAHFTPFHWVDALLMGKSKRALHILQQLRLEG
SEPVILLRTLQRELLLLVNLKRQSAHTPLRALFDKHRVWQNRRGMMGEALNRLSQTQLRQAVQLLTRTELTLKQDYGQSV
WAELEGLSLLLCHKPLADVFIDG
;
A,F
2 'polypeptide(L)'
;MGSSHHHHHHSSGLEVLFQGPHMSYQVLARKWRPQTFADVVGQEHVLTALANGLSLGRIHHAYLFSGTRGVGKTSIARLL
AKGLNCETGITATPCGVCDNCREIEQGRFVDLIEIDAASRTKVEDTRDLLDNVQYAPARGRFKVYLIDEVHMLSRHSFNA
LLKTLEEPPEHVKFLLATTDPQKLPVTILSRCLQFHLKALDVEQIRHQLEHILNEEHIAHEPRALQLLARAAEGSLRDAL
SLTDQAIASGDGQVSTQAVSAMLGTLDDDQALSLVEAMVEANGERVMALINEAAARGIEWEALLVEMLGLLHRIAMVQLS
PAALGNDMAAIELRMRELARTIPPTDIQLYYQTLLIGRKELPYAPDRRMGVEMTLLRALAFHPRMPLPEPEVPRQ
;
B,C,D,G,H,I
3 'polypeptide(L)'
;MRWYPWLRPDFEKLVASYQAGRGHHALLIQALPGMGDDALIYALSRYLLCQQPQGHKSCGHCRGCQLMQAGTHPDYYTLA
PEKGKNTLGVDAVREVTEKLNEHARLGGAKVVWVTDAALLTDAAANALLKTLEEPPAETWFFLATREPERLLATLRSRCR
LHYLAPPPEQYAVTWLSREVTMSQDALLAALRLSAGSPGAALALFQGDNWQARETLCQALAYSVPSGDWYSLLAALNHEQ
APARLHWLATLLMDALKRHHGAAQVTNVDVPGLVAELANHLSPSRLQAILGDVCHIREQLMSVTGINRELLITDLLLRIE
HYLQPGVVLPVPHL
;
E,J
4 'polydeoxyribonucleotide' (DT)(DT)(DT)(DT)(DT)(DT)(DA)(DT)(DA)(DG)(DG)(DC)(DC)(DA)(DG) K,M
5 'polydeoxyribonucleotide' (DC)(DT)(DG)(DG)(DC)(DC)(DT)(DA)(DT)(DA) L,N
6 'polypeptide(L)' TSRRDWQLQQLGITQWSLRRPGALQGE O,P
#
loop_
_chem_comp.id
_chem_comp.type
_chem_comp.name
_chem_comp.formula
ADP non-polymer ADENOSINE-5'-DIPHOSPHATE 'C10 H15 N5 O10 P2'
BEF non-polymer 'BERYLLIUM TRIFLUORIDE ION' 'Be F3 -1'
DA DNA linking 2'-DEOXYADENOSINE-5'-MONOPHOSPHATE 'C10 H14 N5 O6 P'
DC DNA linking 2'-DEOXYCYTIDINE-5'-MONOPHOSPHATE 'C9 H14 N3 O7 P'
DG DNA linking 2'-DEOXYGUANOSINE-5'-MONOPHOSPHATE 'C10 H14 N5 O7 P'
DT DNA linking THYMIDINE-5'-MONOPHOSPHATE 'C10 H15 N2 O8 P'
MG non-polymer 'MAGNESIUM ION' 'Mg 2'
ZN non-polymer 'ZINC ION' 'Zn 2'
#
# COMPACT_ATOMS: atom_id res chain seq x y z
N MET A 1 56.60 -16.25 -25.11
CA MET A 1 56.54 -15.11 -24.20
C MET A 1 56.48 -15.56 -22.74
N ILE A 2 57.62 -15.53 -22.06
CA ILE A 2 57.68 -15.96 -20.66
C ILE A 2 56.91 -15.02 -19.71
N ARG A 3 55.72 -15.44 -19.25
CA ARG A 3 54.84 -14.65 -18.37
C ARG A 3 55.21 -14.76 -16.87
N LEU A 4 55.55 -13.63 -16.25
CA LEU A 4 56.16 -13.62 -14.91
C LEU A 4 55.46 -12.77 -13.87
N TYR A 5 55.65 -13.14 -12.60
CA TYR A 5 55.31 -12.25 -11.50
C TYR A 5 56.58 -11.56 -11.09
N PRO A 6 56.48 -10.29 -10.67
CA PRO A 6 57.69 -9.48 -10.53
C PRO A 6 58.68 -10.18 -9.61
N GLU A 7 58.18 -10.85 -8.56
CA GLU A 7 59.07 -11.62 -7.68
C GLU A 7 59.92 -12.63 -8.48
N GLN A 8 59.24 -13.48 -9.25
CA GLN A 8 59.87 -14.51 -10.09
C GLN A 8 60.86 -13.97 -11.15
N LEU A 9 60.67 -12.71 -11.55
CA LEU A 9 61.43 -12.10 -12.64
C LEU A 9 62.94 -12.09 -12.45
N ARG A 10 63.39 -11.79 -11.23
CA ARG A 10 64.82 -11.66 -10.93
C ARG A 10 65.64 -12.88 -11.37
N ALA A 11 65.08 -14.06 -11.12
CA ALA A 11 65.66 -15.35 -11.51
C ALA A 11 65.66 -15.60 -13.03
N GLN A 12 64.53 -15.32 -13.69
CA GLN A 12 64.42 -15.50 -15.14
C GLN A 12 65.29 -14.56 -15.97
N LEU A 13 65.63 -13.40 -15.38
CA LEU A 13 66.44 -12.39 -16.03
C LEU A 13 67.94 -12.70 -15.98
N ASN A 14 68.32 -13.53 -15.00
CA ASN A 14 69.71 -13.97 -14.84
C ASN A 14 70.06 -15.14 -15.75
N GLU A 15 69.13 -16.09 -15.86
CA GLU A 15 69.26 -17.23 -16.77
C GLU A 15 69.71 -16.77 -18.16
N GLY A 16 68.91 -15.90 -18.78
CA GLY A 16 69.25 -15.33 -20.06
C GLY A 16 68.42 -14.09 -20.32
N LEU A 17 69.09 -13.02 -20.70
CA LEU A 17 68.38 -11.83 -21.13
C LEU A 17 67.67 -12.10 -22.45
N ARG A 18 66.58 -11.39 -22.71
CA ARG A 18 65.83 -11.58 -23.95
C ARG A 18 65.57 -10.24 -24.69
N ALA A 19 65.28 -10.32 -25.99
CA ALA A 19 65.24 -9.12 -26.82
C ALA A 19 64.23 -8.11 -26.32
N ALA A 20 63.06 -8.59 -25.92
CA ALA A 20 61.96 -7.73 -25.48
C ALA A 20 61.56 -7.95 -24.02
N TYR A 21 61.59 -6.89 -23.19
CA TYR A 21 61.07 -6.94 -21.82
C TYR A 21 59.81 -6.10 -21.63
N LEU A 22 58.69 -6.78 -21.40
CA LEU A 22 57.36 -6.16 -21.37
C LEU A 22 56.79 -5.97 -19.97
N LEU A 23 56.93 -4.75 -19.45
CA LEU A 23 56.43 -4.42 -18.12
C LEU A 23 55.00 -3.86 -18.14
N LEU A 24 54.03 -4.76 -18.00
CA LEU A 24 52.62 -4.39 -18.02
C LEU A 24 52.06 -4.44 -16.62
N GLY A 25 51.16 -3.52 -16.30
CA GLY A 25 50.57 -3.51 -14.99
C GLY A 25 50.14 -2.14 -14.53
N ASN A 26 49.62 -2.10 -13.31
CA ASN A 26 49.04 -0.89 -12.78
C ASN A 26 49.80 -0.43 -11.55
N ASP A 27 50.60 -1.31 -10.96
CA ASP A 27 51.28 -0.97 -9.71
C ASP A 27 52.65 -0.34 -9.94
N PRO A 28 52.88 0.80 -9.27
CA PRO A 28 54.05 1.66 -9.44
C PRO A 28 55.29 1.05 -8.84
N LEU A 29 55.13 0.32 -7.74
CA LEU A 29 56.27 -0.25 -7.06
C LEU A 29 56.78 -1.53 -7.75
N LEU A 30 55.87 -2.27 -8.37
CA LEU A 30 56.26 -3.45 -9.11
C LEU A 30 56.90 -3.01 -10.40
N LEU A 31 56.37 -1.95 -10.96
CA LEU A 31 56.94 -1.42 -12.19
C LEU A 31 58.40 -0.95 -12.01
N GLN A 32 58.69 -0.10 -11.02
CA GLN A 32 60.07 0.39 -10.83
C GLN A 32 61.02 -0.74 -10.46
N GLU A 33 60.62 -1.56 -9.49
CA GLU A 33 61.47 -2.66 -9.05
C GLU A 33 61.79 -3.65 -10.16
N SER A 34 60.87 -3.82 -11.10
CA SER A 34 61.07 -4.69 -12.24
C SER A 34 61.86 -4.00 -13.35
N GLN A 35 61.59 -2.72 -13.55
CA GLN A 35 62.31 -1.89 -14.53
C GLN A 35 63.74 -1.63 -14.12
N ASP A 36 63.97 -1.60 -12.81
CA ASP A 36 65.29 -1.37 -12.24
C ASP A 36 66.04 -2.68 -12.04
N ALA A 37 65.31 -3.77 -11.96
CA ALA A 37 65.91 -5.08 -11.94
C ALA A 37 66.52 -5.37 -13.31
N VAL A 38 65.92 -4.82 -14.38
CA VAL A 38 66.44 -5.00 -15.73
C VAL A 38 67.55 -4.03 -16.09
N ARG A 39 67.33 -2.73 -15.86
CA ARG A 39 68.39 -1.73 -16.07
C ARG A 39 69.71 -2.11 -15.38
N GLN A 40 69.59 -2.78 -14.22
CA GLN A 40 70.74 -3.22 -13.42
C GLN A 40 71.48 -4.39 -14.10
N VAL A 41 70.73 -5.37 -14.60
CA VAL A 41 71.33 -6.52 -15.24
C VAL A 41 71.72 -6.23 -16.70
N ALA A 42 71.30 -5.06 -17.20
CA ALA A 42 71.68 -4.61 -18.53
C ALA A 42 73.06 -3.94 -18.51
N ALA A 43 73.26 -2.98 -17.61
CA ALA A 43 74.57 -2.36 -17.42
C ALA A 43 75.67 -3.40 -17.10
N ALA A 44 75.33 -4.36 -16.23
CA ALA A 44 76.24 -5.46 -15.87
C ALA A 44 76.69 -6.29 -17.09
N GLN A 45 75.82 -6.43 -18.08
CA GLN A 45 76.17 -7.16 -19.30
C GLN A 45 76.76 -6.23 -20.38
N GLY A 46 77.36 -5.11 -19.94
CA GLY A 46 78.09 -4.22 -20.83
C GLY A 46 77.29 -3.09 -21.44
N PHE A 47 76.10 -2.85 -20.89
CA PHE A 47 75.19 -1.81 -21.39
C PHE A 47 75.44 -0.46 -20.70
N GLU A 48 75.84 0.53 -21.50
CA GLU A 48 76.02 1.91 -21.01
C GLU A 48 74.86 2.83 -21.44
N GLU A 49 74.72 3.07 -22.75
CA GLU A 49 73.74 4.01 -23.29
C GLU A 49 72.31 3.61 -22.91
N HIS A 50 71.68 4.39 -22.05
CA HIS A 50 70.31 4.11 -21.60
C HIS A 50 69.36 5.22 -22.05
N HIS A 51 68.49 4.92 -23.00
CA HIS A 51 67.66 5.95 -23.61
C HIS A 51 66.19 5.77 -23.27
N THR A 52 65.59 6.82 -22.74
CA THR A 52 64.20 6.79 -22.34
C THR A 52 63.35 7.69 -23.26
N PHE A 53 62.09 7.31 -23.43
CA PHE A 53 61.18 7.93 -24.39
C PHE A 53 59.81 7.73 -23.79
N SER A 54 58.98 8.77 -23.78
CA SER A 54 57.58 8.62 -23.36
C SER A 54 56.59 8.75 -24.54
N ILE A 55 55.88 7.64 -24.85
CA ILE A 55 55.02 7.55 -26.03
C ILE A 55 53.58 8.02 -25.82
N ASP A 56 53.31 9.22 -26.31
CA ASP A 56 51.97 9.80 -26.33
C ASP A 56 51.39 9.53 -27.73
N PRO A 57 50.08 9.82 -27.93
CA PRO A 57 49.67 10.05 -29.32
C PRO A 57 50.40 11.27 -29.92
N ASN A 58 51.08 12.02 -29.05
CA ASN A 58 51.88 13.20 -29.40
C ASN A 58 53.17 12.91 -30.21
N THR A 59 53.94 11.90 -29.81
CA THR A 59 55.12 11.46 -30.57
C THR A 59 54.82 11.35 -32.07
N ASP A 60 55.37 12.29 -32.84
CA ASP A 60 55.17 12.34 -34.29
C ASP A 60 55.55 11.02 -35.01
N TRP A 61 55.51 11.06 -36.35
CA TRP A 61 56.13 10.05 -37.21
C TRP A 61 57.63 10.43 -37.42
N ASN A 62 58.03 11.59 -36.86
CA ASN A 62 59.44 12.06 -36.83
C ASN A 62 60.16 11.58 -35.56
N ALA A 63 59.39 11.35 -34.49
CA ALA A 63 59.90 10.88 -33.19
C ALA A 63 59.95 9.34 -33.07
N ILE A 64 59.20 8.64 -33.93
CA ILE A 64 59.33 7.17 -34.14
C ILE A 64 60.33 6.79 -35.28
N PHE A 65 60.73 7.77 -36.08
CA PHE A 65 61.76 7.59 -37.13
C PHE A 65 63.19 7.94 -36.63
N SER A 66 63.26 8.45 -35.40
CA SER A 66 64.53 8.67 -34.73
C SER A 66 64.79 7.51 -33.76
N LEU A 67 63.75 6.70 -33.53
CA LEU A 67 63.82 5.56 -32.63
C LEU A 67 64.23 4.27 -33.34
N CYS A 68 63.77 4.09 -34.58
CA CYS A 68 64.13 2.94 -35.42
C CYS A 68 65.54 3.12 -36.02
N GLN A 69 65.93 4.40 -36.15
CA GLN A 69 67.30 4.81 -36.51
C GLN A 69 68.24 4.68 -35.30
N ALA A 70 67.65 4.69 -34.10
CA ALA A 70 68.37 4.59 -32.83
C ALA A 70 69.29 3.36 -32.69
N MET A 71 68.95 2.26 -33.37
CA MET A 71 69.76 1.04 -33.27
C MET A 71 70.54 0.70 -34.54
N SER A 72 71.82 1.02 -34.52
CA SER A 72 72.74 0.66 -35.60
C SER A 72 74.05 0.12 -35.00
N LEU A 73 74.49 -1.04 -35.51
CA LEU A 73 75.66 -1.77 -35.00
C LEU A 73 76.95 -1.38 -35.76
N PHE A 74 78.10 -1.37 -35.07
CA PHE A 74 78.24 -1.83 -33.69
C PHE A 74 78.31 -0.72 -32.65
N ALA A 75 77.28 -0.65 -31.80
CA ALA A 75 77.29 0.26 -30.65
C ALA A 75 77.46 -0.51 -29.35
N SER A 76 78.31 -0.01 -28.44
CA SER A 76 78.34 -0.52 -27.07
C SER A 76 76.88 -0.56 -26.58
N ARG A 77 76.49 -1.72 -26.05
CA ARG A 77 75.10 -2.06 -25.76
C ARG A 77 74.24 -0.94 -25.12
N GLN A 78 73.09 -0.66 -25.73
CA GLN A 78 72.19 0.42 -25.31
C GLN A 78 70.72 -0.03 -25.04
N THR A 79 70.19 0.38 -23.89
CA THR A 79 68.84 0.00 -23.45
C THR A 79 67.77 1.07 -23.72
N LEU A 80 66.88 0.77 -24.65
CA LEU A 80 65.78 1.69 -25.00
C LEU A 80 64.51 1.39 -24.22
N LEU A 81 63.99 2.40 -23.54
CA LEU A 81 62.78 2.27 -22.75
C LEU A 81 61.63 3.05 -23.38
N LEU A 82 60.44 2.45 -23.41
CA LEU A 82 59.29 3.06 -24.07
C LEU A 82 58.05 3.13 -23.16
N LEU A 83 57.63 4.34 -22.80
CA LEU A 83 56.46 4.54 -21.90
C LEU A 83 55.15 4.64 -22.68
N LEU A 84 54.04 4.21 -22.07
CA LEU A 84 52.75 4.06 -22.80
C LEU A 84 51.68 5.14 -22.55
N PRO A 85 50.77 5.29 -23.54
CA PRO A 85 49.54 6.09 -23.36
C PRO A 85 48.57 5.33 -22.47
N GLU A 86 47.60 6.03 -21.88
CA GLU A 86 46.59 5.39 -21.06
C GLU A 86 45.91 4.21 -21.77
N ASN A 87 45.58 4.42 -23.04
CA ASN A 87 44.87 3.42 -23.85
C ASN A 87 45.66 2.16 -24.19
N GLY A 88 46.99 2.24 -24.06
CA GLY A 88 47.85 1.16 -24.51
C GLY A 88 48.23 1.41 -25.94
N PRO A 89 48.36 0.33 -26.74
CA PRO A 89 48.75 0.45 -28.16
C PRO A 89 47.62 0.88 -29.13
N ASN A 90 47.50 2.16 -29.46
CA ASN A 90 46.49 2.62 -30.42
C ASN A 90 46.84 2.30 -31.89
N ALA A 91 45.86 2.36 -32.78
CA ALA A 91 46.12 2.03 -34.20
C ALA A 91 47.32 2.78 -34.79
N ALA A 92 47.57 4.00 -34.30
CA ALA A 92 48.68 4.81 -34.79
C ALA A 92 50.05 4.26 -34.35
N ILE A 93 50.13 3.78 -33.11
CA ILE A 93 51.37 3.28 -32.52
C ILE A 93 51.42 1.75 -32.45
N ASN A 94 50.30 1.09 -32.72
CA ASN A 94 50.26 -0.38 -32.81
C ASN A 94 51.06 -0.80 -34.05
N GLU A 95 51.24 0.17 -34.97
CA GLU A 95 51.97 0.05 -36.25
C GLU A 95 53.45 0.45 -36.18
N GLN A 96 53.72 1.49 -35.38
CA GLN A 96 55.07 1.93 -35.06
C GLN A 96 55.85 0.81 -34.37
N LEU A 97 55.14 0.09 -33.49
CA LEU A 97 55.66 -1.07 -32.77
C LEU A 97 56.17 -2.14 -33.74
N LEU A 98 55.28 -2.59 -34.62
CA LEU A 98 55.63 -3.51 -35.71
C LEU A 98 57.03 -3.23 -36.25
N THR A 99 57.34 -1.95 -36.49
CA THR A 99 58.61 -1.56 -37.10
C THR A 99 59.81 -1.99 -36.27
N LEU A 100 59.61 -2.06 -34.97
CA LEU A 100 60.69 -2.34 -34.04
C LEU A 100 60.88 -3.84 -33.78
N THR A 101 59.81 -4.61 -33.91
CA THR A 101 59.83 -6.06 -33.62
C THR A 101 60.89 -6.86 -34.39
N GLY A 102 61.32 -6.35 -35.55
CA GLY A 102 62.32 -6.99 -36.38
C GLY A 102 63.74 -6.57 -36.08
N LEU A 103 63.90 -5.34 -35.61
CA LEU A 103 65.20 -4.83 -35.15
C LEU A 103 65.57 -5.33 -33.74
N LEU A 104 66.14 -6.55 -33.64
CA LEU A 104 66.48 -7.14 -32.34
C LEU A 104 67.92 -7.68 -32.29
N HIS A 105 68.80 -6.91 -31.65
CA HIS A 105 70.18 -7.33 -31.46
C HIS A 105 70.39 -7.84 -30.03
N ASP A 106 71.60 -8.31 -29.73
CA ASP A 106 72.06 -8.49 -28.35
C ASP A 106 72.63 -7.14 -27.88
N ASP A 107 72.81 -6.23 -28.85
CA ASP A 107 73.33 -4.86 -28.64
C ASP A 107 72.25 -3.87 -28.18
N LEU A 108 71.01 -4.11 -28.61
CA LEU A 108 69.88 -3.25 -28.20
C LEU A 108 68.85 -4.02 -27.35
N LEU A 109 68.58 -3.51 -26.14
CA LEU A 109 67.62 -4.16 -25.22
C LEU A 109 66.33 -3.34 -25.02
N LEU A 110 65.21 -3.93 -25.43
CA LEU A 110 63.89 -3.29 -25.34
C LEU A 110 63.18 -3.46 -23.99
N ILE A 111 62.68 -2.34 -23.45
CA ILE A 111 61.87 -2.34 -22.23
C ILE A 111 60.64 -1.46 -22.40
N VAL A 112 59.50 -1.96 -21.93
CA VAL A 112 58.21 -1.30 -22.16
C VAL A 112 57.35 -1.24 -20.91
N ARG A 113 56.89 -0.02 -20.58
CA ARG A 113 56.14 0.22 -19.34
C ARG A 113 54.78 0.82 -19.59
N GLY A 114 53.73 0.12 -19.15
CA GLY A 114 52.36 0.59 -19.30
C GLY A 114 51.32 -0.23 -18.54
N ASN A 115 50.05 0.13 -18.70
CA ASN A 115 48.96 -0.60 -18.07
C ASN A 115 48.80 -1.99 -18.68
N LYS A 116 47.65 -2.61 -18.42
CA LYS A 116 47.27 -3.84 -19.10
C LYS A 116 46.57 -3.49 -20.41
N LEU A 117 46.76 -4.35 -21.41
CA LEU A 117 46.19 -4.09 -22.74
C LEU A 117 44.88 -4.87 -22.93
N SER A 118 43.97 -4.35 -23.75
CA SER A 118 42.78 -5.11 -24.11
C SER A 118 43.28 -6.33 -24.89
N LYS A 119 42.61 -7.49 -24.74
CA LYS A 119 43.07 -8.73 -25.37
C LYS A 119 43.42 -8.62 -26.86
N ALA A 120 42.64 -7.82 -27.60
CA ALA A 120 42.85 -7.65 -29.05
C ALA A 120 44.11 -6.82 -29.36
N GLN A 121 44.37 -5.84 -28.50
CA GLN A 121 45.61 -5.07 -28.51
C GLN A 121 46.76 -6.03 -28.36
N GLU A 122 46.65 -6.90 -27.36
CA GLU A 122 47.63 -7.92 -27.06
C GLU A 122 47.93 -8.80 -28.28
N ASN A 123 46.90 -9.44 -28.82
CA ASN A 123 47.09 -10.39 -29.92
C ASN A 123 47.37 -9.73 -31.29
N ALA A 124 47.67 -8.43 -31.30
CA ALA A 124 48.08 -7.75 -32.54
C ALA A 124 49.41 -8.29 -33.06
N ALA A 125 49.41 -8.80 -34.29
CA ALA A 125 50.54 -9.52 -34.89
C ALA A 125 51.91 -9.26 -34.23
N TRP A 126 52.40 -8.03 -34.34
CA TRP A 126 53.73 -7.65 -33.83
C TRP A 126 54.04 -8.21 -32.43
N PHE A 127 53.06 -8.16 -31.54
CA PHE A 127 53.23 -8.55 -30.15
C PHE A 127 53.58 -10.04 -30.09
N THR A 128 52.79 -10.86 -30.81
CA THR A 128 52.93 -12.32 -30.79
C THR A 128 54.14 -12.83 -31.61
N ALA A 129 54.68 -11.99 -32.49
CA ALA A 129 55.91 -12.34 -33.19
C ALA A 129 57.14 -12.00 -32.33
N LEU A 130 57.02 -10.95 -31.51
CA LEU A 130 58.01 -10.72 -30.47
C LEU A 130 58.02 -11.92 -29.56
N ALA A 131 56.80 -12.42 -29.29
CA ALA A 131 56.48 -13.41 -28.24
C ALA A 131 57.60 -14.29 -27.69
N ASN A 132 58.15 -15.18 -28.53
CA ASN A 132 59.12 -16.15 -28.02
C ASN A 132 60.42 -15.50 -27.51
N ARG A 133 60.75 -14.34 -28.06
CA ARG A 133 61.88 -13.52 -27.60
C ARG A 133 61.58 -12.80 -26.29
N SER A 134 60.32 -12.38 -26.10
CA SER A 134 59.97 -11.49 -25.01
C SER A 134 59.60 -12.15 -23.65
N VAL A 135 59.99 -11.47 -22.58
CA VAL A 135 59.56 -11.78 -21.23
C VAL A 135 58.52 -10.72 -20.84
N GLN A 136 57.44 -11.13 -20.19
CA GLN A 136 56.36 -10.21 -19.77
C GLN A 136 56.05 -10.34 -18.28
N VAL A 137 56.02 -9.21 -17.59
CA VAL A 137 55.76 -9.21 -16.16
C VAL A 137 54.38 -8.64 -15.84
N THR A 138 53.71 -9.29 -14.92
CA THR A 138 52.43 -8.82 -14.41
C THR A 138 52.68 -7.94 -13.19
N CYS A 139 52.33 -6.66 -13.31
CA CYS A 139 52.52 -5.72 -12.21
C CYS A 139 51.17 -5.17 -11.73
N GLN A 140 50.16 -6.03 -11.71
CA GLN A 140 48.87 -5.74 -11.10
C GLN A 140 49.02 -5.86 -9.60
N THR A 141 48.69 -4.80 -8.89
CA THR A 141 48.71 -4.80 -7.43
C THR A 141 47.94 -6.01 -6.88
N PRO A 142 48.23 -6.43 -5.64
CA PRO A 142 47.36 -7.44 -5.01
C PRO A 142 46.12 -6.82 -4.40
N GLU A 143 44.99 -7.54 -4.42
CA GLU A 143 43.79 -7.07 -3.73
C GLU A 143 43.67 -7.69 -2.34
N GLN A 144 42.81 -7.11 -1.51
CA GLN A 144 42.66 -7.46 -0.10
C GLN A 144 42.92 -8.93 0.22
N ALA A 145 42.56 -9.81 -0.71
CA ALA A 145 42.74 -11.24 -0.57
C ALA A 145 44.18 -11.70 -0.89
N GLN A 146 44.67 -11.38 -2.07
CA GLN A 146 45.98 -11.84 -2.52
C GLN A 146 47.14 -11.21 -1.71
N LEU A 147 46.85 -10.15 -0.96
CA LEU A 147 47.92 -9.29 -0.43
C LEU A 147 48.79 -9.90 0.67
N PRO A 148 48.20 -10.19 1.82
CA PRO A 148 49.05 -10.61 2.94
C PRO A 148 50.09 -11.63 2.50
N ARG A 149 49.71 -12.52 1.58
CA ARG A 149 50.65 -13.51 1.06
C ARG A 149 51.91 -12.84 0.50
N TRP A 150 51.70 -11.81 -0.31
CA TRP A 150 52.80 -11.09 -0.94
C TRP A 150 53.63 -10.28 0.09
N VAL A 151 52.98 -9.88 1.17
CA VAL A 151 53.68 -9.23 2.27
C VAL A 151 54.65 -10.19 2.94
N ALA A 152 54.15 -11.34 3.40
CA ALA A 152 55.00 -12.32 4.09
C ALA A 152 56.09 -12.90 3.18
N ALA A 153 55.86 -12.83 1.87
CA ALA A 153 56.80 -13.34 0.86
C ALA A 153 58.00 -12.39 0.70
N ARG A 154 57.67 -11.11 0.59
CA ARG A 154 58.67 -10.07 0.53
C ARG A 154 59.28 -9.87 1.91
N ALA A 155 58.57 -10.29 2.95
CA ALA A 155 59.06 -10.21 4.33
C ALA A 155 60.22 -11.18 4.54
N LYS A 156 59.99 -12.40 4.10
CA LYS A 156 60.97 -13.47 4.17
C LYS A 156 62.10 -13.25 3.16
N GLN A 157 61.89 -12.40 2.16
CA GLN A 157 63.00 -12.04 1.26
C GLN A 157 63.94 -11.06 1.94
N LEU A 158 63.38 -10.22 2.80
CA LEU A 158 64.17 -9.29 3.60
C LEU A 158 64.53 -9.98 4.90
N ASN A 159 64.38 -11.30 4.88
CA ASN A 159 64.60 -12.21 6.01
C ASN A 159 64.13 -11.76 7.40
N LEU A 160 63.29 -10.73 7.44
CA LEU A 160 62.63 -10.38 8.68
C LEU A 160 61.48 -11.38 8.89
N GLU A 161 61.08 -11.59 10.14
CA GLU A 161 59.97 -12.49 10.45
C GLU A 161 58.70 -11.79 10.93
N LEU A 162 57.65 -11.95 10.15
CA LEU A 162 56.40 -11.26 10.41
C LEU A 162 55.37 -12.14 11.10
N ASP A 163 54.72 -11.57 12.11
CA ASP A 163 53.63 -12.26 12.81
C ASP A 163 52.38 -12.25 11.95
N ASP A 164 51.57 -13.30 12.08
CA ASP A 164 50.24 -13.27 11.48
C ASP A 164 49.60 -11.94 11.87
N ALA A 165 49.86 -11.55 13.12
CA ALA A 165 49.28 -10.35 13.72
C ALA A 165 49.74 -9.05 13.05
N ALA A 166 51.04 -8.96 12.77
CA ALA A 166 51.60 -7.74 12.17
C ALA A 166 51.27 -7.64 10.68
N ASN A 167 51.32 -8.77 9.98
CA ASN A 167 50.89 -8.84 8.58
C ASN A 167 49.49 -8.24 8.40
N GLN A 168 48.57 -8.64 9.26
CA GLN A 168 47.24 -8.08 9.26
C GLN A 168 47.30 -6.57 9.35
N VAL A 169 48.16 -6.06 10.21
CA VAL A 169 48.22 -4.62 10.46
C VAL A 169 48.90 -3.81 9.36
N LEU A 170 49.91 -4.39 8.74
CA LEU A 170 50.53 -3.73 7.61
C LEU A 170 49.52 -3.63 6.47
N CYS A 171 48.82 -4.73 6.23
CA CYS A 171 47.91 -4.84 5.09
C CYS A 171 46.72 -3.89 5.18
N TYR A 172 46.29 -3.60 6.40
CA TYR A 172 45.23 -2.63 6.58
C TYR A 172 45.77 -1.28 6.18
N CYS A 173 46.98 -0.97 6.65
CA CYS A 173 47.54 0.38 6.54
C CYS A 173 48.10 0.81 5.18
N TYR A 174 48.48 -0.16 4.37
CA TYR A 174 49.15 0.13 3.13
C TYR A 174 48.45 -0.49 1.94
N GLU A 175 47.33 -1.15 2.18
CA GLU A 175 46.54 -1.71 1.11
C GLU A 175 46.45 -0.74 -0.04
N GLY A 176 46.70 -1.23 -1.25
CA GLY A 176 46.59 -0.42 -2.46
C GLY A 176 47.78 0.49 -2.82
N ASN A 177 48.78 0.47 -1.95
CA ASN A 177 49.95 1.33 -2.06
C ASN A 177 51.14 0.49 -1.64
N LEU A 178 51.58 -0.37 -2.54
CA LEU A 178 52.64 -1.34 -2.26
C LEU A 178 53.95 -0.67 -1.87
N LEU A 179 54.24 0.44 -2.54
CA LEU A 179 55.46 1.20 -2.32
C LEU A 179 55.61 1.63 -0.87
N ALA A 180 54.53 2.11 -0.26
CA ALA A 180 54.56 2.51 1.15
C ALA A 180 54.76 1.28 2.04
N LEU A 181 54.14 0.17 1.63
CA LEU A 181 54.31 -1.09 2.32
C LEU A 181 55.78 -1.49 2.32
N ALA A 182 56.40 -1.50 1.15
CA ALA A 182 57.79 -1.91 1.02
C ALA A 182 58.68 -1.08 1.91
N GLN A 183 58.58 0.24 1.77
CA GLN A 183 59.35 1.19 2.56
C GLN A 183 59.03 1.06 4.04
N ALA A 184 57.86 0.53 4.34
CA ALA A 184 57.51 0.24 5.72
C ALA A 184 58.44 -0.86 6.24
N LEU A 185 58.56 -1.96 5.48
CA LEU A 185 59.45 -3.06 5.85
C LEU A 185 60.90 -2.60 6.03
N GLU A 186 61.46 -1.99 5.00
CA GLU A 186 62.76 -1.36 5.09
C GLU A 186 62.87 -0.52 6.38
N ARG A 187 61.89 0.34 6.64
CA ARG A 187 61.88 1.20 7.83
C ARG A 187 61.98 0.38 9.14
N LEU A 188 61.32 -0.78 9.16
CA LEU A 188 61.26 -1.65 10.35
C LEU A 188 62.54 -2.44 10.57
N SER A 189 63.21 -2.81 9.48
CA SER A 189 64.46 -3.58 9.58
C SER A 189 65.58 -2.67 10.08
N LEU A 190 65.40 -1.38 9.87
CA LEU A 190 66.31 -0.38 10.39
C LEU A 190 65.94 -0.07 11.84
N LEU A 191 64.67 -0.24 12.20
CA LEU A 191 64.30 0.00 13.58
C LEU A 191 64.81 -1.12 14.43
N TRP A 192 64.76 -2.32 13.88
CA TRP A 192 65.13 -3.53 14.59
C TRP A 192 65.96 -4.50 13.74
N PRO A 193 67.24 -4.67 14.08
CA PRO A 193 68.08 -5.68 13.43
C PRO A 193 67.53 -7.09 13.69
N ASP A 194 66.84 -7.23 14.83
CA ASP A 194 66.16 -8.48 15.21
C ASP A 194 65.55 -9.23 14.05
N GLY A 195 64.95 -8.49 13.13
CA GLY A 195 64.17 -9.08 12.06
C GLY A 195 62.79 -9.42 12.56
N LYS A 196 62.67 -9.68 13.87
CA LYS A 196 61.39 -10.08 14.45
C LYS A 196 60.44 -8.89 14.63
N LEU A 197 59.32 -8.94 13.92
CA LEU A 197 58.43 -7.80 13.91
C LEU A 197 57.13 -8.16 14.63
N THR A 198 57.10 -7.83 15.92
CA THR A 198 55.94 -8.10 16.77
C THR A 198 54.77 -7.23 16.33
N LEU A 199 53.55 -7.64 16.67
CA LEU A 199 52.43 -6.77 16.44
C LEU A 199 52.60 -5.42 17.16
N PRO A 200 53.03 -5.44 18.44
CA PRO A 200 53.22 -4.19 19.20
C PRO A 200 54.34 -3.27 18.71
N ARG A 201 55.42 -3.84 18.20
CA ARG A 201 56.51 -3.08 17.59
C ARG A 201 56.02 -2.38 16.32
N VAL A 202 55.54 -3.20 15.40
CA VAL A 202 55.09 -2.78 14.08
C VAL A 202 54.00 -1.72 14.22
N GLU A 203 53.15 -1.89 15.22
CA GLU A 203 52.04 -0.97 15.44
C GLU A 203 52.52 0.45 15.63
N GLN A 204 53.69 0.58 16.25
CA GLN A 204 54.13 1.90 16.69
C GLN A 204 54.76 2.73 15.59
N ALA A 205 55.30 2.07 14.56
CA ALA A 205 55.99 2.80 13.50
C ALA A 205 55.22 2.86 12.18
N VAL A 206 53.92 2.64 12.28
CA VAL A 206 53.05 2.68 11.11
C VAL A 206 52.25 4.01 10.98
N ASN A 207 52.01 4.43 9.75
CA ASN A 207 51.10 5.54 9.48
C ASN A 207 50.03 5.05 8.50
N ASP A 208 48.84 5.63 8.53
CA ASP A 208 47.71 5.11 7.74
C ASP A 208 47.63 5.70 6.33
N ALA A 209 47.97 4.91 5.31
CA ALA A 209 48.00 5.46 3.95
C ALA A 209 47.61 4.49 2.85
N ALA A 210 46.35 4.07 2.83
CA ALA A 210 45.82 3.18 1.80
C ALA A 210 45.22 3.93 0.59
N HIS A 211 45.46 3.39 -0.61
CA HIS A 211 44.95 3.97 -1.86
C HIS A 211 43.85 3.09 -2.46
N PHE A 212 42.65 3.62 -2.51
CA PHE A 212 41.50 2.91 -3.05
C PHE A 212 40.98 3.58 -4.30
N THR A 213 40.18 2.82 -5.05
CA THR A 213 39.40 3.36 -6.14
C THR A 213 37.98 3.50 -5.60
N PRO A 214 37.09 4.16 -6.35
CA PRO A 214 35.72 4.20 -5.85
C PRO A 214 35.16 2.80 -5.88
N PHE A 215 35.59 1.97 -6.82
CA PHE A 215 35.06 0.63 -6.85
C PHE A 215 35.31 -0.11 -5.54
N HIS A 216 36.33 0.27 -4.81
CA HIS A 216 36.62 -0.38 -3.55
C HIS A 216 35.54 -0.09 -2.55
N TRP A 217 34.79 0.98 -2.81
CA TRP A 217 33.79 1.50 -1.88
C TRP A 217 32.42 0.92 -2.09
N VAL A 218 31.99 0.88 -3.36
CA VAL A 218 30.73 0.24 -3.67
C VAL A 218 30.84 -1.23 -3.32
N ASP A 219 31.96 -1.85 -3.61
CA ASP A 219 32.11 -3.25 -3.23
C ASP A 219 31.92 -3.33 -1.74
N ALA A 220 32.57 -2.44 -1.01
CA ALA A 220 32.48 -2.43 0.45
C ALA A 220 31.02 -2.33 0.93
N LEU A 221 30.30 -1.37 0.38
CA LEU A 221 28.88 -1.27 0.66
C LEU A 221 28.14 -2.56 0.27
N LEU A 222 28.27 -2.97 -1.00
CA LEU A 222 27.61 -4.19 -1.47
C LEU A 222 27.69 -5.36 -0.46
N MET A 223 28.79 -5.48 0.27
CA MET A 223 28.95 -6.61 1.18
C MET A 223 28.54 -6.26 2.59
N GLY A 224 28.26 -5.00 2.84
CA GLY A 224 27.81 -4.57 4.14
C GLY A 224 28.92 -4.24 5.13
N LYS A 225 30.17 -4.46 4.75
CA LYS A 225 31.27 -4.10 5.65
C LYS A 225 31.33 -2.58 5.73
N SER A 226 30.94 -2.02 6.87
CA SER A 226 30.84 -0.57 6.96
C SER A 226 32.09 0.09 7.52
N LYS A 227 32.72 -0.52 8.52
CA LYS A 227 33.96 0.04 9.08
C LYS A 227 34.97 0.21 7.95
N ARG A 228 34.85 -0.65 6.95
CA ARG A 228 35.62 -0.56 5.70
C ARG A 228 35.18 0.67 4.90
N ALA A 229 33.91 0.69 4.56
CA ALA A 229 33.35 1.80 3.82
C ALA A 229 33.86 3.11 4.39
N LEU A 230 33.54 3.35 5.66
CA LEU A 230 34.02 4.56 6.30
C LEU A 230 35.52 4.82 6.11
N HIS A 231 36.35 3.78 6.19
CA HIS A 231 37.81 3.90 6.01
C HIS A 231 38.13 4.38 4.60
N ILE A 232 37.62 3.60 3.64
CA ILE A 232 37.69 3.92 2.22
C ILE A 232 37.29 5.37 1.89
N LEU A 233 36.10 5.79 2.31
CA LEU A 233 35.76 7.21 2.24
C LEU A 233 36.87 8.10 2.79
N GLN A 234 37.05 8.13 4.12
CA GLN A 234 38.12 8.95 4.70
C GLN A 234 39.37 8.97 3.83
N GLN A 235 39.77 7.82 3.29
CA GLN A 235 40.97 7.82 2.46
C GLN A 235 40.73 8.51 1.14
N LEU A 236 39.60 8.21 0.50
CA LEU A 236 39.30 8.80 -0.80
C LEU A 236 39.21 10.31 -0.77
N ARG A 237 38.83 10.84 0.38
CA ARG A 237 38.73 12.28 0.51
C ARG A 237 40.15 12.76 0.51
N LEU A 238 40.98 12.20 1.38
CA LEU A 238 42.37 12.66 1.53
C LEU A 238 43.22 12.61 0.25
N GLU A 239 42.94 11.67 -0.65
CA GLU A 239 43.55 11.69 -1.99
C GLU A 239 42.82 12.69 -2.88
N GLY A 240 41.77 13.28 -2.33
CA GLY A 240 41.01 14.34 -3.00
C GLY A 240 40.21 13.97 -4.25
N SER A 241 39.51 12.84 -4.22
CA SER A 241 38.76 12.40 -5.40
C SER A 241 37.58 13.32 -5.60
N GLU A 242 37.06 13.37 -6.83
CA GLU A 242 35.89 14.18 -7.06
C GLU A 242 34.71 13.38 -6.56
N PRO A 243 33.92 13.98 -5.67
CA PRO A 243 32.83 13.22 -5.10
C PRO A 243 31.92 12.79 -6.21
N VAL A 244 31.78 13.64 -7.22
CA VAL A 244 30.91 13.30 -8.35
C VAL A 244 31.22 11.89 -8.81
N ILE A 245 32.50 11.56 -8.82
CA ILE A 245 32.89 10.26 -9.32
C ILE A 245 32.36 9.16 -8.43
N LEU A 246 32.33 9.41 -7.11
CA LEU A 246 31.75 8.45 -6.17
C LEU A 246 30.28 8.32 -6.49
N LEU A 247 29.55 9.43 -6.46
CA LEU A 247 28.13 9.41 -6.77
C LEU A 247 27.83 8.52 -7.96
N ARG A 248 28.47 8.79 -9.07
CA ARG A 248 28.11 8.12 -10.30
C ARG A 248 28.42 6.62 -10.29
N THR A 249 29.45 6.21 -9.56
CA THR A 249 29.82 4.80 -9.54
C THR A 249 28.99 4.02 -8.55
N LEU A 250 28.56 4.67 -7.47
CA LEU A 250 27.59 4.03 -6.57
C LEU A 250 26.29 3.84 -7.32
N GLN A 251 25.85 4.89 -8.00
CA GLN A 251 24.67 4.82 -8.82
C GLN A 251 24.66 3.62 -9.78
N ARG A 252 25.70 3.45 -10.57
CA ARG A 252 25.66 2.40 -11.57
C ARG A 252 25.24 1.12 -10.92
N GLU A 253 25.52 1.00 -9.63
CA GLU A 253 25.22 -0.21 -8.87
C GLU A 253 23.87 -0.12 -8.21
N LEU A 254 23.74 0.89 -7.34
CA LEU A 254 22.51 1.12 -6.63
C LEU A 254 21.31 0.90 -7.52
N LEU A 255 21.31 1.52 -8.69
CA LEU A 255 20.20 1.39 -9.63
C LEU A 255 20.04 0.00 -10.25
N LEU A 256 21.12 -0.73 -10.38
CA LEU A 256 21.01 -2.12 -10.79
C LEU A 256 20.40 -2.93 -9.65
N LEU A 257 20.85 -2.68 -8.43
CA LEU A 257 20.23 -3.35 -7.29
C LEU A 257 18.72 -3.12 -7.33
N VAL A 258 18.30 -1.87 -7.43
CA VAL A 258 16.86 -1.60 -7.45
C VAL A 258 16.15 -2.44 -8.48
N ASN A 259 16.61 -2.36 -9.73
CA ASN A 259 15.95 -3.10 -10.79
C ASN A 259 16.01 -4.63 -10.59
N LEU A 260 17.09 -5.12 -10.01
CA LEU A 260 17.20 -6.53 -9.73
C LEU A 260 16.21 -6.91 -8.64
N LYS A 261 16.24 -6.23 -7.51
CA LYS A 261 15.31 -6.49 -6.40
C LYS A 261 13.88 -6.79 -6.87
N ARG A 262 13.31 -5.90 -7.68
CA ARG A 262 11.96 -6.12 -8.21
C ARG A 262 11.89 -7.37 -9.06
N GLN A 263 12.69 -7.36 -10.13
CA GLN A 263 12.70 -8.46 -11.07
C GLN A 263 12.92 -9.80 -10.37
N SER A 264 13.42 -9.77 -9.14
CA SER A 264 13.78 -10.98 -8.41
C SER A 264 12.54 -11.84 -8.16
N ALA A 265 11.44 -11.19 -7.81
CA ALA A 265 10.15 -11.87 -7.60
C ALA A 265 9.79 -12.83 -8.75
N HIS A 266 9.84 -12.29 -9.96
CA HIS A 266 9.44 -13.01 -11.16
C HIS A 266 10.38 -14.11 -11.61
N THR A 267 11.66 -13.80 -11.76
CA THR A 267 12.60 -14.81 -12.25
C THR A 267 13.70 -15.16 -11.22
N PRO A 268 14.43 -16.27 -11.44
CA PRO A 268 15.41 -16.73 -10.45
C PRO A 268 16.62 -15.82 -10.42
N LEU A 269 17.33 -15.82 -9.31
CA LEU A 269 18.45 -14.90 -9.15
C LEU A 269 19.38 -14.95 -10.38
N ARG A 270 19.88 -16.15 -10.68
CA ARG A 270 20.90 -16.38 -11.71
C ARG A 270 20.49 -15.90 -13.09
N ALA A 271 19.24 -16.12 -13.44
CA ALA A 271 18.74 -15.70 -14.74
C ALA A 271 18.93 -14.21 -14.94
N LEU A 272 18.69 -13.46 -13.86
CA LEU A 272 18.77 -12.01 -13.89
C LEU A 272 20.20 -11.52 -13.95
N PHE A 273 21.09 -12.25 -13.27
CA PHE A 273 22.52 -11.96 -13.36
C PHE A 273 23.04 -12.14 -14.78
N ASP A 274 22.47 -13.14 -15.45
CA ASP A 274 22.79 -13.44 -16.84
C ASP A 274 22.20 -12.36 -17.73
N LYS A 275 20.91 -12.09 -17.53
CA LYS A 275 20.17 -11.07 -18.28
C LYS A 275 21.03 -9.83 -18.38
N HIS A 276 21.43 -9.31 -17.22
CA HIS A 276 22.17 -8.05 -17.14
C HIS A 276 23.68 -8.17 -17.32
N ARG A 277 24.16 -9.35 -17.67
CA ARG A 277 25.58 -9.53 -17.95
C ARG A 277 26.44 -9.04 -16.78
N VAL A 278 26.07 -9.49 -15.58
CA VAL A 278 26.82 -9.11 -14.38
C VAL A 278 28.16 -9.85 -14.32
N TRP A 279 29.27 -9.11 -14.25
CA TRP A 279 30.60 -9.71 -14.12
C TRP A 279 30.52 -10.89 -13.15
N GLN A 280 31.12 -12.02 -13.49
CA GLN A 280 31.04 -13.22 -12.65
C GLN A 280 31.47 -13.05 -11.19
N ASN A 281 32.64 -12.46 -10.96
CA ASN A 281 33.11 -12.30 -9.58
C ASN A 281 32.12 -11.51 -8.74
N ARG A 282 31.56 -10.45 -9.34
CA ARG A 282 30.62 -9.56 -8.64
C ARG A 282 29.38 -10.35 -8.18
N ARG A 283 28.90 -11.26 -9.02
CA ARG A 283 27.58 -11.91 -8.84
C ARG A 283 27.31 -12.47 -7.43
N GLY A 284 28.32 -13.08 -6.80
CA GLY A 284 28.16 -13.55 -5.44
C GLY A 284 27.94 -12.38 -4.49
N MET A 285 28.87 -11.44 -4.55
CA MET A 285 28.79 -10.21 -3.78
C MET A 285 27.45 -9.46 -3.91
N MET A 286 26.87 -9.45 -5.11
CA MET A 286 25.61 -8.77 -5.41
C MET A 286 24.46 -9.47 -4.73
N GLY A 287 24.44 -10.79 -4.83
CA GLY A 287 23.45 -11.56 -4.12
C GLY A 287 23.42 -11.07 -2.70
N GLU A 288 24.55 -11.21 -2.00
CA GLU A 288 24.63 -10.82 -0.61
C GLU A 288 23.94 -9.49 -0.36
N ALA A 289 24.30 -8.49 -1.16
CA ALA A 289 23.67 -7.19 -1.04
C ALA A 289 22.17 -7.32 -1.17
N LEU A 290 21.73 -7.95 -2.25
CA LEU A 290 20.31 -8.10 -2.54
C LEU A 290 19.57 -8.72 -1.37
N ASN A 291 20.13 -9.79 -0.84
CA ASN A 291 19.57 -10.50 0.30
C ASN A 291 19.48 -9.67 1.57
N ARG A 292 20.32 -8.65 1.67
CA ARG A 292 20.41 -7.86 2.90
C ARG A 292 19.49 -6.65 2.92
N LEU A 293 19.30 -6.06 1.75
CA LEU A 293 18.59 -4.79 1.67
C LEU A 293 17.16 -4.98 1.22
N SER A 294 16.25 -4.23 1.84
CA SER A 294 14.85 -4.29 1.47
C SER A 294 14.58 -3.45 0.25
N GLN A 295 13.55 -3.82 -0.49
CA GLN A 295 13.15 -3.04 -1.64
C GLN A 295 12.89 -1.58 -1.24
N THR A 296 12.72 -1.34 0.05
CA THR A 296 12.45 0.00 0.55
C THR A 296 13.74 0.68 0.91
N GLN A 297 14.59 -0.01 1.64
CA GLN A 297 15.91 0.52 1.96
C GLN A 297 16.60 1.00 0.68
N LEU A 298 16.45 0.25 -0.41
CA LEU A 298 16.99 0.66 -1.70
C LEU A 298 16.35 1.97 -2.15
N ARG A 299 15.02 1.96 -2.18
CA ARG A 299 14.22 3.15 -2.44
C ARG A 299 14.73 4.37 -1.66
N GLN A 300 15.19 4.15 -0.42
CA GLN A 300 15.68 5.22 0.40
C GLN A 300 17.03 5.63 -0.09
N ALA A 301 17.91 4.66 -0.28
CA ALA A 301 19.24 4.92 -0.83
C ALA A 301 19.09 5.82 -2.04
N VAL A 302 18.32 5.36 -3.03
CA VAL A 302 18.09 6.12 -4.25
C VAL A 302 17.66 7.55 -3.97
N GLN A 303 16.75 7.69 -3.02
CA GLN A 303 16.31 9.01 -2.64
C GLN A 303 17.43 9.82 -2.05
N LEU A 304 18.17 9.23 -1.11
CA LEU A 304 19.25 9.93 -0.45
C LEU A 304 20.39 10.28 -1.41
N LEU A 305 20.58 9.46 -2.45
CA LEU A 305 21.63 9.71 -3.44
C LEU A 305 21.24 10.90 -4.27
N THR A 306 19.95 11.03 -4.52
CA THR A 306 19.46 12.20 -5.21
C THR A 306 19.60 13.45 -4.30
N ARG A 307 19.28 13.33 -3.01
CA ARG A 307 19.45 14.49 -2.13
C ARG A 307 20.85 15.05 -2.27
N THR A 308 21.84 14.17 -2.34
CA THR A 308 23.21 14.66 -2.31
C THR A 308 23.63 15.27 -3.64
N GLU A 309 23.31 14.59 -4.74
CA GLU A 309 23.56 15.15 -6.09
C GLU A 309 23.08 16.61 -6.26
N LEU A 310 21.80 16.82 -6.00
CA LEU A 310 21.20 18.14 -6.08
C LEU A 310 21.90 19.08 -5.13
N THR A 311 21.99 18.70 -3.85
CA THR A 311 22.81 19.45 -2.89
C THR A 311 24.18 19.78 -3.49
N LEU A 312 24.76 18.87 -4.27
CA LEU A 312 26.06 19.13 -4.90
C LEU A 312 26.10 20.12 -6.10
N LYS A 313 25.24 19.90 -7.09
CA LYS A 313 25.32 20.62 -8.36
C LYS A 313 24.34 21.78 -8.48
N GLN A 314 23.60 22.06 -7.43
CA GLN A 314 22.71 23.20 -7.49
C GLN A 314 22.95 24.05 -6.25
N ASP A 315 22.98 23.42 -5.08
CA ASP A 315 23.16 24.11 -3.80
C ASP A 315 24.66 24.31 -3.50
N TYR A 316 25.54 23.84 -4.38
CA TYR A 316 27.00 23.96 -4.18
C TYR A 316 27.43 23.69 -2.76
N GLY A 317 26.75 22.72 -2.13
CA GLY A 317 26.96 22.37 -0.76
C GLY A 317 28.32 21.75 -0.48
N GLN A 318 28.71 21.95 0.76
CA GLN A 318 29.93 21.43 1.32
C GLN A 318 29.60 20.00 1.72
N SER A 319 28.44 19.87 2.38
CA SER A 319 27.94 18.63 2.94
C SER A 319 28.53 17.40 2.23
N VAL A 320 28.28 17.32 0.94
CA VAL A 320 28.58 16.15 0.09
C VAL A 320 29.33 14.97 0.69
N TRP A 321 30.47 15.19 1.33
CA TRP A 321 31.18 14.05 1.91
C TRP A 321 30.42 13.41 3.07
N ALA A 322 29.93 14.24 3.98
CA ALA A 322 29.09 13.75 5.05
C ALA A 322 27.93 12.94 4.48
N GLU A 323 27.27 13.51 3.47
CA GLU A 323 26.07 12.92 2.88
C GLU A 323 26.35 11.52 2.36
N LEU A 324 27.62 11.21 2.17
CA LEU A 324 27.99 9.91 1.68
C LEU A 324 28.33 9.04 2.85
N GLU A 325 28.96 9.61 3.87
CA GLU A 325 29.27 8.85 5.06
C GLU A 325 27.97 8.17 5.46
N GLY A 326 26.89 8.94 5.43
CA GLY A 326 25.58 8.45 5.78
C GLY A 326 25.09 7.40 4.81
N LEU A 327 24.78 7.81 3.60
CA LEU A 327 24.44 6.87 2.55
C LEU A 327 25.17 5.54 2.66
N SER A 328 26.46 5.57 3.03
CA SER A 328 27.23 4.34 3.21
C SER A 328 26.61 3.49 4.28
N LEU A 329 26.63 4.01 5.50
CA LEU A 329 25.97 3.37 6.63
C LEU A 329 24.62 2.77 6.20
N LEU A 330 23.72 3.57 5.63
CA LEU A 330 22.38 3.06 5.28
C LEU A 330 22.41 1.70 4.58
N LEU A 331 23.32 1.57 3.62
CA LEU A 331 23.39 0.36 2.82
C LEU A 331 24.11 -0.73 3.56
N CYS A 332 23.89 -0.79 4.88
CA CYS A 332 24.54 -1.76 5.77
C CYS A 332 23.66 -2.11 7.01
N HIS A 333 22.43 -2.56 6.78
CA HIS A 333 21.51 -2.91 7.87
C HIS A 333 20.60 -4.07 7.50
N VAL B 27 64.00 34.42 19.13
CA VAL B 27 62.73 33.70 19.07
C VAL B 27 62.87 32.28 19.58
N LEU B 28 61.92 31.83 20.40
CA LEU B 28 61.98 30.50 20.98
C LEU B 28 62.03 29.42 19.92
N ALA B 29 61.20 29.56 18.90
CA ALA B 29 61.16 28.57 17.84
C ALA B 29 62.55 28.32 17.20
N ARG B 30 63.30 29.40 16.99
CA ARG B 30 64.63 29.32 16.37
C ARG B 30 65.71 28.77 17.29
N LYS B 31 65.89 29.42 18.44
CA LYS B 31 66.92 29.05 19.40
C LYS B 31 66.85 27.58 19.79
N TRP B 32 65.65 27.06 19.99
CA TRP B 32 65.49 25.71 20.53
C TRP B 32 65.38 24.61 19.50
N ARG B 33 65.92 24.90 18.32
CA ARG B 33 66.06 23.92 17.27
C ARG B 33 67.07 22.93 17.77
N PRO B 34 66.74 21.64 17.69
CA PRO B 34 67.56 20.51 18.16
C PRO B 34 68.83 20.31 17.37
N GLN B 35 69.97 20.35 18.08
CA GLN B 35 71.27 20.19 17.47
C GLN B 35 71.78 18.77 17.60
N THR B 36 71.52 18.15 18.75
CA THR B 36 71.86 16.74 18.97
C THR B 36 70.60 15.87 18.84
N PHE B 37 70.74 14.65 18.34
CA PHE B 37 69.61 13.74 18.37
C PHE B 37 68.96 13.72 19.76
N ALA B 38 69.80 13.66 20.81
CA ALA B 38 69.30 13.63 22.19
C ALA B 38 68.32 14.77 22.47
N ASP B 39 68.53 15.92 21.82
CA ASP B 39 67.70 17.09 22.04
C ASP B 39 66.29 17.00 21.40
N VAL B 40 66.09 16.02 20.51
CA VAL B 40 64.83 15.86 19.76
C VAL B 40 63.69 15.20 20.54
N VAL B 41 62.49 15.74 20.40
CA VAL B 41 61.31 15.19 21.07
C VAL B 41 60.63 14.08 20.28
N GLY B 42 60.31 12.99 20.96
CA GLY B 42 59.65 11.85 20.34
C GLY B 42 60.23 11.50 19.00
N GLN B 43 59.37 11.05 18.09
CA GLN B 43 59.79 10.91 16.72
C GLN B 43 60.79 9.78 16.61
N GLU B 44 60.65 8.84 17.52
CA GLU B 44 61.69 7.87 17.77
C GLU B 44 61.83 6.84 16.67
N HIS B 45 60.72 6.52 16.05
CA HIS B 45 60.73 5.52 15.00
C HIS B 45 61.54 6.04 13.85
N VAL B 46 61.80 7.34 13.82
CA VAL B 46 62.63 7.88 12.76
C VAL B 46 64.09 7.92 13.16
N LEU B 47 64.35 8.55 14.29
CA LEU B 47 65.70 8.66 14.81
C LEU B 47 66.37 7.30 14.84
N THR B 48 65.80 6.39 15.60
CA THR B 48 66.38 5.06 15.75
C THR B 48 66.82 4.41 14.44
N ALA B 49 65.94 4.39 13.43
CA ALA B 49 66.27 3.73 12.16
C ALA B 49 67.42 4.43 11.46
N LEU B 50 67.50 5.74 11.63
CA LEU B 50 68.62 6.52 11.15
C LEU B 50 69.85 6.21 11.96
N ALA B 51 69.73 6.44 13.27
CA ALA B 51 70.77 6.07 14.21
C ALA B 51 71.41 4.74 13.81
N ASN B 52 70.57 3.72 13.67
CA ASN B 52 71.04 2.38 13.39
C ASN B 52 71.62 2.18 11.99
N GLY B 53 71.06 2.83 10.99
CA GLY B 53 71.55 2.68 9.62
C GLY B 53 72.92 3.28 9.48
N LEU B 54 73.10 4.46 10.08
CA LEU B 54 74.40 5.10 10.19
C LEU B 54 75.34 4.17 10.93
N SER B 55 74.98 3.89 12.17
CA SER B 55 75.68 2.91 12.98
C SER B 55 76.08 1.67 12.16
N LEU B 56 75.10 0.97 11.62
CA LEU B 56 75.34 -0.30 10.92
C LEU B 56 75.52 -0.15 9.40
N GLY B 57 76.34 0.82 8.99
CA GLY B 57 76.70 1.00 7.60
C GLY B 57 75.63 0.89 6.52
N ARG B 58 74.36 1.10 6.86
CA ARG B 58 73.32 1.11 5.83
C ARG B 58 72.92 2.54 5.56
N ILE B 59 73.12 3.01 4.33
CA ILE B 59 72.77 4.39 4.03
C ILE B 59 72.26 4.53 2.61
N HIS B 60 70.97 4.82 2.49
CA HIS B 60 70.34 4.93 1.19
C HIS B 60 70.82 6.21 0.58
N HIS B 61 70.85 6.28 -0.74
CA HIS B 61 71.27 7.48 -1.44
C HIS B 61 70.35 8.70 -1.18
N ALA B 62 69.12 8.48 -0.66
CA ALA B 62 68.11 9.56 -0.46
C ALA B 62 66.91 9.27 0.50
N TYR B 63 66.64 10.23 1.38
CA TYR B 63 65.63 10.12 2.43
C TYR B 63 64.58 11.21 2.28
N LEU B 64 63.33 10.88 2.60
CA LEU B 64 62.21 11.83 2.53
C LEU B 64 61.51 12.00 3.89
N PHE B 65 61.40 13.22 4.37
CA PHE B 65 60.84 13.44 5.69
C PHE B 65 59.55 14.23 5.61
N SER B 66 58.46 13.59 5.99
CA SER B 66 57.13 14.18 5.93
C SER B 66 56.48 14.24 7.31
N GLY B 67 55.25 14.73 7.34
CA GLY B 67 54.49 14.95 8.56
C GLY B 67 54.10 16.41 8.66
N THR B 68 53.51 16.80 9.77
CA THR B 68 52.89 18.11 9.90
C THR B 68 53.77 19.22 10.43
N ARG B 69 53.54 20.43 9.91
CA ARG B 69 54.22 21.63 10.34
C ARG B 69 54.87 21.51 11.69
N GLY B 70 56.18 21.72 11.75
CA GLY B 70 56.87 21.87 13.03
C GLY B 70 56.91 20.65 13.95
N VAL B 71 57.15 19.48 13.38
CA VAL B 71 57.24 18.28 14.20
C VAL B 71 58.62 17.63 14.13
N GLY B 72 59.46 18.14 13.23
CA GLY B 72 60.87 17.77 13.20
C GLY B 72 61.49 17.73 11.83
N LYS B 73 60.63 17.62 10.82
CA LYS B 73 61.05 17.32 9.45
C LYS B 73 62.41 17.89 9.15
N THR B 74 62.50 19.21 9.11
CA THR B 74 63.76 19.80 8.67
C THR B 74 64.80 19.77 9.77
N SER B 75 64.37 19.90 11.02
CA SER B 75 65.32 19.90 12.11
C SER B 75 66.06 18.57 12.13
N ILE B 76 65.34 17.51 11.81
CA ILE B 76 65.96 16.21 11.69
C ILE B 76 66.80 16.11 10.42
N ALA B 77 66.30 16.64 9.31
CA ALA B 77 67.06 16.60 8.06
C ALA B 77 68.43 17.21 8.31
N ARG B 78 68.46 18.38 8.95
CA ARG B 78 69.73 18.99 9.32
C ARG B 78 70.57 18.04 10.15
N LEU B 79 69.96 17.46 11.19
CA LEU B 79 70.66 16.49 12.02
C LEU B 79 71.33 15.38 11.22
N LEU B 80 70.59 14.72 10.32
CA LEU B 80 71.15 13.68 9.46
C LEU B 80 72.41 14.13 8.67
N ALA B 81 72.46 15.41 8.33
CA ALA B 81 73.64 15.99 7.72
C ALA B 81 74.78 16.02 8.73
N LYS B 82 74.51 16.52 9.93
CA LYS B 82 75.51 16.56 10.98
C LYS B 82 76.08 15.18 11.18
N GLY B 83 75.21 14.22 11.42
CA GLY B 83 75.62 12.85 11.66
C GLY B 83 76.33 12.20 10.48
N LEU B 84 76.02 12.64 9.26
CA LEU B 84 76.65 12.09 8.05
C LEU B 84 78.10 12.57 7.83
N ASN B 85 78.37 13.80 8.26
CA ASN B 85 79.64 14.44 7.99
C ASN B 85 80.47 14.70 9.23
N CYS B 86 79.96 14.30 10.40
CA CYS B 86 80.67 14.60 11.63
C CYS B 86 82.12 14.20 11.50
N GLU B 87 83.00 15.02 12.08
CA GLU B 87 84.43 14.78 11.99
C GLU B 87 84.79 13.52 12.78
N THR B 88 83.93 13.17 13.73
CA THR B 88 84.16 11.97 14.54
C THR B 88 83.82 10.72 13.74
N GLY B 89 83.30 10.92 12.54
CA GLY B 89 82.95 9.82 11.67
C GLY B 89 81.45 9.81 11.45
N ILE B 90 80.98 8.93 10.56
CA ILE B 90 79.56 8.76 10.34
C ILE B 90 78.96 8.17 11.61
N THR B 91 78.30 9.02 12.41
CA THR B 91 77.74 8.58 13.69
C THR B 91 76.29 8.98 13.90
N ALA B 92 75.60 8.18 14.69
CA ALA B 92 74.24 8.48 15.10
C ALA B 92 74.26 9.61 16.11
N THR B 93 75.37 9.73 16.82
CA THR B 93 75.52 10.71 17.89
C THR B 93 76.50 11.80 17.52
N PRO B 94 76.16 12.67 16.55
CA PRO B 94 77.08 13.75 16.19
C PRO B 94 77.48 14.56 17.41
N CYS B 95 78.71 15.07 17.39
CA CYS B 95 79.29 15.73 18.57
C CYS B 95 78.78 17.17 18.79
N GLY B 96 78.47 17.88 17.70
CA GLY B 96 77.95 19.23 17.79
C GLY B 96 78.98 20.22 18.33
N VAL B 97 80.25 19.88 18.12
CA VAL B 97 81.36 20.71 18.60
C VAL B 97 82.55 20.75 17.63
N CYS B 98 82.51 19.93 16.58
CA CYS B 98 83.58 19.98 15.59
C CYS B 98 83.38 21.17 14.67
N ASP B 99 84.39 21.48 13.86
CA ASP B 99 84.24 22.52 12.85
C ASP B 99 82.98 22.26 11.99
N ASN B 100 82.73 21.00 11.63
CA ASN B 100 81.56 20.62 10.82
C ASN B 100 80.17 20.80 11.49
N CYS B 101 80.01 20.27 12.70
CA CYS B 101 78.74 20.34 13.42
C CYS B 101 78.34 21.77 13.79
N ARG B 102 79.30 22.56 14.25
CA ARG B 102 79.05 23.95 14.56
C ARG B 102 78.89 24.73 13.26
N GLU B 103 79.59 24.31 12.20
CA GLU B 103 79.48 25.01 10.90
C GLU B 103 78.05 24.86 10.37
N ILE B 104 77.52 23.64 10.46
CA ILE B 104 76.15 23.35 10.03
C ILE B 104 75.13 24.04 10.93
N GLU B 105 75.22 23.75 12.24
CA GLU B 105 74.47 24.45 13.29
C GLU B 105 74.45 25.97 13.09
N GLN B 106 75.60 26.54 12.70
CA GLN B 106 75.75 27.97 12.39
C GLN B 106 74.86 28.36 11.23
N GLY B 107 75.11 27.69 10.10
CA GLY B 107 74.35 27.93 8.90
C GLY B 107 75.19 27.93 7.65
N ARG B 108 76.52 27.96 7.80
CA ARG B 108 77.37 27.98 6.61
C ARG B 108 78.42 26.89 6.61
N PHE B 109 78.05 25.76 6.00
CA PHE B 109 78.92 24.60 5.87
C PHE B 109 79.14 24.29 4.40
N VAL B 110 80.41 24.35 3.97
CA VAL B 110 80.72 24.21 2.54
C VAL B 110 79.84 23.15 1.90
N ASP B 111 79.80 21.96 2.49
CA ASP B 111 79.10 20.86 1.87
C ASP B 111 77.73 20.59 2.47
N LEU B 112 77.04 21.62 2.95
CA LEU B 112 75.62 21.48 3.31
C LEU B 112 74.72 22.41 2.50
N ILE B 113 74.31 21.92 1.35
CA ILE B 113 73.50 22.65 0.37
C ILE B 113 72.02 22.45 0.68
N GLU B 114 71.40 23.44 1.31
CA GLU B 114 69.99 23.36 1.67
C GLU B 114 69.17 24.23 0.74
N ILE B 115 68.60 23.63 -0.29
CA ILE B 115 67.84 24.39 -1.26
C ILE B 115 66.47 24.73 -0.70
N ASP B 116 66.05 26.00 -0.84
CA ASP B 116 64.68 26.43 -0.49
C ASP B 116 63.74 26.12 -1.67
N ALA B 117 63.39 24.85 -1.81
CA ALA B 117 62.72 24.38 -3.02
C ALA B 117 61.55 25.24 -3.40
N ALA B 118 61.07 26.06 -2.47
CA ALA B 118 59.79 26.75 -2.61
C ALA B 118 59.93 28.05 -3.33
N SER B 119 61.13 28.60 -3.24
CA SER B 119 61.44 29.84 -3.94
C SER B 119 62.22 29.57 -5.22
N ARG B 120 62.92 28.44 -5.26
CA ARG B 120 63.62 28.03 -6.48
C ARG B 120 63.07 26.70 -6.99
N THR B 121 62.01 26.79 -7.78
CA THR B 121 61.21 25.65 -8.21
C THR B 121 61.26 25.45 -9.73
N LYS B 122 61.51 26.55 -10.47
CA LYS B 122 61.58 26.50 -11.93
C LYS B 122 62.77 25.59 -12.31
N VAL B 123 62.80 25.09 -13.55
CA VAL B 123 63.79 24.06 -13.87
C VAL B 123 65.17 24.62 -14.04
N GLU B 124 65.26 25.74 -14.74
CA GLU B 124 66.51 26.46 -14.87
C GLU B 124 67.34 26.28 -13.59
N ASP B 125 66.72 26.46 -12.44
CA ASP B 125 67.42 26.51 -11.17
C ASP B 125 67.77 25.16 -10.63
N THR B 126 67.00 24.17 -11.05
CA THR B 126 67.25 22.84 -10.55
C THR B 126 68.37 22.23 -11.37
N ARG B 127 68.36 22.52 -12.66
CA ARG B 127 69.42 22.07 -13.56
C ARG B 127 70.79 22.65 -13.15
N ASP B 128 70.77 23.90 -12.72
CA ASP B 128 71.98 24.58 -12.33
C ASP B 128 72.44 24.14 -10.98
N LEU B 129 71.52 23.70 -10.15
CA LEU B 129 71.92 23.10 -8.91
C LEU B 129 72.62 21.76 -9.14
N LEU B 130 72.23 21.04 -10.18
CA LEU B 130 72.73 19.68 -10.32
C LEU B 130 73.85 19.57 -11.32
N ASP B 131 74.32 20.70 -11.86
CA ASP B 131 75.55 20.66 -12.65
C ASP B 131 76.73 20.49 -11.70
N ASN B 132 76.64 21.16 -10.56
CA ASN B 132 77.65 21.10 -9.50
C ASN B 132 77.57 19.85 -8.63
N VAL B 133 76.60 18.97 -8.87
CA VAL B 133 76.45 17.81 -7.99
C VAL B 133 77.62 16.85 -8.15
N GLN B 134 78.18 16.82 -9.35
CA GLN B 134 79.22 15.88 -9.69
C GLN B 134 80.59 16.09 -9.02
N TYR B 135 81.02 17.34 -8.92
CA TYR B 135 82.27 17.72 -8.28
C TYR B 135 82.36 17.24 -6.82
N ALA B 136 83.54 16.78 -6.43
CA ALA B 136 83.77 16.28 -5.10
C ALA B 136 83.52 17.34 -4.01
N PRO B 137 83.07 16.90 -2.83
CA PRO B 137 82.82 17.67 -1.61
C PRO B 137 84.08 18.26 -0.98
N ALA B 138 84.07 19.57 -0.75
CA ALA B 138 85.26 20.26 -0.29
C ALA B 138 85.71 19.94 1.15
N ARG B 139 84.79 19.96 2.10
CA ARG B 139 85.14 19.89 3.52
C ARG B 139 84.94 18.55 4.18
N GLY B 140 84.02 17.76 3.67
CA GLY B 140 83.56 16.63 4.45
C GLY B 140 83.21 15.40 3.67
N ARG B 141 82.68 14.42 4.39
CA ARG B 141 82.48 13.07 3.89
C ARG B 141 81.55 13.00 2.69
N PHE B 142 80.51 13.82 2.67
CA PHE B 142 79.44 13.66 1.70
C PHE B 142 78.97 15.02 1.26
N LYS B 143 78.64 15.16 0.00
CA LYS B 143 77.91 16.33 -0.43
C LYS B 143 76.44 16.05 -0.10
N VAL B 144 75.92 16.73 0.92
CA VAL B 144 74.52 16.59 1.34
C VAL B 144 73.59 17.71 0.83
N TYR B 145 72.69 17.32 -0.06
CA TYR B 145 71.63 18.20 -0.56
C TYR B 145 70.36 18.03 0.29
N LEU B 146 69.89 19.14 0.83
CA LEU B 146 68.75 19.16 1.70
C LEU B 146 67.71 20.04 1.05
N ILE B 147 66.87 19.42 0.23
CA ILE B 147 65.79 20.12 -0.45
C ILE B 147 64.56 20.17 0.42
N ASP B 148 64.22 21.35 0.93
CA ASP B 148 63.14 21.52 1.90
C ASP B 148 61.95 22.14 1.20
N GLU B 149 60.74 21.85 1.70
CA GLU B 149 59.48 22.27 1.07
C GLU B 149 59.48 21.90 -0.43
N VAL B 150 59.85 20.65 -0.68
CA VAL B 150 60.18 20.14 -2.00
C VAL B 150 58.97 19.89 -2.88
N HIS B 151 57.79 19.81 -2.29
CA HIS B 151 56.58 19.58 -3.07
C HIS B 151 56.36 20.67 -4.12
N MET B 152 57.11 21.76 -4.05
CA MET B 152 56.84 22.90 -4.94
C MET B 152 57.47 22.82 -6.33
N LEU B 153 58.43 21.94 -6.49
CA LEU B 153 59.20 21.91 -7.71
C LEU B 153 58.31 21.54 -8.86
N SER B 154 58.61 22.10 -10.03
CA SER B 154 57.75 21.94 -11.20
C SER B 154 57.72 20.50 -11.69
N ARG B 155 56.85 20.23 -12.65
CA ARG B 155 56.88 18.95 -13.29
C ARG B 155 58.33 18.73 -13.69
N HIS B 156 58.81 19.59 -14.58
CA HIS B 156 60.13 19.43 -15.17
C HIS B 156 61.26 19.36 -14.15
N SER B 157 61.22 20.23 -13.14
CA SER B 157 62.25 20.21 -12.10
C SER B 157 62.34 18.87 -11.41
N PHE B 158 61.21 18.21 -11.18
CA PHE B 158 61.22 16.90 -10.58
C PHE B 158 61.97 15.93 -11.48
N ASN B 159 61.62 15.94 -12.75
CA ASN B 159 62.38 15.18 -13.73
C ASN B 159 63.88 15.34 -13.66
N ALA B 160 64.32 16.57 -13.54
CA ALA B 160 65.75 16.78 -13.40
C ALA B 160 66.28 16.00 -12.19
N LEU B 161 65.73 16.29 -11.01
CA LEU B 161 66.12 15.62 -9.79
C LEU B 161 66.17 14.12 -10.07
N LEU B 162 65.04 13.58 -10.50
CA LEU B 162 64.92 12.17 -10.79
C LEU B 162 66.16 11.61 -11.47
N LYS B 163 66.58 12.23 -12.56
CA LYS B 163 67.67 11.71 -13.38
C LYS B 163 68.95 11.57 -12.57
N THR B 164 69.07 12.42 -11.55
CA THR B 164 70.19 12.40 -10.61
C THR B 164 69.99 11.36 -9.49
N LEU B 165 68.76 11.18 -9.06
CA LEU B 165 68.43 10.15 -8.09
C LEU B 165 68.52 8.74 -8.67
N GLU B 166 68.37 8.60 -9.97
CA GLU B 166 68.44 7.30 -10.62
C GLU B 166 69.86 6.83 -10.86
N GLU B 167 70.80 7.77 -10.76
CA GLU B 167 72.23 7.47 -10.84
C GLU B 167 72.97 8.39 -9.86
N PRO B 168 72.81 8.10 -8.57
CA PRO B 168 73.28 8.98 -7.50
C PRO B 168 74.80 8.91 -7.31
N PRO B 169 75.53 10.05 -7.51
CA PRO B 169 76.97 10.05 -7.23
C PRO B 169 77.24 9.49 -5.84
N GLU B 170 78.39 8.85 -5.64
CA GLU B 170 78.64 8.19 -4.36
C GLU B 170 78.72 9.16 -3.18
N HIS B 171 79.37 10.30 -3.40
CA HIS B 171 79.67 11.25 -2.33
C HIS B 171 78.46 12.06 -1.95
N VAL B 172 77.38 11.84 -2.69
CA VAL B 172 76.16 12.62 -2.52
C VAL B 172 75.07 11.82 -1.80
N LYS B 173 74.32 12.54 -0.97
CA LYS B 173 73.13 12.05 -0.29
C LYS B 173 72.07 13.13 -0.45
N PHE B 174 70.82 12.72 -0.68
CA PHE B 174 69.72 13.65 -0.79
C PHE B 174 68.77 13.58 0.38
N LEU B 175 68.36 14.74 0.87
CA LEU B 175 67.41 14.83 1.98
C LEU B 175 66.21 15.67 1.56
N LEU B 176 65.10 15.01 1.30
CA LEU B 176 63.86 15.68 0.90
C LEU B 176 62.90 15.85 2.07
N ALA B 177 62.49 17.09 2.35
CA ALA B 177 61.55 17.31 3.42
C ALA B 177 60.39 18.10 2.89
N THR B 178 59.20 17.56 3.11
CA THR B 178 57.97 18.22 2.72
C THR B 178 56.82 17.93 3.68
N THR B 179 55.87 18.84 3.69
CA THR B 179 54.69 18.72 4.52
C THR B 179 53.74 17.88 3.74
N ASP B 180 53.64 18.17 2.46
CA ASP B 180 52.74 17.46 1.59
C ASP B 180 53.44 16.55 0.59
N PRO B 181 53.70 15.29 0.97
CA PRO B 181 54.40 14.34 0.11
C PRO B 181 53.57 13.84 -1.06
N GLN B 182 52.26 13.77 -0.86
CA GLN B 182 51.41 13.24 -1.90
C GLN B 182 51.69 13.91 -3.25
N LYS B 183 52.26 15.12 -3.20
CA LYS B 183 52.54 15.90 -4.40
C LYS B 183 53.82 15.50 -5.18
N LEU B 184 54.73 14.80 -4.52
CA LEU B 184 55.87 14.23 -5.26
C LEU B 184 55.36 13.13 -6.15
N PRO B 185 55.95 12.99 -7.35
CA PRO B 185 55.63 11.93 -8.31
C PRO B 185 55.95 10.57 -7.73
N VAL B 186 55.15 9.56 -8.07
CA VAL B 186 55.40 8.21 -7.58
C VAL B 186 56.85 7.88 -7.84
N THR B 187 57.34 8.38 -8.98
CA THR B 187 58.65 8.09 -9.56
C THR B 187 59.78 8.73 -8.81
N ILE B 188 59.46 9.34 -7.68
CA ILE B 188 60.48 9.95 -6.82
C ILE B 188 60.32 9.44 -5.38
N LEU B 189 59.07 9.23 -4.97
CA LEU B 189 58.78 8.57 -3.71
C LEU B 189 59.29 7.12 -3.78
N SER B 190 59.39 6.60 -5.00
CA SER B 190 59.91 5.27 -5.25
C SER B 190 61.42 5.28 -5.33
N ARG B 191 62.01 6.41 -4.98
CA ARG B 191 63.46 6.53 -4.98
C ARG B 191 63.95 7.08 -3.65
N CYS B 192 63.06 7.25 -2.69
CA CYS B 192 63.46 7.74 -1.38
C CYS B 192 63.01 6.82 -0.29
N LEU B 193 63.83 6.64 0.72
CA LEU B 193 63.34 6.03 1.94
C LEU B 193 62.57 7.11 2.67
N GLN B 194 61.28 6.93 2.85
CA GLN B 194 60.47 7.98 3.46
C GLN B 194 60.10 7.74 4.91
N PHE B 195 60.44 8.71 5.75
CA PHE B 195 60.01 8.69 7.15
C PHE B 195 58.83 9.62 7.40
N HIS B 196 57.68 9.08 7.78
CA HIS B 196 56.58 9.96 8.14
C HIS B 196 56.71 10.26 9.62
N LEU B 197 57.03 11.50 9.92
CA LEU B 197 57.06 11.96 11.30
C LEU B 197 55.64 12.03 11.89
N LYS B 198 55.46 11.48 13.09
CA LYS B 198 54.17 11.58 13.78
C LYS B 198 54.00 12.98 14.41
N ALA B 199 52.77 13.43 14.56
CA ALA B 199 52.52 14.67 15.27
C ALA B 199 52.76 14.40 16.74
N LEU B 200 53.12 15.43 17.48
CA LEU B 200 53.55 15.22 18.87
C LEU B 200 52.41 15.03 19.86
N ASP B 201 52.75 14.30 20.92
CA ASP B 201 51.80 14.01 21.98
C ASP B 201 51.69 15.17 22.94
N VAL B 202 50.47 15.41 23.42
CA VAL B 202 50.17 16.43 24.43
C VAL B 202 51.22 16.56 25.53
N GLU B 203 51.57 15.45 26.16
CA GLU B 203 52.65 15.46 27.14
C GLU B 203 54.00 15.78 26.48
N GLN B 204 54.26 15.15 25.34
CA GLN B 204 55.55 15.29 24.68
C GLN B 204 55.89 16.76 24.51
N ILE B 205 54.90 17.52 24.05
CA ILE B 205 55.01 18.97 23.89
C ILE B 205 55.19 19.68 25.23
N ARG B 206 54.37 19.31 26.22
CA ARG B 206 54.42 19.93 27.53
C ARG B 206 55.80 19.78 28.18
N HIS B 207 56.31 18.55 28.22
CA HIS B 207 57.59 18.32 28.87
C HIS B 207 58.67 19.17 28.19
N GLN B 208 58.56 19.31 26.87
CA GLN B 208 59.53 20.12 26.14
C GLN B 208 59.37 21.60 26.44
N LEU B 209 58.14 22.02 26.69
CA LEU B 209 57.83 23.41 27.01
C LEU B 209 58.36 23.77 28.39
N GLU B 210 58.16 22.87 29.35
CA GLU B 210 58.72 23.08 30.67
C GLU B 210 60.22 23.27 30.53
N HIS B 211 60.90 22.27 29.98
CA HIS B 211 62.34 22.31 29.83
C HIS B 211 62.83 23.69 29.39
N ILE B 212 62.37 24.09 28.20
CA ILE B 212 62.79 25.35 27.54
C ILE B 212 62.54 26.63 28.36
N LEU B 213 61.32 26.79 28.85
CA LEU B 213 61.03 27.92 29.74
C LEU B 213 61.95 27.88 30.94
N ASN B 214 62.03 26.71 31.57
CA ASN B 214 62.95 26.49 32.67
C ASN B 214 64.32 27.03 32.30
N GLU B 215 64.86 26.56 31.18
CA GLU B 215 66.20 26.94 30.80
C GLU B 215 66.30 28.45 30.63
N GLU B 216 65.34 29.04 29.93
CA GLU B 216 65.41 30.47 29.63
C GLU B 216 65.22 31.30 30.87
N HIS B 217 64.93 30.65 31.99
CA HIS B 217 64.65 31.36 33.23
C HIS B 217 63.35 32.18 33.09
N ILE B 218 62.22 31.49 33.01
CA ILE B 218 60.91 32.12 32.91
C ILE B 218 59.86 31.44 33.79
N ALA B 219 59.18 32.23 34.62
CA ALA B 219 58.13 31.71 35.50
C ALA B 219 57.00 31.03 34.73
N HIS B 220 56.55 29.89 35.24
CA HIS B 220 55.43 29.16 34.63
C HIS B 220 54.61 28.44 35.70
N GLU B 221 53.35 28.18 35.38
CA GLU B 221 52.50 27.39 36.26
C GLU B 221 52.39 26.00 35.67
N PRO B 222 51.87 25.04 36.47
CA PRO B 222 51.71 23.70 35.89
C PRO B 222 50.69 23.75 34.76
N ARG B 223 49.50 24.25 35.06
CA ARG B 223 48.35 24.13 34.18
C ARG B 223 48.37 25.15 33.04
N ALA B 224 49.32 26.06 33.08
CA ALA B 224 49.52 26.97 31.97
C ALA B 224 50.07 26.20 30.78
N LEU B 225 51.14 25.44 31.03
CA LEU B 225 51.77 24.64 30.00
C LEU B 225 50.85 23.54 29.49
N GLN B 226 50.06 22.94 30.38
CA GLN B 226 49.17 21.87 29.95
C GLN B 226 48.25 22.48 28.92
N LEU B 227 47.95 23.77 29.12
CA LEU B 227 47.07 24.48 28.20
C LEU B 227 47.70 24.76 26.85
N LEU B 228 48.98 25.14 26.85
CA LEU B 228 49.64 25.40 25.59
C LEU B 228 49.85 24.11 24.77
N ALA B 229 50.33 23.04 25.41
CA ALA B 229 50.57 21.78 24.72
C ALA B 229 49.32 21.30 24.03
N ARG B 230 48.19 21.40 24.72
CA ARG B 230 46.91 21.06 24.14
C ARG B 230 46.70 21.94 22.89
N ALA B 231 46.65 23.26 23.10
CA ALA B 231 46.39 24.23 22.04
C ALA B 231 47.27 24.14 20.77
N ALA B 232 48.48 23.63 20.94
CA ALA B 232 49.40 23.43 19.81
C ALA B 232 48.81 22.53 18.73
N GLU B 233 47.83 21.71 19.12
CA GLU B 233 47.25 20.73 18.23
C GLU B 233 48.36 19.90 17.58
N GLY B 234 49.23 19.35 18.42
CA GLY B 234 50.20 18.35 18.01
C GLY B 234 51.51 18.87 17.45
N SER B 235 51.61 20.18 17.22
CA SER B 235 52.79 20.75 16.57
C SER B 235 53.70 21.55 17.49
N LEU B 236 54.94 21.10 17.59
CA LEU B 236 55.87 21.65 18.56
C LEU B 236 56.26 23.09 18.22
N ARG B 237 56.19 23.44 16.94
CA ARG B 237 56.41 24.83 16.58
C ARG B 237 55.23 25.69 16.97
N ASP B 238 54.04 25.31 16.54
CA ASP B 238 52.84 26.00 16.96
C ASP B 238 53.03 26.30 18.44
N ALA B 239 53.61 25.33 19.11
CA ALA B 239 53.75 25.34 20.55
C ALA B 239 54.59 26.49 21.06
N LEU B 240 55.85 26.54 20.60
CA LEU B 240 56.77 27.58 21.04
C LEU B 240 56.34 28.94 20.50
N SER B 241 55.65 28.93 19.35
CA SER B 241 55.17 30.16 18.76
C SER B 241 54.05 30.67 19.63
N LEU B 242 53.24 29.75 20.12
CA LEU B 242 52.21 30.10 21.09
C LEU B 242 52.84 30.56 22.39
N THR B 243 53.88 29.86 22.83
CA THR B 243 54.55 30.23 24.06
C THR B 243 55.16 31.61 23.97
N ASP B 244 55.90 31.88 22.91
CA ASP B 244 56.51 33.19 22.70
C ASP B 244 55.45 34.26 22.96
N GLN B 245 54.34 34.17 22.25
CA GLN B 245 53.24 35.10 22.46
C GLN B 245 52.87 35.12 23.93
N ALA B 246 52.64 33.95 24.49
CA ALA B 246 52.23 33.85 25.89
C ALA B 246 53.13 34.66 26.82
N ILE B 247 54.43 34.61 26.59
CA ILE B 247 55.37 35.38 27.40
C ILE B 247 55.04 36.87 27.37
N ALA B 248 54.64 37.38 26.21
CA ALA B 248 54.36 38.81 26.07
C ALA B 248 53.06 39.19 26.78
N SER B 249 52.04 38.35 26.64
CA SER B 249 50.79 38.56 27.34
C SER B 249 51.09 38.58 28.83
N GLY B 250 52.11 37.83 29.23
CA GLY B 250 52.45 37.69 30.64
C GLY B 250 53.53 38.60 31.19
N ASP B 251 53.91 39.63 30.44
CA ASP B 251 55.05 40.50 30.79
C ASP B 251 56.16 39.73 31.52
N GLY B 252 56.60 38.62 30.95
CA GLY B 252 57.70 37.87 31.52
C GLY B 252 57.34 36.61 32.28
N GLN B 253 56.06 36.48 32.64
CA GLN B 253 55.57 35.28 33.32
C GLN B 253 54.55 34.56 32.46
N VAL B 254 54.73 33.26 32.28
CA VAL B 254 53.72 32.46 31.62
C VAL B 254 52.74 31.93 32.66
N SER B 255 51.72 32.73 32.95
CA SER B 255 50.74 32.38 33.97
C SER B 255 49.47 31.84 33.36
N THR B 256 48.83 30.89 34.04
CA THR B 256 47.57 30.35 33.56
C THR B 256 46.61 31.53 33.32
N GLN B 257 46.55 32.45 34.28
CA GLN B 257 45.70 33.64 34.16
C GLN B 257 45.87 34.30 32.81
N ALA B 258 47.10 34.34 32.33
CA ALA B 258 47.39 35.00 31.06
C ALA B 258 47.22 34.07 29.88
N VAL B 259 47.73 32.85 30.00
CA VAL B 259 47.68 31.90 28.88
C VAL B 259 46.24 31.67 28.46
N SER B 260 45.38 31.42 29.45
CA SER B 260 43.98 31.11 29.19
C SER B 260 43.28 32.27 28.50
N ALA B 261 43.66 33.50 28.86
CA ALA B 261 43.05 34.68 28.26
C ALA B 261 43.38 34.75 26.79
N MET B 262 44.67 34.59 26.49
CA MET B 262 45.21 34.64 25.14
C MET B 262 44.57 33.59 24.24
N LEU B 263 44.59 32.34 24.67
CA LEU B 263 44.02 31.26 23.90
C LEU B 263 42.53 31.51 23.67
N GLY B 264 41.92 32.25 24.60
CA GLY B 264 40.55 32.70 24.45
C GLY B 264 40.40 33.72 23.35
N THR B 265 41.51 34.40 23.03
CA THR B 265 41.59 35.34 21.93
C THR B 265 41.54 34.58 20.61
N LEU B 266 41.93 33.32 20.63
CA LEU B 266 42.11 32.59 19.38
C LEU B 266 41.26 31.34 19.32
N ASP B 267 40.06 31.39 19.86
CA ASP B 267 39.27 30.18 19.88
C ASP B 267 38.63 29.86 18.52
N ASP B 268 38.87 28.65 18.05
CA ASP B 268 38.09 28.07 16.98
C ASP B 268 36.72 27.75 17.59
N ASP B 269 36.77 27.05 18.74
CA ASP B 269 35.63 26.62 19.60
C ASP B 269 34.20 26.79 19.10
N GLN B 270 33.71 27.99 19.33
CA GLN B 270 32.32 28.37 19.12
C GLN B 270 31.33 27.33 18.61
N ALA B 271 31.56 26.78 17.42
CA ALA B 271 30.59 25.86 16.85
C ALA B 271 30.35 24.62 17.71
N LEU B 272 31.41 23.88 18.05
CA LEU B 272 31.25 22.75 18.95
C LEU B 272 30.78 23.24 20.30
N SER B 273 31.50 24.21 20.82
CA SER B 273 31.23 24.75 22.14
C SER B 273 29.74 25.11 22.31
N LEU B 274 29.11 25.62 21.25
CA LEU B 274 27.69 25.91 21.33
C LEU B 274 26.87 24.63 21.34
N VAL B 275 27.21 23.67 20.49
CA VAL B 275 26.49 22.40 20.49
C VAL B 275 26.44 21.85 21.90
N GLU B 276 27.54 21.96 22.62
CA GLU B 276 27.59 21.41 23.97
C GLU B 276 26.64 22.12 24.91
N ALA B 277 26.77 23.44 24.98
CA ALA B 277 25.91 24.24 25.83
C ALA B 277 24.48 24.20 25.30
N MET B 278 24.31 23.77 24.07
CA MET B 278 22.97 23.62 23.56
C MET B 278 22.27 22.44 24.24
N VAL B 279 22.87 21.26 24.18
CA VAL B 279 22.22 20.09 24.75
C VAL B 279 22.00 20.25 26.24
N GLU B 280 23.05 20.55 26.99
CA GLU B 280 22.92 20.80 28.41
C GLU B 280 21.81 21.80 28.77
N ALA B 281 21.40 22.62 27.81
CA ALA B 281 20.37 23.64 28.03
C ALA B 281 20.82 24.78 28.93
N ASN B 282 22.03 25.27 28.67
CA ASN B 282 22.62 26.38 29.41
C ASN B 282 22.38 27.71 28.68
N GLY B 283 21.38 28.45 29.11
CA GLY B 283 21.03 29.69 28.43
C GLY B 283 22.14 30.72 28.43
N GLU B 284 22.68 31.02 29.61
CA GLU B 284 23.79 31.96 29.72
C GLU B 284 24.98 31.51 28.86
N ARG B 285 25.46 30.29 29.05
CA ARG B 285 26.59 29.84 28.24
C ARG B 285 26.36 30.08 26.75
N VAL B 286 25.16 29.76 26.27
CA VAL B 286 24.82 30.04 24.88
C VAL B 286 24.85 31.53 24.57
N MET B 287 24.06 32.33 25.28
CA MET B 287 24.05 33.77 25.03
C MET B 287 25.43 34.38 25.10
N ALA B 288 26.35 33.70 25.79
CA ALA B 288 27.71 34.21 25.98
C ALA B 288 28.61 33.77 24.82
N LEU B 289 28.55 32.50 24.45
CA LEU B 289 29.29 32.04 23.29
C LEU B 289 28.86 32.82 22.07
N ILE B 290 27.57 32.84 21.75
CA ILE B 290 27.10 33.68 20.65
C ILE B 290 27.79 35.02 20.70
N ASN B 291 28.02 35.52 21.90
CA ASN B 291 28.58 36.85 22.09
C ASN B 291 30.12 36.89 21.97
N GLU B 292 30.74 35.78 22.35
CA GLU B 292 32.15 35.56 22.12
C GLU B 292 32.40 35.47 20.62
N ALA B 293 31.62 34.61 19.95
CA ALA B 293 31.73 34.43 18.50
C ALA B 293 31.65 35.78 17.81
N ALA B 294 30.77 36.64 18.30
CA ALA B 294 30.65 37.98 17.76
C ALA B 294 32.00 38.65 17.70
N ALA B 295 32.76 38.57 18.79
CA ALA B 295 34.07 39.21 18.88
C ALA B 295 35.05 38.60 17.90
N ARG B 296 35.07 37.27 17.80
CA ARG B 296 35.95 36.61 16.85
C ARG B 296 35.68 37.26 15.50
N GLY B 297 34.42 37.56 15.23
CA GLY B 297 34.07 38.29 14.03
C GLY B 297 33.68 37.35 12.91
N ILE B 298 32.65 36.57 13.19
CA ILE B 298 32.26 35.43 12.39
C ILE B 298 31.16 35.70 11.38
N GLU B 299 31.21 34.99 10.26
CA GLU B 299 30.13 34.93 9.28
C GLU B 299 29.11 34.00 9.92
N TRP B 300 27.90 34.47 10.19
CA TRP B 300 27.00 33.69 11.05
C TRP B 300 26.47 32.47 10.32
N GLU B 301 26.15 32.62 9.05
CA GLU B 301 25.62 31.50 8.32
C GLU B 301 26.60 30.37 8.47
N ALA B 302 27.87 30.72 8.55
CA ALA B 302 28.92 29.72 8.60
C ALA B 302 28.95 29.04 9.95
N LEU B 303 28.45 29.72 10.98
CA LEU B 303 28.44 29.14 12.32
C LEU B 303 27.44 28.02 12.38
N LEU B 304 26.21 28.29 11.91
CA LEU B 304 25.17 27.27 11.81
C LEU B 304 25.69 26.04 11.07
N VAL B 305 26.34 26.28 9.95
CA VAL B 305 26.78 25.19 9.10
C VAL B 305 27.79 24.33 9.82
N GLU B 306 28.65 24.95 10.62
CA GLU B 306 29.62 24.16 11.35
C GLU B 306 28.91 23.35 12.41
N MET B 307 27.92 23.94 13.05
CA MET B 307 27.17 23.20 14.04
C MET B 307 26.52 22.02 13.36
N LEU B 308 25.69 22.30 12.36
CA LEU B 308 24.96 21.26 11.64
C LEU B 308 25.89 20.12 11.27
N GLY B 309 27.04 20.48 10.72
CA GLY B 309 28.02 19.50 10.32
C GLY B 309 28.38 18.72 11.56
N LEU B 310 28.61 19.45 12.63
CA LEU B 310 28.99 18.88 13.92
C LEU B 310 28.00 17.81 14.45
N LEU B 311 26.70 18.12 14.42
CA LEU B 311 25.65 17.17 14.80
C LEU B 311 25.63 15.98 13.87
N HIS B 312 25.78 16.21 12.57
CA HIS B 312 25.88 15.12 11.62
C HIS B 312 26.95 14.11 12.00
N ARG B 313 28.20 14.56 12.06
CA ARG B 313 29.27 13.68 12.50
C ARG B 313 28.86 12.86 13.71
N ILE B 314 28.47 13.56 14.77
CA ILE B 314 28.10 12.93 16.04
C ILE B 314 27.07 11.85 15.86
N ALA B 315 25.97 12.22 15.24
CA ALA B 315 24.90 11.30 14.96
C ALA B 315 25.46 10.02 14.41
N MET B 316 26.59 10.08 13.73
CA MET B 316 27.05 8.90 13.03
C MET B 316 28.10 8.14 13.79
N VAL B 317 28.80 8.84 14.68
CA VAL B 317 29.60 8.19 15.70
C VAL B 317 28.64 7.32 16.50
N GLN B 318 27.36 7.63 16.40
CA GLN B 318 26.34 6.84 17.05
C GLN B 318 25.95 5.66 16.17
N LEU B 319 26.69 5.43 15.10
CA LEU B 319 26.39 4.26 14.27
C LEU B 319 27.64 3.41 14.03
N SER B 320 28.77 3.92 14.52
CA SER B 320 30.02 3.18 14.59
C SER B 320 31.03 4.02 15.35
N PRO B 321 31.91 3.38 16.13
CA PRO B 321 32.99 4.20 16.67
C PRO B 321 33.80 4.78 15.52
N ALA B 322 33.67 4.15 14.35
CA ALA B 322 34.56 4.33 13.21
C ALA B 322 34.42 5.65 12.44
N ALA B 323 33.33 6.34 12.71
CA ALA B 323 33.05 7.57 11.98
C ALA B 323 33.76 8.81 12.53
N LEU B 324 34.77 8.62 13.37
CA LEU B 324 35.57 9.77 13.82
C LEU B 324 36.93 9.82 13.17
N GLY B 325 37.25 10.97 12.57
CA GLY B 325 38.43 11.11 11.75
C GLY B 325 39.79 10.92 12.40
N ASN B 326 40.71 10.38 11.60
CA ASN B 326 42.12 10.68 11.74
C ASN B 326 42.13 12.19 11.93
N ASP B 327 41.32 12.84 11.08
CA ASP B 327 40.98 14.26 11.10
C ASP B 327 40.80 14.86 12.51
N MET B 328 39.55 14.86 12.96
CA MET B 328 39.09 15.25 14.30
C MET B 328 40.10 15.52 15.43
N ALA B 329 40.77 14.46 15.89
CA ALA B 329 41.67 14.43 17.08
C ALA B 329 41.55 15.52 18.14
N ALA B 330 41.86 16.77 17.78
CA ALA B 330 41.82 17.91 18.72
C ALA B 330 40.45 18.05 19.42
N ILE B 331 39.41 18.05 18.59
CA ILE B 331 38.02 18.15 19.02
C ILE B 331 37.51 16.81 19.55
N GLU B 332 37.99 15.74 18.93
CA GLU B 332 37.49 14.36 19.11
C GLU B 332 37.06 13.91 20.52
N LEU B 333 37.85 14.20 21.55
CA LEU B 333 37.44 13.75 22.87
C LEU B 333 35.98 14.17 23.14
N ARG B 334 35.77 15.49 23.09
CA ARG B 334 34.47 16.13 23.29
C ARG B 334 33.36 15.53 22.44
N MET B 335 33.68 15.24 21.18
CA MET B 335 32.70 14.70 20.26
C MET B 335 32.15 13.35 20.72
N ARG B 336 33.03 12.44 21.12
CA ARG B 336 32.61 11.09 21.50
C ARG B 336 31.72 11.08 22.72
N GLU B 337 32.12 11.81 23.75
CA GLU B 337 31.31 11.90 24.96
C GLU B 337 29.91 12.36 24.55
N LEU B 338 29.86 13.35 23.66
CA LEU B 338 28.61 13.97 23.27
C LEU B 338 27.73 12.96 22.58
N ALA B 339 28.33 12.06 21.81
CA ALA B 339 27.57 11.00 21.17
C ALA B 339 27.04 10.03 22.22
N ARG B 340 27.88 9.66 23.18
CA ARG B 340 27.49 8.74 24.26
C ARG B 340 26.30 9.21 25.09
N THR B 341 26.21 10.52 25.32
CA THR B 341 25.31 11.02 26.33
C THR B 341 24.19 11.89 25.78
N ILE B 342 23.77 11.62 24.54
CA ILE B 342 22.58 12.28 24.01
C ILE B 342 21.81 11.28 23.18
N PRO B 343 20.51 11.20 23.43
CA PRO B 343 19.59 10.34 22.66
C PRO B 343 19.69 10.62 21.16
N PRO B 344 19.95 9.57 20.38
CA PRO B 344 20.05 9.70 18.92
C PRO B 344 18.79 10.36 18.33
N THR B 345 17.69 10.21 19.08
CA THR B 345 16.43 10.78 18.65
C THR B 345 16.44 12.26 19.02
N ASP B 346 17.11 12.59 20.12
CA ASP B 346 17.33 13.97 20.52
C ASP B 346 18.19 14.67 19.48
N ILE B 347 19.23 13.98 19.03
CA ILE B 347 20.10 14.54 18.02
C ILE B 347 19.35 14.87 16.72
N GLN B 348 18.75 13.89 16.04
CA GLN B 348 18.06 14.24 14.79
C GLN B 348 17.21 15.48 15.09
N LEU B 349 16.67 15.58 16.29
CA LEU B 349 15.82 16.73 16.60
C LEU B 349 16.55 18.07 16.48
N TYR B 350 17.69 18.16 17.15
CA TYR B 350 18.49 19.39 17.20
C TYR B 350 18.84 19.83 15.79
N TYR B 351 19.28 18.86 15.01
CA TYR B 351 19.56 19.03 13.61
C TYR B 351 18.42 19.73 12.90
N GLN B 352 17.24 19.09 12.88
CA GLN B 352 16.04 19.70 12.30
C GLN B 352 16.03 21.18 12.64
N THR B 353 16.15 21.50 13.93
CA THR B 353 15.93 22.87 14.40
C THR B 353 16.95 23.79 13.80
N LEU B 354 18.19 23.31 13.69
CA LEU B 354 19.26 24.09 13.08
C LEU B 354 19.07 24.16 11.56
N LEU B 355 19.07 23.01 10.92
CA LEU B 355 18.81 22.95 9.48
C LEU B 355 17.69 23.94 9.03
N ILE B 356 16.64 24.01 9.84
CA ILE B 356 15.54 24.97 9.68
C ILE B 356 15.99 26.41 9.79
N GLY B 357 16.55 26.75 10.95
CA GLY B 357 16.97 28.11 11.24
C GLY B 357 17.89 28.66 10.17
N ARG B 358 18.62 27.76 9.51
CA ARG B 358 19.47 28.16 8.39
C ARG B 358 18.63 28.57 7.19
N LYS B 359 17.71 27.72 6.79
CA LYS B 359 16.85 28.10 5.68
C LYS B 359 16.16 29.43 5.97
N GLU B 360 16.17 29.89 7.23
CA GLU B 360 15.40 31.07 7.65
C GLU B 360 16.25 32.33 7.82
N LEU B 361 17.54 32.08 8.02
CA LEU B 361 18.58 33.10 8.21
C LEU B 361 18.52 34.38 7.35
N PRO B 362 18.21 34.24 6.07
CA PRO B 362 18.12 35.47 5.30
C PRO B 362 16.94 36.30 5.77
N TYR B 363 15.90 35.65 6.29
CA TYR B 363 14.64 36.32 6.54
C TYR B 363 14.52 36.78 7.97
N ALA B 364 15.26 36.15 8.87
CA ALA B 364 15.36 36.66 10.23
C ALA B 364 15.83 38.08 10.11
N PRO B 365 15.51 38.94 11.10
CA PRO B 365 15.81 40.38 10.99
C PRO B 365 17.31 40.62 10.74
N ASP B 366 18.09 40.22 11.73
CA ASP B 366 19.55 40.28 11.75
C ASP B 366 19.99 38.87 11.44
N ARG B 367 21.23 38.67 11.04
CA ARG B 367 21.67 37.28 10.86
C ARG B 367 22.04 36.76 12.20
N ARG B 368 22.70 37.58 13.01
CA ARG B 368 22.96 37.22 14.39
C ARG B 368 21.63 36.79 14.97
N MET B 369 20.66 37.70 14.91
CA MET B 369 19.36 37.45 15.51
C MET B 369 18.83 36.07 15.09
N GLY B 370 19.07 35.71 13.83
CA GLY B 370 18.54 34.46 13.33
C GLY B 370 19.20 33.21 13.91
N VAL B 371 20.38 33.37 14.44
CA VAL B 371 21.07 32.24 14.98
C VAL B 371 20.63 32.17 16.42
N GLU B 372 20.64 33.33 17.07
CA GLU B 372 20.16 33.45 18.42
C GLU B 372 18.78 32.80 18.55
N MET B 373 17.84 33.22 17.71
CA MET B 373 16.52 32.62 17.65
C MET B 373 16.55 31.16 17.38
N THR B 374 17.49 30.73 16.58
CA THR B 374 17.51 29.31 16.26
C THR B 374 17.96 28.53 17.48
N LEU B 375 18.95 29.06 18.19
CA LEU B 375 19.43 28.38 19.35
C LEU B 375 18.40 28.39 20.47
N LEU B 376 17.61 29.46 20.63
CA LEU B 376 16.51 29.44 21.62
C LEU B 376 15.59 28.33 21.24
N ARG B 377 15.20 28.35 19.96
CA ARG B 377 14.32 27.32 19.40
C ARG B 377 14.87 25.96 19.78
N ALA B 378 16.16 25.80 19.66
CA ALA B 378 16.75 24.51 19.90
C ALA B 378 16.92 24.17 21.37
N LEU B 379 17.03 25.19 22.20
CA LEU B 379 17.43 24.97 23.58
C LEU B 379 16.26 24.55 24.37
N ALA B 380 15.16 25.24 24.09
CA ALA B 380 14.05 25.30 25.00
C ALA B 380 12.74 24.94 24.34
N PHE B 381 12.66 25.06 23.04
CA PHE B 381 11.37 24.88 22.43
C PHE B 381 11.33 23.56 21.68
N HIS B 382 10.17 23.25 21.13
CA HIS B 382 9.95 21.99 20.46
C HIS B 382 9.05 22.42 19.34
N PRO B 383 9.26 21.87 18.12
CA PRO B 383 8.32 22.15 17.05
C PRO B 383 7.14 21.20 17.19
N ARG B 384 5.91 21.69 17.34
CA ARG B 384 4.80 20.75 17.11
C ARG B 384 4.38 20.88 15.65
N MET B 385 3.95 19.77 15.05
CA MET B 385 3.62 19.76 13.63
C MET B 385 2.24 19.13 13.31
N GLN C 26 37.45 66.82 4.26
CA GLN C 26 38.22 65.58 4.08
C GLN C 26 37.59 64.30 4.67
N VAL C 27 38.38 63.24 4.88
CA VAL C 27 37.83 61.90 5.21
C VAL C 27 38.22 61.33 6.57
N LEU C 28 37.23 61.21 7.45
CA LEU C 28 37.42 60.75 8.82
C LEU C 28 38.08 59.39 8.94
N ALA C 29 37.54 58.43 8.20
CA ALA C 29 38.13 57.10 8.12
C ALA C 29 39.66 57.17 8.05
N ARG C 30 40.19 58.04 7.18
CA ARG C 30 41.63 58.17 7.02
C ARG C 30 42.30 59.10 8.05
N LYS C 31 41.68 60.24 8.31
CA LYS C 31 42.30 61.23 9.17
C LYS C 31 42.56 60.70 10.57
N TRP C 32 41.79 59.72 11.03
CA TRP C 32 41.93 59.31 12.42
C TRP C 32 42.69 58.02 12.68
N ARG C 33 43.31 57.47 11.64
CA ARG C 33 44.09 56.25 11.81
C ARG C 33 45.09 56.55 12.90
N PRO C 34 45.08 55.72 13.94
CA PRO C 34 45.81 56.05 15.15
C PRO C 34 47.31 56.20 14.86
N GLN C 35 47.94 57.14 15.55
CA GLN C 35 49.34 57.44 15.32
C GLN C 35 50.20 56.97 16.46
N THR C 36 49.58 56.53 17.55
CA THR C 36 50.34 55.93 18.65
C THR C 36 49.49 54.86 19.28
N PHE C 37 50.08 54.02 20.13
CA PHE C 37 49.31 52.96 20.76
C PHE C 37 48.21 53.57 21.61
N ALA C 38 48.55 54.65 22.29
CA ALA C 38 47.58 55.43 23.05
C ALA C 38 46.24 55.55 22.30
N ASP C 39 46.31 55.83 21.00
CA ASP C 39 45.14 56.22 20.21
C ASP C 39 44.38 55.02 19.65
N VAL C 40 44.82 53.82 19.96
CA VAL C 40 44.16 52.63 19.46
C VAL C 40 43.00 52.24 20.38
N VAL C 41 41.84 51.96 19.78
CA VAL C 41 40.65 51.62 20.53
C VAL C 41 40.59 50.11 20.84
N GLY C 42 40.30 49.79 22.10
CA GLY C 42 40.26 48.39 22.51
C GLY C 42 41.46 47.63 21.99
N GLN C 43 41.33 46.32 21.86
CA GLN C 43 42.45 45.50 21.41
C GLN C 43 43.54 45.46 22.44
N GLU C 44 43.18 45.61 23.70
CA GLU C 44 44.16 45.65 24.76
C GLU C 44 45.04 44.41 24.68
N HIS C 45 44.44 43.28 24.34
CA HIS C 45 45.16 42.01 24.33
C HIS C 45 46.26 41.97 23.28
N VAL C 46 46.17 42.85 22.29
CA VAL C 46 47.18 42.92 21.26
C VAL C 46 48.23 43.97 21.62
N LEU C 47 47.77 45.20 21.83
CA LEU C 47 48.66 46.28 22.23
C LEU C 47 49.51 45.85 23.42
N THR C 48 48.84 45.19 24.38
CA THR C 48 49.46 44.83 25.65
C THR C 48 50.58 43.79 25.52
N ALA C 49 50.47 42.92 24.53
CA ALA C 49 51.50 41.95 24.29
C ALA C 49 52.70 42.67 23.68
N LEU C 50 52.45 43.35 22.57
CA LEU C 50 53.51 44.00 21.78
C LEU C 50 54.33 44.97 22.63
N ALA C 51 53.66 45.72 23.49
CA ALA C 51 54.38 46.66 24.33
C ALA C 51 55.20 45.88 25.36
N ASN C 52 54.54 44.92 26.00
CA ASN C 52 55.19 44.04 26.97
C ASN C 52 56.40 43.40 26.33
N GLY C 53 56.24 42.96 25.08
CA GLY C 53 57.31 42.30 24.36
C GLY C 53 58.43 43.22 23.90
N LEU C 54 58.08 44.40 23.39
CA LEU C 54 59.08 45.37 23.00
C LEU C 54 59.90 45.72 24.22
N SER C 55 59.27 46.25 25.26
CA SER C 55 60.02 46.63 26.45
C SER C 55 60.76 45.42 27.04
N LEU C 56 60.21 44.23 26.81
CA LEU C 56 60.86 42.99 27.24
C LEU C 56 62.02 42.54 26.35
N GLY C 57 62.25 43.25 25.26
CA GLY C 57 63.29 42.86 24.32
C GLY C 57 62.97 41.57 23.57
N ARG C 58 61.89 40.89 23.96
CA ARG C 58 61.47 39.69 23.26
C ARG C 58 60.60 40.03 22.05
N ILE C 59 61.19 39.94 20.88
CA ILE C 59 60.55 40.37 19.63
C ILE C 59 60.63 39.28 18.58
N HIS C 60 59.48 38.97 17.97
CA HIS C 60 59.43 37.91 16.95
C HIS C 60 59.87 38.51 15.64
N HIS C 61 59.86 37.70 14.60
CA HIS C 61 60.19 38.20 13.29
C HIS C 61 59.01 38.03 12.33
N ALA C 62 57.96 37.35 12.80
CA ALA C 62 56.71 37.22 12.05
C ALA C 62 55.52 37.51 12.94
N TYR C 63 54.90 38.66 12.70
CA TYR C 63 53.67 39.05 13.36
C TYR C 63 52.49 39.01 12.38
N LEU C 64 51.43 38.27 12.72
CA LEU C 64 50.22 38.14 11.87
C LEU C 64 48.98 38.78 12.50
N PHE C 65 48.26 39.59 11.74
CA PHE C 65 47.12 40.31 12.30
C PHE C 65 45.79 40.01 11.62
N SER C 66 44.78 39.63 12.40
CA SER C 66 43.49 39.21 11.85
C SER C 66 42.31 39.77 12.63
N GLY C 67 41.13 39.69 12.03
CA GLY C 67 39.92 40.37 12.50
C GLY C 67 39.09 40.92 11.36
N THR C 68 37.80 41.18 11.58
CA THR C 68 36.98 41.65 10.47
C THR C 68 37.35 43.05 10.15
N ARG C 69 36.84 43.54 9.03
CA ARG C 69 37.27 44.81 8.50
C ARG C 69 37.23 45.88 9.57
N GLY C 70 38.23 46.76 9.58
CA GLY C 70 38.16 48.03 10.29
C GLY C 70 38.32 48.00 11.81
N VAL C 71 38.94 46.95 12.30
CA VAL C 71 39.07 46.81 13.73
C VAL C 71 40.48 47.23 14.18
N GLY C 72 41.30 47.59 13.21
CA GLY C 72 42.57 48.20 13.52
C GLY C 72 43.83 47.49 13.08
N LYS C 73 43.71 46.35 12.40
CA LYS C 73 44.92 45.59 12.07
C LYS C 73 45.94 46.39 11.23
N THR C 74 45.56 46.80 10.03
CA THR C 74 46.48 47.58 9.22
C THR C 74 47.12 48.69 10.08
N SER C 75 46.35 49.51 10.76
CA SER C 75 46.95 50.60 11.54
C SER C 75 47.78 50.19 12.76
N ILE C 76 47.40 49.10 13.40
CA ILE C 76 48.21 48.54 14.47
C ILE C 76 49.56 48.15 13.89
N ALA C 77 49.56 47.30 12.87
CA ALA C 77 50.80 46.85 12.24
C ALA C 77 51.74 48.01 11.98
N ARG C 78 51.21 49.08 11.37
CA ARG C 78 52.00 50.26 11.09
C ARG C 78 52.60 50.87 12.36
N LEU C 79 51.82 50.93 13.42
CA LEU C 79 52.35 51.38 14.70
C LEU C 79 53.52 50.54 15.14
N LEU C 80 53.42 49.23 14.94
CA LEU C 80 54.50 48.33 15.33
C LEU C 80 55.79 48.63 14.56
N ALA C 81 55.68 48.77 13.24
CA ALA C 81 56.84 49.17 12.45
C ALA C 81 57.37 50.47 13.00
N LYS C 82 56.48 51.43 13.12
CA LYS C 82 56.81 52.75 13.60
C LYS C 82 57.51 52.74 14.96
N GLY C 83 57.22 51.74 15.78
CA GLY C 83 57.83 51.66 17.11
C GLY C 83 59.11 50.85 17.11
N LEU C 84 59.24 49.97 16.13
CA LEU C 84 60.45 49.18 15.94
C LEU C 84 61.61 50.04 15.46
N ASN C 85 61.31 51.16 14.79
CA ASN C 85 62.32 51.95 14.11
C ASN C 85 62.46 53.38 14.62
N CYS C 86 61.77 53.67 15.72
CA CYS C 86 61.84 54.99 16.33
C CYS C 86 63.29 55.34 16.72
N GLU C 87 63.77 56.45 16.20
CA GLU C 87 65.14 56.83 16.46
C GLU C 87 65.43 56.87 17.97
N THR C 88 64.41 57.06 18.81
CA THR C 88 64.65 57.09 20.25
C THR C 88 65.08 55.72 20.78
N GLY C 89 64.73 54.67 20.05
CA GLY C 89 65.06 53.33 20.44
C GLY C 89 63.89 52.44 20.12
N ILE C 90 64.00 51.14 20.36
CA ILE C 90 62.87 50.24 20.11
C ILE C 90 61.93 50.39 21.27
N THR C 91 60.80 51.07 21.06
CA THR C 91 59.88 51.41 22.15
C THR C 91 58.45 51.24 21.70
N ALA C 92 57.57 50.92 22.64
CA ALA C 92 56.14 50.77 22.37
C ALA C 92 55.47 52.14 22.32
N THR C 93 56.24 53.15 22.69
CA THR C 93 55.80 54.54 22.65
C THR C 93 56.60 55.32 21.63
N PRO C 94 56.39 55.05 20.35
CA PRO C 94 57.11 55.80 19.32
C PRO C 94 56.84 57.30 19.46
N CYS C 95 57.84 58.11 19.16
CA CYS C 95 57.83 59.55 19.43
C CYS C 95 57.09 60.46 18.43
N GLY C 96 56.84 59.96 17.22
CA GLY C 96 56.12 60.72 16.22
C GLY C 96 56.74 62.04 15.76
N VAL C 97 58.03 62.25 16.04
CA VAL C 97 58.73 63.48 15.65
C VAL C 97 60.14 63.31 15.05
N CYS C 98 60.77 62.16 15.28
CA CYS C 98 62.06 61.88 14.65
C CYS C 98 61.80 61.63 13.17
N ASP C 99 62.81 61.88 12.33
CA ASP C 99 62.68 61.63 10.90
C ASP C 99 61.99 60.27 10.60
N ASN C 100 62.35 59.23 11.35
CA ASN C 100 61.77 57.92 11.11
C ASN C 100 60.27 57.78 11.38
N CYS C 101 59.78 58.37 12.48
CA CYS C 101 58.35 58.26 12.82
C CYS C 101 57.47 59.08 11.87
N ARG C 102 57.82 60.36 11.71
CA ARG C 102 57.07 61.26 10.83
C ARG C 102 57.03 60.69 9.43
N GLU C 103 58.15 60.17 8.96
CA GLU C 103 58.20 59.61 7.61
C GLU C 103 57.48 58.28 7.48
N ILE C 104 57.20 57.62 8.60
CA ILE C 104 56.37 56.42 8.55
C ILE C 104 54.94 56.87 8.49
N GLU C 105 54.61 57.88 9.29
CA GLU C 105 53.30 58.50 9.25
C GLU C 105 52.91 58.87 7.83
N GLN C 106 53.78 59.60 7.13
CA GLN C 106 53.48 60.07 5.78
C GLN C 106 53.65 58.97 4.73
N GLY C 107 53.91 57.75 5.19
CA GLY C 107 54.04 56.61 4.28
C GLY C 107 55.23 56.64 3.34
N ARG C 108 56.16 57.57 3.56
CA ARG C 108 57.36 57.64 2.73
C ARG C 108 58.64 57.34 3.54
N PHE C 109 58.65 56.19 4.21
CA PHE C 109 59.81 55.79 4.97
C PHE C 109 60.50 54.62 4.30
N VAL C 110 61.71 54.87 3.83
CA VAL C 110 62.47 53.93 3.02
C VAL C 110 62.51 52.49 3.55
N ASP C 111 62.29 52.29 4.84
CA ASP C 111 62.48 50.94 5.37
C ASP C 111 61.25 50.21 5.88
N LEU C 112 60.06 50.76 5.62
CA LEU C 112 58.80 50.08 5.93
C LEU C 112 58.13 49.80 4.61
N ILE C 113 58.29 48.58 4.12
CA ILE C 113 57.91 48.21 2.77
C ILE C 113 56.54 47.58 2.75
N GLU C 114 55.51 48.40 2.56
CA GLU C 114 54.13 47.95 2.67
C GLU C 114 53.68 47.32 1.38
N ILE C 115 53.50 46.01 1.39
CA ILE C 115 53.19 45.34 0.15
C ILE C 115 51.73 44.99 0.07
N ASP C 116 51.05 45.53 -0.96
CA ASP C 116 49.63 45.25 -1.20
C ASP C 116 49.51 43.87 -1.78
N ALA C 117 49.35 42.91 -0.89
CA ALA C 117 49.50 41.53 -1.28
C ALA C 117 48.42 41.13 -2.26
N ALA C 118 47.37 41.94 -2.37
CA ALA C 118 46.27 41.63 -3.28
C ALA C 118 46.59 41.97 -4.75
N SER C 119 47.69 42.72 -4.95
CA SER C 119 48.18 43.00 -6.31
C SER C 119 49.60 42.45 -6.55
N ARG C 120 50.33 42.16 -5.47
CA ARG C 120 51.57 41.39 -5.58
C ARG C 120 51.27 39.97 -5.11
N THR C 121 50.35 39.29 -5.78
CA THR C 121 49.90 37.98 -5.32
C THR C 121 50.71 36.84 -5.91
N LYS C 122 51.22 37.07 -7.12
CA LYS C 122 51.82 36.00 -7.91
C LYS C 122 53.18 35.58 -7.33
N VAL C 123 53.75 34.47 -7.80
CA VAL C 123 54.99 34.01 -7.18
C VAL C 123 56.09 34.93 -7.54
N GLU C 124 56.18 35.23 -8.82
CA GLU C 124 57.33 35.96 -9.30
C GLU C 124 57.40 37.23 -8.49
N ASP C 125 56.27 37.87 -8.28
CA ASP C 125 56.22 39.05 -7.43
C ASP C 125 56.75 38.81 -6.03
N THR C 126 56.52 37.63 -5.49
CA THR C 126 56.90 37.30 -4.11
C THR C 126 58.40 37.04 -4.08
N ARG C 127 58.87 36.31 -5.08
CA ARG C 127 60.29 36.12 -5.23
C ARG C 127 61.05 37.45 -5.26
N ASP C 128 60.53 38.45 -5.94
CA ASP C 128 61.20 39.72 -5.95
C ASP C 128 61.30 40.29 -4.56
N LEU C 129 60.25 40.14 -3.77
CA LEU C 129 60.29 40.60 -2.40
C LEU C 129 61.32 39.77 -1.68
N LEU C 130 61.39 38.49 -1.97
CA LEU C 130 62.43 37.64 -1.37
C LEU C 130 63.85 38.08 -1.70
N ASP C 131 64.17 38.16 -2.98
CA ASP C 131 65.52 38.57 -3.39
C ASP C 131 65.97 39.80 -2.61
N ASN C 132 65.18 40.87 -2.65
CA ASN C 132 65.54 42.14 -1.99
C ASN C 132 65.46 42.18 -0.48
N VAL C 133 65.46 41.00 0.16
CA VAL C 133 65.42 40.89 1.62
C VAL C 133 66.81 40.97 2.25
N GLN C 134 67.72 40.12 1.75
CA GLN C 134 69.13 40.04 2.18
C GLN C 134 69.78 41.39 2.43
N TYR C 135 69.58 42.33 1.51
CA TYR C 135 70.10 43.69 1.59
C TYR C 135 69.68 44.41 2.86
N ALA C 136 70.61 45.15 3.45
CA ALA C 136 70.38 45.83 4.72
C ALA C 136 69.53 47.08 4.56
N PRO C 137 68.85 47.47 5.64
CA PRO C 137 68.02 48.68 5.63
C PRO C 137 68.84 49.92 5.29
N ALA C 138 68.15 50.95 4.84
CA ALA C 138 68.78 52.22 4.52
C ALA C 138 68.95 53.01 5.79
N ARG C 139 67.83 53.46 6.34
CA ARG C 139 67.83 54.41 7.43
C ARG C 139 67.24 53.86 8.75
N GLY C 140 66.92 52.58 8.79
CA GLY C 140 66.25 52.07 9.98
C GLY C 140 66.92 50.91 10.67
N ARG C 141 66.52 50.64 11.91
CA ARG C 141 67.04 49.49 12.63
C ARG C 141 66.69 48.19 11.93
N PHE C 142 65.53 48.19 11.26
CA PHE C 142 64.97 47.02 10.59
C PHE C 142 64.35 47.34 9.23
N LYS C 143 64.50 46.41 8.30
CA LYS C 143 63.70 46.40 7.09
C LYS C 143 62.47 45.65 7.57
N VAL C 144 61.31 46.32 7.61
CA VAL C 144 60.05 45.68 8.01
C VAL C 144 59.07 45.59 6.86
N TYR C 145 58.74 44.36 6.45
CA TYR C 145 57.78 44.15 5.36
C TYR C 145 56.43 43.95 5.95
N LEU C 146 55.52 44.89 5.72
CA LEU C 146 54.17 44.72 6.18
C LEU C 146 53.34 44.31 4.98
N ILE C 147 52.91 43.04 4.98
CA ILE C 147 52.21 42.44 3.86
C ILE C 147 50.75 42.43 4.20
N ASP C 148 50.02 43.35 3.60
CA ASP C 148 48.61 43.57 3.90
C ASP C 148 47.75 42.83 2.90
N GLU C 149 46.53 42.53 3.30
CA GLU C 149 45.61 41.69 2.55
C GLU C 149 46.29 40.40 2.06
N VAL C 150 46.93 39.72 3.01
CA VAL C 150 47.90 38.66 2.77
C VAL C 150 47.30 37.31 2.39
N HIS C 151 45.99 37.28 2.31
CA HIS C 151 45.30 36.02 2.12
C HIS C 151 45.20 35.81 0.64
N MET C 152 45.74 36.74 -0.13
CA MET C 152 45.51 36.65 -1.57
C MET C 152 46.66 35.97 -2.32
N LEU C 153 47.78 35.80 -1.64
CA LEU C 153 48.93 35.14 -2.24
C LEU C 153 48.53 33.79 -2.80
N SER C 154 48.98 33.48 -4.00
CA SER C 154 48.80 32.16 -4.58
C SER C 154 49.28 31.11 -3.62
N ARG C 155 48.96 29.84 -3.86
CA ARG C 155 49.54 28.77 -3.06
C ARG C 155 51.03 28.91 -3.20
N HIS C 156 51.45 29.15 -4.42
CA HIS C 156 52.85 29.12 -4.80
C HIS C 156 53.70 30.11 -4.05
N SER C 157 53.19 31.32 -3.92
CA SER C 157 53.93 32.39 -3.29
C SER C 157 53.78 32.33 -1.79
N PHE C 158 52.95 31.42 -1.30
CA PHE C 158 52.85 31.21 0.13
C PHE C 158 54.04 30.41 0.61
N ASN C 159 54.27 29.26 -0.01
CA ASN C 159 55.39 28.42 0.38
C ASN C 159 56.72 29.07 0.03
N ALA C 160 56.69 29.92 -0.99
CA ALA C 160 57.82 30.74 -1.31
C ALA C 160 58.25 31.44 -0.03
N LEU C 161 57.26 31.97 0.69
CA LEU C 161 57.55 32.69 1.93
C LEU C 161 58.04 31.83 3.09
N LEU C 162 57.94 30.52 2.94
CA LEU C 162 58.01 29.63 4.10
C LEU C 162 59.31 29.71 4.83
N LYS C 163 60.35 29.21 4.19
CA LYS C 163 61.61 29.11 4.85
C LYS C 163 62.07 30.50 5.26
N THR C 164 61.97 31.47 4.36
CA THR C 164 62.46 32.82 4.66
C THR C 164 61.73 33.47 5.82
N LEU C 165 60.54 32.97 6.14
CA LEU C 165 59.75 33.50 7.24
C LEU C 165 60.13 32.75 8.49
N GLU C 166 60.46 31.47 8.34
CA GLU C 166 60.93 30.67 9.46
C GLU C 166 62.25 31.17 10.05
N GLU C 167 63.18 31.56 9.20
CA GLU C 167 64.48 32.02 9.64
C GLU C 167 64.96 33.10 8.71
N PRO C 168 64.66 34.35 9.07
CA PRO C 168 65.01 35.57 8.33
C PRO C 168 66.36 36.04 8.77
N PRO C 169 66.83 37.17 8.22
CA PRO C 169 68.09 37.73 8.74
C PRO C 169 67.78 38.59 9.94
N GLU C 170 68.80 38.98 10.70
CA GLU C 170 68.57 39.67 11.96
C GLU C 170 67.73 40.94 11.75
N HIS C 171 68.06 41.71 10.70
CA HIS C 171 67.49 43.03 10.48
C HIS C 171 66.11 43.03 9.84
N VAL C 172 65.60 41.83 9.52
CA VAL C 172 64.29 41.68 8.88
C VAL C 172 63.18 41.29 9.86
N LYS C 173 62.02 41.93 9.67
CA LYS C 173 60.79 41.62 10.41
C LYS C 173 59.64 41.52 9.41
N PHE C 174 58.69 40.61 9.68
CA PHE C 174 57.52 40.42 8.80
C PHE C 174 56.17 40.68 9.47
N LEU C 175 55.49 41.73 9.01
CA LEU C 175 54.17 42.05 9.50
C LEU C 175 53.12 41.64 8.47
N LEU C 176 52.42 40.55 8.76
CA LEU C 176 51.31 40.12 7.90
C LEU C 176 49.99 40.52 8.55
N ALA C 177 48.95 40.61 7.73
CA ALA C 177 47.67 41.09 8.21
C ALA C 177 46.66 40.73 7.19
N THR C 178 45.49 40.30 7.68
CA THR C 178 44.43 39.81 6.82
C THR C 178 43.12 39.70 7.56
N THR C 179 42.08 39.82 6.76
CA THR C 179 40.71 39.66 7.19
C THR C 179 40.53 38.25 7.61
N ASP C 180 40.68 37.30 6.67
CA ASP C 180 40.65 35.91 7.13
C ASP C 180 41.94 35.13 7.00
N PRO C 181 42.49 34.70 8.15
CA PRO C 181 43.73 33.93 8.32
C PRO C 181 43.39 32.51 7.95
N GLN C 182 42.09 32.25 7.86
CA GLN C 182 41.52 30.97 7.46
C GLN C 182 42.23 30.45 6.19
N LYS C 183 42.52 31.37 5.25
CA LYS C 183 43.09 31.06 3.93
C LYS C 183 44.60 30.78 3.89
N LEU C 184 45.32 31.15 4.94
CA LEU C 184 46.77 30.95 4.96
C LEU C 184 47.13 29.50 5.34
N PRO C 185 48.02 28.85 4.58
CA PRO C 185 48.44 27.45 4.84
C PRO C 185 48.98 27.26 6.25
N VAL C 186 48.70 26.12 6.88
CA VAL C 186 49.04 25.96 8.31
C VAL C 186 50.51 26.09 8.54
N THR C 187 51.27 25.83 7.49
CA THR C 187 52.70 25.99 7.50
C THR C 187 53.04 27.46 7.78
N ILE C 188 52.32 28.37 7.15
CA ILE C 188 52.56 29.79 7.41
C ILE C 188 52.21 30.14 8.84
N LEU C 189 51.16 29.49 9.35
CA LEU C 189 50.60 29.86 10.65
C LEU C 189 51.50 29.48 11.81
N SER C 190 52.12 28.32 11.71
CA SER C 190 52.95 27.84 12.80
C SER C 190 54.23 28.68 12.95
N ARG C 191 54.44 29.59 12.01
CA ARG C 191 55.65 30.41 11.97
C ARG C 191 55.47 31.82 12.53
N CYS C 192 54.25 32.18 12.92
CA CYS C 192 53.98 33.54 13.40
C CYS C 192 53.35 33.62 14.76
N LEU C 193 53.48 34.78 15.37
CA LEU C 193 52.59 35.16 16.45
C LEU C 193 51.34 35.53 15.74
N GLN C 194 50.21 35.11 16.27
CA GLN C 194 48.96 35.46 15.65
C GLN C 194 48.23 36.31 16.63
N PHE C 195 47.84 37.48 16.17
CA PHE C 195 47.09 38.38 17.01
C PHE C 195 45.73 38.63 16.40
N HIS C 196 44.70 38.17 17.09
CA HIS C 196 43.35 38.32 16.60
C HIS C 196 42.60 39.48 17.19
N LEU C 197 42.51 40.58 16.46
CA LEU C 197 41.79 41.74 16.94
C LEU C 197 40.31 41.40 17.03
N LYS C 198 39.71 41.74 18.15
CA LYS C 198 38.29 41.46 18.39
C LYS C 198 37.46 42.62 17.83
N ALA C 199 36.24 42.32 17.36
CA ALA C 199 35.36 43.35 16.83
C ALA C 199 35.00 44.27 17.98
N LEU C 200 34.45 45.44 17.69
CA LEU C 200 34.31 46.42 18.75
C LEU C 200 32.94 46.46 19.49
N ASP C 201 32.99 46.67 20.80
CA ASP C 201 31.76 46.82 21.58
C ASP C 201 31.00 47.98 21.02
N VAL C 202 29.69 47.98 21.17
CA VAL C 202 28.93 49.15 20.78
C VAL C 202 29.44 50.35 21.60
N GLU C 203 29.73 50.14 22.87
CA GLU C 203 30.23 51.24 23.69
C GLU C 203 31.49 51.82 23.09
N GLN C 204 32.50 50.98 22.86
CA GLN C 204 33.77 51.44 22.30
C GLN C 204 33.64 52.35 21.10
N ILE C 205 32.97 51.84 20.07
CA ILE C 205 32.68 52.64 18.89
C ILE C 205 32.09 53.99 19.24
N ARG C 206 31.05 53.99 20.06
CA ARG C 206 30.42 55.23 20.45
C ARG C 206 31.46 56.21 20.99
N HIS C 207 32.16 55.81 22.05
CA HIS C 207 33.11 56.68 22.74
C HIS C 207 34.07 57.39 21.79
N GLN C 208 34.54 56.64 20.79
CA GLN C 208 35.44 57.16 19.75
C GLN C 208 34.71 58.16 18.86
N LEU C 209 33.50 57.78 18.45
CA LEU C 209 32.69 58.62 17.58
C LEU C 209 32.46 59.95 18.27
N GLU C 210 32.27 59.92 19.59
CA GLU C 210 32.15 61.14 20.39
C GLU C 210 33.47 61.92 20.34
N HIS C 211 34.52 61.35 20.90
CA HIS C 211 35.84 61.98 20.87
C HIS C 211 36.13 62.65 19.53
N ILE C 212 35.96 61.92 18.43
CA ILE C 212 36.27 62.44 17.10
C ILE C 212 35.37 63.58 16.69
N LEU C 213 34.08 63.43 16.90
CA LEU C 213 33.19 64.52 16.53
C LEU C 213 33.48 65.72 17.40
N ASN C 214 33.79 65.48 18.68
CA ASN C 214 34.24 66.57 19.56
C ASN C 214 35.48 67.27 19.03
N GLU C 215 36.57 66.51 18.93
CA GLU C 215 37.82 67.02 18.40
C GLU C 215 37.59 67.74 17.07
N GLU C 216 36.85 67.14 16.16
CA GLU C 216 36.58 67.77 14.86
C GLU C 216 35.56 68.89 14.95
N HIS C 217 35.17 69.25 16.18
CA HIS C 217 34.14 70.25 16.43
C HIS C 217 32.95 70.08 15.49
N ILE C 218 31.95 69.32 15.95
CA ILE C 218 30.79 68.95 15.16
C ILE C 218 29.62 68.62 16.04
N ALA C 219 28.54 69.39 15.86
CA ALA C 219 27.33 69.18 16.64
C ALA C 219 26.84 67.76 16.50
N HIS C 220 26.39 67.19 17.61
CA HIS C 220 25.86 65.84 17.60
C HIS C 220 24.87 65.56 18.72
N GLU C 221 23.76 64.92 18.38
CA GLU C 221 22.81 64.45 19.37
C GLU C 221 23.35 63.16 19.97
N PRO C 222 23.29 63.02 21.30
CA PRO C 222 23.79 61.81 21.96
C PRO C 222 23.31 60.53 21.28
N ARG C 223 22.01 60.44 21.03
CA ARG C 223 21.43 59.20 20.53
C ARG C 223 21.84 58.84 19.12
N ALA C 224 22.21 59.86 18.35
CA ALA C 224 22.61 59.63 16.96
C ALA C 224 23.89 58.81 16.91
N LEU C 225 24.69 58.91 17.96
CA LEU C 225 25.90 58.13 18.06
C LEU C 225 25.51 56.70 18.45
N GLN C 226 24.65 56.57 19.46
CA GLN C 226 24.23 55.24 19.91
C GLN C 226 23.73 54.44 18.73
N LEU C 227 23.13 55.15 17.76
CA LEU C 227 22.53 54.55 16.56
C LEU C 227 23.55 54.13 15.51
N LEU C 228 24.56 54.98 15.31
CA LEU C 228 25.61 54.68 14.35
C LEU C 228 26.45 53.51 14.83
N ALA C 229 26.87 53.55 16.09
CA ALA C 229 27.72 52.50 16.62
C ALA C 229 27.03 51.13 16.57
N ARG C 230 25.72 51.12 16.62
CA ARG C 230 25.00 49.85 16.47
C ARG C 230 25.06 49.40 15.02
N ALA C 231 24.80 50.33 14.11
CA ALA C 231 24.82 50.05 12.67
C ALA C 231 26.22 49.71 12.14
N ALA C 232 27.24 50.06 12.92
CA ALA C 232 28.60 49.81 12.53
C ALA C 232 28.87 48.32 12.52
N GLU C 233 28.12 47.57 13.33
CA GLU C 233 28.30 46.14 13.39
C GLU C 233 29.78 45.83 13.56
N GLY C 234 30.32 46.31 14.66
CA GLY C 234 31.65 45.92 15.10
C GLY C 234 32.82 46.72 14.58
N SER C 235 32.65 47.35 13.42
CA SER C 235 33.77 47.96 12.69
C SER C 235 33.94 49.45 12.87
N LEU C 236 35.07 49.83 13.45
CA LEU C 236 35.31 51.22 13.75
C LEU C 236 35.42 52.03 12.47
N ARG C 237 35.81 51.38 11.36
CA ARG C 237 35.83 52.09 10.09
C ARG C 237 34.41 52.25 9.62
N ASP C 238 33.71 51.13 9.49
CA ASP C 238 32.32 51.14 9.05
C ASP C 238 31.63 52.33 9.70
N ALA C 239 31.89 52.52 10.99
CA ALA C 239 31.29 53.59 11.77
C ALA C 239 31.73 54.97 11.28
N LEU C 240 33.02 55.14 11.08
CA LEU C 240 33.54 56.40 10.61
C LEU C 240 33.06 56.65 9.21
N SER C 241 32.86 55.58 8.45
CA SER C 241 32.34 55.72 7.10
C SER C 241 30.89 56.19 7.13
N LEU C 242 30.15 55.74 8.12
CA LEU C 242 28.75 56.09 8.24
C LEU C 242 28.64 57.50 8.78
N THR C 243 29.50 57.82 9.74
CA THR C 243 29.53 59.15 10.30
C THR C 243 29.86 60.14 9.19
N ASP C 244 30.85 59.80 8.37
CA ASP C 244 31.25 60.74 7.33
C ASP C 244 29.99 61.11 6.55
N GLN C 245 29.25 60.10 6.10
CA GLN C 245 28.09 60.37 5.27
C GLN C 245 26.91 60.85 6.07
N ALA C 246 26.94 60.58 7.37
CA ALA C 246 25.94 61.12 8.28
C ALA C 246 26.11 62.64 8.36
N ILE C 247 27.35 63.08 8.53
CA ILE C 247 27.65 64.50 8.59
C ILE C 247 27.15 65.18 7.34
N ALA C 248 27.28 64.50 6.21
CA ALA C 248 26.84 65.10 4.96
C ALA C 248 25.34 65.02 4.87
N SER C 249 24.77 63.92 5.33
CA SER C 249 23.33 63.80 5.24
C SER C 249 22.67 64.82 6.17
N GLY C 250 23.29 65.07 7.32
CA GLY C 250 22.71 65.94 8.33
C GLY C 250 23.12 67.40 8.22
N ASP C 251 23.97 67.70 7.25
CA ASP C 251 24.46 69.07 6.99
C ASP C 251 25.32 69.60 8.14
N GLY C 252 26.51 69.03 8.29
CA GLY C 252 27.45 69.49 9.31
C GLY C 252 27.04 69.14 10.74
N GLN C 253 25.82 68.66 10.88
CA GLN C 253 25.33 68.17 12.15
C GLN C 253 25.14 66.67 12.03
N VAL C 254 25.48 65.95 13.09
CA VAL C 254 25.16 64.55 13.16
C VAL C 254 23.91 64.41 14.01
N SER C 255 22.74 64.64 13.42
CA SER C 255 21.48 64.59 14.17
C SER C 255 20.74 63.26 14.07
N THR C 256 20.04 62.92 15.15
CA THR C 256 19.32 61.65 15.25
C THR C 256 18.40 61.46 14.06
N GLN C 257 17.67 62.52 13.73
CA GLN C 257 16.77 62.45 12.61
C GLN C 257 17.58 62.08 11.37
N ALA C 258 18.78 62.67 11.23
CA ALA C 258 19.62 62.48 10.06
C ALA C 258 20.18 61.08 9.97
N VAL C 259 20.65 60.55 11.10
CA VAL C 259 21.20 59.21 11.16
C VAL C 259 20.13 58.13 10.91
N SER C 260 18.94 58.31 11.49
CA SER C 260 17.86 57.34 11.33
C SER C 260 17.14 57.47 9.99
N ALA C 261 17.21 58.66 9.42
CA ALA C 261 16.82 58.84 8.04
C ALA C 261 17.65 57.87 7.22
N MET C 262 18.93 58.23 7.08
CA MET C 262 19.91 57.43 6.36
C MET C 262 19.88 55.91 6.63
N LEU C 263 19.50 55.53 7.85
CA LEU C 263 19.58 54.14 8.29
C LEU C 263 18.34 53.29 7.96
N GLY C 264 17.23 53.94 7.61
CA GLY C 264 16.01 53.20 7.33
C GLY C 264 15.28 52.93 8.62
N THR C 265 15.93 53.26 9.74
CA THR C 265 15.29 53.20 11.02
C THR C 265 14.24 54.26 11.04
N LEU C 266 13.14 53.94 11.70
CA LEU C 266 12.23 54.95 12.21
C LEU C 266 12.44 54.93 13.71
N ASP C 267 12.33 56.07 14.37
CA ASP C 267 12.59 56.08 15.81
C ASP C 267 11.57 55.28 16.64
N ASP C 268 12.17 54.41 17.43
CA ASP C 268 11.59 53.16 17.94
C ASP C 268 10.12 53.04 18.34
N ASP C 269 9.55 54.09 18.92
CA ASP C 269 8.17 53.95 19.39
C ASP C 269 7.32 53.20 18.36
N GLN C 270 7.00 53.87 17.26
CA GLN C 270 6.05 53.40 16.23
C GLN C 270 6.11 51.90 15.92
N ALA C 271 7.33 51.36 15.92
CA ALA C 271 7.60 49.94 15.67
C ALA C 271 6.90 49.05 16.69
N LEU C 272 7.33 49.24 17.93
CA LEU C 272 6.81 48.53 19.09
C LEU C 272 5.30 48.68 19.24
N SER C 273 4.85 49.92 19.18
CA SER C 273 3.45 50.25 19.25
C SER C 273 2.66 49.31 18.34
N LEU C 274 3.29 48.86 17.26
CA LEU C 274 2.60 47.96 16.34
C LEU C 274 2.58 46.53 16.90
N VAL C 275 3.72 46.07 17.41
CA VAL C 275 3.78 44.81 18.13
C VAL C 275 2.67 44.76 19.18
N GLU C 276 2.82 45.62 20.20
CA GLU C 276 1.80 45.82 21.22
C GLU C 276 0.37 45.68 20.70
N ALA C 277 -0.01 46.56 19.77
CA ALA C 277 -1.36 46.56 19.20
C ALA C 277 -1.70 45.17 18.68
N MET C 278 -0.70 44.50 18.12
CA MET C 278 -0.91 43.16 17.57
C MET C 278 -1.13 42.10 18.64
N VAL C 279 -0.23 42.02 19.61
CA VAL C 279 -0.41 41.06 20.70
C VAL C 279 -1.72 41.37 21.39
N GLU C 280 -2.06 42.65 21.48
CA GLU C 280 -3.31 43.06 22.12
C GLU C 280 -4.52 42.79 21.21
N ALA C 281 -4.26 42.17 20.07
CA ALA C 281 -5.33 41.69 19.19
C ALA C 281 -6.20 42.82 18.64
N ASN C 282 -5.84 44.04 18.99
CA ASN C 282 -6.57 45.21 18.52
C ASN C 282 -6.26 45.47 17.05
N GLY C 283 -7.25 45.21 16.19
CA GLY C 283 -7.10 45.39 14.76
C GLY C 283 -7.09 46.84 14.32
N GLU C 284 -8.15 47.58 14.70
CA GLU C 284 -8.23 49.01 14.39
C GLU C 284 -6.87 49.66 14.55
N ARG C 285 -6.35 49.63 15.78
CA ARG C 285 -5.08 50.28 16.07
C ARG C 285 -4.01 49.81 15.12
N VAL C 286 -3.94 48.50 14.91
CA VAL C 286 -2.89 47.96 14.05
C VAL C 286 -2.91 48.64 12.68
N MET C 287 -4.07 48.58 12.03
CA MET C 287 -4.22 49.15 10.69
C MET C 287 -4.02 50.66 10.69
N ALA C 288 -4.52 51.34 11.72
CA ALA C 288 -4.26 52.78 11.87
C ALA C 288 -2.75 52.99 11.89
N LEU C 289 -2.07 52.36 12.83
CA LEU C 289 -0.63 52.51 12.99
C LEU C 289 0.15 52.26 11.72
N ILE C 290 -0.43 51.41 10.86
CA ILE C 290 0.15 51.06 9.56
C ILE C 290 -0.08 52.19 8.57
N ASN C 291 -1.33 52.67 8.57
CA ASN C 291 -1.72 53.83 7.79
C ASN C 291 -0.81 55.02 8.12
N GLU C 292 -0.59 55.28 9.40
CA GLU C 292 0.25 56.41 9.86
C GLU C 292 1.72 56.28 9.44
N ALA C 293 2.21 55.05 9.43
CA ALA C 293 3.55 54.74 8.97
C ALA C 293 3.62 54.95 7.48
N ALA C 294 2.48 54.67 6.82
CA ALA C 294 2.33 54.80 5.37
C ALA C 294 2.30 56.28 4.94
N ALA C 295 1.79 57.12 5.84
CA ALA C 295 1.81 58.56 5.66
C ALA C 295 3.26 59.06 5.70
N ARG C 296 4.05 58.45 6.57
CA ARG C 296 5.47 58.74 6.68
C ARG C 296 6.26 58.03 5.60
N GLY C 297 5.54 57.29 4.76
CA GLY C 297 6.11 56.57 3.63
C GLY C 297 7.29 55.67 4.01
N ILE C 298 7.27 55.14 5.23
CA ILE C 298 8.33 54.26 5.69
C ILE C 298 8.38 53.07 4.74
N GLU C 299 9.57 52.52 4.47
CA GLU C 299 9.65 51.43 3.49
C GLU C 299 9.27 50.10 4.12
N TRP C 300 8.30 49.43 3.51
CA TRP C 300 7.58 48.37 4.19
C TRP C 300 8.47 47.26 4.76
N GLU C 301 9.39 46.72 3.96
CA GLU C 301 10.12 45.56 4.46
C GLU C 301 10.71 45.94 5.80
N ALA C 302 11.20 47.17 5.84
CA ALA C 302 11.93 47.67 6.99
C ALA C 302 11.10 47.55 8.24
N LEU C 303 9.84 47.95 8.11
CA LEU C 303 8.92 47.95 9.22
C LEU C 303 8.84 46.54 9.75
N LEU C 304 8.40 45.63 8.90
CA LEU C 304 8.39 44.22 9.22
C LEU C 304 9.61 43.80 10.02
N VAL C 305 10.76 44.33 9.63
CA VAL C 305 11.98 43.89 10.25
C VAL C 305 12.18 44.44 11.65
N GLU C 306 11.89 45.72 11.88
CA GLU C 306 11.93 46.21 13.24
C GLU C 306 11.01 45.39 14.16
N MET C 307 9.89 44.91 13.61
CA MET C 307 8.94 44.09 14.37
C MET C 307 9.53 42.73 14.74
N LEU C 308 10.18 42.08 13.77
CA LEU C 308 10.91 40.85 14.04
C LEU C 308 12.06 41.12 15.01
N GLY C 309 12.66 42.29 14.88
CA GLY C 309 13.74 42.67 15.76
C GLY C 309 13.21 42.71 17.17
N LEU C 310 12.11 43.40 17.34
CA LEU C 310 11.56 43.56 18.67
C LEU C 310 11.13 42.21 19.25
N LEU C 311 10.32 41.45 18.52
CA LEU C 311 9.87 40.14 18.99
C LEU C 311 11.03 39.30 19.46
N HIS C 312 12.08 39.30 18.67
CA HIS C 312 13.26 38.51 18.97
C HIS C 312 13.90 38.95 20.26
N ARG C 313 14.10 40.25 20.44
CA ARG C 313 14.75 40.65 21.68
C ARG C 313 13.85 40.23 22.86
N ILE C 314 12.54 40.37 22.71
CA ILE C 314 11.61 39.92 23.75
C ILE C 314 11.83 38.47 24.09
N ALA C 315 11.73 37.64 23.07
CA ALA C 315 11.87 36.21 23.22
C ALA C 315 13.21 35.91 23.85
N MET C 316 14.16 36.79 23.64
CA MET C 316 15.45 36.60 24.25
C MET C 316 15.41 37.00 25.70
N VAL C 317 14.79 38.14 25.96
CA VAL C 317 14.72 38.69 27.31
C VAL C 317 14.22 37.60 28.22
N GLN C 318 13.29 36.82 27.68
CA GLN C 318 12.74 35.67 28.36
C GLN C 318 13.80 34.62 28.67
N LEU C 319 14.77 34.43 27.79
CA LEU C 319 15.81 33.47 28.09
C LEU C 319 16.69 33.95 29.25
N SER C 320 17.57 34.92 28.99
CA SER C 320 18.31 35.56 30.06
C SER C 320 17.70 36.93 30.21
N PRO C 321 17.58 37.43 31.44
CA PRO C 321 16.96 38.74 31.63
C PRO C 321 17.98 39.86 31.42
N ALA C 322 19.21 39.61 31.85
CA ALA C 322 20.29 40.57 31.63
C ALA C 322 20.60 40.67 30.12
N ALA C 323 19.78 39.99 29.33
CA ALA C 323 19.91 40.01 27.86
C ALA C 323 19.37 41.27 27.13
N LEU C 324 18.35 41.94 27.67
CA LEU C 324 17.79 43.11 26.98
C LEU C 324 18.82 44.21 26.70
N GLY C 325 18.81 44.69 25.46
CA GLY C 325 19.78 45.69 25.00
C GLY C 325 19.91 47.00 25.79
N ASN C 326 21.13 47.51 25.81
CA ASN C 326 21.44 48.79 26.41
C ASN C 326 20.77 49.98 25.68
N ASP C 327 20.75 49.90 24.36
CA ASP C 327 20.30 50.99 23.47
C ASP C 327 18.83 51.37 23.59
N MET C 328 18.01 50.43 24.01
CA MET C 328 16.57 50.62 23.99
C MET C 328 16.05 50.87 25.39
N ALA C 329 16.76 51.71 26.13
CA ALA C 329 16.24 52.20 27.39
C ALA C 329 14.85 52.81 27.19
N ALA C 330 14.74 53.72 26.22
CA ALA C 330 13.52 54.50 25.97
C ALA C 330 12.27 53.66 25.81
N ILE C 331 12.43 52.34 25.91
CA ILE C 331 11.38 51.41 25.54
C ILE C 331 11.45 50.16 26.44
N GLU C 332 12.50 50.07 27.23
CA GLU C 332 12.69 48.95 28.13
C GLU C 332 11.49 48.66 29.01
N LEU C 333 10.95 49.70 29.66
CA LEU C 333 9.79 49.57 30.54
C LEU C 333 8.78 48.67 29.86
N ARG C 334 8.45 49.04 28.63
CA ARG C 334 7.39 48.43 27.89
C ARG C 334 7.78 47.04 27.40
N MET C 335 9.01 46.91 26.93
CA MET C 335 9.50 45.64 26.40
C MET C 335 9.39 44.58 27.48
N ARG C 336 10.10 44.84 28.58
CA ARG C 336 10.08 43.99 29.75
C ARG C 336 8.70 43.47 30.06
N GLU C 337 7.74 44.38 30.04
CA GLU C 337 6.35 44.05 30.31
C GLU C 337 5.90 42.93 29.37
N LEU C 338 6.01 43.19 28.07
CA LEU C 338 5.71 42.19 27.04
C LEU C 338 6.32 40.81 27.29
N ALA C 339 7.59 40.78 27.68
CA ALA C 339 8.33 39.54 27.89
C ALA C 339 7.78 38.81 29.08
N ARG C 340 7.20 39.59 29.99
CA ARG C 340 6.62 39.10 31.24
C ARG C 340 5.21 38.54 31.02
N THR C 341 4.42 39.23 30.20
CA THR C 341 3.01 38.91 30.06
C THR C 341 2.66 37.88 28.97
N ILE C 342 3.43 37.86 27.87
CA ILE C 342 3.08 37.02 26.74
C ILE C 342 3.86 35.71 26.68
N PRO C 343 3.13 34.58 26.55
CA PRO C 343 3.65 33.21 26.49
C PRO C 343 4.71 33.06 25.41
N PRO C 344 5.82 32.41 25.74
CA PRO C 344 6.91 32.22 24.78
C PRO C 344 6.38 31.59 23.50
N THR C 345 5.62 30.50 23.66
CA THR C 345 5.08 29.74 22.55
C THR C 345 4.21 30.62 21.70
N ASP C 346 3.82 31.76 22.28
CA ASP C 346 3.01 32.75 21.58
C ASP C 346 3.89 33.65 20.72
N ILE C 347 4.99 34.11 21.28
CA ILE C 347 5.88 34.98 20.54
C ILE C 347 6.46 34.20 19.38
N GLN C 348 6.85 32.96 19.63
CA GLN C 348 7.23 32.06 18.54
C GLN C 348 6.18 32.09 17.43
N LEU C 349 4.94 32.37 17.79
CA LEU C 349 3.93 32.49 16.78
C LEU C 349 4.16 33.76 15.99
N TYR C 350 4.02 34.91 16.63
CA TYR C 350 4.14 36.18 15.94
C TYR C 350 5.44 36.26 15.11
N TYR C 351 6.56 35.81 15.69
CA TYR C 351 7.85 35.84 14.97
C TYR C 351 7.80 35.09 13.64
N GLN C 352 7.42 33.82 13.72
CA GLN C 352 7.30 32.97 12.55
C GLN C 352 6.33 33.55 11.52
N THR C 353 5.28 34.20 12.01
CA THR C 353 4.21 34.68 11.16
C THR C 353 4.63 35.87 10.34
N LEU C 354 5.38 36.74 11.00
CA LEU C 354 5.97 37.91 10.38
C LEU C 354 7.16 37.51 9.53
N LEU C 355 7.81 36.41 9.91
CA LEU C 355 8.99 35.92 9.21
C LEU C 355 8.64 35.33 7.84
N ILE C 356 7.69 34.42 7.79
CA ILE C 356 7.26 33.96 6.49
C ILE C 356 6.51 35.09 5.81
N GLY C 357 6.20 36.14 6.56
CA GLY C 357 5.59 37.32 5.98
C GLY C 357 6.62 38.03 5.14
N ARG C 358 7.81 38.17 5.70
CA ARG C 358 8.94 38.70 4.98
C ARG C 358 9.25 37.82 3.75
N LYS C 359 9.27 36.50 3.93
CA LYS C 359 9.49 35.58 2.82
C LYS C 359 8.51 35.90 1.69
N GLU C 360 7.36 36.51 2.00
CA GLU C 360 6.29 36.72 1.04
C GLU C 360 6.31 38.07 0.33
N LEU C 361 6.69 39.13 1.05
CA LEU C 361 6.59 40.52 0.57
C LEU C 361 6.95 40.77 -0.91
N PRO C 362 8.04 40.14 -1.36
CA PRO C 362 8.50 40.07 -2.75
C PRO C 362 7.38 39.86 -3.73
N TYR C 363 6.56 38.86 -3.47
CA TYR C 363 5.56 38.45 -4.43
C TYR C 363 4.17 39.02 -4.15
N ALA C 364 3.89 39.38 -2.91
CA ALA C 364 2.66 40.09 -2.63
C ALA C 364 2.49 41.23 -3.64
N PRO C 365 1.24 41.49 -4.00
CA PRO C 365 0.74 42.42 -5.02
C PRO C 365 1.29 43.82 -4.85
N ASP C 366 1.69 44.13 -3.62
CA ASP C 366 1.92 45.49 -3.19
C ASP C 366 2.57 45.37 -1.81
N ARG C 367 3.75 45.96 -1.65
CA ARG C 367 4.52 45.78 -0.42
C ARG C 367 3.76 46.22 0.85
N ARG C 368 3.02 47.32 0.76
CA ARG C 368 2.11 47.68 1.84
C ARG C 368 1.14 46.55 2.07
N MET C 369 0.22 46.40 1.13
CA MET C 369 -0.72 45.29 1.14
C MET C 369 -0.06 44.10 1.84
N GLY C 370 1.11 43.71 1.34
CA GLY C 370 1.84 42.54 1.83
C GLY C 370 2.13 42.54 3.31
N VAL C 371 2.62 43.66 3.82
CA VAL C 371 2.82 43.76 5.26
C VAL C 371 1.45 43.65 5.95
N GLU C 372 0.51 44.53 5.58
CA GLU C 372 -0.84 44.56 6.13
C GLU C 372 -1.40 43.16 6.23
N MET C 373 -1.50 42.53 5.06
CA MET C 373 -2.00 41.17 4.91
C MET C 373 -1.33 40.21 5.90
N THR C 374 -0.04 40.41 6.14
CA THR C 374 0.69 39.53 7.03
C THR C 374 0.23 39.69 8.47
N LEU C 375 -0.10 40.92 8.84
CA LEU C 375 -0.58 41.19 10.18
C LEU C 375 -2.04 40.76 10.33
N LEU C 376 -2.77 40.79 9.20
CA LEU C 376 -4.13 40.29 9.18
C LEU C 376 -4.07 38.79 9.43
N ARG C 377 -3.05 38.14 8.86
CA ARG C 377 -2.86 36.73 9.12
C ARG C 377 -2.64 36.49 10.61
N ALA C 378 -1.73 37.26 11.19
CA ALA C 378 -1.59 37.31 12.64
C ALA C 378 -2.99 37.31 13.25
N LEU C 379 -3.66 38.44 13.18
CA LEU C 379 -4.98 38.59 13.76
C LEU C 379 -5.90 37.34 13.69
N ALA C 380 -5.98 36.68 12.54
CA ALA C 380 -6.85 35.50 12.37
C ALA C 380 -6.37 34.24 13.13
N PHE C 381 -5.06 34.09 13.24
CA PHE C 381 -4.50 32.98 14.00
C PHE C 381 -4.10 33.39 15.39
N HIS C 382 -4.43 34.62 15.73
CA HIS C 382 -4.06 35.16 17.02
C HIS C 382 -4.37 34.13 18.07
N PRO C 383 -3.38 33.83 18.93
CA PRO C 383 -3.51 32.80 19.96
C PRO C 383 -4.58 33.14 20.98
N ARG C 384 -4.77 34.42 21.30
CA ARG C 384 -5.59 34.76 22.45
C ARG C 384 -7.00 35.30 22.15
N MET C 385 -7.13 36.06 21.07
CA MET C 385 -8.45 36.52 20.66
C MET C 385 -8.48 36.57 19.15
N PRO C 386 -8.53 35.40 18.53
CA PRO C 386 -8.56 35.32 17.07
C PRO C 386 -9.60 36.27 16.51
N LEU C 387 -9.62 36.37 15.20
CA LEU C 387 -10.61 37.14 14.49
C LEU C 387 -11.92 36.37 14.49
N PRO C 388 -13.05 37.07 14.46
CA PRO C 388 -14.39 36.46 14.51
C PRO C 388 -14.77 35.68 13.26
N GLU C 389 -15.34 34.50 13.51
CA GLU C 389 -15.75 33.60 12.46
C GLU C 389 -17.25 33.76 12.20
N PRO C 390 -17.73 33.30 11.03
CA PRO C 390 -19.14 33.48 10.61
C PRO C 390 -20.29 32.90 11.49
N SER D 24 19.84 60.85 -35.67
CA SER D 24 20.42 60.83 -34.34
C SER D 24 19.42 60.41 -33.23
N TYR D 25 18.50 59.50 -33.58
CA TYR D 25 17.48 59.03 -32.65
C TYR D 25 17.99 58.12 -31.55
N GLN D 26 17.56 58.40 -30.34
CA GLN D 26 17.87 57.54 -29.19
C GLN D 26 16.60 57.36 -28.37
N VAL D 27 16.40 56.15 -27.83
CA VAL D 27 15.22 55.83 -27.03
C VAL D 27 15.05 56.83 -25.91
N LEU D 28 13.82 57.19 -25.55
CA LEU D 28 13.61 58.19 -24.50
C LEU D 28 14.44 57.80 -23.31
N ALA D 29 14.43 56.50 -23.03
CA ALA D 29 15.14 55.95 -21.89
C ALA D 29 16.64 56.29 -21.92
N ARG D 30 17.07 56.82 -23.05
CA ARG D 30 18.44 57.20 -23.27
C ARG D 30 18.54 58.71 -23.40
N LYS D 31 17.79 59.26 -24.34
CA LYS D 31 17.73 60.70 -24.57
C LYS D 31 17.48 61.48 -23.29
N TRP D 32 16.59 60.98 -22.45
CA TRP D 32 16.17 61.76 -21.29
C TRP D 32 17.05 61.59 -20.04
N ARG D 33 18.22 60.97 -20.18
CA ARG D 33 19.11 60.80 -19.03
C ARG D 33 19.43 62.13 -18.35
N PRO D 34 19.11 62.23 -17.05
CA PRO D 34 19.23 63.47 -16.30
C PRO D 34 20.64 64.00 -16.45
N GLN D 35 20.74 65.26 -16.84
CA GLN D 35 22.03 65.84 -17.15
C GLN D 35 22.45 66.89 -16.12
N THR D 36 21.51 67.27 -15.26
CA THR D 36 21.77 68.21 -14.18
C THR D 36 21.04 67.69 -12.94
N PHE D 37 21.58 67.94 -11.75
CA PHE D 37 20.93 67.44 -10.52
C PHE D 37 19.46 67.82 -10.48
N ALA D 38 19.13 68.96 -11.09
CA ALA D 38 17.76 69.45 -11.14
C ALA D 38 16.84 68.43 -11.81
N ASP D 39 17.36 67.78 -12.85
CA ASP D 39 16.54 66.97 -13.72
C ASP D 39 16.47 65.50 -13.30
N VAL D 40 16.77 65.24 -12.03
CA VAL D 40 16.75 63.87 -11.47
C VAL D 40 15.52 63.71 -10.61
N VAL D 41 14.85 62.58 -10.74
CA VAL D 41 13.59 62.32 -10.02
C VAL D 41 13.74 61.61 -8.67
N GLY D 42 13.15 62.16 -7.62
CA GLY D 42 13.26 61.55 -6.32
C GLY D 42 14.70 61.38 -5.92
N GLN D 43 15.00 60.34 -5.16
CA GLN D 43 16.37 60.12 -4.68
C GLN D 43 16.92 61.34 -3.96
N GLU D 44 16.00 62.15 -3.46
CA GLU D 44 16.34 63.46 -2.95
C GLU D 44 17.25 63.38 -1.75
N HIS D 45 17.18 62.26 -1.03
CA HIS D 45 18.09 62.05 0.08
C HIS D 45 19.55 61.90 -0.38
N VAL D 46 19.75 61.27 -1.54
CA VAL D 46 21.07 61.05 -2.11
C VAL D 46 21.62 62.36 -2.59
N LEU D 47 20.91 62.98 -3.53
CA LEU D 47 21.28 64.29 -4.02
C LEU D 47 21.57 65.29 -2.89
N THR D 48 20.71 65.30 -1.87
CA THR D 48 20.94 66.14 -0.70
C THR D 48 22.32 65.92 -0.07
N ALA D 49 22.56 64.70 0.40
CA ALA D 49 23.85 64.36 0.99
C ALA D 49 24.99 64.75 0.07
N LEU D 50 24.82 64.45 -1.21
CA LEU D 50 25.84 64.77 -2.20
C LEU D 50 26.07 66.26 -2.30
N ALA D 51 25.14 66.99 -2.88
CA ALA D 51 25.29 68.44 -3.02
C ALA D 51 25.74 69.04 -1.69
N ASN D 52 25.18 68.53 -0.61
CA ASN D 52 25.58 68.93 0.74
C ASN D 52 27.10 68.78 0.98
N GLY D 53 27.60 67.56 0.81
CA GLY D 53 29.03 67.30 0.90
C GLY D 53 29.90 68.20 0.03
N LEU D 54 29.59 68.29 -1.27
CA LEU D 54 30.36 69.13 -2.16
C LEU D 54 30.44 70.53 -1.55
N SER D 55 29.29 71.00 -1.06
CA SER D 55 29.20 72.36 -0.55
C SER D 55 29.81 72.50 0.83
N LEU D 56 29.83 71.42 1.61
CA LEU D 56 30.52 71.44 2.90
C LEU D 56 32.02 71.22 2.73
N GLY D 57 32.45 71.01 1.49
CA GLY D 57 33.82 70.64 1.19
C GLY D 57 34.15 69.24 1.69
N ARG D 58 33.13 68.48 2.04
CA ARG D 58 33.35 67.15 2.57
C ARG D 58 33.17 66.06 1.53
N ILE D 59 34.19 65.93 0.69
CA ILE D 59 34.14 65.00 -0.43
C ILE D 59 34.91 63.75 -0.09
N HIS D 60 34.30 62.60 -0.34
CA HIS D 60 34.92 61.30 -0.02
C HIS D 60 35.72 60.83 -1.24
N HIS D 61 36.25 59.60 -1.20
CA HIS D 61 37.00 59.09 -2.34
C HIS D 61 36.37 57.86 -2.92
N ALA D 62 35.40 57.32 -2.18
CA ALA D 62 34.72 56.10 -2.58
C ALA D 62 33.23 56.25 -2.37
N TYR D 63 32.52 56.48 -3.46
CA TYR D 63 31.07 56.55 -3.40
C TYR D 63 30.49 55.30 -4.06
N LEU D 64 29.78 54.49 -3.29
CA LEU D 64 29.04 53.34 -3.80
C LEU D 64 27.57 53.70 -3.95
N PHE D 65 26.98 53.46 -5.11
CA PHE D 65 25.56 53.76 -5.37
C PHE D 65 24.75 52.50 -5.67
N SER D 66 23.70 52.25 -4.90
CA SER D 66 22.87 51.03 -5.05
C SER D 66 21.35 51.26 -5.18
N GLY D 67 20.64 50.25 -5.68
CA GLY D 67 19.20 50.32 -5.88
C GLY D 67 18.79 49.39 -7.02
N THR D 68 17.50 49.19 -7.26
CA THR D 68 17.17 48.30 -8.37
C THR D 68 17.23 48.99 -9.69
N ARG D 69 17.18 48.12 -10.69
CA ARG D 69 17.31 48.51 -12.07
C ARG D 69 16.63 49.84 -12.38
N GLY D 70 17.39 50.73 -13.01
CA GLY D 70 16.87 51.95 -13.60
C GLY D 70 16.23 52.98 -12.70
N VAL D 71 16.93 53.33 -11.63
CA VAL D 71 16.37 54.26 -10.68
C VAL D 71 17.23 55.48 -10.50
N GLY D 72 18.42 55.42 -11.08
CA GLY D 72 19.26 56.60 -11.17
C GLY D 72 20.70 56.40 -10.75
N LYS D 73 21.07 55.14 -10.57
CA LYS D 73 22.40 54.78 -10.10
C LYS D 73 23.49 55.41 -10.99
N THR D 74 23.68 54.85 -12.17
CA THR D 74 24.76 55.32 -12.99
C THR D 74 24.51 56.76 -13.46
N SER D 75 23.26 57.11 -13.71
CA SER D 75 22.95 58.49 -14.09
C SER D 75 23.50 59.49 -13.09
N ILE D 76 23.22 59.22 -11.82
CA ILE D 76 23.67 60.08 -10.76
C ILE D 76 25.18 60.09 -10.70
N ALA D 77 25.78 58.90 -10.68
CA ALA D 77 27.22 58.78 -10.58
C ALA D 77 27.84 59.73 -11.58
N ARG D 78 27.37 59.66 -12.82
CA ARG D 78 27.89 60.54 -13.87
C ARG D 78 27.65 62.03 -13.58
N LEU D 79 26.53 62.35 -12.94
CA LEU D 79 26.28 63.72 -12.49
C LEU D 79 27.23 64.13 -11.37
N LEU D 80 27.51 63.21 -10.45
CA LEU D 80 28.46 63.50 -9.40
C LEU D 80 29.83 63.73 -10.00
N ALA D 81 30.15 63.01 -11.06
CA ALA D 81 31.38 63.28 -11.77
C ALA D 81 31.36 64.71 -12.28
N LYS D 82 30.42 65.06 -13.16
CA LYS D 82 30.33 66.45 -13.64
C LYS D 82 30.69 67.46 -12.57
N GLY D 83 29.93 67.47 -11.47
CA GLY D 83 30.16 68.40 -10.38
C GLY D 83 31.57 68.50 -9.83
N LEU D 84 32.26 67.37 -9.69
CA LEU D 84 33.62 67.42 -9.20
C LEU D 84 34.54 68.08 -10.22
N ASN D 85 34.27 67.85 -11.50
CA ASN D 85 35.17 68.31 -12.55
C ASN D 85 34.85 69.66 -13.19
N CYS D 86 33.63 70.18 -12.97
CA CYS D 86 33.10 71.36 -13.68
C CYS D 86 34.05 72.56 -13.80
N GLU D 87 34.19 73.11 -15.00
CA GLU D 87 35.12 74.23 -15.19
C GLU D 87 34.74 75.41 -14.26
N THR D 88 33.49 75.48 -13.81
CA THR D 88 33.05 76.57 -12.93
C THR D 88 33.65 76.49 -11.54
N GLY D 89 33.95 75.27 -11.11
CA GLY D 89 34.48 74.99 -9.78
C GLY D 89 34.02 73.60 -9.38
N ILE D 90 34.32 73.16 -8.17
CA ILE D 90 33.62 71.99 -7.62
C ILE D 90 32.27 72.48 -7.15
N THR D 91 31.22 71.98 -7.81
CA THR D 91 29.87 72.45 -7.54
C THR D 91 28.92 71.29 -7.30
N ALA D 92 27.80 71.59 -6.66
CA ALA D 92 26.70 70.66 -6.50
C ALA D 92 25.79 70.80 -7.73
N THR D 93 25.87 71.97 -8.34
CA THR D 93 24.96 72.40 -9.37
C THR D 93 25.68 72.59 -10.71
N PRO D 94 26.31 71.52 -11.22
CA PRO D 94 27.19 71.61 -12.40
C PRO D 94 26.47 72.21 -13.61
N CYS D 95 27.13 73.12 -14.31
CA CYS D 95 26.47 73.81 -15.41
C CYS D 95 26.00 72.87 -16.51
N GLY D 96 26.93 72.26 -17.22
CA GLY D 96 26.59 71.47 -18.41
C GLY D 96 26.88 72.24 -19.69
N VAL D 97 27.69 73.30 -19.56
CA VAL D 97 27.95 74.22 -20.64
C VAL D 97 29.44 74.47 -20.87
N CYS D 98 30.29 73.78 -20.10
CA CYS D 98 31.74 73.90 -20.29
C CYS D 98 32.27 72.73 -21.10
N ASP D 99 33.43 72.93 -21.72
CA ASP D 99 34.13 71.83 -22.40
C ASP D 99 34.08 70.55 -21.53
N ASN D 100 34.26 70.71 -20.22
CA ASN D 100 34.20 69.57 -19.29
C ASN D 100 32.85 68.86 -19.23
N CYS D 101 31.78 69.57 -18.85
CA CYS D 101 30.45 68.95 -18.71
C CYS D 101 29.97 68.33 -20.03
N ARG D 102 30.14 69.05 -21.13
CA ARG D 102 29.68 68.59 -22.44
C ARG D 102 30.39 67.31 -22.86
N GLU D 103 31.64 67.17 -22.43
CA GLU D 103 32.44 65.99 -22.75
C GLU D 103 32.03 64.81 -21.87
N ILE D 104 31.49 65.08 -20.67
CA ILE D 104 31.01 64.01 -19.78
C ILE D 104 29.68 63.50 -20.29
N GLU D 105 28.86 64.44 -20.77
CA GLU D 105 27.56 64.12 -21.34
C GLU D 105 27.71 63.18 -22.52
N GLN D 106 28.86 63.23 -23.16
CA GLN D 106 29.08 62.51 -24.40
C GLN D 106 30.06 61.37 -24.23
N GLY D 107 30.51 61.14 -23.01
CA GLY D 107 31.50 60.12 -22.74
C GLY D 107 32.91 60.51 -23.19
N ARG D 108 33.00 61.49 -24.11
CA ARG D 108 34.27 61.98 -24.67
C ARG D 108 35.21 62.59 -23.63
N PHE D 109 34.75 62.63 -22.37
CA PHE D 109 35.55 63.21 -21.29
C PHE D 109 36.65 62.28 -20.80
N VAL D 110 37.88 62.71 -21.06
CA VAL D 110 39.06 61.93 -20.81
C VAL D 110 39.24 61.54 -19.35
N ASP D 111 38.63 62.27 -18.42
CA ASP D 111 38.96 62.05 -17.01
C ASP D 111 37.87 61.47 -16.11
N LEU D 112 36.82 60.91 -16.70
CA LEU D 112 35.94 59.94 -16.02
C LEU D 112 36.15 58.60 -16.71
N ILE D 113 37.21 57.90 -16.31
CA ILE D 113 37.47 56.55 -16.79
C ILE D 113 36.28 55.72 -16.30
N GLU D 114 35.38 55.34 -17.21
CA GLU D 114 34.18 54.60 -16.82
C GLU D 114 34.27 53.15 -17.21
N ILE D 115 34.33 52.29 -16.20
CA ILE D 115 34.56 50.88 -16.42
C ILE D 115 33.31 50.03 -16.40
N ASP D 116 33.14 49.20 -17.43
CA ASP D 116 32.07 48.22 -17.48
C ASP D 116 32.51 46.99 -16.72
N ALA D 117 32.23 46.98 -15.43
CA ALA D 117 32.78 45.98 -14.53
C ALA D 117 32.36 44.60 -14.96
N ALA D 118 31.19 44.50 -15.55
CA ALA D 118 30.63 43.19 -15.81
C ALA D 118 31.34 42.59 -17.00
N SER D 119 31.99 43.46 -17.77
CA SER D 119 32.73 43.06 -18.98
C SER D 119 34.25 42.95 -18.67
N ARG D 120 34.78 43.91 -17.91
CA ARG D 120 36.20 43.90 -17.57
C ARG D 120 36.42 43.51 -16.11
N THR D 121 36.20 42.24 -15.81
CA THR D 121 36.12 41.75 -14.44
C THR D 121 37.38 41.16 -13.90
N LYS D 122 38.29 40.75 -14.79
CA LYS D 122 39.47 40.00 -14.37
C LYS D 122 40.51 40.87 -13.59
N VAL D 123 41.38 40.22 -12.81
CA VAL D 123 42.31 40.97 -11.98
C VAL D 123 43.26 41.73 -12.82
N GLU D 124 43.90 41.05 -13.77
CA GLU D 124 44.88 41.71 -14.58
C GLU D 124 44.21 42.92 -15.12
N ASP D 125 42.99 42.76 -15.61
CA ASP D 125 42.21 43.91 -16.05
C ASP D 125 42.22 45.08 -15.05
N THR D 126 41.86 44.82 -13.80
CA THR D 126 41.77 45.89 -12.81
C THR D 126 43.10 46.28 -12.14
N ARG D 127 44.13 45.45 -12.30
CA ARG D 127 45.47 45.85 -11.87
C ARG D 127 46.03 46.90 -12.83
N ASP D 128 45.56 46.90 -14.09
CA ASP D 128 45.93 47.94 -15.03
C ASP D 128 45.33 49.23 -14.49
N LEU D 129 44.06 49.13 -14.12
CA LEU D 129 43.34 50.23 -13.50
C LEU D 129 44.16 50.84 -12.41
N LEU D 130 44.64 50.00 -11.50
CA LEU D 130 45.44 50.47 -10.40
C LEU D 130 46.74 51.16 -10.83
N ASP D 131 47.45 50.60 -11.80
CA ASP D 131 48.75 51.16 -12.14
C ASP D 131 48.61 52.55 -12.73
N ASN D 132 47.55 52.76 -13.49
CA ASN D 132 47.27 54.07 -14.08
C ASN D 132 46.50 55.02 -13.18
N VAL D 133 46.51 54.73 -11.89
CA VAL D 133 45.86 55.60 -10.93
C VAL D 133 46.85 56.65 -10.59
N GLN D 134 47.99 56.23 -10.07
CA GLN D 134 48.99 57.13 -9.54
C GLN D 134 49.11 58.38 -10.42
N TYR D 135 48.89 58.21 -11.74
CA TYR D 135 49.07 59.31 -12.72
C TYR D 135 48.03 60.42 -12.65
N ALA D 136 48.50 61.65 -12.47
CA ALA D 136 47.63 62.82 -12.42
C ALA D 136 46.70 62.92 -13.65
N PRO D 137 45.60 63.65 -13.50
CA PRO D 137 44.52 63.66 -14.50
C PRO D 137 44.89 64.52 -15.68
N ALA D 138 44.28 64.24 -16.81
CA ALA D 138 44.57 64.97 -18.03
C ALA D 138 44.13 66.40 -17.93
N ARG D 139 42.98 66.70 -18.54
CA ARG D 139 42.48 68.06 -18.61
C ARG D 139 41.44 68.32 -17.53
N GLY D 140 41.38 67.44 -16.55
CA GLY D 140 40.36 67.56 -15.51
C GLY D 140 40.96 67.76 -14.14
N ARG D 141 40.11 68.02 -13.17
CA ARG D 141 40.55 68.34 -11.82
C ARG D 141 40.78 67.10 -11.00
N PHE D 142 39.86 66.17 -11.14
CA PHE D 142 39.95 64.87 -10.52
C PHE D 142 39.99 63.79 -11.57
N LYS D 143 40.69 62.71 -11.27
CA LYS D 143 40.62 61.53 -12.09
C LYS D 143 39.53 60.74 -11.40
N VAL D 144 38.40 60.52 -12.09
CA VAL D 144 37.24 59.82 -11.54
C VAL D 144 36.94 58.48 -12.21
N TYR D 145 37.24 57.40 -11.50
CA TYR D 145 36.86 56.09 -11.99
C TYR D 145 35.40 55.86 -11.64
N LEU D 146 34.66 55.27 -12.57
CA LEU D 146 33.26 54.86 -12.33
C LEU D 146 33.07 53.41 -12.71
N ILE D 147 33.36 52.53 -11.76
CA ILE D 147 33.15 51.11 -11.96
C ILE D 147 31.66 50.95 -11.76
N ASP D 148 31.00 50.48 -12.81
CA ASP D 148 29.55 50.30 -12.88
C ASP D 148 29.31 48.81 -13.09
N GLU D 149 28.20 48.33 -12.58
CA GLU D 149 27.90 46.90 -12.62
C GLU D 149 28.96 46.12 -11.84
N VAL D 150 29.39 46.77 -10.75
CA VAL D 150 30.56 46.42 -9.95
C VAL D 150 30.45 45.10 -9.22
N HIS D 151 29.23 44.62 -9.03
CA HIS D 151 29.09 43.36 -8.33
C HIS D 151 29.73 42.25 -9.15
N MET D 152 30.33 42.59 -10.28
CA MET D 152 30.79 41.55 -11.18
C MET D 152 32.30 41.28 -11.18
N LEU D 153 33.05 42.20 -10.56
CA LEU D 153 34.47 42.08 -10.41
C LEU D 153 34.76 40.79 -9.68
N SER D 154 35.70 40.01 -10.20
CA SER D 154 36.12 38.77 -9.55
C SER D 154 36.35 38.95 -8.07
N ARG D 155 36.40 37.84 -7.34
CA ARG D 155 36.77 37.92 -5.95
C ARG D 155 38.09 38.69 -5.86
N HIS D 156 39.06 38.23 -6.63
CA HIS D 156 40.40 38.77 -6.60
C HIS D 156 40.46 40.23 -6.93
N SER D 157 39.59 40.65 -7.84
CA SER D 157 39.57 42.02 -8.30
C SER D 157 39.12 42.89 -7.15
N PHE D 158 38.15 42.44 -6.38
CA PHE D 158 37.75 43.21 -5.22
C PHE D 158 38.98 43.42 -4.37
N ASN D 159 39.56 42.33 -3.85
CA ASN D 159 40.69 42.52 -2.93
C ASN D 159 41.77 43.45 -3.45
N ALA D 160 42.05 43.39 -4.75
CA ALA D 160 43.01 44.29 -5.38
C ALA D 160 42.74 45.75 -5.04
N LEU D 161 41.47 46.15 -5.13
CA LEU D 161 41.09 47.52 -4.89
C LEU D 161 41.19 47.92 -3.43
N LEU D 162 41.09 46.95 -2.52
CA LEU D 162 41.07 47.26 -1.09
C LEU D 162 42.06 48.33 -0.67
N LYS D 163 43.35 48.09 -0.96
CA LYS D 163 44.41 48.97 -0.46
C LYS D 163 44.36 50.37 -1.04
N THR D 164 43.97 50.45 -2.31
CA THR D 164 43.85 51.73 -3.01
C THR D 164 42.56 52.49 -2.68
N LEU D 165 41.48 51.76 -2.70
CA LEU D 165 40.16 52.29 -2.41
C LEU D 165 40.10 52.95 -1.05
N GLU D 166 40.96 52.47 -0.14
CA GLU D 166 41.00 52.95 1.22
C GLU D 166 41.89 54.18 1.32
N GLU D 167 42.92 54.22 0.49
CA GLU D 167 43.95 55.27 0.59
C GLU D 167 44.40 55.86 -0.77
N PRO D 168 43.43 56.32 -1.57
CA PRO D 168 43.76 56.78 -2.91
C PRO D 168 44.61 58.04 -2.89
N PRO D 169 45.08 58.51 -4.04
CA PRO D 169 45.80 59.77 -4.20
C PRO D 169 44.79 60.89 -4.15
N GLU D 170 45.16 62.06 -3.62
CA GLU D 170 44.21 63.15 -3.45
C GLU D 170 43.45 63.49 -4.74
N HIS D 171 44.08 63.21 -5.87
CA HIS D 171 43.50 63.59 -7.15
C HIS D 171 42.60 62.51 -7.70
N VAL D 172 42.33 61.50 -6.89
CA VAL D 172 41.51 60.39 -7.34
C VAL D 172 40.18 60.24 -6.59
N LYS D 173 39.14 59.87 -7.33
CA LYS D 173 37.80 59.67 -6.81
C LYS D 173 37.24 58.40 -7.42
N PHE D 174 36.74 57.52 -6.56
CA PHE D 174 36.14 56.27 -7.01
C PHE D 174 34.63 56.29 -6.92
N LEU D 175 33.96 55.94 -8.01
CA LEU D 175 32.50 55.88 -8.06
C LEU D 175 31.98 54.47 -8.38
N LEU D 176 31.29 53.88 -7.41
CA LEU D 176 30.89 52.48 -7.48
C LEU D 176 29.39 52.33 -7.53
N ALA D 177 28.88 51.80 -8.64
CA ALA D 177 27.45 51.58 -8.75
C ALA D 177 27.17 50.14 -9.05
N THR D 178 26.12 49.63 -8.42
CA THR D 178 25.65 48.29 -8.68
C THR D 178 24.24 48.09 -8.18
N THR D 179 23.57 47.14 -8.82
CA THR D 179 22.22 46.72 -8.49
C THR D 179 22.20 45.89 -7.25
N ASP D 180 23.23 45.10 -7.10
CA ASP D 180 23.23 44.01 -6.15
C ASP D 180 24.42 44.11 -5.18
N PRO D 181 24.38 45.06 -4.23
CA PRO D 181 25.55 45.36 -3.39
C PRO D 181 25.79 44.20 -2.45
N GLN D 182 24.77 43.36 -2.30
CA GLN D 182 24.93 42.12 -1.57
C GLN D 182 26.30 41.46 -1.87
N LYS D 183 26.69 41.44 -3.15
CA LYS D 183 27.80 40.62 -3.63
C LYS D 183 29.21 41.14 -3.27
N LEU D 184 29.34 42.45 -3.16
CA LEU D 184 30.60 43.04 -2.74
C LEU D 184 31.02 42.59 -1.36
N PRO D 185 32.29 42.23 -1.24
CA PRO D 185 32.99 41.99 0.02
C PRO D 185 32.69 43.08 1.02
N VAL D 186 32.51 42.68 2.26
CA VAL D 186 32.32 43.66 3.33
C VAL D 186 33.56 44.54 3.51
N THR D 187 34.71 44.07 3.03
CA THR D 187 35.93 44.85 3.09
C THR D 187 35.85 46.02 2.12
N ILE D 188 35.15 45.77 1.04
CA ILE D 188 34.91 46.81 0.05
C ILE D 188 33.91 47.80 0.61
N LEU D 189 32.85 47.28 1.22
CA LEU D 189 31.81 48.15 1.75
C LEU D 189 32.34 49.03 2.87
N SER D 190 33.14 48.44 3.75
CA SER D 190 33.72 49.20 4.84
C SER D 190 34.44 50.47 4.36
N ARG D 191 34.78 50.52 3.07
CA ARG D 191 35.60 51.60 2.53
C ARG D 191 34.85 52.65 1.72
N CYS D 192 33.51 52.57 1.68
CA CYS D 192 32.68 53.46 0.86
C CYS D 192 31.61 54.24 1.64
N LEU D 193 31.14 55.31 1.04
CA LEU D 193 29.88 55.84 1.47
C LEU D 193 28.93 55.10 0.59
N GLN D 194 27.86 54.60 1.18
CA GLN D 194 26.89 53.85 0.42
C GLN D 194 25.60 54.64 0.37
N PHE D 195 24.99 54.71 -0.81
CA PHE D 195 23.74 55.43 -0.99
C PHE D 195 22.75 54.50 -1.63
N HIS D 196 21.81 53.94 -0.85
CA HIS D 196 20.77 53.12 -1.47
C HIS D 196 19.78 54.10 -2.10
N LEU D 197 19.51 53.95 -3.39
CA LEU D 197 18.52 54.80 -4.02
C LEU D 197 17.27 54.02 -3.74
N LYS D 198 16.18 54.74 -3.44
CA LYS D 198 14.86 54.11 -3.20
C LYS D 198 14.19 53.90 -4.56
N ALA D 199 13.25 52.97 -4.63
CA ALA D 199 12.55 52.76 -5.89
C ALA D 199 11.71 53.98 -6.14
N LEU D 200 11.43 54.29 -7.38
CA LEU D 200 10.66 55.48 -7.60
C LEU D 200 9.18 55.24 -7.32
N ASP D 201 8.62 56.14 -6.51
CA ASP D 201 7.20 56.20 -6.23
C ASP D 201 6.41 56.22 -7.52
N VAL D 202 5.28 55.53 -7.56
CA VAL D 202 4.39 55.53 -8.71
C VAL D 202 4.08 56.92 -9.25
N GLU D 203 3.74 57.83 -8.34
CA GLU D 203 3.46 59.18 -8.76
C GLU D 203 4.68 59.77 -9.44
N GLN D 204 5.80 59.74 -8.72
CA GLN D 204 7.06 60.23 -9.22
C GLN D 204 7.27 59.83 -10.68
N ILE D 205 7.07 58.55 -10.97
CA ILE D 205 7.24 58.02 -12.32
C ILE D 205 6.28 58.61 -13.34
N ARG D 206 5.02 58.81 -12.91
CA ARG D 206 4.01 59.33 -13.82
C ARG D 206 4.23 60.80 -14.18
N HIS D 207 4.26 61.67 -13.17
CA HIS D 207 4.53 63.10 -13.37
C HIS D 207 5.64 63.24 -14.40
N GLN D 208 6.77 62.57 -14.14
CA GLN D 208 7.85 62.47 -15.11
C GLN D 208 7.36 62.05 -16.50
N LEU D 209 6.80 60.85 -16.59
CA LEU D 209 6.33 60.32 -17.84
C LEU D 209 5.53 61.39 -18.57
N GLU D 210 4.61 62.02 -17.86
CA GLU D 210 3.78 63.09 -18.42
C GLU D 210 4.70 64.12 -19.07
N HIS D 211 5.36 64.89 -18.22
CA HIS D 211 6.41 65.80 -18.64
C HIS D 211 7.11 65.38 -19.94
N ILE D 212 7.73 64.20 -19.94
CA ILE D 212 8.51 63.74 -21.10
C ILE D 212 7.65 63.68 -22.38
N LEU D 213 6.44 63.17 -22.28
CA LEU D 213 5.65 63.03 -23.48
C LEU D 213 5.19 64.38 -23.97
N ASN D 214 4.98 65.28 -23.03
CA ASN D 214 4.65 66.66 -23.35
C ASN D 214 5.76 67.25 -24.21
N GLU D 215 6.96 67.35 -23.63
CA GLU D 215 8.12 67.91 -24.32
C GLU D 215 8.38 67.24 -25.67
N GLU D 216 8.14 65.95 -25.77
CA GLU D 216 8.37 65.24 -27.02
C GLU D 216 7.26 65.48 -27.99
N HIS D 217 6.26 66.23 -27.54
CA HIS D 217 5.06 66.48 -28.35
C HIS D 217 4.40 65.15 -28.74
N ILE D 218 4.10 64.32 -27.74
CA ILE D 218 3.26 63.12 -27.96
C ILE D 218 1.95 63.20 -27.18
N ALA D 219 0.86 62.78 -27.83
CA ALA D 219 -0.45 62.82 -27.19
C ALA D 219 -0.55 61.67 -26.19
N HIS D 220 -1.19 61.94 -25.04
CA HIS D 220 -1.39 60.92 -24.02
C HIS D 220 -2.70 61.06 -23.23
N GLU D 221 -3.30 59.93 -22.84
CA GLU D 221 -4.45 59.95 -21.95
C GLU D 221 -3.99 59.60 -20.52
N PRO D 222 -4.30 60.46 -19.54
CA PRO D 222 -3.89 60.30 -18.14
C PRO D 222 -3.98 58.87 -17.55
N ARG D 223 -5.13 58.22 -17.67
CA ARG D 223 -5.31 56.86 -17.14
C ARG D 223 -4.28 55.90 -17.74
N ALA D 224 -3.86 56.16 -18.98
CA ALA D 224 -2.84 55.34 -19.65
C ALA D 224 -1.49 55.52 -18.98
N LEU D 225 -1.21 56.75 -18.61
CA LEU D 225 -0.01 57.02 -17.85
C LEU D 225 -0.08 56.24 -16.56
N GLN D 226 -1.22 56.31 -15.89
CA GLN D 226 -1.38 55.60 -14.62
C GLN D 226 -0.95 54.14 -14.75
N LEU D 227 -1.36 53.50 -15.84
CA LEU D 227 -1.10 52.07 -16.02
C LEU D 227 0.36 51.82 -16.22
N LEU D 228 1.01 52.67 -17.00
CA LEU D 228 2.44 52.54 -17.20
C LEU D 228 3.22 52.64 -15.86
N ALA D 229 3.10 53.77 -15.16
CA ALA D 229 3.77 53.91 -13.87
C ALA D 229 3.61 52.67 -12.98
N ARG D 230 2.41 52.09 -12.93
CA ARG D 230 2.20 50.85 -12.19
C ARG D 230 3.11 49.76 -12.72
N ALA D 231 2.98 49.47 -13.99
CA ALA D 231 3.71 48.37 -14.61
C ALA D 231 5.23 48.54 -14.53
N ALA D 232 5.68 49.77 -14.37
CA ALA D 232 7.10 50.04 -14.16
C ALA D 232 7.65 49.35 -12.88
N GLU D 233 6.79 49.25 -11.88
CA GLU D 233 7.13 48.52 -10.68
C GLU D 233 8.38 49.15 -10.06
N GLY D 234 8.34 50.47 -9.92
CA GLY D 234 9.31 51.20 -9.14
C GLY D 234 10.34 51.92 -9.96
N SER D 235 10.44 51.54 -11.25
CA SER D 235 11.61 51.83 -12.07
C SER D 235 11.41 52.81 -13.20
N LEU D 236 12.14 53.93 -13.18
CA LEU D 236 12.04 54.90 -14.27
C LEU D 236 12.48 54.39 -15.65
N ARG D 237 13.50 53.55 -15.71
CA ARG D 237 13.89 53.02 -17.02
C ARG D 237 12.82 52.08 -17.52
N ASP D 238 12.40 51.17 -16.66
CA ASP D 238 11.34 50.25 -17.02
C ASP D 238 10.18 51.07 -17.61
N ALA D 239 9.86 52.18 -16.96
CA ALA D 239 8.76 53.02 -17.40
C ALA D 239 8.98 53.54 -18.82
N LEU D 240 10.11 54.21 -19.03
CA LEU D 240 10.40 54.78 -20.31
C LEU D 240 10.47 53.72 -21.39
N SER D 241 10.76 52.51 -20.98
CA SER D 241 10.91 51.46 -21.95
C SER D 241 9.53 50.97 -22.39
N LEU D 242 8.60 50.90 -21.44
CA LEU D 242 7.24 50.49 -21.76
C LEU D 242 6.53 51.61 -22.51
N THR D 243 6.90 52.85 -22.15
CA THR D 243 6.38 54.01 -22.82
C THR D 243 6.77 53.91 -24.26
N ASP D 244 8.06 53.81 -24.52
CA ASP D 244 8.48 53.69 -25.90
C ASP D 244 7.77 52.52 -26.59
N GLN D 245 7.58 51.43 -25.86
CA GLN D 245 6.83 50.32 -26.42
C GLN D 245 5.43 50.76 -26.73
N ALA D 246 4.82 51.49 -25.80
CA ALA D 246 3.48 52.05 -26.02
C ALA D 246 3.40 52.71 -27.40
N ILE D 247 4.21 53.76 -27.55
CA ILE D 247 4.23 54.57 -28.76
C ILE D 247 4.24 53.74 -30.05
N ALA D 248 5.07 52.69 -30.12
CA ALA D 248 5.06 51.81 -31.30
C ALA D 248 3.69 51.14 -31.53
N SER D 249 3.26 50.28 -30.61
CA SER D 249 2.01 49.54 -30.81
C SER D 249 0.78 50.44 -30.79
N GLY D 250 1.00 51.74 -30.65
CA GLY D 250 -0.09 52.71 -30.61
C GLY D 250 -0.15 53.58 -31.86
N ASP D 251 0.88 53.48 -32.70
CA ASP D 251 0.88 54.19 -33.98
C ASP D 251 1.03 55.70 -33.81
N GLY D 252 1.82 56.12 -32.82
CA GLY D 252 2.05 57.52 -32.57
C GLY D 252 1.48 58.00 -31.25
N GLN D 253 0.33 57.45 -30.90
CA GLN D 253 -0.34 57.85 -29.66
C GLN D 253 -0.13 56.87 -28.52
N VAL D 254 -0.05 57.40 -27.31
CA VAL D 254 -0.12 56.58 -26.12
C VAL D 254 -1.54 56.69 -25.57
N SER D 255 -2.40 55.77 -25.96
CA SER D 255 -3.81 55.82 -25.54
C SER D 255 -4.19 54.77 -24.49
N THR D 256 -5.14 55.11 -23.63
CA THR D 256 -5.58 54.21 -22.57
C THR D 256 -5.87 52.86 -23.20
N GLN D 257 -6.46 52.91 -24.39
CA GLN D 257 -6.80 51.72 -25.17
C GLN D 257 -5.60 50.87 -25.48
N ALA D 258 -4.62 51.49 -26.12
CA ALA D 258 -3.44 50.79 -26.61
C ALA D 258 -2.59 50.24 -25.46
N VAL D 259 -2.31 51.08 -24.46
CA VAL D 259 -1.46 50.70 -23.34
C VAL D 259 -2.06 49.54 -22.57
N SER D 260 -3.37 49.58 -22.36
CA SER D 260 -4.06 48.57 -21.56
C SER D 260 -4.10 47.22 -22.27
N ALA D 261 -4.35 47.26 -23.58
CA ALA D 261 -4.30 46.06 -24.40
C ALA D 261 -2.88 45.50 -24.45
N MET D 262 -1.91 46.40 -24.39
CA MET D 262 -0.52 46.00 -24.44
C MET D 262 -0.12 45.30 -23.16
N LEU D 263 -0.48 45.91 -22.03
CA LEU D 263 -0.10 45.41 -20.71
C LEU D 263 -1.00 44.25 -20.26
N GLY D 264 -1.92 43.84 -21.12
CA GLY D 264 -2.78 42.71 -20.81
C GLY D 264 -3.76 43.01 -19.69
N THR D 265 -4.01 44.30 -19.45
CA THR D 265 -4.91 44.79 -18.40
C THR D 265 -6.30 44.17 -18.38
N LEU D 266 -6.80 43.91 -17.18
CA LEU D 266 -8.09 43.24 -16.98
C LEU D 266 -9.28 44.19 -17.00
N ASP D 267 -10.45 43.68 -17.40
CA ASP D 267 -11.72 44.36 -17.15
C ASP D 267 -12.27 43.80 -15.83
N ASP D 268 -12.55 44.65 -14.84
CA ASP D 268 -12.65 44.22 -13.43
C ASP D 268 -13.42 42.92 -13.16
N ASP D 269 -14.57 42.76 -13.82
CA ASP D 269 -15.40 41.58 -13.61
C ASP D 269 -14.56 40.29 -13.49
N GLN D 270 -13.75 40.04 -14.51
CA GLN D 270 -13.15 38.72 -14.73
C GLN D 270 -12.41 38.13 -13.54
N ALA D 271 -11.64 38.96 -12.86
CA ALA D 271 -10.84 38.47 -11.75
C ALA D 271 -11.75 37.96 -10.66
N LEU D 272 -12.59 38.85 -10.16
CA LEU D 272 -13.49 38.53 -9.09
C LEU D 272 -14.27 37.26 -9.35
N SER D 273 -14.83 37.14 -10.56
CA SER D 273 -15.62 35.97 -10.93
C SER D 273 -14.88 34.68 -10.63
N LEU D 274 -13.59 34.71 -10.93
CA LEU D 274 -12.71 33.59 -10.64
C LEU D 274 -12.62 33.40 -9.14
N VAL D 275 -12.10 34.41 -8.46
CA VAL D 275 -12.02 34.39 -7.01
C VAL D 275 -13.24 33.75 -6.42
N GLU D 276 -14.39 34.16 -6.93
CA GLU D 276 -15.66 33.62 -6.49
C GLU D 276 -15.79 32.12 -6.81
N ALA D 277 -15.70 31.76 -8.09
CA ALA D 277 -15.83 30.36 -8.49
C ALA D 277 -14.83 29.47 -7.76
N MET D 278 -13.81 30.08 -7.14
CA MET D 278 -12.74 29.34 -6.48
C MET D 278 -13.10 28.95 -5.05
N VAL D 279 -13.73 29.89 -4.36
CA VAL D 279 -14.14 29.66 -2.99
C VAL D 279 -15.42 28.86 -2.96
N GLU D 280 -16.20 28.95 -4.04
CA GLU D 280 -17.39 28.14 -4.18
C GLU D 280 -16.99 26.71 -4.46
N ALA D 281 -15.70 26.49 -4.70
CA ALA D 281 -15.14 25.15 -4.92
C ALA D 281 -15.55 24.67 -6.30
N ASN D 282 -16.12 25.58 -7.08
CA ASN D 282 -16.65 25.20 -8.37
C ASN D 282 -15.58 24.94 -9.42
N GLY D 283 -15.07 23.71 -9.44
CA GLY D 283 -14.10 23.28 -10.43
C GLY D 283 -14.45 23.65 -11.87
N GLU D 284 -15.44 22.97 -12.44
CA GLU D 284 -15.85 23.19 -13.83
C GLU D 284 -15.82 24.66 -14.21
N ARG D 285 -16.23 25.54 -13.29
CA ARG D 285 -16.30 26.96 -13.59
C ARG D 285 -15.01 27.74 -13.43
N VAL D 286 -14.17 27.35 -12.49
CA VAL D 286 -12.86 27.97 -12.42
C VAL D 286 -12.11 27.68 -13.68
N MET D 287 -12.04 26.39 -14.03
CA MET D 287 -11.34 25.93 -15.22
C MET D 287 -11.85 26.57 -16.50
N ALA D 288 -13.17 26.57 -16.69
CA ALA D 288 -13.78 27.12 -17.89
C ALA D 288 -13.62 28.66 -17.95
N LEU D 289 -13.58 29.28 -16.78
CA LEU D 289 -13.41 30.72 -16.66
C LEU D 289 -12.04 31.11 -17.16
N ILE D 290 -11.05 30.30 -16.80
CA ILE D 290 -9.68 30.48 -17.25
C ILE D 290 -9.62 30.32 -18.75
N ASN D 291 -10.27 29.27 -19.25
CA ASN D 291 -10.25 29.00 -20.68
C ASN D 291 -10.68 30.26 -21.41
N GLU D 292 -11.73 30.92 -20.91
CA GLU D 292 -12.23 32.14 -21.53
C GLU D 292 -11.22 33.28 -21.41
N ALA D 293 -10.49 33.30 -20.30
CA ALA D 293 -9.45 34.31 -20.11
C ALA D 293 -8.32 34.11 -21.12
N ALA D 294 -7.82 32.88 -21.16
CA ALA D 294 -6.78 32.50 -22.10
C ALA D 294 -7.11 32.96 -23.53
N ALA D 295 -8.39 32.87 -23.91
CA ALA D 295 -8.84 33.30 -25.23
C ALA D 295 -8.63 34.78 -25.39
N ARG D 296 -9.04 35.56 -24.39
CA ARG D 296 -8.90 37.01 -24.46
C ARG D 296 -7.43 37.48 -24.38
N GLY D 297 -6.52 36.55 -24.08
CA GLY D 297 -5.10 36.84 -24.05
C GLY D 297 -4.72 37.79 -22.94
N ILE D 298 -4.98 37.35 -21.73
CA ILE D 298 -4.78 38.16 -20.57
C ILE D 298 -3.39 37.86 -20.09
N GLU D 299 -2.73 38.82 -19.50
CA GLU D 299 -1.50 38.46 -18.83
C GLU D 299 -1.80 37.66 -17.58
N TRP D 300 -1.43 36.39 -17.58
CA TRP D 300 -1.70 35.54 -16.45
C TRP D 300 -1.18 36.13 -15.14
N GLU D 301 0.05 36.63 -15.09
CA GLU D 301 0.53 37.19 -13.83
C GLU D 301 -0.42 38.29 -13.35
N ALA D 302 -1.02 38.98 -14.30
CA ALA D 302 -1.99 40.04 -14.02
C ALA D 302 -3.17 39.55 -13.20
N LEU D 303 -3.85 38.52 -13.72
CA LEU D 303 -4.96 37.84 -13.05
C LEU D 303 -4.66 37.56 -11.58
N LEU D 304 -3.55 36.87 -11.33
CA LEU D 304 -3.14 36.47 -9.99
C LEU D 304 -2.97 37.65 -9.07
N VAL D 305 -2.32 38.68 -9.57
CA VAL D 305 -2.13 39.86 -8.76
C VAL D 305 -3.50 40.47 -8.43
N GLU D 306 -4.36 40.58 -9.42
CA GLU D 306 -5.66 41.18 -9.18
C GLU D 306 -6.46 40.35 -8.17
N MET D 307 -6.39 39.03 -8.25
CA MET D 307 -7.04 38.18 -7.25
C MET D 307 -6.38 38.41 -5.91
N LEU D 308 -5.07 38.35 -5.88
CA LEU D 308 -4.37 38.66 -4.65
C LEU D 308 -4.80 40.01 -4.09
N GLY D 309 -5.12 40.95 -4.98
CA GLY D 309 -5.59 42.25 -4.56
C GLY D 309 -6.97 42.15 -3.97
N LEU D 310 -7.84 41.37 -4.61
CA LEU D 310 -9.23 41.19 -4.19
C LEU D 310 -9.31 40.47 -2.84
N LEU D 311 -8.57 39.36 -2.72
CA LEU D 311 -8.39 38.65 -1.45
C LEU D 311 -7.86 39.54 -0.35
N HIS D 312 -7.19 40.61 -0.72
CA HIS D 312 -6.65 41.45 0.31
C HIS D 312 -7.74 42.33 0.93
N ARG D 313 -8.50 43.04 0.10
CA ARG D 313 -9.65 43.82 0.59
C ARG D 313 -10.53 42.95 1.44
N ILE D 314 -10.96 41.84 0.85
CA ILE D 314 -11.85 40.92 1.51
C ILE D 314 -11.39 40.65 2.94
N ALA D 315 -10.12 40.30 3.12
CA ALA D 315 -9.61 40.09 4.48
C ALA D 315 -9.59 41.40 5.27
N MET D 316 -9.50 42.52 4.53
CA MET D 316 -9.48 43.85 5.13
C MET D 316 -10.86 44.31 5.61
N VAL D 317 -11.87 43.99 4.82
CA VAL D 317 -13.22 44.41 5.14
C VAL D 317 -13.68 43.66 6.37
N GLN D 318 -13.21 42.44 6.52
CA GLN D 318 -13.59 41.67 7.67
C GLN D 318 -13.18 42.38 8.93
N LEU D 319 -12.01 43.03 8.88
CA LEU D 319 -11.48 43.75 10.03
C LEU D 319 -12.35 44.94 10.48
N SER D 320 -12.46 45.95 9.61
CA SER D 320 -13.50 46.98 9.74
C SER D 320 -14.31 47.05 8.45
N PRO D 321 -15.65 47.01 8.58
CA PRO D 321 -16.54 47.11 7.42
C PRO D 321 -16.14 48.28 6.51
N ALA D 322 -15.76 49.41 7.11
CA ALA D 322 -15.46 50.63 6.34
C ALA D 322 -14.36 50.43 5.28
N ALA D 323 -13.44 49.51 5.54
CA ALA D 323 -12.21 49.29 4.74
C ALA D 323 -12.39 49.02 3.23
N LEU D 324 -13.63 48.84 2.77
CA LEU D 324 -13.89 48.69 1.35
C LEU D 324 -14.05 50.04 0.67
N GLY D 325 -13.17 50.30 -0.30
CA GLY D 325 -13.07 51.63 -0.90
C GLY D 325 -14.26 52.21 -1.65
N ASN D 326 -14.19 53.52 -1.91
CA ASN D 326 -15.17 54.20 -2.78
C ASN D 326 -15.10 53.63 -4.20
N ASP D 327 -13.96 53.04 -4.52
CA ASP D 327 -13.61 52.51 -5.86
C ASP D 327 -14.53 51.37 -6.29
N MET D 328 -14.81 50.50 -5.33
CA MET D 328 -15.42 49.21 -5.59
C MET D 328 -16.93 49.25 -5.78
N ALA D 329 -17.54 50.43 -5.61
CA ALA D 329 -18.99 50.60 -5.71
C ALA D 329 -19.67 49.54 -6.59
N ALA D 330 -19.12 49.30 -7.78
CA ALA D 330 -19.68 48.33 -8.72
C ALA D 330 -19.75 46.90 -8.15
N ILE D 331 -18.66 46.51 -7.48
CA ILE D 331 -18.55 45.20 -6.87
C ILE D 331 -19.15 45.16 -5.47
N GLU D 332 -18.94 46.24 -4.72
CA GLU D 332 -19.06 46.21 -3.26
C GLU D 332 -19.99 45.14 -2.78
N LEU D 333 -21.14 45.03 -3.44
CA LEU D 333 -22.12 43.98 -3.16
C LEU D 333 -21.51 42.58 -3.04
N ARG D 334 -20.75 42.16 -4.06
CA ARG D 334 -20.16 40.82 -4.11
C ARG D 334 -19.03 40.67 -3.13
N MET D 335 -18.35 41.78 -2.88
CA MET D 335 -17.21 41.77 -2.01
C MET D 335 -17.70 41.48 -0.61
N ARG D 336 -18.66 42.27 -0.17
CA ARG D 336 -19.11 42.16 1.20
C ARG D 336 -19.57 40.76 1.50
N GLU D 337 -20.25 40.10 0.56
CA GLU D 337 -20.69 38.74 0.85
C GLU D 337 -19.48 37.85 1.13
N LEU D 338 -18.55 37.83 0.18
CA LEU D 338 -17.33 37.04 0.33
C LEU D 338 -16.71 37.26 1.69
N ALA D 339 -16.71 38.50 2.15
CA ALA D 339 -16.14 38.82 3.44
C ALA D 339 -16.95 38.24 4.59
N ARG D 340 -18.28 38.28 4.48
CA ARG D 340 -19.17 37.80 5.53
C ARG D 340 -19.11 36.28 5.65
N THR D 341 -19.08 35.59 4.51
CA THR D 341 -19.18 34.11 4.43
C THR D 341 -17.93 33.36 4.83
N ILE D 342 -16.82 33.70 4.17
CA ILE D 342 -15.59 32.93 4.26
C ILE D 342 -14.73 33.35 5.44
N PRO D 343 -14.24 32.37 6.21
CA PRO D 343 -13.46 32.69 7.40
C PRO D 343 -12.20 33.44 7.05
N PRO D 344 -11.80 34.44 7.87
CA PRO D 344 -10.53 35.17 7.79
C PRO D 344 -9.45 34.18 7.50
N THR D 345 -9.22 33.36 8.52
CA THR D 345 -8.37 32.19 8.43
C THR D 345 -8.31 31.58 7.02
N ASP D 346 -9.41 31.00 6.58
CA ASP D 346 -9.46 30.33 5.29
C ASP D 346 -9.03 31.24 4.11
N ILE D 347 -9.23 32.54 4.22
CA ILE D 347 -8.88 33.44 3.12
C ILE D 347 -7.37 33.52 3.04
N GLN D 348 -6.75 33.62 4.21
CA GLN D 348 -5.30 33.63 4.27
C GLN D 348 -4.73 32.48 3.45
N LEU D 349 -5.34 31.30 3.56
CA LEU D 349 -4.91 30.15 2.78
C LEU D 349 -5.02 30.45 1.33
N TYR D 350 -6.20 30.85 0.92
CA TYR D 350 -6.43 31.22 -0.47
C TYR D 350 -5.35 32.21 -0.95
N TYR D 351 -5.15 33.31 -0.22
CA TYR D 351 -4.21 34.35 -0.65
C TYR D 351 -2.81 33.79 -0.83
N GLN D 352 -2.35 33.05 0.16
CA GLN D 352 -1.02 32.45 0.10
C GLN D 352 -0.89 31.50 -1.07
N THR D 353 -1.84 30.59 -1.22
CA THR D 353 -1.74 29.64 -2.29
C THR D 353 -1.59 30.33 -3.62
N LEU D 354 -2.26 31.47 -3.79
CA LEU D 354 -2.16 32.24 -5.04
C LEU D 354 -0.83 32.97 -5.17
N LEU D 355 -0.35 33.53 -4.06
CA LEU D 355 0.97 34.22 -4.00
C LEU D 355 2.11 33.30 -4.41
N ILE D 356 2.27 32.26 -3.63
CA ILE D 356 3.10 31.15 -4.04
C ILE D 356 2.94 30.84 -5.52
N GLY D 357 1.73 30.73 -6.04
CA GLY D 357 1.58 30.36 -7.43
C GLY D 357 2.07 31.44 -8.38
N ARG D 358 1.94 32.69 -7.97
CA ARG D 358 2.53 33.78 -8.73
C ARG D 358 4.03 33.64 -8.69
N LYS D 359 4.58 33.40 -7.50
CA LYS D 359 6.02 33.14 -7.39
C LYS D 359 6.38 32.09 -8.41
N GLU D 360 6.07 30.83 -8.14
CA GLU D 360 6.42 29.75 -9.06
C GLU D 360 5.81 29.77 -10.48
N LEU D 361 5.25 30.89 -10.90
CA LEU D 361 4.57 30.93 -12.18
C LEU D 361 5.50 30.69 -13.38
N PRO D 362 6.57 31.49 -13.53
CA PRO D 362 7.33 31.39 -14.77
C PRO D 362 8.06 30.07 -14.89
N TYR D 363 7.99 29.24 -13.87
CA TYR D 363 8.81 28.04 -13.85
C TYR D 363 8.05 26.86 -14.37
N ALA D 364 6.73 26.92 -14.18
CA ALA D 364 5.83 25.91 -14.73
C ALA D 364 5.75 25.98 -16.25
N PRO D 365 5.54 24.81 -16.88
CA PRO D 365 5.60 24.52 -18.30
C PRO D 365 4.95 25.57 -19.24
N ASP D 366 3.72 25.98 -18.93
CA ASP D 366 3.02 27.06 -19.63
C ASP D 366 2.85 28.06 -18.53
N ARG D 367 2.64 29.32 -18.83
CA ARG D 367 2.22 30.21 -17.75
C ARG D 367 0.80 29.79 -17.39
N ARG D 368 0.03 29.45 -18.42
CA ARG D 368 -1.36 29.09 -18.22
C ARG D 368 -1.42 27.98 -17.20
N MET D 369 -0.72 26.88 -17.51
CA MET D 369 -0.72 25.72 -16.63
C MET D 369 -0.41 26.11 -15.18
N GLY D 370 0.62 26.93 -15.03
CA GLY D 370 1.00 27.45 -13.74
C GLY D 370 -0.20 27.99 -13.02
N VAL D 371 -1.02 28.75 -13.74
CA VAL D 371 -2.23 29.27 -13.16
C VAL D 371 -3.25 28.16 -12.84
N GLU D 372 -3.38 27.22 -13.78
CA GLU D 372 -4.38 26.18 -13.67
C GLU D 372 -4.07 25.26 -12.48
N MET D 373 -2.77 25.02 -12.27
CA MET D 373 -2.30 24.19 -11.17
C MET D 373 -2.48 24.97 -9.90
N THR D 374 -2.35 26.29 -9.99
CA THR D 374 -2.45 27.03 -8.77
C THR D 374 -3.89 27.05 -8.34
N LEU D 375 -4.79 27.29 -9.29
CA LEU D 375 -6.19 27.23 -8.95
C LEU D 375 -6.57 25.85 -8.46
N LEU D 376 -6.18 24.81 -9.18
CA LEU D 376 -6.43 23.47 -8.67
C LEU D 376 -5.99 23.35 -7.19
N ARG D 377 -4.70 23.51 -6.89
CA ARG D 377 -4.24 23.35 -5.51
C ARG D 377 -5.17 24.05 -4.55
N ALA D 378 -5.53 25.29 -4.89
CA ALA D 378 -6.42 26.09 -4.03
C ALA D 378 -7.85 25.61 -4.08
N LEU D 379 -8.24 24.99 -5.18
CA LEU D 379 -9.62 24.61 -5.41
C LEU D 379 -10.09 23.84 -4.22
N ALA D 380 -9.45 22.70 -4.00
CA ALA D 380 -9.83 21.76 -2.96
C ALA D 380 -9.37 22.24 -1.59
N PHE D 381 -9.87 23.40 -1.18
CA PHE D 381 -9.66 23.84 0.18
C PHE D 381 -10.99 23.77 0.85
N HIS D 382 -12.04 23.62 0.05
CA HIS D 382 -13.35 24.04 0.54
C HIS D 382 -13.98 23.28 1.71
N PRO D 383 -13.98 21.95 1.64
CA PRO D 383 -14.74 21.60 2.85
C PRO D 383 -13.84 21.16 4.03
N ARG D 384 -14.06 21.80 5.18
CA ARG D 384 -13.18 21.66 6.35
C ARG D 384 -13.19 20.26 7.01
N MET D 385 -14.26 19.96 7.76
CA MET D 385 -14.59 18.64 8.34
C MET D 385 -15.53 18.78 9.54
N MET E 1 15.06 26.99 -40.23
CA MET E 1 14.38 28.26 -40.07
C MET E 1 13.39 28.53 -41.20
N ARG E 2 12.13 28.74 -40.82
CA ARG E 2 11.00 28.84 -41.75
C ARG E 2 10.26 30.15 -41.53
N TRP E 3 9.56 30.65 -42.55
CA TRP E 3 8.78 31.85 -42.35
C TRP E 3 7.33 31.53 -42.42
N TYR E 4 6.65 31.77 -41.29
CA TYR E 4 5.24 31.46 -41.08
C TYR E 4 4.30 32.67 -41.23
N PRO E 5 3.10 32.45 -41.81
CA PRO E 5 2.22 33.50 -42.33
C PRO E 5 1.66 34.44 -41.28
N TRP E 6 1.70 34.03 -40.01
CA TRP E 6 1.21 34.89 -38.94
C TRP E 6 2.25 35.88 -38.45
N LEU E 7 3.31 36.02 -39.25
CA LEU E 7 4.44 36.91 -38.96
C LEU E 7 4.31 38.22 -39.74
N ARG E 8 3.69 38.16 -40.92
CA ARG E 8 3.47 39.33 -41.80
C ARG E 8 3.08 40.59 -41.03
N PRO E 9 2.14 40.49 -40.08
CA PRO E 9 1.67 41.68 -39.34
C PRO E 9 2.68 42.10 -38.32
N ASP E 10 3.08 41.14 -37.51
CA ASP E 10 4.04 41.42 -36.47
C ASP E 10 5.31 42.04 -37.13
N PHE E 11 5.76 41.48 -38.25
CA PHE E 11 6.85 42.06 -39.05
C PHE E 11 6.58 43.48 -39.52
N GLU E 12 5.53 43.66 -40.30
CA GLU E 12 5.20 44.95 -40.88
C GLU E 12 5.17 46.07 -39.86
N LYS E 13 4.52 45.84 -38.72
CA LYS E 13 4.47 46.84 -37.65
C LYS E 13 5.88 47.16 -37.14
N LEU E 14 6.63 46.12 -36.83
CA LEU E 14 8.00 46.30 -36.35
C LEU E 14 8.86 47.07 -37.36
N VAL E 15 8.83 46.62 -38.62
CA VAL E 15 9.66 47.24 -39.64
C VAL E 15 9.32 48.70 -39.77
N ALA E 16 8.05 49.03 -39.61
CA ALA E 16 7.58 50.40 -39.75
C ALA E 16 8.34 51.34 -38.84
N SER E 17 8.43 51.00 -37.56
CA SER E 17 9.21 51.81 -36.63
C SER E 17 10.69 51.96 -37.06
N TYR E 18 11.31 50.85 -37.45
CA TYR E 18 12.67 50.92 -37.97
C TYR E 18 12.73 51.85 -39.15
N GLN E 19 11.80 51.68 -40.10
CA GLN E 19 11.78 52.48 -41.34
C GLN E 19 11.64 53.95 -41.08
N ALA E 20 10.97 54.32 -39.99
CA ALA E 20 10.94 55.72 -39.58
C ALA E 20 12.38 56.19 -39.22
N GLY E 21 13.21 55.23 -38.76
CA GLY E 21 14.56 55.50 -38.26
C GLY E 21 14.52 55.50 -36.74
N ARG E 22 13.28 55.41 -36.24
CA ARG E 22 12.93 55.59 -34.85
C ARG E 22 12.70 54.26 -34.15
N GLY E 23 13.25 53.19 -34.74
CA GLY E 23 13.22 51.88 -34.12
C GLY E 23 14.08 51.87 -32.87
N HIS E 24 13.82 50.90 -31.98
CA HIS E 24 14.53 50.74 -30.69
C HIS E 24 15.66 49.73 -30.82
N HIS E 25 16.78 50.02 -30.18
CA HIS E 25 18.04 49.35 -30.54
C HIS E 25 18.20 48.00 -29.92
N ALA E 26 17.47 47.79 -28.85
CA ALA E 26 17.50 46.51 -28.20
C ALA E 26 16.09 45.94 -28.20
N LEU E 27 15.75 45.18 -29.22
CA LEU E 27 14.46 44.54 -29.20
C LEU E 27 14.61 43.24 -28.47
N LEU E 28 13.56 42.89 -27.74
CA LEU E 28 13.41 41.56 -27.14
C LEU E 28 12.06 40.97 -27.56
N ILE E 29 12.08 39.98 -28.43
CA ILE E 29 10.86 39.33 -28.83
C ILE E 29 10.63 38.17 -27.91
N GLN E 30 9.44 38.06 -27.32
CA GLN E 30 9.10 36.87 -26.54
C GLN E 30 8.14 36.00 -27.30
N ALA E 31 8.52 34.76 -27.47
CA ALA E 31 7.70 33.86 -28.25
C ALA E 31 7.90 32.42 -27.84
N LEU E 32 6.88 31.61 -28.03
CA LEU E 32 7.05 30.20 -27.82
C LEU E 32 7.99 29.71 -28.89
N PRO E 33 8.64 28.59 -28.66
CA PRO E 33 9.39 27.92 -29.71
C PRO E 33 8.46 27.57 -30.86
N GLY E 34 9.03 27.28 -32.02
CA GLY E 34 8.24 26.94 -33.19
C GLY E 34 7.47 28.13 -33.73
N MET E 35 7.26 29.13 -32.89
CA MET E 35 6.52 30.31 -33.28
C MET E 35 7.21 31.11 -34.39
N GLY E 36 8.45 30.72 -34.71
CA GLY E 36 9.21 31.34 -35.78
C GLY E 36 9.66 32.76 -35.48
N ASP E 37 10.18 32.96 -34.27
CA ASP E 37 10.71 34.26 -33.87
C ASP E 37 11.93 34.52 -34.72
N ASP E 38 12.75 33.48 -34.89
CA ASP E 38 14.03 33.64 -35.59
C ASP E 38 13.86 34.27 -36.97
N ALA E 39 12.85 33.81 -37.71
CA ALA E 39 12.55 34.31 -39.05
C ALA E 39 12.09 35.76 -39.06
N LEU E 40 11.45 36.18 -37.97
CA LEU E 40 11.07 37.56 -37.82
C LEU E 40 12.34 38.33 -37.64
N ILE E 41 13.22 37.80 -36.83
CA ILE E 41 14.47 38.48 -36.58
C ILE E 41 15.25 38.53 -37.87
N TYR E 42 15.43 37.39 -38.52
CA TYR E 42 16.19 37.32 -39.75
C TYR E 42 15.66 38.38 -40.71
N ALA E 43 14.36 38.39 -40.91
CA ALA E 43 13.71 39.38 -41.77
C ALA E 43 14.06 40.80 -41.42
N LEU E 44 14.11 41.10 -40.12
CA LEU E 44 14.47 42.44 -39.69
C LEU E 44 15.97 42.68 -39.83
N SER E 45 16.73 41.63 -39.63
CA SER E 45 18.15 41.72 -39.85
C SER E 45 18.40 42.08 -41.33
N ARG E 46 17.96 41.23 -42.25
CA ARG E 46 18.14 41.50 -43.67
C ARG E 46 17.73 42.93 -44.00
N TYR E 47 16.75 43.45 -43.28
CA TYR E 47 16.25 44.79 -43.61
C TYR E 47 17.28 45.83 -43.29
N LEU E 48 17.89 45.68 -42.12
CA LEU E 48 18.87 46.63 -41.64
C LEU E 48 20.19 46.65 -42.44
N LEU E 49 20.78 45.48 -42.65
CA LEU E 49 21.97 45.31 -43.50
C LEU E 49 21.59 45.37 -44.99
N CYS E 50 20.69 46.31 -45.31
CA CYS E 50 20.31 46.56 -46.68
C CYS E 50 20.59 48.02 -47.10
N GLN E 51 21.53 48.17 -48.03
CA GLN E 51 22.03 49.46 -48.53
C GLN E 51 21.15 50.04 -49.64
N GLN E 52 20.31 49.19 -50.23
CA GLN E 52 19.46 49.56 -51.36
C GLN E 52 18.05 48.98 -51.18
N PRO E 53 17.49 49.04 -49.95
CA PRO E 53 16.21 48.34 -49.71
C PRO E 53 15.07 48.75 -50.68
N GLN E 54 14.10 47.83 -50.83
CA GLN E 54 12.95 48.03 -51.72
C GLN E 54 11.62 48.01 -50.95
N GLY E 55 11.38 49.06 -50.17
CA GLY E 55 10.30 49.09 -49.21
C GLY E 55 10.57 48.24 -47.96
N HIS E 56 9.59 47.40 -47.61
CA HIS E 56 9.69 46.39 -46.52
C HIS E 56 10.72 45.27 -46.81
N LYS E 57 10.99 45.03 -48.10
CA LYS E 57 11.83 43.90 -48.56
C LYS E 57 13.36 44.17 -48.70
N SER E 58 14.12 43.06 -48.75
CA SER E 58 15.55 43.09 -49.11
C SER E 58 15.79 42.66 -50.59
N CYS E 59 16.48 43.52 -51.34
CA CYS E 59 16.77 43.36 -52.78
C CYS E 59 17.32 41.99 -53.25
N GLY E 60 18.40 41.53 -52.63
CA GLY E 60 19.17 40.37 -53.10
C GLY E 60 20.49 40.77 -53.77
N HIS E 61 20.51 41.92 -54.45
CA HIS E 61 21.58 42.26 -55.39
C HIS E 61 22.63 43.30 -54.95
N CYS E 62 22.47 43.92 -53.78
CA CYS E 62 23.52 44.82 -53.23
C CYS E 62 24.63 44.01 -52.56
N ARG E 63 25.83 44.58 -52.50
CA ARG E 63 26.96 43.88 -51.88
C ARG E 63 26.65 43.41 -50.46
N GLY E 64 25.81 44.17 -49.76
CA GLY E 64 25.38 43.83 -48.41
C GLY E 64 24.68 42.49 -48.26
N CYS E 65 23.65 42.25 -49.06
CA CYS E 65 22.79 41.07 -48.91
C CYS E 65 23.39 39.81 -49.52
N GLN E 66 24.19 39.98 -50.57
CA GLN E 66 24.93 38.85 -51.10
C GLN E 66 25.63 38.19 -49.91
N LEU E 67 26.50 38.95 -49.24
CA LEU E 67 27.19 38.52 -48.01
C LEU E 67 26.27 37.87 -46.98
N MET E 68 25.08 38.45 -46.82
CA MET E 68 24.13 38.01 -45.80
C MET E 68 23.48 36.69 -46.19
N GLN E 69 23.28 36.51 -47.50
CA GLN E 69 22.82 35.26 -48.08
C GLN E 69 23.88 34.19 -47.87
N ALA E 70 25.14 34.58 -48.09
CA ALA E 70 26.30 33.69 -47.91
C ALA E 70 26.93 33.71 -46.51
N GLY E 71 26.08 33.64 -45.47
CA GLY E 71 26.53 33.60 -44.09
C GLY E 71 27.36 34.78 -43.60
N THR E 72 28.51 35.00 -44.23
CA THR E 72 29.54 35.91 -43.72
C THR E 72 29.35 37.40 -44.00
N HIS E 73 28.47 38.05 -43.25
CA HIS E 73 28.41 39.50 -43.22
C HIS E 73 29.15 40.00 -42.00
N PRO E 74 30.26 40.71 -42.21
CA PRO E 74 31.22 41.18 -41.21
C PRO E 74 30.60 41.93 -40.04
N ASP E 75 29.36 42.37 -40.19
CA ASP E 75 28.73 43.25 -39.22
C ASP E 75 27.46 42.62 -38.68
N TYR E 76 27.43 41.29 -38.72
CA TYR E 76 26.25 40.54 -38.34
C TYR E 76 26.63 39.45 -37.37
N TYR E 77 26.38 39.68 -36.08
CA TYR E 77 26.89 38.82 -35.04
C TYR E 77 25.78 37.93 -34.51
N THR E 78 26.08 36.64 -34.33
CA THR E 78 25.10 35.69 -33.81
C THR E 78 25.51 35.01 -32.51
N LEU E 79 24.91 35.42 -31.39
CA LEU E 79 25.19 34.79 -30.12
C LEU E 79 24.35 33.56 -29.87
N ALA E 80 24.80 32.41 -30.33
CA ALA E 80 24.17 31.16 -29.96
C ALA E 80 25.13 30.31 -29.15
N PRO E 81 24.67 29.18 -28.63
CA PRO E 81 25.58 28.45 -27.76
C PRO E 81 26.51 27.57 -28.58
N GLU E 82 27.73 27.40 -28.09
CA GLU E 82 28.66 26.49 -28.72
C GLU E 82 27.98 25.20 -29.11
N LYS E 83 28.60 24.46 -30.01
CA LYS E 83 27.94 23.29 -30.58
C LYS E 83 27.50 22.30 -29.50
N GLY E 84 28.49 21.81 -28.76
CA GLY E 84 28.26 20.79 -27.76
C GLY E 84 27.49 21.24 -26.53
N LYS E 85 27.39 22.55 -26.33
CA LYS E 85 26.89 23.03 -25.06
C LYS E 85 25.46 23.59 -25.14
N ASN E 86 24.89 23.97 -24.01
CA ASN E 86 23.52 24.46 -24.04
C ASN E 86 23.40 25.76 -23.28
N THR E 87 24.55 26.33 -22.93
CA THR E 87 24.59 27.69 -22.36
C THR E 87 25.34 28.67 -23.26
N LEU E 88 25.29 29.93 -22.93
CA LEU E 88 25.78 30.93 -23.86
C LEU E 88 26.74 31.84 -23.12
N GLY E 89 28.03 31.53 -23.26
CA GLY E 89 29.07 31.97 -22.35
C GLY E 89 29.51 33.41 -22.42
N VAL E 90 30.14 33.92 -21.36
CA VAL E 90 30.45 35.34 -21.29
C VAL E 90 31.49 35.67 -22.29
N ASP E 91 32.49 34.80 -22.39
CA ASP E 91 33.60 35.09 -23.28
C ASP E 91 33.02 35.41 -24.67
N ALA E 92 32.13 34.56 -25.14
CA ALA E 92 31.49 34.79 -26.44
C ALA E 92 30.69 36.09 -26.56
N VAL E 93 30.15 36.62 -25.46
CA VAL E 93 29.45 37.89 -25.53
C VAL E 93 30.45 39.00 -25.57
N ARG E 94 31.62 38.78 -24.97
CA ARG E 94 32.59 39.85 -24.86
C ARG E 94 33.29 40.10 -26.19
N GLU E 95 33.34 39.10 -27.05
CA GLU E 95 33.94 39.29 -28.35
C GLU E 95 33.07 40.18 -29.14
N VAL E 96 31.78 39.94 -29.03
CA VAL E 96 30.78 40.74 -29.72
C VAL E 96 30.73 42.14 -29.16
N THR E 97 30.71 42.30 -27.84
CA THR E 97 30.77 43.63 -27.28
C THR E 97 32.03 44.37 -27.73
N GLU E 98 33.17 43.68 -27.82
CA GLU E 98 34.42 44.30 -28.30
C GLU E 98 34.33 44.72 -29.76
N LYS E 99 34.19 43.74 -30.65
CA LYS E 99 34.11 44.04 -32.07
C LYS E 99 33.16 45.17 -32.40
N LEU E 100 32.13 45.33 -31.58
CA LEU E 100 31.07 46.28 -31.91
C LEU E 100 31.57 47.68 -31.95
N ASN E 101 32.76 47.89 -31.42
CA ASN E 101 33.27 49.25 -31.31
C ASN E 101 34.03 49.69 -32.55
N GLU E 102 34.86 48.79 -33.06
CA GLU E 102 35.40 48.94 -34.40
C GLU E 102 34.28 49.44 -35.31
N HIS E 103 34.53 50.53 -36.02
CA HIS E 103 33.60 51.06 -37.02
C HIS E 103 33.21 49.92 -37.94
N ALA E 104 31.91 49.72 -38.14
CA ALA E 104 31.38 48.67 -39.03
C ALA E 104 32.31 48.28 -40.19
N ARG E 105 32.70 47.00 -40.25
CA ARG E 105 33.68 46.53 -41.24
C ARG E 105 33.23 46.60 -42.68
N LEU E 106 31.93 46.80 -42.90
CA LEU E 106 31.40 47.01 -44.25
C LEU E 106 30.79 48.41 -44.40
N GLY E 107 30.79 49.17 -43.31
CA GLY E 107 30.23 50.51 -43.33
C GLY E 107 28.71 50.58 -43.36
N GLY E 108 28.04 49.46 -43.04
CA GLY E 108 26.61 49.46 -42.79
C GLY E 108 26.39 49.37 -41.29
N ALA E 109 25.15 49.27 -40.87
CA ALA E 109 24.89 49.06 -39.45
C ALA E 109 25.39 47.69 -39.02
N LYS E 110 25.44 47.49 -37.72
CA LYS E 110 25.80 46.20 -37.16
C LYS E 110 24.60 45.66 -36.40
N VAL E 111 24.26 44.39 -36.62
CA VAL E 111 23.17 43.76 -35.89
C VAL E 111 23.66 42.54 -35.13
N VAL E 112 23.28 42.47 -33.87
CA VAL E 112 23.64 41.35 -33.03
C VAL E 112 22.37 40.63 -32.60
N TRP E 113 22.31 39.33 -32.87
CA TRP E 113 21.14 38.51 -32.61
C TRP E 113 21.46 37.49 -31.56
N VAL E 114 20.85 37.63 -30.38
CA VAL E 114 20.98 36.63 -29.36
C VAL E 114 19.80 35.69 -29.50
N THR E 115 20.09 34.44 -29.87
CA THR E 115 19.07 33.50 -30.26
C THR E 115 18.15 33.20 -29.11
N ASP E 116 18.70 33.07 -27.92
CA ASP E 116 17.86 32.77 -26.76
C ASP E 116 18.46 33.27 -25.46
N ALA E 117 18.00 34.44 -25.05
CA ALA E 117 18.52 35.11 -23.87
C ALA E 117 18.39 34.26 -22.65
N ALA E 118 17.50 33.28 -22.77
CA ALA E 118 17.29 32.33 -21.70
C ALA E 118 18.61 31.66 -21.43
N LEU E 119 19.38 31.48 -22.47
CA LEU E 119 20.64 30.72 -22.39
C LEU E 119 21.92 31.51 -21.97
N LEU E 120 21.83 32.83 -21.88
CA LEU E 120 22.92 33.63 -21.35
C LEU E 120 23.27 33.16 -19.96
N THR E 121 24.55 33.09 -19.61
CA THR E 121 24.99 32.83 -18.25
C THR E 121 24.71 34.04 -17.36
N ASP E 122 24.95 33.96 -16.05
CA ASP E 122 24.84 35.16 -15.24
C ASP E 122 25.89 36.18 -15.70
N ALA E 123 27.12 35.71 -15.87
CA ALA E 123 28.24 36.58 -16.22
C ALA E 123 28.01 37.10 -17.61
N ALA E 124 27.46 36.23 -18.45
CA ALA E 124 27.21 36.55 -19.84
C ALA E 124 26.07 37.56 -19.98
N ALA E 125 25.08 37.45 -19.13
CA ALA E 125 23.97 38.38 -19.17
C ALA E 125 24.50 39.74 -18.80
N ASN E 126 25.21 39.83 -17.67
CA ASN E 126 25.63 41.14 -17.20
C ASN E 126 26.59 41.74 -18.18
N ALA E 127 27.44 40.92 -18.76
CA ALA E 127 28.42 41.43 -19.71
C ALA E 127 27.71 42.30 -20.74
N LEU E 128 26.55 41.83 -21.12
CA LEU E 128 25.75 42.45 -22.17
C LEU E 128 25.08 43.76 -21.74
N LEU E 129 25.09 44.06 -20.44
CA LEU E 129 24.24 45.13 -19.93
C LEU E 129 24.59 46.48 -20.49
N LYS E 130 25.86 46.85 -20.38
CA LYS E 130 26.22 48.21 -20.71
C LYS E 130 26.23 48.46 -22.20
N THR E 131 26.69 47.49 -22.98
CA THR E 131 26.60 47.64 -24.43
C THR E 131 25.13 47.73 -24.86
N LEU E 132 24.24 47.12 -24.09
CA LEU E 132 22.84 47.06 -24.49
C LEU E 132 22.17 48.36 -24.17
N GLU E 133 22.44 48.91 -22.99
CA GLU E 133 21.84 50.17 -22.62
C GLU E 133 22.17 51.28 -23.62
N GLU E 134 23.45 51.39 -24.00
CA GLU E 134 23.89 52.39 -24.96
C GLU E 134 24.99 51.87 -25.86
N PRO E 135 24.59 51.28 -26.98
CA PRO E 135 25.55 50.68 -27.89
C PRO E 135 26.05 51.71 -28.88
N PRO E 136 27.18 51.43 -29.53
CA PRO E 136 27.69 52.37 -30.52
C PRO E 136 26.55 52.72 -31.45
N ALA E 137 26.78 53.66 -32.36
CA ALA E 137 25.75 54.09 -33.31
C ALA E 137 25.38 53.03 -34.36
N GLU E 138 24.19 53.17 -34.94
CA GLU E 138 23.72 52.27 -35.99
C GLU E 138 23.98 50.81 -35.62
N THR E 139 23.71 50.47 -34.37
CA THR E 139 23.82 49.10 -33.95
C THR E 139 22.47 48.63 -33.45
N TRP E 140 22.07 47.44 -33.86
CA TRP E 140 20.77 46.95 -33.53
C TRP E 140 20.83 45.54 -32.95
N PHE E 141 20.19 45.39 -31.79
CA PHE E 141 20.11 44.11 -31.07
C PHE E 141 18.74 43.42 -31.17
N PHE E 142 18.80 42.10 -31.27
CA PHE E 142 17.61 41.27 -31.27
C PHE E 142 17.83 40.11 -30.33
N LEU E 143 16.87 39.93 -29.42
CA LEU E 143 16.91 38.91 -28.39
C LEU E 143 15.56 38.19 -28.33
N ALA E 144 15.57 36.88 -28.09
CA ALA E 144 14.31 36.14 -28.04
C ALA E 144 14.31 35.21 -26.85
N THR E 145 13.17 35.09 -26.17
CA THR E 145 12.97 34.06 -25.13
C THR E 145 11.56 33.61 -25.09
N ARG E 146 11.37 32.52 -24.32
CA ARG E 146 10.06 32.02 -23.95
C ARG E 146 9.51 32.92 -22.88
N GLU E 147 10.31 33.14 -21.85
CA GLU E 147 9.78 33.79 -20.67
C GLU E 147 10.61 34.94 -20.15
N PRO E 148 10.32 36.16 -20.59
CA PRO E 148 11.05 37.30 -20.04
C PRO E 148 11.27 37.26 -18.54
N GLU E 149 10.33 36.77 -17.72
CA GLU E 149 10.49 36.90 -16.27
C GLU E 149 11.66 36.06 -15.74
N ARG E 150 12.08 35.09 -16.54
CA ARG E 150 13.23 34.23 -16.23
C ARG E 150 14.54 34.90 -16.62
N LEU E 151 14.44 36.16 -17.03
CA LEU E 151 15.54 36.90 -17.62
C LEU E 151 16.01 37.89 -16.60
N LEU E 152 17.31 38.09 -16.56
CA LEU E 152 17.89 39.04 -15.65
C LEU E 152 17.13 40.37 -15.61
N ALA E 153 16.89 40.80 -14.38
CA ALA E 153 16.22 42.04 -14.03
C ALA E 153 16.54 43.23 -14.93
N THR E 154 17.83 43.57 -14.90
CA THR E 154 18.41 44.76 -15.52
C THR E 154 18.51 44.63 -17.02
N LEU E 155 18.81 43.42 -17.48
CA LEU E 155 18.86 43.16 -18.89
C LEU E 155 17.51 43.53 -19.42
N ARG E 156 16.48 43.37 -18.59
CA ARG E 156 15.16 43.53 -19.13
C ARG E 156 14.77 44.98 -19.34
N SER E 157 15.17 45.85 -18.43
CA SER E 157 14.81 47.27 -18.57
C SER E 157 15.52 48.00 -19.70
N ARG E 158 16.40 47.31 -20.40
CA ARG E 158 17.15 47.96 -21.45
C ARG E 158 16.49 47.61 -22.76
N CYS E 159 15.48 46.74 -22.72
CA CYS E 159 14.80 46.26 -23.94
C CYS E 159 13.42 46.82 -24.22
N ARG E 160 13.05 46.75 -25.50
CA ARG E 160 11.69 46.98 -25.88
C ARG E 160 11.16 45.59 -26.06
N LEU E 161 10.01 45.32 -25.47
CA LEU E 161 9.40 44.01 -25.61
C LEU E 161 8.49 43.92 -26.80
N HIS E 162 8.58 42.81 -27.52
CA HIS E 162 7.57 42.53 -28.53
C HIS E 162 7.06 41.12 -28.38
N TYR E 163 5.77 41.00 -28.08
CA TYR E 163 5.14 39.70 -27.92
C TYR E 163 4.59 39.14 -29.25
N LEU E 164 5.23 38.06 -29.70
CA LEU E 164 4.80 37.32 -30.86
C LEU E 164 3.69 36.34 -30.45
N ALA E 165 2.45 36.79 -30.48
CA ALA E 165 1.38 35.92 -30.02
C ALA E 165 0.93 34.99 -31.14
N PRO E 166 0.63 33.73 -30.79
CA PRO E 166 0.26 32.67 -31.71
C PRO E 166 -1.14 32.88 -32.22
N PRO E 167 -1.41 32.39 -33.42
CA PRO E 167 -2.69 32.60 -34.08
C PRO E 167 -3.77 31.91 -33.29
N PRO E 168 -5.04 32.28 -33.53
CA PRO E 168 -6.17 31.52 -33.01
C PRO E 168 -6.06 30.00 -33.30
N GLU E 169 -6.38 29.16 -32.32
CA GLU E 169 -6.29 27.72 -32.50
C GLU E 169 -6.93 27.28 -33.76
N GLN E 170 -8.09 27.85 -34.07
CA GLN E 170 -8.81 27.45 -35.26
C GLN E 170 -7.92 27.53 -36.46
N TYR E 171 -7.22 28.66 -36.61
CA TYR E 171 -6.27 28.94 -37.70
C TYR E 171 -5.15 27.93 -37.73
N ALA E 172 -4.64 27.67 -36.52
CA ALA E 172 -3.49 26.80 -36.30
C ALA E 172 -3.82 25.40 -36.75
N VAL E 173 -5.03 24.97 -36.47
CA VAL E 173 -5.39 23.62 -36.80
C VAL E 173 -5.44 23.57 -38.27
N THR E 174 -6.05 24.59 -38.86
CA THR E 174 -6.18 24.66 -40.30
C THR E 174 -4.80 24.68 -40.98
N TRP E 175 -3.87 25.50 -40.46
CA TRP E 175 -2.49 25.44 -40.93
C TRP E 175 -2.03 24.00 -40.96
N LEU E 176 -2.03 23.38 -39.79
CA LEU E 176 -1.49 22.05 -39.60
C LEU E 176 -2.08 21.05 -40.57
N SER E 177 -3.40 21.05 -40.70
CA SER E 177 -4.11 20.05 -41.50
C SER E 177 -3.58 20.07 -42.92
N ARG E 178 -2.81 21.10 -43.23
CA ARG E 178 -2.29 21.25 -44.58
C ARG E 178 -0.91 20.64 -44.67
N GLU E 179 -0.17 20.71 -43.56
CA GLU E 179 1.24 20.29 -43.45
C GLU E 179 1.41 18.82 -43.08
N VAL E 180 0.41 18.28 -42.39
CA VAL E 180 0.37 16.88 -42.02
C VAL E 180 -1.01 16.35 -42.27
N THR E 181 -1.10 15.02 -42.34
CA THR E 181 -2.37 14.31 -42.42
C THR E 181 -2.64 13.54 -41.12
N MET E 182 -3.29 14.20 -40.18
CA MET E 182 -3.55 13.66 -38.85
C MET E 182 -5.01 13.85 -38.48
N SER E 183 -5.46 13.18 -37.42
CA SER E 183 -6.85 13.32 -37.03
C SER E 183 -6.97 14.69 -36.41
N GLN E 184 -8.06 15.39 -36.70
CA GLN E 184 -8.31 16.70 -36.10
C GLN E 184 -8.06 16.68 -34.59
N ASP E 185 -8.31 15.54 -33.97
CA ASP E 185 -8.11 15.38 -32.53
C ASP E 185 -6.63 15.57 -32.22
N ALA E 186 -5.81 14.75 -32.87
CA ALA E 186 -4.35 14.77 -32.78
C ALA E 186 -3.76 16.16 -32.98
N LEU E 187 -4.06 16.79 -34.11
CA LEU E 187 -3.60 18.15 -34.33
C LEU E 187 -3.88 18.96 -33.07
N LEU E 188 -5.16 19.14 -32.77
CA LEU E 188 -5.55 19.99 -31.67
C LEU E 188 -4.81 19.63 -30.38
N ALA E 189 -4.52 18.35 -30.20
CA ALA E 189 -3.74 17.93 -29.04
C ALA E 189 -2.30 18.40 -29.20
N ALA E 190 -1.72 18.12 -30.37
CA ALA E 190 -0.35 18.50 -30.61
C ALA E 190 -0.25 19.98 -30.41
N LEU E 191 -1.15 20.69 -31.04
CA LEU E 191 -1.14 22.13 -30.94
C LEU E 191 -1.24 22.57 -29.51
N ARG E 192 -1.96 21.79 -28.71
CA ARG E 192 -2.29 22.21 -27.35
C ARG E 192 -1.21 21.87 -26.38
N LEU E 193 -0.51 20.79 -26.66
CA LEU E 193 0.70 20.46 -25.93
C LEU E 193 1.71 21.61 -26.02
N SER E 194 1.79 22.21 -27.23
CA SER E 194 2.75 23.26 -27.58
C SER E 194 2.22 24.66 -27.40
N ALA E 195 1.51 24.89 -26.32
CA ALA E 195 1.09 26.21 -25.91
C ALA E 195 0.55 27.05 -27.03
N GLY E 196 0.07 26.40 -28.07
CA GLY E 196 -0.67 27.09 -29.12
C GLY E 196 0.13 27.42 -30.35
N SER E 197 1.44 27.27 -30.29
CA SER E 197 2.26 27.55 -31.48
C SER E 197 2.23 26.44 -32.53
N PRO E 198 1.74 26.77 -33.71
CA PRO E 198 1.74 25.79 -34.79
C PRO E 198 3.16 25.52 -35.00
N GLY E 199 3.50 24.60 -35.89
CA GLY E 199 4.90 24.38 -36.16
C GLY E 199 5.59 23.72 -35.00
N ALA E 200 5.65 24.38 -33.84
CA ALA E 200 6.07 23.72 -32.60
C ALA E 200 5.17 22.51 -32.42
N ALA E 201 3.91 22.71 -32.76
CA ALA E 201 2.99 21.64 -33.02
C ALA E 201 3.55 20.72 -34.08
N LEU E 202 3.62 21.24 -35.31
CA LEU E 202 4.11 20.47 -36.46
C LEU E 202 5.31 19.61 -36.12
N ALA E 203 6.24 20.20 -35.39
CA ALA E 203 7.44 19.52 -34.92
C ALA E 203 7.15 18.11 -34.40
N LEU E 204 6.30 18.04 -33.35
CA LEU E 204 5.94 16.78 -32.71
C LEU E 204 5.67 15.70 -33.76
N PHE E 205 4.97 16.07 -34.81
CA PHE E 205 4.65 15.13 -35.88
C PHE E 205 5.85 14.74 -36.71
N GLN E 206 6.71 15.71 -36.99
CA GLN E 206 7.87 15.53 -37.84
C GLN E 206 8.84 14.54 -37.23
N GLY E 207 9.40 14.91 -36.08
CA GLY E 207 10.38 14.06 -35.40
C GLY E 207 9.95 12.66 -35.05
N ASP E 208 10.88 11.89 -34.48
CA ASP E 208 10.56 10.57 -33.97
C ASP E 208 9.55 10.75 -32.85
N ASN E 209 9.36 12.02 -32.50
CA ASN E 209 8.67 12.46 -31.30
C ASN E 209 7.29 11.88 -31.05
N TRP E 210 6.42 11.97 -32.05
CA TRP E 210 5.02 11.60 -31.85
C TRP E 210 4.91 10.11 -31.57
N GLN E 211 5.59 9.29 -32.36
CA GLN E 211 5.63 7.89 -32.02
C GLN E 211 5.99 7.74 -30.55
N ALA E 212 6.81 8.65 -30.04
CA ALA E 212 7.36 8.51 -28.69
C ALA E 212 6.38 8.89 -27.60
N ARG E 213 5.39 9.71 -27.93
CA ARG E 213 4.33 10.04 -27.00
C ARG E 213 3.38 8.89 -26.97
N GLU E 214 3.12 8.30 -28.13
CA GLU E 214 2.31 7.11 -28.10
C GLU E 214 2.92 6.05 -27.19
N THR E 215 4.25 6.04 -27.07
CA THR E 215 4.89 5.02 -26.22
C THR E 215 4.89 5.37 -24.74
N LEU E 216 4.78 6.66 -24.43
CA LEU E 216 4.63 7.09 -23.06
C LEU E 216 3.24 6.72 -22.73
N CYS E 217 2.33 7.01 -23.64
CA CYS E 217 0.93 6.61 -23.47
C CYS E 217 0.73 5.09 -23.34
N GLN E 218 1.46 4.36 -24.14
CA GLN E 218 1.36 2.92 -24.09
C GLN E 218 1.72 2.51 -22.68
N ALA E 219 2.83 3.01 -22.18
CA ALA E 219 3.41 2.54 -20.93
C ALA E 219 2.68 3.09 -19.74
N LEU E 220 2.07 4.24 -19.92
CA LEU E 220 1.28 4.84 -18.85
C LEU E 220 0.04 4.02 -18.68
N ALA E 221 -0.61 3.75 -19.78
CA ALA E 221 -1.76 2.88 -19.79
C ALA E 221 -1.51 1.69 -18.92
N TYR E 222 -0.27 1.24 -18.78
CA TYR E 222 -0.02 0.08 -17.94
C TYR E 222 0.29 0.48 -16.51
N SER E 223 1.11 1.49 -16.35
CA SER E 223 1.52 1.90 -15.03
C SER E 223 0.32 2.26 -14.18
N VAL E 224 -0.60 3.05 -14.72
CA VAL E 224 -1.73 3.50 -13.92
C VAL E 224 -2.41 2.33 -13.19
N PRO E 225 -3.07 1.44 -13.94
CA PRO E 225 -3.84 0.36 -13.34
C PRO E 225 -2.95 -0.59 -12.54
N SER E 226 -1.69 -0.71 -12.89
CA SER E 226 -0.84 -1.67 -12.21
C SER E 226 -0.11 -1.07 -11.01
N GLY E 227 -0.13 0.25 -10.90
CA GLY E 227 0.62 0.91 -9.85
C GLY E 227 2.13 0.78 -10.02
N ASP E 228 2.57 0.32 -11.18
CA ASP E 228 3.98 0.23 -11.51
C ASP E 228 4.42 1.45 -12.31
N TRP E 229 4.97 2.46 -11.66
CA TRP E 229 5.40 3.60 -12.43
C TRP E 229 6.87 3.58 -12.80
N TYR E 230 7.70 2.88 -12.03
CA TYR E 230 9.12 2.76 -12.39
C TYR E 230 9.23 2.11 -13.78
N SER E 231 8.16 1.47 -14.21
CA SER E 231 8.03 1.00 -15.58
C SER E 231 8.25 2.14 -16.61
N LEU E 232 7.78 3.33 -16.25
CA LEU E 232 7.90 4.47 -17.13
C LEU E 232 9.32 4.88 -17.46
N LEU E 233 10.28 4.53 -16.59
CA LEU E 233 11.66 4.96 -16.75
C LEU E 233 12.08 4.85 -18.21
N ALA E 234 11.80 3.68 -18.78
CA ALA E 234 12.07 3.45 -20.18
C ALA E 234 11.62 4.63 -21.09
N ALA E 235 10.37 5.05 -20.99
CA ALA E 235 9.82 6.06 -21.92
C ALA E 235 10.22 7.47 -21.57
N LEU E 236 10.54 7.69 -20.31
CA LEU E 236 10.88 9.04 -19.90
C LEU E 236 12.37 9.33 -20.03
N ASN E 237 13.20 8.38 -19.62
CA ASN E 237 14.65 8.58 -19.60
C ASN E 237 15.30 8.62 -20.98
N HIS E 238 15.48 9.84 -21.47
CA HIS E 238 15.90 10.11 -22.83
C HIS E 238 16.31 11.55 -22.81
N GLU E 239 16.97 12.02 -23.86
CA GLU E 239 17.45 13.39 -23.89
C GLU E 239 16.30 14.40 -23.77
N GLN E 240 15.24 14.12 -24.51
CA GLN E 240 14.05 14.98 -24.58
C GLN E 240 13.15 14.85 -23.34
N ALA E 241 13.71 14.33 -22.25
CA ALA E 241 12.94 14.07 -21.05
C ALA E 241 12.09 15.24 -20.59
N PRO E 242 12.61 16.47 -20.61
CA PRO E 242 11.80 17.52 -19.99
C PRO E 242 10.58 17.77 -20.83
N ALA E 243 10.67 17.33 -22.06
CA ALA E 243 9.59 17.50 -22.99
C ALA E 243 8.55 16.41 -22.76
N ARG E 244 9.03 15.19 -22.55
CA ARG E 244 8.15 14.06 -22.34
C ARG E 244 7.51 14.13 -20.98
N LEU E 245 8.21 14.68 -20.02
CA LEU E 245 7.60 14.89 -18.73
C LEU E 245 6.44 15.84 -18.89
N HIS E 246 6.65 16.92 -19.61
CA HIS E 246 5.59 17.88 -19.79
C HIS E 246 4.34 17.21 -20.32
N TRP E 247 4.52 16.26 -21.23
CA TRP E 247 3.41 15.48 -21.73
C TRP E 247 2.68 14.77 -20.58
N LEU E 248 3.47 14.13 -19.73
CA LEU E 248 2.93 13.32 -18.65
C LEU E 248 2.20 14.19 -17.66
N ALA E 249 2.65 15.42 -17.53
CA ALA E 249 2.05 16.33 -16.58
C ALA E 249 0.75 16.86 -17.14
N THR E 250 0.71 17.06 -18.45
CA THR E 250 -0.53 17.50 -19.08
C THR E 250 -1.55 16.39 -19.01
N LEU E 251 -1.13 15.14 -19.13
CA LEU E 251 -2.06 14.04 -18.95
C LEU E 251 -2.62 14.08 -17.51
N LEU E 252 -1.72 14.21 -16.57
CA LEU E 252 -2.12 14.33 -15.19
C LEU E 252 -3.08 15.46 -15.00
N MET E 253 -2.86 16.57 -15.65
CA MET E 253 -3.74 17.67 -15.35
C MET E 253 -5.12 17.49 -15.95
N ASP E 254 -5.18 16.85 -17.09
CA ASP E 254 -6.45 16.69 -17.75
C ASP E 254 -7.30 15.83 -16.89
N ALA E 255 -6.66 14.84 -16.28
CA ALA E 255 -7.35 13.97 -15.33
C ALA E 255 -7.93 14.85 -14.26
N LEU E 256 -7.07 15.56 -13.57
CA LEU E 256 -7.52 16.49 -12.56
C LEU E 256 -8.62 17.41 -13.07
N LYS E 257 -8.60 17.78 -14.34
CA LYS E 257 -9.66 18.65 -14.85
C LYS E 257 -10.98 17.89 -14.99
N ARG E 258 -10.89 16.62 -15.33
CA ARG E 258 -12.08 15.82 -15.40
C ARG E 258 -12.68 15.68 -14.02
N HIS E 259 -11.86 15.57 -12.97
CA HIS E 259 -12.43 15.39 -11.64
C HIS E 259 -13.25 16.58 -11.27
N HIS E 260 -13.08 17.62 -12.09
CA HIS E 260 -13.88 18.83 -11.98
C HIS E 260 -14.82 19.05 -13.16
N GLY E 261 -14.83 18.11 -14.10
CA GLY E 261 -15.76 18.13 -15.22
C GLY E 261 -15.52 19.33 -16.09
N ALA E 262 -14.26 19.67 -16.26
CA ALA E 262 -13.85 20.83 -17.05
C ALA E 262 -14.08 20.59 -18.54
N ALA E 263 -14.16 21.67 -19.33
CA ALA E 263 -14.48 21.58 -20.76
C ALA E 263 -13.27 21.22 -21.67
N GLN E 264 -12.24 22.07 -21.69
CA GLN E 264 -11.03 21.77 -22.44
C GLN E 264 -10.20 20.85 -21.62
N VAL E 265 -9.73 19.77 -22.24
CA VAL E 265 -8.51 19.11 -21.77
C VAL E 265 -7.45 19.36 -22.82
N THR E 266 -6.21 19.11 -22.46
CA THR E 266 -5.12 19.25 -23.40
C THR E 266 -4.98 18.04 -24.34
N ASN E 267 -4.91 16.82 -23.82
CA ASN E 267 -4.72 15.70 -24.73
C ASN E 267 -6.00 15.17 -25.32
N VAL E 268 -6.69 16.04 -26.05
CA VAL E 268 -7.90 15.70 -26.81
C VAL E 268 -7.85 14.37 -27.57
N ASP E 269 -6.66 13.88 -27.89
CA ASP E 269 -6.54 12.70 -28.74
C ASP E 269 -6.60 11.36 -28.02
N VAL E 270 -6.34 11.34 -26.72
CA VAL E 270 -6.45 10.09 -25.97
C VAL E 270 -7.30 10.23 -24.74
N PRO E 271 -8.61 10.31 -24.90
CA PRO E 271 -9.43 10.63 -23.73
C PRO E 271 -9.64 9.35 -22.94
N GLY E 272 -9.17 8.24 -23.49
CA GLY E 272 -9.14 7.00 -22.75
C GLY E 272 -8.09 7.06 -21.66
N LEU E 273 -6.90 7.52 -21.98
CA LEU E 273 -5.84 7.55 -21.00
C LEU E 273 -6.25 8.56 -19.97
N VAL E 274 -6.83 9.68 -20.40
CA VAL E 274 -7.22 10.73 -19.47
C VAL E 274 -8.20 10.16 -18.51
N ALA E 275 -9.11 9.34 -19.00
CA ALA E 275 -10.05 8.75 -18.10
C ALA E 275 -9.37 7.78 -17.13
N GLU E 276 -8.71 6.75 -17.63
CA GLU E 276 -8.22 5.75 -16.70
C GLU E 276 -7.41 6.40 -15.61
N LEU E 277 -6.92 7.59 -15.86
CA LEU E 277 -6.18 8.34 -14.84
C LEU E 277 -7.11 8.94 -13.83
N ALA E 278 -8.24 9.47 -14.28
CA ALA E 278 -9.23 9.98 -13.32
C ALA E 278 -9.86 8.85 -12.52
N ASN E 279 -9.74 7.62 -13.02
CA ASN E 279 -10.39 6.52 -12.35
C ASN E 279 -9.56 5.84 -11.29
N HIS E 280 -8.30 5.57 -11.53
CA HIS E 280 -7.56 4.87 -10.52
C HIS E 280 -6.65 5.79 -9.72
N LEU E 281 -6.81 7.10 -9.86
CA LEU E 281 -6.04 8.00 -8.98
C LEU E 281 -6.89 9.07 -8.38
N SER E 282 -6.89 9.10 -7.06
CA SER E 282 -7.58 10.14 -6.33
C SER E 282 -6.96 11.43 -6.74
N PRO E 283 -7.77 12.48 -6.79
CA PRO E 283 -7.35 13.85 -7.05
C PRO E 283 -6.15 14.21 -6.20
N SER E 284 -6.18 13.77 -4.94
CA SER E 284 -5.10 14.14 -4.03
C SER E 284 -3.78 13.72 -4.65
N ARG E 285 -3.73 12.49 -5.13
CA ARG E 285 -2.51 11.98 -5.68
C ARG E 285 -2.33 12.51 -7.09
N LEU E 286 -3.40 12.61 -7.87
CA LEU E 286 -3.23 13.16 -9.21
C LEU E 286 -2.41 14.42 -9.07
N GLN E 287 -2.81 15.28 -8.16
CA GLN E 287 -2.19 16.59 -8.05
C GLN E 287 -0.81 16.62 -7.40
N ALA E 288 -0.59 15.76 -6.42
CA ALA E 288 0.71 15.69 -5.77
C ALA E 288 1.74 15.20 -6.77
N ILE E 289 1.35 14.28 -7.65
CA ILE E 289 2.25 13.76 -8.66
C ILE E 289 2.45 14.79 -9.76
N LEU E 290 1.38 15.44 -10.16
CA LEU E 290 1.53 16.47 -11.16
C LEU E 290 2.62 17.38 -10.65
N GLY E 291 2.54 17.67 -9.35
CA GLY E 291 3.52 18.51 -8.70
C GLY E 291 4.96 18.09 -8.89
N ASP E 292 5.31 16.89 -8.45
CA ASP E 292 6.69 16.43 -8.59
C ASP E 292 7.08 16.27 -10.02
N VAL E 293 6.15 15.83 -10.85
CA VAL E 293 6.50 15.75 -12.26
C VAL E 293 7.02 17.10 -12.76
N CYS E 294 6.24 18.16 -12.57
CA CYS E 294 6.66 19.48 -13.02
C CYS E 294 7.96 19.90 -12.41
N HIS E 295 8.15 19.58 -11.13
CA HIS E 295 9.28 20.11 -10.40
C HIS E 295 10.58 19.47 -10.81
N ILE E 296 10.57 18.15 -10.92
CA ILE E 296 11.70 17.41 -11.44
C ILE E 296 12.01 17.88 -12.85
N ARG E 297 11.00 18.36 -13.56
CA ARG E 297 11.25 18.82 -14.91
C ARG E 297 12.12 20.04 -14.82
N GLU E 298 11.71 21.00 -14.03
CA GLU E 298 12.53 22.19 -13.87
C GLU E 298 13.98 21.79 -13.70
N GLN E 299 14.25 20.95 -12.71
CA GLN E 299 15.62 20.62 -12.36
C GLN E 299 16.29 19.96 -13.53
N LEU E 300 15.60 19.06 -14.20
CA LEU E 300 16.21 18.48 -15.38
C LEU E 300 16.67 19.52 -16.35
N MET E 301 16.00 20.67 -16.35
CA MET E 301 16.31 21.73 -17.29
C MET E 301 17.15 22.81 -16.69
N SER E 302 17.14 22.98 -15.38
CA SER E 302 17.84 24.14 -14.85
C SER E 302 19.17 23.78 -14.20
N VAL E 303 19.31 22.53 -13.76
CA VAL E 303 20.56 22.12 -13.13
C VAL E 303 21.52 21.62 -14.19
N THR E 304 22.67 22.27 -14.24
CA THR E 304 23.64 21.99 -15.27
C THR E 304 24.34 20.68 -14.99
N GLY E 305 24.13 19.73 -15.90
CA GLY E 305 24.76 18.42 -15.82
C GLY E 305 24.13 17.35 -14.93
N ILE E 306 23.06 17.71 -14.25
CA ILE E 306 22.40 16.79 -13.35
C ILE E 306 22.10 15.48 -14.04
N ASN E 307 22.21 14.38 -13.31
CA ASN E 307 21.99 13.06 -13.89
C ASN E 307 20.52 12.68 -14.07
N ARG E 308 20.11 12.51 -15.32
CA ARG E 308 18.73 12.25 -15.67
C ARG E 308 18.20 10.97 -15.07
N GLU E 309 18.91 9.89 -15.37
CA GLU E 309 18.51 8.60 -14.84
C GLU E 309 18.30 8.68 -13.36
N LEU E 310 19.28 9.19 -12.62
CA LEU E 310 19.08 9.27 -11.18
C LEU E 310 17.83 10.09 -10.82
N LEU E 311 17.68 11.29 -11.37
CA LEU E 311 16.50 12.05 -10.99
C LEU E 311 15.19 11.39 -11.35
N ILE E 312 15.04 10.96 -12.59
CA ILE E 312 13.78 10.38 -13.04
C ILE E 312 13.47 9.14 -12.26
N THR E 313 14.49 8.30 -12.05
CA THR E 313 14.32 7.08 -11.24
C THR E 313 13.79 7.40 -9.84
N ASP E 314 14.39 8.36 -9.13
CA ASP E 314 13.81 8.85 -7.88
C ASP E 314 12.31 9.21 -8.05
N LEU E 315 12.04 10.15 -8.95
CA LEU E 315 10.67 10.59 -9.18
C LEU E 315 9.69 9.45 -9.33
N LEU E 316 10.11 8.35 -9.95
CA LEU E 316 9.14 7.30 -10.19
C LEU E 316 8.93 6.47 -8.95
N LEU E 317 9.99 6.16 -8.20
CA LEU E 317 9.85 5.36 -6.98
C LEU E 317 9.05 6.13 -5.97
N ARG E 318 9.29 7.42 -5.95
CA ARG E 318 8.66 8.32 -5.03
C ARG E 318 7.18 8.47 -5.34
N ILE E 319 6.82 8.31 -6.60
CA ILE E 319 5.42 8.46 -6.99
C ILE E 319 4.72 7.25 -6.50
N GLU E 320 5.28 6.08 -6.75
CA GLU E 320 4.69 4.88 -6.23
C GLU E 320 4.44 5.02 -4.74
N HIS E 321 5.37 5.66 -4.05
CA HIS E 321 5.19 5.76 -2.62
C HIS E 321 3.96 6.59 -2.33
N TYR E 322 3.77 7.67 -3.08
CA TYR E 322 2.59 8.50 -2.94
C TYR E 322 1.33 7.70 -3.08
N LEU E 323 1.41 6.61 -3.84
CA LEU E 323 0.24 5.81 -4.17
C LEU E 323 -0.22 5.00 -2.98
N GLN E 324 0.72 4.69 -2.09
CA GLN E 324 0.43 4.08 -0.80
C GLN E 324 -0.58 4.90 -0.03
N PRO E 325 -1.43 4.25 0.74
CA PRO E 325 -2.51 5.02 1.37
C PRO E 325 -1.97 5.68 2.62
N GLY E 326 -2.37 6.92 2.88
CA GLY E 326 -2.00 7.59 4.11
C GLY E 326 -0.64 8.27 4.14
N VAL E 327 0.22 7.92 3.19
CA VAL E 327 1.49 8.63 3.00
C VAL E 327 1.25 10.13 2.98
N VAL E 328 2.21 10.89 3.46
CA VAL E 328 2.07 12.33 3.43
C VAL E 328 2.40 12.86 2.02
N LEU E 329 1.53 13.70 1.47
CA LEU E 329 1.78 14.30 0.15
C LEU E 329 2.36 15.72 0.28
N PRO E 330 3.14 16.17 -0.72
CA PRO E 330 3.78 17.50 -0.88
C PRO E 330 2.82 18.68 -0.97
N VAL E 331 3.24 19.85 -0.48
CA VAL E 331 2.46 21.11 -0.56
C VAL E 331 3.40 22.29 -0.78
N PRO E 332 3.37 22.92 -1.98
CA PRO E 332 4.37 23.93 -2.37
C PRO E 332 4.79 25.01 -1.32
N HIS E 333 5.97 25.59 -1.55
CA HIS E 333 6.72 26.29 -0.50
C HIS E 333 7.00 27.80 -0.73
N LEU E 334 7.03 28.55 0.40
CA LEU E 334 7.49 29.97 0.52
C LEU E 334 6.45 31.03 0.10
N MET F 1 -5.65 -27.18 55.74
CA MET F 1 -6.15 -27.89 54.56
C MET F 1 -5.02 -28.54 53.77
N ILE F 2 -4.82 -29.83 54.00
CA ILE F 2 -3.75 -30.57 53.31
C ILE F 2 -4.01 -30.70 51.78
N ARG F 3 -3.27 -29.93 50.98
CA ARG F 3 -3.41 -29.92 49.51
C ARG F 3 -2.60 -31.03 48.78
N LEU F 4 -3.31 -31.88 48.05
CA LEU F 4 -2.71 -33.12 47.53
C LEU F 4 -2.85 -33.35 46.03
N TYR F 5 -1.93 -34.13 45.49
CA TYR F 5 -2.09 -34.68 44.16
C TYR F 5 -2.61 -36.09 44.32
N PRO F 6 -3.48 -36.52 43.39
CA PRO F 6 -4.24 -37.75 43.63
C PRO F 6 -3.31 -38.92 43.95
N GLU F 7 -2.15 -38.95 43.30
CA GLU F 7 -1.13 -39.96 43.60
C GLU F 7 -0.76 -39.96 45.09
N GLN F 8 -0.34 -38.78 45.59
CA GLN F 8 0.03 -38.61 47.00
C GLN F 8 -1.07 -38.93 48.02
N LEU F 9 -2.33 -38.80 47.59
CA LEU F 9 -3.49 -38.95 48.47
C LEU F 9 -3.54 -40.26 49.26
N ARG F 10 -3.24 -41.37 48.58
CA ARG F 10 -3.36 -42.71 49.16
C ARG F 10 -2.64 -42.84 50.51
N ALA F 11 -1.44 -42.25 50.56
CA ALA F 11 -0.60 -42.23 51.77
C ALA F 11 -1.14 -41.31 52.89
N GLN F 12 -1.60 -40.12 52.51
CA GLN F 12 -2.15 -39.16 53.48
C GLN F 12 -3.46 -39.64 54.11
N LEU F 13 -4.21 -40.45 53.37
CA LEU F 13 -5.51 -40.96 53.83
C LEU F 13 -5.36 -42.11 54.82
N ASN F 14 -4.20 -42.76 54.81
CA ASN F 14 -3.91 -43.89 55.70
C ASN F 14 -3.41 -43.39 57.04
N GLU F 15 -2.56 -42.36 56.98
CA GLU F 15 -2.06 -41.70 58.19
C GLU F 15 -3.19 -41.37 59.17
N GLY F 16 -4.15 -40.58 58.70
CA GLY F 16 -5.32 -40.25 59.49
C GLY F 16 -6.43 -39.72 58.62
N LEU F 17 -7.63 -40.29 58.79
CA LEU F 17 -8.77 -39.77 58.08
C LEU F 17 -9.11 -38.40 58.66
N ARG F 18 -9.73 -37.55 57.85
CA ARG F 18 -10.12 -36.22 58.31
C ARG F 18 -11.61 -35.90 58.01
N ALA F 19 -12.17 -34.94 58.73
CA ALA F 19 -13.61 -34.70 58.70
C ALA F 19 -14.11 -34.41 57.28
N ALA F 20 -13.36 -33.58 56.55
CA ALA F 20 -13.75 -33.15 55.20
C ALA F 20 -12.77 -33.61 54.11
N TYR F 21 -13.27 -34.33 53.10
CA TYR F 21 -12.48 -34.66 51.91
C TYR F 21 -12.99 -33.93 50.67
N LEU F 22 -12.16 -33.02 50.16
CA LEU F 22 -12.52 -32.12 49.06
C LEU F 22 -11.91 -32.50 47.70
N LEU F 23 -12.70 -33.19 46.89
CA LEU F 23 -12.26 -33.62 45.57
C LEU F 23 -12.60 -32.58 44.50
N LEU F 24 -11.65 -31.68 44.23
CA LEU F 24 -11.82 -30.65 43.22
C LEU F 24 -11.02 -30.99 41.99
N GLY F 25 -11.58 -30.70 40.83
CA GLY F 25 -10.87 -30.95 39.59
C GLY F 25 -11.77 -31.15 38.41
N ASN F 26 -11.14 -31.41 37.27
CA ASN F 26 -11.83 -31.53 36.02
C ASN F 26 -11.69 -32.92 35.44
N ASP F 27 -10.72 -33.69 35.93
CA ASP F 27 -10.46 -35.00 35.34
C ASP F 27 -11.25 -36.10 36.02
N PRO F 28 -11.91 -36.94 35.22
CA PRO F 28 -12.88 -37.96 35.63
C PRO F 28 -12.22 -39.17 36.24
N LEU F 29 -11.02 -39.49 35.78
CA LEU F 29 -10.28 -40.65 36.29
C LEU F 29 -9.58 -40.38 37.63
N LEU F 30 -9.12 -39.15 37.83
CA LEU F 30 -8.55 -38.75 39.11
C LEU F 30 -9.65 -38.66 40.14
N LEU F 31 -10.80 -38.13 39.72
CA LEU F 31 -11.94 -38.04 40.61
C LEU F 31 -12.42 -39.41 41.12
N GLN F 32 -12.67 -40.38 40.24
CA GLN F 32 -13.16 -41.69 40.69
C GLN F 32 -12.11 -42.38 41.54
N GLU F 33 -10.86 -42.38 41.07
CA GLU F 33 -9.78 -43.08 41.77
C GLU F 33 -9.50 -42.50 43.16
N SER F 34 -9.73 -41.19 43.31
CA SER F 34 -9.58 -40.54 44.60
C SER F 34 -10.83 -40.69 45.49
N GLN F 35 -12.02 -40.65 44.86
CA GLN F 35 -13.30 -40.87 45.54
C GLN F 35 -13.49 -42.31 45.99
N ASP F 36 -12.89 -43.24 45.25
CA ASP F 36 -12.94 -44.67 45.55
C ASP F 36 -11.79 -45.10 46.48
N ALA F 37 -10.74 -44.30 46.50
CA ALA F 37 -9.67 -44.48 47.46
C ALA F 37 -10.16 -44.12 48.87
N VAL F 38 -11.08 -43.17 48.94
CA VAL F 38 -11.67 -42.79 50.22
C VAL F 38 -12.82 -43.70 50.66
N ARG F 39 -13.80 -43.94 49.79
CA ARG F 39 -14.90 -44.90 50.07
C ARG F 39 -14.39 -46.26 50.55
N GLN F 40 -13.22 -46.66 50.04
CA GLN F 40 -12.54 -47.91 50.41
C GLN F 40 -11.96 -47.87 51.85
N VAL F 41 -11.27 -46.78 52.18
CA VAL F 41 -10.68 -46.62 53.51
C VAL F 41 -11.71 -46.17 54.56
N ALA F 42 -12.91 -45.80 54.10
CA ALA F 42 -14.02 -45.48 55.01
C ALA F 42 -14.74 -46.75 55.49
N ALA F 43 -15.11 -47.63 54.57
CA ALA F 43 -15.72 -48.92 54.93
C ALA F 43 -14.79 -49.73 55.84
N ALA F 44 -13.50 -49.73 55.52
CA ALA F 44 -12.48 -50.41 56.32
C ALA F 44 -12.43 -49.92 57.78
N GLN F 45 -12.72 -48.63 57.99
CA GLN F 45 -12.75 -48.07 59.35
C GLN F 45 -14.15 -48.12 59.97
N GLY F 46 -14.97 -49.09 59.51
CA GLY F 46 -16.26 -49.38 60.12
C GLY F 46 -17.44 -48.66 59.52
N PHE F 47 -17.23 -48.08 58.33
CA PHE F 47 -18.28 -47.31 57.65
C PHE F 47 -19.13 -48.20 56.72
N GLU F 48 -20.43 -48.30 57.04
CA GLU F 48 -21.38 -49.01 56.17
C GLU F 48 -22.25 -48.06 55.33
N GLU F 49 -23.11 -47.29 56.01
CA GLU F 49 -24.07 -46.42 55.33
C GLU F 49 -23.36 -45.40 54.43
N HIS F 50 -23.53 -45.54 53.12
CA HIS F 50 -22.91 -44.63 52.15
C HIS F 50 -23.98 -43.88 51.36
N HIS F 51 -24.11 -42.58 51.61
CA HIS F 51 -25.20 -41.80 51.04
C HIS F 51 -24.71 -40.80 50.02
N THR F 52 -25.28 -40.86 48.82
CA THR F 52 -24.90 -39.95 47.74
C THR F 52 -26.03 -38.95 47.43
N PHE F 53 -25.64 -37.76 46.99
CA PHE F 53 -26.55 -36.63 46.79
C PHE F 53 -25.92 -35.81 45.69
N SER F 54 -26.71 -35.40 44.70
CA SER F 54 -26.22 -34.49 43.67
C SER F 54 -26.82 -33.07 43.81
N ILE F 55 -25.96 -32.09 44.13
CA ILE F 55 -26.37 -30.73 44.44
C ILE F 55 -26.51 -29.80 43.22
N ASP F 56 -27.75 -29.60 42.82
CA ASP F 56 -28.09 -28.65 41.76
C ASP F 56 -28.48 -27.32 42.45
N PRO F 57 -28.67 -26.24 41.67
CA PRO F 57 -29.53 -25.18 42.22
C PRO F 57 -30.97 -25.71 42.48
N ASN F 58 -31.25 -26.92 41.98
CA ASN F 58 -32.54 -27.61 42.13
C ASN F 58 -32.84 -28.10 43.56
N THR F 59 -31.85 -28.71 44.21
CA THR F 59 -31.99 -29.13 45.61
C THR F 59 -32.62 -28.03 46.49
N ASP F 60 -33.87 -28.24 46.88
CA ASP F 60 -34.62 -27.28 47.71
C ASP F 60 -33.89 -26.89 49.02
N TRP F 61 -34.60 -26.12 49.85
CA TRP F 61 -34.22 -25.91 51.25
C TRP F 61 -34.83 -27.06 52.10
N ASN F 62 -35.58 -27.94 51.45
CA ASN F 62 -36.13 -29.17 52.05
C ASN F 62 -35.16 -30.36 51.87
N ALA F 63 -34.34 -30.30 50.81
CA ALA F 63 -33.34 -31.31 50.46
C ALA F 63 -31.95 -31.08 51.10
N ILE F 64 -31.70 -29.84 51.56
CA ILE F 64 -30.55 -29.52 52.46
C ILE F 64 -30.93 -29.59 53.96
N PHE F 65 -32.22 -29.66 54.28
CA PHE F 65 -32.70 -29.86 55.67
C PHE F 65 -32.91 -31.34 56.00
N SER F 66 -32.76 -32.20 55.00
CA SER F 66 -32.74 -33.65 55.23
C SER F 66 -31.30 -34.15 55.29
N LEU F 67 -30.36 -33.28 54.90
CA LEU F 67 -28.93 -33.56 54.88
C LEU F 67 -28.21 -33.21 56.19
N CYS F 68 -28.62 -32.09 56.81
CA CYS F 68 -28.11 -31.68 58.12
C CYS F 68 -28.73 -32.49 59.25
N GLN F 69 -29.94 -33.01 58.99
CA GLN F 69 -30.63 -33.98 59.84
C GLN F 69 -30.01 -35.39 59.67
N ALA F 70 -29.34 -35.59 58.53
CA ALA F 70 -28.70 -36.86 58.15
C ALA F 70 -27.67 -37.41 59.17
N MET F 71 -27.05 -36.51 59.93
CA MET F 71 -26.04 -36.94 60.92
C MET F 71 -26.49 -36.77 62.37
N SER F 72 -26.90 -37.88 62.98
CA SER F 72 -27.23 -37.92 64.39
C SER F 72 -26.60 -39.17 65.04
N LEU F 73 -25.92 -38.98 66.17
CA LEU F 73 -25.18 -40.04 66.87
C LEU F 73 -26.02 -40.74 67.99
N PHE F 74 -25.81 -42.04 68.22
CA PHE F 74 -24.75 -42.82 67.59
C PHE F 74 -25.17 -43.72 66.41
N ALA F 75 -24.70 -43.40 65.20
CA ALA F 75 -24.93 -44.25 64.04
C ALA F 75 -23.63 -44.95 63.65
N SER F 76 -23.71 -46.24 63.32
CA SER F 76 -22.58 -46.91 62.69
C SER F 76 -22.14 -46.02 61.52
N ARG F 77 -20.83 -45.74 61.47
CA ARG F 77 -20.23 -44.72 60.60
C ARG F 77 -20.75 -44.64 59.14
N GLN F 78 -21.17 -43.43 58.73
CA GLN F 78 -21.78 -43.21 57.41
C GLN F 78 -21.10 -42.10 56.58
N THR F 79 -20.80 -42.41 55.32
CA THR F 79 -20.10 -41.51 54.39
C THR F 79 -21.06 -40.74 53.45
N LEU F 80 -21.17 -39.43 53.67
CA LEU F 80 -22.02 -38.57 52.83
C LEU F 80 -21.21 -37.92 51.70
N LEU F 81 -21.67 -38.13 50.47
CA LEU F 81 -21.03 -37.57 49.27
C LEU F 81 -21.88 -36.48 48.65
N LEU F 82 -21.26 -35.37 48.25
CA LEU F 82 -21.99 -34.22 47.72
C LEU F 82 -21.45 -33.78 46.36
N LEU F 83 -22.27 -33.91 45.30
CA LEU F 83 -21.87 -33.51 43.94
C LEU F 83 -22.19 -32.04 43.63
N LEU F 84 -21.41 -31.40 42.76
CA LEU F 84 -21.50 -29.95 42.55
C LEU F 84 -22.18 -29.47 41.25
N PRO F 85 -22.68 -28.23 41.26
CA PRO F 85 -23.14 -27.54 40.05
C PRO F 85 -21.93 -27.08 39.24
N GLU F 86 -22.13 -26.80 37.96
CA GLU F 86 -21.06 -26.32 37.11
C GLU F 86 -20.33 -25.13 37.73
N ASN F 87 -21.11 -24.20 38.27
CA ASN F 87 -20.59 -22.96 38.83
C ASN F 87 -19.74 -23.14 40.10
N GLY F 88 -19.91 -24.28 40.76
CA GLY F 88 -19.31 -24.48 42.07
C GLY F 88 -20.28 -24.02 43.14
N PRO F 89 -19.77 -23.43 44.24
CA PRO F 89 -20.63 -22.97 45.34
C PRO F 89 -21.34 -21.61 45.12
N ASN F 90 -22.60 -21.62 44.66
CA ASN F 90 -23.38 -20.38 44.50
C ASN F 90 -23.87 -19.77 45.82
N ALA F 91 -24.25 -18.50 45.81
CA ALA F 91 -24.70 -17.82 47.02
C ALA F 91 -25.78 -18.62 47.78
N ALA F 92 -26.60 -19.37 47.04
CA ALA F 92 -27.68 -20.18 47.63
C ALA F 92 -27.15 -21.38 48.41
N ILE F 93 -26.12 -22.03 47.86
CA ILE F 93 -25.53 -23.23 48.45
C ILE F 93 -24.18 -22.96 49.14
N ASN F 94 -23.62 -21.76 48.95
CA ASN F 94 -22.42 -21.35 49.68
C ASN F 94 -22.77 -21.20 51.17
N GLU F 95 -24.07 -21.04 51.43
CA GLU F 95 -24.68 -20.88 52.77
C GLU F 95 -25.16 -22.19 53.41
N GLN F 96 -25.68 -23.08 52.57
CA GLN F 96 -26.08 -24.44 52.95
C GLN F 96 -24.85 -25.19 53.47
N LEU F 97 -23.71 -24.94 52.82
CA LEU F 97 -22.41 -25.51 53.19
C LEU F 97 -22.01 -25.12 54.62
N LEU F 98 -21.96 -23.81 54.88
CA LEU F 98 -21.76 -23.29 56.23
C LEU F 98 -22.44 -24.17 57.28
N THR F 99 -23.71 -24.55 57.05
CA THR F 99 -24.50 -25.31 58.01
C THR F 99 -23.85 -26.65 58.39
N LEU F 100 -23.10 -27.21 57.45
CA LEU F 100 -22.51 -28.52 57.60
C LEU F 100 -21.11 -28.49 58.23
N THR F 101 -20.38 -27.39 58.03
CA THR F 101 -19.00 -27.24 58.53
C THR F 101 -18.81 -27.48 60.03
N GLY F 102 -19.88 -27.29 60.80
CA GLY F 102 -19.85 -27.47 62.25
C GLY F 102 -20.23 -28.88 62.70
N LEU F 103 -21.07 -29.55 61.91
CA LEU F 103 -21.44 -30.94 62.15
C LEU F 103 -20.33 -31.92 61.68
N LEU F 104 -19.31 -32.15 62.50
CA LEU F 104 -18.18 -33.03 62.14
C LEU F 104 -17.85 -34.08 63.18
N HIS F 105 -18.30 -35.31 62.95
CA HIS F 105 -18.01 -36.41 63.86
C HIS F 105 -16.87 -37.26 63.29
N ASP F 106 -16.47 -38.30 64.02
CA ASP F 106 -15.69 -39.40 63.46
C ASP F 106 -16.67 -40.44 62.87
N ASP F 107 -17.96 -40.25 63.19
CA ASP F 107 -19.07 -41.09 62.72
C ASP F 107 -19.57 -40.71 61.32
N LEU F 108 -19.44 -39.42 60.96
CA LEU F 108 -19.85 -38.94 59.63
C LEU F 108 -18.63 -38.43 58.82
N LEU F 109 -18.43 -39.00 57.64
CA LEU F 109 -17.32 -38.59 56.76
C LEU F 109 -17.78 -37.88 55.48
N LEU F 110 -17.35 -36.63 55.34
CA LEU F 110 -17.70 -35.76 54.21
C LEU F 110 -16.81 -35.91 52.97
N ILE F 111 -17.43 -36.05 51.80
CA ILE F 111 -16.72 -36.09 50.53
C ILE F 111 -17.43 -35.21 49.52
N VAL F 112 -16.64 -34.48 48.75
CA VAL F 112 -17.18 -33.49 47.83
C VAL F 112 -16.50 -33.52 46.48
N ARG F 113 -17.31 -33.62 45.42
CA ARG F 113 -16.80 -33.76 44.05
C ARG F 113 -17.30 -32.65 43.11
N GLY F 114 -16.37 -31.90 42.52
CA GLY F 114 -16.70 -30.83 41.59
C GLY F 114 -15.50 -30.24 40.86
N ASN F 115 -15.75 -29.23 40.05
CA ASN F 115 -14.68 -28.56 39.32
C ASN F 115 -13.78 -27.77 40.27
N LYS F 116 -13.00 -26.87 39.71
CA LYS F 116 -12.23 -25.92 40.50
C LYS F 116 -13.12 -24.70 40.78
N LEU F 117 -12.92 -24.09 41.95
CA LEU F 117 -13.73 -22.94 42.35
C LEU F 117 -13.00 -21.62 42.06
N SER F 118 -13.75 -20.55 41.80
CA SER F 118 -13.15 -19.22 41.70
C SER F 118 -12.54 -18.88 43.07
N LYS F 119 -11.42 -18.18 43.10
CA LYS F 119 -10.71 -17.95 44.37
C LYS F 119 -11.57 -17.41 45.51
N ALA F 120 -12.55 -16.57 45.17
CA ALA F 120 -13.46 -15.96 46.16
C ALA F 120 -14.47 -16.95 46.74
N GLN F 121 -14.92 -17.86 45.87
CA GLN F 121 -15.72 -19.01 46.26
C GLN F 121 -14.95 -19.80 47.31
N GLU F 122 -13.69 -20.09 46.98
CA GLU F 122 -12.74 -20.81 47.83
C GLU F 122 -12.64 -20.17 49.23
N ASN F 123 -12.25 -18.90 49.28
CA ASN F 123 -12.01 -18.21 50.56
C ASN F 123 -13.29 -17.81 51.33
N ALA F 124 -14.45 -18.32 50.91
CA ALA F 124 -15.70 -18.10 51.63
C ALA F 124 -15.65 -18.75 53.03
N ALA F 125 -15.84 -17.94 54.07
CA ALA F 125 -15.68 -18.36 55.46
C ALA F 125 -15.73 -19.87 55.70
N TRP F 126 -16.89 -20.48 55.50
CA TRP F 126 -17.10 -21.91 55.79
C TRP F 126 -15.96 -22.83 55.31
N PHE F 127 -15.44 -22.55 54.12
CA PHE F 127 -14.40 -23.37 53.50
C PHE F 127 -13.12 -23.36 54.34
N THR F 128 -12.67 -22.16 54.72
CA THR F 128 -11.43 -21.96 55.46
C THR F 128 -11.52 -22.34 56.95
N ALA F 129 -12.75 -22.45 57.47
CA ALA F 129 -12.96 -22.97 58.82
C ALA F 129 -12.96 -24.50 58.84
N LEU F 130 -13.43 -25.10 57.75
CA LEU F 130 -13.24 -26.52 57.54
C LEU F 130 -11.75 -26.78 57.47
N ALA F 131 -11.05 -25.85 56.82
CA ALA F 131 -9.65 -25.96 56.39
C ALA F 131 -8.73 -26.96 57.10
N ASN F 132 -8.43 -26.72 58.37
CA ASN F 132 -7.47 -27.58 59.07
C ASN F 132 -7.90 -29.04 59.21
N ARG F 133 -9.22 -29.25 59.25
CA ARG F 133 -9.83 -30.59 59.24
C ARG F 133 -9.74 -31.23 57.86
N SER F 134 -9.88 -30.43 56.81
CA SER F 134 -10.05 -30.96 55.45
C SER F 134 -8.77 -31.28 54.66
N VAL F 135 -8.86 -32.35 53.88
CA VAL F 135 -7.87 -32.73 52.88
C VAL F 135 -8.46 -32.35 51.51
N GLN F 136 -7.65 -31.75 50.62
CA GLN F 136 -8.12 -31.34 49.30
C GLN F 136 -7.25 -31.89 48.18
N VAL F 137 -7.87 -32.51 47.19
CA VAL F 137 -7.12 -33.08 46.10
C VAL F 137 -7.29 -32.29 44.80
N THR F 138 -6.19 -32.14 44.08
CA THR F 138 -6.20 -31.51 42.77
C THR F 138 -6.37 -32.60 41.72
N CYS F 139 -7.49 -32.56 41.00
CA CYS F 139 -7.75 -33.53 39.96
C CYS F 139 -7.82 -32.85 38.59
N GLN F 140 -6.96 -31.87 38.37
CA GLN F 140 -6.78 -31.24 37.07
C GLN F 140 -5.93 -32.17 36.22
N THR F 141 -6.43 -32.54 35.04
CA THR F 141 -5.70 -33.37 34.12
C THR F 141 -4.31 -32.80 33.83
N PRO F 142 -3.37 -33.63 33.38
CA PRO F 142 -2.09 -33.07 32.96
C PRO F 142 -2.17 -32.56 31.54
N GLU F 143 -1.46 -31.48 31.21
CA GLU F 143 -1.35 -31.04 29.83
C GLU F 143 -0.08 -31.58 29.12
N GLN F 144 -0.06 -31.43 27.79
CA GLN F 144 0.93 -32.07 26.92
C GLN F 144 2.31 -32.16 27.55
N ALA F 145 2.62 -31.16 28.36
CA ALA F 145 3.90 -31.07 29.05
C ALA F 145 3.97 -31.92 30.32
N GLN F 146 3.05 -31.70 31.23
CA GLN F 146 3.08 -32.40 32.50
C GLN F 146 2.81 -33.90 32.37
N LEU F 147 2.29 -34.33 31.22
CA LEU F 147 1.72 -35.69 31.11
C LEU F 147 2.69 -36.86 31.17
N PRO F 148 3.60 -36.98 30.21
CA PRO F 148 4.43 -38.18 30.18
C PRO F 148 4.96 -38.53 31.55
N ARG F 149 5.30 -37.52 32.35
CA ARG F 149 5.78 -37.74 33.71
C ARG F 149 4.79 -38.59 34.53
N TRP F 150 3.52 -38.21 34.48
CA TRP F 150 2.46 -38.91 35.20
C TRP F 150 2.18 -40.31 34.64
N VAL F 151 2.43 -40.50 33.35
CA VAL F 151 2.36 -41.82 32.76
C VAL F 151 3.41 -42.74 33.34
N ALA F 152 4.68 -42.35 33.27
CA ALA F 152 5.79 -43.18 33.78
C ALA F 152 5.72 -43.42 35.29
N ALA F 153 5.04 -42.51 35.99
CA ALA F 153 4.85 -42.59 37.45
C ALA F 153 3.83 -43.65 37.81
N ARG F 154 2.71 -43.61 37.11
CA ARG F 154 1.68 -44.62 37.23
C ARG F 154 2.13 -45.94 36.59
N ALA F 155 3.10 -45.86 35.68
CA ALA F 155 3.67 -47.04 35.03
C ALA F 155 4.47 -47.84 36.03
N LYS F 156 5.31 -47.12 36.75
CA LYS F 156 6.14 -47.70 37.78
C LYS F 156 5.31 -48.08 39.02
N GLN F 157 4.10 -47.55 39.16
CA GLN F 157 3.24 -48.02 40.24
C GLN F 157 2.62 -49.37 39.90
N LEU F 158 2.39 -49.61 38.61
CA LEU F 158 1.90 -50.90 38.12
C LEU F 158 3.11 -51.80 37.83
N ASN F 159 4.25 -51.35 38.35
CA ASN F 159 5.58 -51.95 38.16
C ASN F 159 5.96 -52.42 36.75
N LEU F 160 5.19 -52.01 35.75
CA LEU F 160 5.58 -52.26 34.38
C LEU F 160 6.66 -51.23 34.01
N GLU F 161 7.53 -51.57 33.05
CA GLU F 161 8.58 -50.66 32.61
C GLU F 161 8.31 -50.09 31.24
N LEU F 162 8.18 -48.77 31.19
CA LEU F 162 7.88 -48.07 29.95
C LEU F 162 9.11 -47.46 29.27
N ASP F 163 9.20 -47.62 27.95
CA ASP F 163 10.28 -47.00 27.18
C ASP F 163 9.97 -45.53 27.00
N ASP F 164 11.01 -44.71 26.92
CA ASP F 164 10.86 -43.33 26.49
C ASP F 164 9.97 -43.36 25.25
N ALA F 165 10.25 -44.35 24.41
CA ALA F 165 9.61 -44.49 23.12
C ALA F 165 8.11 -44.78 23.24
N ALA F 166 7.74 -45.68 24.15
CA ALA F 166 6.32 -46.05 24.30
C ALA F 166 5.52 -44.99 25.05
N ASN F 167 6.13 -44.37 26.06
CA ASN F 167 5.52 -43.24 26.75
C ASN F 167 5.08 -42.16 25.76
N GLN F 168 5.96 -41.80 24.83
CA GLN F 168 5.62 -40.86 23.77
C GLN F 168 4.34 -41.28 23.05
N VAL F 169 4.23 -42.57 22.76
CA VAL F 169 3.13 -43.08 21.95
C VAL F 169 1.82 -43.17 22.71
N LEU F 170 1.89 -43.49 23.99
CA LEU F 170 0.69 -43.53 24.80
C LEU F 170 0.16 -42.11 24.93
N CYS F 171 1.07 -41.18 25.18
CA CYS F 171 0.69 -39.80 25.44
C CYS F 171 0.05 -39.14 24.24
N TYR F 172 0.47 -39.53 23.04
CA TYR F 172 -0.17 -39.01 21.84
C TYR F 172 -1.60 -39.50 21.79
N CYS F 173 -1.76 -40.80 22.06
CA CYS F 173 -3.02 -41.49 21.84
C CYS F 173 -4.12 -41.26 22.86
N TYR F 174 -3.77 -40.85 24.06
CA TYR F 174 -4.76 -40.76 25.11
C TYR F 174 -4.76 -39.40 25.76
N GLU F 175 -3.90 -38.51 25.27
CA GLU F 175 -3.84 -37.14 25.76
C GLU F 175 -5.25 -36.65 26.06
N GLY F 176 -5.46 -36.06 27.24
CA GLY F 176 -6.75 -35.48 27.61
C GLY F 176 -7.83 -36.44 28.10
N ASN F 177 -7.51 -37.72 28.10
CA ASN F 177 -8.44 -38.75 28.47
C ASN F 177 -7.66 -39.76 29.28
N LEU F 178 -7.41 -39.41 30.54
CA LEU F 178 -6.54 -40.20 31.42
C LEU F 178 -7.06 -41.62 31.61
N LEU F 179 -8.39 -41.74 31.68
CA LEU F 179 -9.07 -43.00 31.96
C LEU F 179 -8.75 -44.06 30.90
N ALA F 180 -8.71 -43.62 29.64
CA ALA F 180 -8.36 -44.51 28.56
C ALA F 180 -6.89 -44.90 28.66
N LEU F 181 -6.07 -43.93 29.06
CA LEU F 181 -4.65 -44.15 29.31
C LEU F 181 -4.45 -45.22 30.37
N ALA F 182 -5.14 -45.07 31.49
CA ALA F 182 -5.02 -46.01 32.60
C ALA F 182 -5.38 -47.41 32.16
N GLN F 183 -6.57 -47.54 31.59
CA GLN F 183 -7.04 -48.82 31.10
C GLN F 183 -6.14 -49.38 29.99
N ALA F 184 -5.43 -48.51 29.32
CA ALA F 184 -4.44 -48.94 28.37
C ALA F 184 -3.34 -49.74 29.09
N LEU F 185 -2.77 -49.13 30.13
CA LEU F 185 -1.75 -49.79 30.93
C LEU F 185 -2.22 -51.15 31.43
N GLU F 186 -3.33 -51.16 32.17
CA GLU F 186 -3.97 -52.40 32.62
C GLU F 186 -4.06 -53.41 31.48
N ARG F 187 -4.54 -52.96 30.31
CA ARG F 187 -4.68 -53.81 29.12
C ARG F 187 -3.33 -54.42 28.67
N LEU F 188 -2.27 -53.64 28.79
CA LEU F 188 -0.93 -54.07 28.39
C LEU F 188 -0.27 -55.05 29.40
N SER F 189 -0.57 -54.88 30.68
CA SER F 189 0.00 -55.75 31.72
C SER F 189 -0.66 -57.11 31.63
N LEU F 190 -1.86 -57.14 31.05
CA LEU F 190 -2.57 -58.39 30.78
C LEU F 190 -2.06 -59.01 29.49
N LEU F 191 -1.60 -58.17 28.58
CA LEU F 191 -1.03 -58.68 27.34
C LEU F 191 0.31 -59.32 27.61
N TRP F 192 1.08 -58.68 28.48
CA TRP F 192 2.42 -59.13 28.79
C TRP F 192 2.72 -59.09 30.29
N PRO F 193 2.86 -60.26 30.91
CA PRO F 193 3.30 -60.32 32.30
C PRO F 193 4.70 -59.72 32.44
N ASP F 194 5.47 -59.76 31.36
CA ASP F 194 6.81 -59.18 31.27
C ASP F 194 6.95 -57.88 32.02
N GLY F 195 5.92 -57.05 31.92
CA GLY F 195 5.98 -55.71 32.45
C GLY F 195 6.69 -54.81 31.45
N LYS F 196 7.58 -55.40 30.65
CA LYS F 196 8.36 -54.59 29.71
C LYS F 196 7.53 -54.21 28.49
N LEU F 197 7.32 -52.92 28.32
CA LEU F 197 6.46 -52.47 27.25
C LEU F 197 7.27 -51.77 26.17
N THR F 198 7.65 -52.54 25.14
CA THR F 198 8.42 -52.03 24.01
C THR F 198 7.61 -51.05 23.18
N LEU F 199 8.26 -50.15 22.45
CA LEU F 199 7.52 -49.32 21.54
C LEU F 199 6.72 -50.16 20.55
N PRO F 200 7.33 -51.20 19.97
CA PRO F 200 6.62 -52.03 18.98
C PRO F 200 5.48 -52.87 19.58
N ARG F 201 5.61 -53.32 20.83
CA ARG F 201 4.52 -54.05 21.50
C ARG F 201 3.32 -53.13 21.72
N VAL F 202 3.60 -52.04 22.44
CA VAL F 202 2.61 -51.03 22.82
C VAL F 202 1.89 -50.44 21.58
N GLU F 203 2.65 -50.27 20.50
CA GLU F 203 2.11 -49.73 19.27
C GLU F 203 0.93 -50.56 18.77
N GLN F 204 0.99 -51.86 18.99
CA GLN F 204 0.03 -52.75 18.37
C GLN F 204 -1.30 -52.83 19.08
N ALA F 205 -1.33 -52.52 20.37
CA ALA F 205 -2.58 -52.64 21.17
C ALA F 205 -3.20 -51.30 21.57
N VAL F 206 -2.81 -50.26 20.84
CA VAL F 206 -3.32 -48.91 21.04
C VAL F 206 -4.44 -48.55 20.03
N ASN F 207 -5.39 -47.74 20.47
CA ASN F 207 -6.38 -47.11 19.60
C ASN F 207 -6.33 -45.59 19.86
N ASP F 208 -6.73 -44.78 18.88
CA ASP F 208 -6.53 -43.33 18.96
C ASP F 208 -7.74 -42.63 19.58
N ALA F 209 -7.63 -42.17 20.82
CA ALA F 209 -8.79 -41.56 21.46
C ALA F 209 -8.48 -40.39 22.39
N ALA F 210 -8.02 -39.27 21.85
CA ALA F 210 -7.67 -38.11 22.66
C ALA F 210 -8.84 -37.13 22.75
N HIS F 211 -8.99 -36.50 23.92
CA HIS F 211 -10.04 -35.51 24.14
C HIS F 211 -9.46 -34.10 24.28
N PHE F 212 -9.79 -33.23 23.33
CA PHE F 212 -9.34 -31.84 23.34
C PHE F 212 -10.48 -30.87 23.56
N THR F 213 -10.12 -29.65 23.96
CA THR F 213 -11.04 -28.55 23.94
C THR F 213 -10.73 -27.75 22.67
N PRO F 214 -11.60 -26.79 22.30
CA PRO F 214 -11.21 -25.96 21.16
C PRO F 214 -9.95 -25.17 21.50
N PHE F 215 -9.77 -24.81 22.76
CA PHE F 215 -8.56 -24.06 23.09
C PHE F 215 -7.30 -24.82 22.70
N HIS F 216 -7.36 -26.15 22.69
CA HIS F 216 -6.21 -26.96 22.31
C HIS F 216 -5.85 -26.71 20.84
N TRP F 217 -6.79 -26.20 20.08
CA TRP F 217 -6.67 -26.08 18.66
C TRP F 217 -6.13 -24.73 18.29
N VAL F 218 -6.69 -23.67 18.89
CA VAL F 218 -6.15 -22.34 18.64
C VAL F 218 -4.71 -22.28 19.15
N ASP F 219 -4.45 -22.90 20.29
CA ASP F 219 -3.09 -22.92 20.78
C ASP F 219 -2.24 -23.59 19.71
N ALA F 220 -2.70 -24.75 19.23
CA ALA F 220 -1.98 -25.47 18.18
C ALA F 220 -1.66 -24.61 16.97
N LEU F 221 -2.67 -23.92 16.44
CA LEU F 221 -2.46 -22.95 15.38
C LEU F 221 -1.46 -21.86 15.82
N LEU F 222 -1.75 -21.16 16.92
CA LEU F 222 -0.87 -20.11 17.41
C LEU F 222 0.61 -20.47 17.35
N MET F 223 0.94 -21.74 17.53
CA MET F 223 2.34 -22.14 17.54
C MET F 223 2.83 -22.65 16.20
N GLY F 224 1.91 -22.83 15.27
CA GLY F 224 2.28 -23.29 13.95
C GLY F 224 2.39 -24.80 13.81
N LYS F 225 2.19 -25.53 14.90
CA LYS F 225 2.18 -27.01 14.82
C LYS F 225 0.89 -27.45 14.13
N SER F 226 1.03 -27.91 12.89
CA SER F 226 -0.15 -28.21 12.08
C SER F 226 -0.56 -29.67 12.15
N LYS F 227 0.41 -30.59 12.14
CA LYS F 227 0.06 -32.01 12.22
C LYS F 227 -0.77 -32.21 13.47
N ARG F 228 -0.52 -31.37 14.48
CA ARG F 228 -1.30 -31.32 15.71
C ARG F 228 -2.67 -30.78 15.39
N ALA F 229 -2.71 -29.58 14.85
CA ALA F 229 -3.98 -28.96 14.51
C ALA F 229 -4.89 -29.96 13.82
N LEU F 230 -4.41 -30.55 12.74
CA LEU F 230 -5.19 -31.55 12.03
C LEU F 230 -5.70 -32.67 12.91
N HIS F 231 -4.85 -33.16 13.82
CA HIS F 231 -5.21 -34.23 14.76
C HIS F 231 -6.36 -33.79 15.68
N ILE F 232 -6.11 -32.70 16.41
CA ILE F 232 -7.13 -32.01 17.20
C ILE F 232 -8.48 -31.82 16.47
N LEU F 233 -8.48 -31.24 15.28
CA LEU F 233 -9.70 -31.22 14.47
C LEU F 233 -10.30 -32.61 14.37
N GLN F 234 -9.69 -33.49 13.59
CA GLN F 234 -10.23 -34.85 13.46
C GLN F 234 -10.81 -35.38 14.76
N GLN F 235 -10.15 -35.15 15.87
CA GLN F 235 -10.70 -35.62 17.14
C GLN F 235 -11.93 -34.81 17.54
N LEU F 236 -11.88 -33.49 17.43
CA LEU F 236 -12.99 -32.63 17.85
C LEU F 236 -14.27 -32.93 17.09
N ARG F 237 -14.12 -33.40 15.87
CA ARG F 237 -15.26 -33.74 15.06
C ARG F 237 -15.84 -34.99 15.68
N LEU F 238 -15.03 -36.03 15.83
CA LEU F 238 -15.52 -37.29 16.34
C LEU F 238 -16.20 -37.23 17.72
N GLU F 239 -15.80 -36.29 18.58
CA GLU F 239 -16.54 -36.05 19.82
C GLU F 239 -17.77 -35.21 19.51
N GLY F 240 -17.90 -34.77 18.26
CA GLY F 240 -19.06 -34.06 17.75
C GLY F 240 -19.27 -32.64 18.26
N SER F 241 -18.22 -31.84 18.29
CA SER F 241 -18.35 -30.49 18.81
C SER F 241 -19.09 -29.62 17.80
N GLU F 242 -19.73 -28.57 18.28
CA GLU F 242 -20.39 -27.65 17.39
C GLU F 242 -19.29 -26.81 16.76
N PRO F 243 -19.25 -26.82 15.43
CA PRO F 243 -18.20 -26.08 14.75
C PRO F 243 -18.32 -24.63 15.11
N VAL F 244 -19.54 -24.12 15.24
CA VAL F 244 -19.69 -22.75 15.67
C VAL F 244 -18.76 -22.45 16.84
N ILE F 245 -18.62 -23.39 17.78
CA ILE F 245 -17.79 -23.13 18.95
C ILE F 245 -16.33 -22.98 18.56
N LEU F 246 -15.90 -23.76 17.57
CA LEU F 246 -14.55 -23.59 17.03
C LEU F 246 -14.41 -22.19 16.43
N LEU F 247 -15.25 -21.88 15.45
CA LEU F 247 -15.23 -20.56 14.84
C LEU F 247 -15.04 -19.44 15.86
N ARG F 248 -15.92 -19.38 16.85
CA ARG F 248 -15.91 -18.26 17.76
C ARG F 248 -14.65 -18.19 18.64
N THR F 249 -14.07 -19.32 18.98
CA THR F 249 -12.89 -19.31 19.82
C THR F 249 -11.65 -19.00 19.00
N LEU F 250 -11.59 -19.48 17.76
CA LEU F 250 -10.50 -19.07 16.88
C LEU F 250 -10.58 -17.57 16.69
N GLN F 251 -11.76 -17.08 16.36
CA GLN F 251 -11.97 -15.66 16.26
C GLN F 251 -11.45 -14.84 17.46
N ARG F 252 -11.78 -15.21 18.68
CA ARG F 252 -11.39 -14.36 19.80
C ARG F 252 -9.90 -14.09 19.71
N GLU F 253 -9.17 -15.03 19.12
CA GLU F 253 -7.73 -14.92 18.99
C GLU F 253 -7.34 -14.21 17.70
N LEU F 254 -7.74 -14.81 16.58
CA LEU F 254 -7.45 -14.30 15.26
C LEU F 254 -7.57 -12.81 15.22
N LEU F 255 -8.69 -12.29 15.72
CA LEU F 255 -8.90 -10.85 15.79
C LEU F 255 -8.00 -10.07 16.76
N LEU F 256 -7.62 -10.69 17.86
CA LEU F 256 -6.60 -10.06 18.68
C LEU F 256 -5.27 -10.01 17.90
N LEU F 257 -4.89 -11.13 17.31
CA LEU F 257 -3.71 -11.14 16.47
C LEU F 257 -3.74 -9.96 15.50
N VAL F 258 -4.81 -9.85 14.73
CA VAL F 258 -4.91 -8.76 13.78
C VAL F 258 -4.61 -7.42 14.44
N ASN F 259 -5.31 -7.14 15.53
CA ASN F 259 -5.17 -5.84 16.16
C ASN F 259 -3.78 -5.62 16.76
N LEU F 260 -3.18 -6.69 17.24
CA LEU F 260 -1.82 -6.60 17.75
C LEU F 260 -0.85 -6.33 16.61
N LYS F 261 -0.84 -7.20 15.60
CA LYS F 261 0.02 -7.02 14.43
C LYS F 261 0.16 -5.55 14.02
N ARG F 262 -0.96 -4.85 13.87
CA ARG F 262 -0.93 -3.43 13.51
C ARG F 262 -0.28 -2.61 14.58
N GLN F 263 -0.83 -2.68 15.78
CA GLN F 263 -0.33 -1.90 16.90
C GLN F 263 1.14 -2.17 17.22
N SER F 264 1.66 -3.29 16.74
CA SER F 264 3.07 -3.67 16.97
C SER F 264 4.05 -2.63 16.41
N ALA F 265 3.81 -2.09 15.22
CA ALA F 265 4.63 -1.03 14.62
C ALA F 265 4.91 0.10 15.62
N HIS F 266 3.83 0.63 16.20
CA HIS F 266 3.87 1.81 17.06
C HIS F 266 4.49 1.57 18.43
N THR F 267 4.00 0.58 19.15
CA THR F 267 4.50 0.30 20.50
C THR F 267 5.14 -1.09 20.65
N PRO F 268 5.94 -1.28 21.73
CA PRO F 268 6.74 -2.50 21.86
C PRO F 268 5.84 -3.67 22.14
N LEU F 269 6.32 -4.88 21.85
CA LEU F 269 5.48 -6.07 21.96
C LEU F 269 4.80 -6.16 23.32
N ARG F 270 5.61 -6.13 24.38
CA ARG F 270 5.17 -6.31 25.76
C ARG F 270 4.11 -5.32 26.24
N ALA F 271 4.27 -4.07 25.83
CA ALA F 271 3.35 -3.01 26.21
C ALA F 271 1.95 -3.38 25.76
N LEU F 272 1.86 -3.92 24.55
CA LEU F 272 0.58 -4.30 23.94
C LEU F 272 -0.02 -5.53 24.60
N PHE F 273 0.83 -6.45 25.05
CA PHE F 273 0.39 -7.61 25.80
C PHE F 273 -0.22 -7.15 27.11
N ASP F 274 0.36 -6.10 27.66
CA ASP F 274 -0.10 -5.53 28.91
C ASP F 274 -1.41 -4.81 28.65
N LYS F 275 -1.39 -3.94 27.64
CA LYS F 275 -2.56 -3.17 27.24
C LYS F 275 -3.77 -4.07 27.25
N HIS F 276 -3.70 -5.15 26.46
CA HIS F 276 -4.83 -6.07 26.25
C HIS F 276 -4.99 -7.16 27.32
N ARG F 277 -4.19 -7.09 28.38
CA ARG F 277 -4.34 -8.03 29.49
C ARG F 277 -4.29 -9.47 28.99
N VAL F 278 -3.27 -9.78 28.19
CA VAL F 278 -3.08 -11.12 27.69
C VAL F 278 -2.52 -12.03 28.80
N TRP F 279 -3.24 -13.13 29.07
CA TRP F 279 -2.82 -14.13 30.07
C TRP F 279 -1.32 -14.35 29.95
N GLN F 280 -0.61 -14.41 31.07
CA GLN F 280 0.84 -14.54 31.03
C GLN F 280 1.38 -15.73 30.23
N ASN F 281 0.90 -16.94 30.51
CA ASN F 281 1.38 -18.11 29.79
C ASN F 281 1.21 -18.00 28.26
N ARG F 282 0.07 -17.44 27.82
CA ARG F 282 -0.20 -17.26 26.39
C ARG F 282 0.84 -16.35 25.73
N ARG F 283 1.26 -15.30 26.43
CA ARG F 283 2.04 -14.22 25.83
C ARG F 283 3.26 -14.67 25.01
N GLY F 284 3.99 -15.67 25.48
CA GLY F 284 5.10 -16.22 24.71
C GLY F 284 4.61 -16.83 23.42
N MET F 285 3.63 -17.72 23.55
CA MET F 285 2.97 -18.38 22.42
C MET F 285 2.41 -17.41 21.36
N MET F 286 1.84 -16.30 21.81
CA MET F 286 1.30 -15.25 20.95
C MET F 286 2.38 -14.58 20.13
N GLY F 287 3.47 -14.22 20.80
CA GLY F 287 4.61 -13.66 20.10
C GLY F 287 4.89 -14.54 18.90
N GLU F 288 5.21 -15.80 19.17
CA GLU F 288 5.57 -16.75 18.13
C GLU F 288 4.65 -16.65 16.92
N ALA F 289 3.35 -16.70 17.19
CA ALA F 289 2.36 -16.54 16.15
C ALA F 289 2.58 -15.24 15.40
N LEU F 290 2.57 -14.14 16.15
CA LEU F 290 2.75 -12.84 15.58
C LEU F 290 3.97 -12.75 14.66
N ASN F 291 5.10 -13.25 15.14
CA ASN F 291 6.34 -13.29 14.38
C ASN F 291 6.26 -14.14 13.13
N ARG F 292 5.33 -15.08 13.11
CA ARG F 292 5.27 -16.00 11.99
C ARG F 292 4.33 -15.55 10.87
N LEU F 293 3.28 -14.83 11.25
CA LEU F 293 2.24 -14.51 10.28
C LEU F 293 2.33 -13.06 9.81
N SER F 294 2.14 -12.87 8.50
CA SER F 294 2.16 -11.54 7.92
C SER F 294 0.85 -10.82 8.21
N GLN F 295 0.92 -9.51 8.28
CA GLN F 295 -0.29 -8.72 8.42
C GLN F 295 -1.34 -9.04 7.33
N THR F 296 -0.89 -9.69 6.24
CA THR F 296 -1.75 -10.10 5.14
C THR F 296 -2.29 -11.49 5.35
N GLN F 297 -1.41 -12.43 5.70
CA GLN F 297 -1.87 -13.76 6.04
C GLN F 297 -2.98 -13.69 7.05
N LEU F 298 -2.88 -12.73 7.97
CA LEU F 298 -3.92 -12.53 8.96
C LEU F 298 -5.16 -12.08 8.26
N ARG F 299 -5.02 -10.99 7.52
CA ARG F 299 -6.09 -10.51 6.66
C ARG F 299 -6.79 -11.63 5.90
N GLN F 300 -6.03 -12.63 5.49
CA GLN F 300 -6.61 -13.74 4.75
C GLN F 300 -7.37 -14.64 5.68
N ALA F 301 -6.69 -15.02 6.75
CA ALA F 301 -7.35 -15.82 7.76
C ALA F 301 -8.71 -15.21 8.04
N VAL F 302 -8.74 -13.96 8.48
CA VAL F 302 -10.00 -13.29 8.79
C VAL F 302 -11.02 -13.44 7.67
N GLN F 303 -10.56 -13.27 6.44
CA GLN F 303 -11.46 -13.39 5.31
C GLN F 303 -12.00 -14.80 5.17
N LEU F 304 -11.10 -15.76 5.23
CA LEU F 304 -11.48 -17.16 5.17
C LEU F 304 -12.41 -17.63 6.34
N LEU F 305 -12.25 -17.01 7.51
CA LEU F 305 -13.06 -17.31 8.67
C LEU F 305 -14.45 -16.77 8.41
N THR F 306 -14.50 -15.66 7.68
CA THR F 306 -15.79 -15.10 7.28
C THR F 306 -16.44 -15.98 6.20
N ARG F 307 -15.68 -16.47 5.24
CA ARG F 307 -16.28 -17.37 4.28
C ARG F 307 -16.96 -18.55 4.95
N THR F 308 -16.34 -19.12 5.97
CA THR F 308 -16.96 -20.31 6.54
C THR F 308 -18.22 -19.99 7.38
N GLU F 309 -18.13 -18.96 8.23
CA GLU F 309 -19.27 -18.51 9.01
C GLU F 309 -20.50 -18.40 8.14
N LEU F 310 -20.38 -17.61 7.08
CA LEU F 310 -21.49 -17.41 6.15
C LEU F 310 -21.95 -18.70 5.53
N THR F 311 -21.01 -19.41 4.92
CA THR F 311 -21.30 -20.75 4.46
C THR F 311 -22.06 -21.57 5.52
N LEU F 312 -21.71 -21.40 6.78
CA LEU F 312 -22.40 -22.14 7.85
C LEU F 312 -23.81 -21.67 8.16
N LYS F 313 -23.99 -20.38 8.37
CA LYS F 313 -25.22 -19.87 8.99
C LYS F 313 -26.20 -19.31 7.98
N GLN F 314 -25.78 -19.33 6.72
CA GLN F 314 -26.69 -18.87 5.68
C GLN F 314 -26.85 -19.91 4.57
N ASP F 315 -25.74 -20.50 4.15
CA ASP F 315 -25.76 -21.55 3.13
C ASP F 315 -25.94 -22.98 3.69
N TYR F 316 -26.11 -23.10 5.00
CA TYR F 316 -26.33 -24.40 5.64
C TYR F 316 -25.42 -25.48 5.04
N GLY F 317 -24.20 -25.05 4.71
CA GLY F 317 -23.19 -25.90 4.13
C GLY F 317 -22.65 -26.96 5.06
N GLN F 318 -22.26 -28.04 4.40
CA GLN F 318 -21.68 -29.20 5.01
C GLN F 318 -20.22 -28.87 5.22
N SER F 319 -19.65 -28.29 4.18
CA SER F 319 -18.22 -27.94 4.09
C SER F 319 -17.60 -27.72 5.46
N VAL F 320 -18.17 -26.77 6.20
CA VAL F 320 -17.65 -26.28 7.47
C VAL F 320 -16.41 -26.96 8.04
N TRP F 321 -16.42 -28.29 8.19
CA TRP F 321 -15.23 -28.94 8.77
C TRP F 321 -14.01 -28.81 7.87
N ALA F 322 -14.19 -29.09 6.59
CA ALA F 322 -13.12 -28.90 5.62
C ALA F 322 -12.59 -27.48 5.65
N GLU F 323 -13.52 -26.52 5.66
CA GLU F 323 -13.14 -25.12 5.62
C GLU F 323 -12.25 -24.76 6.78
N LEU F 324 -12.23 -25.60 7.80
CA LEU F 324 -11.41 -25.30 8.96
C LEU F 324 -10.11 -26.03 8.81
N GLU F 325 -10.14 -27.23 8.25
CA GLU F 325 -8.92 -27.98 8.01
C GLU F 325 -7.96 -27.07 7.30
N GLY F 326 -8.49 -26.36 6.30
CA GLY F 326 -7.72 -25.39 5.54
C GLY F 326 -7.29 -24.19 6.36
N LEU F 327 -8.24 -23.39 6.80
CA LEU F 327 -7.97 -22.29 7.73
C LEU F 327 -6.86 -22.63 8.72
N SER F 328 -6.83 -23.87 9.19
CA SER F 328 -5.79 -24.32 10.11
C SER F 328 -4.46 -24.23 9.42
N LEU F 329 -4.29 -25.08 8.41
CA LEU F 329 -3.10 -25.02 7.57
C LEU F 329 -2.64 -23.57 7.31
N LEU F 330 -3.51 -22.71 6.78
CA LEU F 330 -3.09 -21.33 6.46
C LEU F 330 -2.29 -20.68 7.57
N LEU F 331 -2.77 -20.84 8.80
CA LEU F 331 -2.15 -20.18 9.94
C LEU F 331 -0.91 -20.92 10.38
N CYS F 332 -0.17 -21.45 9.41
CA CYS F 332 1.04 -22.25 9.67
C CYS F 332 2.05 -22.17 8.49
N HIS F 333 2.47 -20.96 8.14
CA HIS F 333 3.42 -20.72 7.03
C HIS F 333 4.24 -19.44 7.32
N LYS F 334 5.40 -19.21 6.72
CA LYS F 334 6.01 -19.98 5.66
C LYS F 334 7.49 -20.24 6.03
N GLY G 13 -37.85 -77.09 -15.58
CA GLY G 13 -38.67 -77.75 -16.57
C GLY G 13 -38.24 -79.20 -16.79
N LEU G 14 -37.62 -79.48 -17.94
CA LEU G 14 -37.05 -80.81 -18.18
C LEU G 14 -35.75 -81.06 -17.39
N GLU G 15 -35.11 -79.97 -16.95
CA GLU G 15 -33.89 -80.01 -16.12
C GLU G 15 -34.05 -80.40 -14.62
N VAL G 16 -35.25 -80.25 -14.04
CA VAL G 16 -35.53 -80.61 -12.62
C VAL G 16 -34.98 -81.99 -12.23
N LEU G 17 -34.99 -82.90 -13.20
CA LEU G 17 -34.59 -84.31 -13.07
C LEU G 17 -33.16 -84.51 -12.52
N PHE G 18 -32.21 -83.69 -13.02
CA PHE G 18 -30.78 -83.79 -12.71
C PHE G 18 -30.41 -83.07 -11.43
N GLN G 19 -31.27 -82.14 -11.02
CA GLN G 19 -31.05 -81.36 -9.80
C GLN G 19 -31.36 -82.15 -8.49
N GLY G 20 -30.41 -82.11 -7.55
CA GLY G 20 -30.48 -82.88 -6.33
C GLY G 20 -31.40 -82.30 -5.26
N PRO G 21 -31.51 -82.97 -4.10
CA PRO G 21 -32.50 -82.55 -3.11
C PRO G 21 -32.42 -81.05 -2.79
N HIS G 22 -33.54 -80.49 -2.33
CA HIS G 22 -33.60 -79.06 -1.99
C HIS G 22 -33.20 -78.77 -0.53
N MET G 23 -31.93 -78.43 -0.36
CA MET G 23 -31.35 -78.01 0.92
C MET G 23 -31.51 -76.49 1.01
N SER G 24 -31.42 -75.92 2.21
CA SER G 24 -31.24 -74.48 2.34
C SER G 24 -29.99 -74.27 3.19
N TYR G 25 -28.93 -73.70 2.62
CA TYR G 25 -27.68 -73.54 3.38
C TYR G 25 -27.82 -72.39 4.35
N GLN G 26 -27.29 -72.60 5.55
CA GLN G 26 -27.22 -71.51 6.50
C GLN G 26 -26.50 -70.38 5.81
N VAL G 27 -26.95 -69.17 6.10
CA VAL G 27 -26.20 -67.98 5.75
C VAL G 27 -24.77 -68.11 6.21
N LEU G 28 -23.82 -67.75 5.35
CA LEU G 28 -22.40 -67.82 5.71
C LEU G 28 -22.09 -67.03 6.96
N ALA G 29 -22.65 -65.83 7.05
CA ALA G 29 -22.38 -64.98 8.20
C ALA G 29 -22.70 -65.68 9.51
N ARG G 30 -23.80 -66.43 9.55
CA ARG G 30 -24.26 -67.12 10.74
C ARG G 30 -23.44 -68.35 11.05
N LYS G 31 -23.44 -69.29 10.11
CA LYS G 31 -22.72 -70.54 10.29
C LYS G 31 -21.27 -70.38 10.71
N TRP G 32 -20.58 -69.39 10.17
CA TRP G 32 -19.15 -69.26 10.41
C TRP G 32 -18.79 -68.34 11.54
N ARG G 33 -19.73 -68.19 12.47
CA ARG G 33 -19.49 -67.51 13.75
C ARG G 33 -18.50 -68.37 14.51
N PRO G 34 -17.44 -67.76 15.04
CA PRO G 34 -16.35 -68.42 15.76
C PRO G 34 -16.80 -68.96 17.12
N GLN G 35 -16.57 -70.24 17.31
CA GLN G 35 -16.94 -70.93 18.54
C GLN G 35 -15.73 -71.09 19.48
N THR G 36 -14.57 -71.38 18.91
CA THR G 36 -13.32 -71.43 19.68
C THR G 36 -12.50 -70.16 19.45
N PHE G 37 -11.75 -69.72 20.45
CA PHE G 37 -10.85 -68.60 20.22
C PHE G 37 -10.00 -68.85 18.98
N ALA G 38 -9.53 -70.08 18.82
CA ALA G 38 -8.69 -70.44 17.67
C ALA G 38 -9.35 -70.06 16.37
N ASP G 39 -10.69 -70.12 16.33
CA ASP G 39 -11.43 -69.85 15.09
C ASP G 39 -11.52 -68.36 14.72
N VAL G 40 -11.19 -67.49 15.66
CA VAL G 40 -11.26 -66.02 15.49
C VAL G 40 -10.13 -65.38 14.68
N VAL G 41 -10.50 -64.46 13.79
CA VAL G 41 -9.52 -63.79 12.93
C VAL G 41 -8.95 -62.58 13.63
N GLY G 42 -7.62 -62.44 13.57
CA GLY G 42 -6.89 -61.32 14.14
C GLY G 42 -7.41 -60.97 15.51
N GLN G 43 -7.46 -59.67 15.79
CA GLN G 43 -8.13 -59.20 16.98
C GLN G 43 -7.37 -59.70 18.20
N GLU G 44 -6.07 -59.86 18.03
CA GLU G 44 -5.27 -60.61 18.98
C GLU G 44 -5.00 -59.87 20.27
N HIS G 45 -4.92 -58.55 20.18
CA HIS G 45 -4.65 -57.74 21.36
C HIS G 45 -5.79 -57.85 22.34
N VAL G 46 -6.92 -58.37 21.87
CA VAL G 46 -8.07 -58.57 22.75
C VAL G 46 -8.05 -59.98 23.30
N LEU G 47 -8.01 -60.95 22.41
CA LEU G 47 -8.04 -62.35 22.80
C LEU G 47 -6.97 -62.59 23.86
N THR G 48 -5.72 -62.34 23.49
CA THR G 48 -4.60 -62.58 24.41
C THR G 48 -4.81 -62.06 25.84
N ALA G 49 -5.24 -60.81 25.98
CA ALA G 49 -5.40 -60.21 27.30
C ALA G 49 -6.53 -60.89 28.05
N LEU G 50 -7.56 -61.31 27.33
CA LEU G 50 -8.62 -62.16 27.90
C LEU G 50 -8.06 -63.53 28.26
N ALA G 51 -7.55 -64.22 27.23
CA ALA G 51 -6.86 -65.49 27.43
C ALA G 51 -6.06 -65.45 28.72
N ASN G 52 -5.16 -64.48 28.82
CA ASN G 52 -4.27 -64.39 29.95
C ASN G 52 -4.95 -64.05 31.27
N GLY G 53 -5.95 -63.17 31.24
CA GLY G 53 -6.63 -62.79 32.47
C GLY G 53 -7.36 -63.96 33.07
N LEU G 54 -8.04 -64.71 32.20
CA LEU G 54 -8.70 -65.94 32.60
C LEU G 54 -7.65 -66.87 33.16
N SER G 55 -6.68 -67.18 32.31
CA SER G 55 -5.53 -68.00 32.69
C SER G 55 -4.98 -67.59 34.07
N LEU G 56 -4.56 -66.34 34.21
CA LEU G 56 -3.90 -65.87 35.43
C LEU G 56 -4.86 -65.22 36.41
N GLY G 57 -5.98 -65.88 36.66
CA GLY G 57 -6.96 -65.43 37.65
C GLY G 57 -7.31 -63.95 37.78
N ARG G 58 -7.14 -63.18 36.72
CA ARG G 58 -7.56 -61.79 36.76
C ARG G 58 -8.86 -61.65 35.98
N ILE G 59 -9.94 -61.26 36.64
CA ILE G 59 -11.21 -61.10 35.94
C ILE G 59 -12.01 -59.92 36.46
N HIS G 60 -12.12 -58.88 35.64
CA HIS G 60 -12.85 -57.68 36.02
C HIS G 60 -14.32 -58.00 36.02
N HIS G 61 -15.08 -57.28 36.83
CA HIS G 61 -16.50 -57.53 36.95
C HIS G 61 -17.25 -57.25 35.65
N ALA G 62 -16.62 -56.49 34.72
CA ALA G 62 -17.28 -56.05 33.47
C ALA G 62 -16.38 -55.56 32.30
N TYR G 63 -16.68 -56.08 31.11
CA TYR G 63 -15.91 -55.81 29.90
C TYR G 63 -16.77 -55.11 28.84
N LEU G 64 -16.15 -54.22 28.06
CA LEU G 64 -16.81 -53.50 26.96
C LEU G 64 -16.11 -53.74 25.62
N PHE G 65 -16.85 -54.25 24.64
CA PHE G 65 -16.27 -54.55 23.36
C PHE G 65 -16.82 -53.62 22.28
N SER G 66 -15.94 -52.79 21.72
CA SER G 66 -16.29 -51.82 20.68
C SER G 66 -15.51 -52.07 19.39
N GLY G 67 -15.77 -51.23 18.38
CA GLY G 67 -15.17 -51.36 17.06
C GLY G 67 -16.27 -51.45 16.05
N THR G 68 -15.90 -51.68 14.80
CA THR G 68 -16.85 -51.54 13.68
C THR G 68 -17.62 -52.81 13.32
N ARG G 69 -18.87 -52.61 12.92
CA ARG G 69 -19.73 -53.66 12.40
C ARG G 69 -18.98 -54.90 11.98
N GLY G 70 -19.28 -56.02 12.60
CA GLY G 70 -18.81 -57.30 12.13
C GLY G 70 -17.32 -57.60 12.20
N VAL G 71 -16.68 -57.19 13.28
CA VAL G 71 -15.26 -57.43 13.40
C VAL G 71 -14.93 -58.37 14.56
N GLY G 72 -15.93 -58.65 15.40
CA GLY G 72 -15.83 -59.69 16.41
C GLY G 72 -16.62 -59.41 17.66
N LYS G 73 -16.94 -58.14 17.87
CA LYS G 73 -17.51 -57.65 19.12
C LYS G 73 -18.34 -58.72 19.80
N THR G 74 -19.48 -59.04 19.24
CA THR G 74 -20.34 -59.95 19.95
C THR G 74 -19.84 -61.38 19.87
N SER G 75 -19.20 -61.74 18.78
CA SER G 75 -18.78 -63.13 18.62
C SER G 75 -17.78 -63.44 19.71
N ILE G 76 -16.97 -62.44 20.03
CA ILE G 76 -16.03 -62.58 21.11
C ILE G 76 -16.73 -62.54 22.46
N ALA G 77 -17.68 -61.62 22.63
CA ALA G 77 -18.45 -61.57 23.89
C ALA G 77 -19.03 -62.94 24.22
N ARG G 78 -19.70 -63.57 23.27
CA ARG G 78 -20.15 -64.94 23.44
C ARG G 78 -19.01 -65.85 23.88
N LEU G 79 -17.88 -65.78 23.18
CA LEU G 79 -16.70 -66.59 23.53
C LEU G 79 -16.26 -66.44 24.99
N LEU G 80 -16.12 -65.20 25.45
CA LEU G 80 -15.78 -64.94 26.85
C LEU G 80 -16.74 -65.63 27.81
N ALA G 81 -18.00 -65.75 27.41
CA ALA G 81 -18.98 -66.50 28.19
C ALA G 81 -18.63 -67.98 28.23
N LYS G 82 -18.35 -68.55 27.07
CA LYS G 82 -17.98 -69.94 26.98
C LYS G 82 -16.79 -70.18 27.87
N GLY G 83 -15.77 -69.35 27.69
CA GLY G 83 -14.55 -69.47 28.46
C GLY G 83 -14.73 -69.28 29.95
N LEU G 84 -15.71 -68.46 30.33
CA LEU G 84 -15.97 -68.20 31.74
C LEU G 84 -16.67 -69.35 32.45
N ASN G 85 -17.50 -70.07 31.72
CA ASN G 85 -18.34 -71.08 32.33
C ASN G 85 -17.99 -72.48 31.89
N CYS G 86 -16.95 -72.62 31.07
CA CYS G 86 -16.65 -73.94 30.54
C CYS G 86 -16.59 -74.94 31.67
N GLU G 87 -17.06 -76.16 31.40
CA GLU G 87 -17.08 -77.22 32.42
C GLU G 87 -15.67 -77.68 32.77
N THR G 88 -14.75 -77.45 31.84
CA THR G 88 -13.35 -77.79 32.05
C THR G 88 -12.69 -76.78 32.99
N GLY G 89 -13.43 -75.72 33.33
CA GLY G 89 -12.95 -74.69 34.21
C GLY G 89 -12.88 -73.36 33.51
N ILE G 90 -12.60 -72.31 34.26
CA ILE G 90 -12.35 -71.02 33.65
C ILE G 90 -11.09 -71.12 32.78
N THR G 91 -11.28 -71.21 31.46
CA THR G 91 -10.14 -71.37 30.55
C THR G 91 -10.18 -70.40 29.39
N ALA G 92 -9.00 -70.10 28.87
CA ALA G 92 -8.84 -69.30 27.67
C ALA G 92 -9.23 -70.14 26.46
N THR G 93 -9.11 -71.45 26.62
CA THR G 93 -9.37 -72.39 25.54
C THR G 93 -10.61 -73.22 25.81
N PRO G 94 -11.81 -72.60 25.78
CA PRO G 94 -13.05 -73.38 25.97
C PRO G 94 -13.11 -74.58 25.01
N CYS G 95 -13.71 -75.68 25.48
CA CYS G 95 -13.69 -76.94 24.75
C CYS G 95 -14.69 -76.98 23.58
N GLY G 96 -15.84 -76.31 23.75
CA GLY G 96 -16.85 -76.25 22.70
C GLY G 96 -17.50 -77.59 22.44
N VAL G 97 -17.51 -78.41 23.50
CA VAL G 97 -18.08 -79.75 23.41
C VAL G 97 -18.78 -80.17 24.72
N CYS G 98 -18.65 -79.38 25.78
CA CYS G 98 -19.36 -79.71 27.01
C CYS G 98 -20.83 -79.30 26.90
N ASP G 99 -21.66 -79.75 27.84
CA ASP G 99 -23.05 -79.31 27.83
C ASP G 99 -23.13 -77.76 27.77
N ASN G 100 -22.25 -77.08 28.51
CA ASN G 100 -22.21 -75.61 28.55
C ASN G 100 -21.83 -74.92 27.23
N CYS G 101 -20.72 -75.32 26.62
CA CYS G 101 -20.21 -74.72 25.37
C CYS G 101 -21.15 -74.91 24.17
N ARG G 102 -21.71 -76.13 24.05
CA ARG G 102 -22.66 -76.41 23.01
C ARG G 102 -24.00 -75.78 23.37
N GLU G 103 -24.32 -75.68 24.67
CA GLU G 103 -25.56 -75.02 25.07
C GLU G 103 -25.53 -73.54 24.64
N ILE G 104 -24.40 -72.88 24.87
CA ILE G 104 -24.21 -71.48 24.51
C ILE G 104 -24.16 -71.32 22.98
N GLU G 105 -23.25 -72.06 22.35
CA GLU G 105 -23.16 -72.17 20.90
C GLU G 105 -24.52 -72.37 20.22
N GLN G 106 -25.36 -73.21 20.84
CA GLN G 106 -26.74 -73.47 20.42
C GLN G 106 -27.57 -72.20 20.45
N GLY G 107 -27.70 -71.65 21.65
CA GLY G 107 -28.41 -70.42 21.87
C GLY G 107 -29.20 -70.42 23.16
N ARG G 108 -29.31 -71.57 23.81
CA ARG G 108 -30.06 -71.59 25.06
C ARG G 108 -29.30 -72.18 26.24
N PHE G 109 -28.62 -71.29 26.98
CA PHE G 109 -27.84 -71.67 28.15
C PHE G 109 -28.41 -70.97 29.37
N VAL G 110 -28.82 -71.76 30.37
CA VAL G 110 -29.54 -71.20 31.52
C VAL G 110 -28.89 -69.89 31.97
N ASP G 111 -27.58 -69.92 32.20
CA ASP G 111 -26.90 -68.74 32.70
C ASP G 111 -26.15 -67.91 31.65
N LEU G 112 -26.67 -67.87 30.42
CA LEU G 112 -26.20 -66.89 29.42
C LEU G 112 -27.29 -65.93 28.93
N ILE G 113 -27.45 -64.85 29.70
CA ILE G 113 -28.48 -63.86 29.49
C ILE G 113 -27.93 -62.81 28.52
N GLU G 114 -28.35 -62.87 27.25
CA GLU G 114 -27.91 -61.90 26.25
C GLU G 114 -29.04 -60.96 25.95
N ILE G 115 -28.99 -59.77 26.54
CA ILE G 115 -30.06 -58.81 26.36
C ILE G 115 -29.90 -58.10 25.03
N ASP G 116 -30.97 -57.99 24.24
CA ASP G 116 -30.96 -57.17 23.01
C ASP G 116 -31.22 -55.71 23.37
N ALA G 117 -30.17 -55.02 23.82
CA ALA G 117 -30.31 -53.73 24.46
C ALA G 117 -31.08 -52.76 23.61
N ALA G 118 -31.17 -53.07 22.31
CA ALA G 118 -31.67 -52.13 21.30
C ALA G 118 -33.16 -52.17 21.19
N SER G 119 -33.73 -53.30 21.56
CA SER G 119 -35.16 -53.45 21.53
C SER G 119 -35.70 -53.30 22.93
N ARG G 120 -34.90 -53.60 23.95
CA ARG G 120 -35.31 -53.38 25.34
C ARG G 120 -34.42 -52.33 26.02
N THR G 121 -34.81 -51.07 25.88
CA THR G 121 -33.99 -49.95 26.30
C THR G 121 -34.66 -49.11 27.36
N LYS G 122 -35.99 -49.15 27.42
CA LYS G 122 -36.74 -48.39 28.42
C LYS G 122 -36.34 -48.89 29.83
N VAL G 123 -36.62 -48.13 30.88
CA VAL G 123 -36.04 -48.50 32.18
C VAL G 123 -36.77 -49.65 32.80
N GLU G 124 -38.09 -49.62 32.70
CA GLU G 124 -38.91 -50.72 33.19
C GLU G 124 -38.20 -52.05 32.97
N ASP G 125 -37.66 -52.24 31.77
CA ASP G 125 -37.10 -53.52 31.36
C ASP G 125 -35.72 -53.78 31.89
N THR G 126 -34.98 -52.70 32.13
CA THR G 126 -33.66 -52.86 32.69
C THR G 126 -33.76 -53.20 34.18
N ARG G 127 -34.69 -52.53 34.86
CA ARG G 127 -34.95 -52.74 36.28
C ARG G 127 -35.39 -54.16 36.49
N ASP G 128 -36.17 -54.68 35.54
CA ASP G 128 -36.72 -56.02 35.68
C ASP G 128 -35.68 -57.06 35.33
N LEU G 129 -34.77 -56.67 34.45
CA LEU G 129 -33.62 -57.53 34.22
C LEU G 129 -32.69 -57.66 35.44
N LEU G 130 -32.56 -56.60 36.23
CA LEU G 130 -31.62 -56.62 37.35
C LEU G 130 -32.22 -56.99 38.71
N ASP G 131 -33.51 -57.34 38.75
CA ASP G 131 -34.08 -57.85 39.97
C ASP G 131 -33.60 -59.28 40.13
N ASN G 132 -33.52 -59.99 39.01
CA ASN G 132 -33.03 -61.36 38.99
C ASN G 132 -31.50 -61.52 39.00
N VAL G 133 -30.77 -60.41 39.00
CA VAL G 133 -29.32 -60.49 38.95
C VAL G 133 -28.76 -61.13 40.21
N GLN G 134 -29.46 -60.93 41.32
CA GLN G 134 -28.96 -61.33 42.63
C GLN G 134 -28.95 -62.85 42.92
N TYR G 135 -30.00 -63.53 42.47
CA TYR G 135 -30.14 -64.97 42.61
C TYR G 135 -28.99 -65.72 41.98
N ALA G 136 -28.55 -66.79 42.64
CA ALA G 136 -27.45 -67.62 42.17
C ALA G 136 -27.71 -68.26 40.81
N PRO G 137 -26.65 -68.44 40.02
CA PRO G 137 -26.60 -69.08 38.70
C PRO G 137 -26.92 -70.57 38.75
N ALA G 138 -27.89 -71.01 37.96
CA ALA G 138 -28.38 -72.38 38.03
C ALA G 138 -27.40 -73.45 37.50
N ARG G 139 -26.77 -73.21 36.35
CA ARG G 139 -26.01 -74.26 35.66
C ARG G 139 -24.51 -74.15 35.79
N GLY G 140 -24.01 -72.94 35.99
CA GLY G 140 -22.60 -72.74 35.79
C GLY G 140 -21.94 -71.72 36.68
N ARG G 141 -20.66 -71.53 36.44
CA ARG G 141 -19.79 -70.78 37.31
C ARG G 141 -20.25 -69.35 37.56
N PHE G 142 -20.80 -68.71 36.55
CA PHE G 142 -21.05 -67.28 36.62
C PHE G 142 -22.35 -66.95 35.91
N LYS G 143 -23.11 -66.03 36.48
CA LYS G 143 -24.23 -65.48 35.74
C LYS G 143 -23.61 -64.44 34.82
N VAL G 144 -23.56 -64.74 33.52
CA VAL G 144 -23.05 -63.82 32.49
C VAL G 144 -24.14 -63.04 31.73
N TYR G 145 -24.16 -61.74 31.97
CA TYR G 145 -25.01 -60.80 31.23
C TYR G 145 -24.24 -60.20 30.05
N LEU G 146 -24.83 -60.39 28.87
CA LEU G 146 -24.25 -59.96 27.63
C LEU G 146 -25.21 -58.97 26.99
N ILE G 147 -25.01 -57.71 27.33
CA ILE G 147 -25.81 -56.64 26.80
C ILE G 147 -25.18 -56.17 25.52
N ASP G 148 -25.85 -56.43 24.39
CA ASP G 148 -25.37 -56.13 23.04
C ASP G 148 -26.09 -54.91 22.48
N GLU G 149 -25.41 -54.15 21.64
CA GLU G 149 -25.92 -52.89 21.08
C GLU G 149 -26.40 -51.96 22.20
N VAL G 150 -25.53 -51.83 23.20
CA VAL G 150 -25.89 -51.27 24.48
C VAL G 150 -26.00 -49.76 24.48
N HIS G 151 -25.50 -49.14 23.43
CA HIS G 151 -25.57 -47.69 23.35
C HIS G 151 -27.01 -47.20 23.36
N MET G 152 -27.97 -48.09 23.17
CA MET G 152 -29.36 -47.64 23.02
C MET G 152 -30.13 -47.36 24.31
N LEU G 153 -29.63 -47.87 25.44
CA LEU G 153 -30.34 -47.76 26.71
C LEU G 153 -30.54 -46.33 27.12
N SER G 154 -31.65 -46.06 27.79
CA SER G 154 -32.03 -44.68 28.07
C SER G 154 -31.09 -44.05 29.06
N ARG G 155 -31.29 -42.77 29.31
CA ARG G 155 -30.58 -42.12 30.38
C ARG G 155 -30.80 -43.02 31.58
N HIS G 156 -32.05 -43.09 31.99
CA HIS G 156 -32.41 -43.81 33.20
C HIS G 156 -31.93 -45.25 33.21
N SER G 157 -32.15 -45.99 32.15
CA SER G 157 -31.68 -47.38 32.12
C SER G 157 -30.18 -47.52 32.42
N PHE G 158 -29.40 -46.56 31.95
CA PHE G 158 -27.97 -46.61 32.23
C PHE G 158 -27.78 -46.53 33.72
N ASN G 159 -28.42 -45.54 34.33
CA ASN G 159 -28.37 -45.43 35.76
C ASN G 159 -28.65 -46.70 36.49
N ALA G 160 -29.65 -47.43 36.04
CA ALA G 160 -29.98 -48.67 36.69
C ALA G 160 -28.77 -49.60 36.63
N LEU G 161 -28.32 -49.88 35.42
CA LEU G 161 -27.13 -50.70 35.22
C LEU G 161 -26.03 -50.25 36.17
N LEU G 162 -25.67 -48.96 36.08
CA LEU G 162 -24.63 -48.38 36.88
C LEU G 162 -24.67 -48.89 38.31
N LYS G 163 -25.84 -48.78 38.96
CA LYS G 163 -26.00 -49.09 40.37
C LYS G 163 -25.64 -50.53 40.66
N THR G 164 -25.83 -51.38 39.66
CA THR G 164 -25.42 -52.78 39.74
C THR G 164 -23.92 -52.97 39.43
N LEU G 165 -23.39 -52.16 38.53
CA LEU G 165 -21.97 -52.23 38.24
C LEU G 165 -21.09 -51.69 39.37
N GLU G 166 -21.67 -50.81 40.19
CA GLU G 166 -20.93 -50.19 41.29
C GLU G 166 -20.85 -51.12 42.52
N GLU G 167 -21.70 -52.13 42.51
CA GLU G 167 -21.70 -53.15 43.56
C GLU G 167 -22.03 -54.49 42.90
N PRO G 168 -21.07 -55.01 42.14
CA PRO G 168 -21.30 -56.19 41.28
C PRO G 168 -21.33 -57.49 42.07
N PRO G 169 -22.47 -58.18 42.08
CA PRO G 169 -22.50 -59.51 42.73
C PRO G 169 -21.33 -60.37 42.29
N GLU G 170 -20.84 -61.25 43.14
CA GLU G 170 -19.64 -62.03 42.81
C GLU G 170 -19.83 -62.97 41.61
N HIS G 171 -20.98 -63.64 41.56
CA HIS G 171 -21.26 -64.67 40.56
C HIS G 171 -21.57 -64.10 39.19
N VAL G 172 -21.65 -62.77 39.13
CA VAL G 172 -22.05 -62.08 37.93
C VAL G 172 -20.85 -61.44 37.24
N LYS G 173 -20.89 -61.46 35.90
CA LYS G 173 -19.97 -60.74 35.04
C LYS G 173 -20.81 -60.05 33.96
N PHE G 174 -20.40 -58.84 33.57
CA PHE G 174 -21.10 -58.10 32.53
C PHE G 174 -20.29 -58.00 31.26
N LEU G 175 -20.95 -58.20 30.14
CA LEU G 175 -20.30 -58.07 28.86
C LEU G 175 -21.06 -57.06 28.03
N LEU G 176 -20.50 -55.87 27.89
CA LEU G 176 -21.11 -54.82 27.06
C LEU G 176 -20.50 -54.77 25.68
N ALA G 177 -21.32 -54.88 24.63
CA ALA G 177 -20.82 -54.74 23.27
C ALA G 177 -21.59 -53.68 22.53
N THR G 178 -20.85 -52.73 21.97
CA THR G 178 -21.44 -51.68 21.17
C THR G 178 -20.53 -51.24 20.02
N THR G 179 -21.17 -50.71 18.99
CA THR G 179 -20.47 -50.17 17.86
C THR G 179 -20.06 -48.78 18.22
N ASP G 180 -20.98 -48.04 18.82
CA ASP G 180 -20.73 -46.68 19.22
C ASP G 180 -20.65 -46.49 20.74
N PRO G 181 -19.46 -46.65 21.30
CA PRO G 181 -19.23 -46.50 22.74
C PRO G 181 -19.30 -45.08 23.22
N GLN G 182 -18.97 -44.13 22.36
CA GLN G 182 -18.96 -42.74 22.78
C GLN G 182 -20.29 -42.37 23.46
N LYS G 183 -21.34 -43.15 23.18
CA LYS G 183 -22.69 -42.85 23.69
C LYS G 183 -22.94 -43.31 25.13
N LEU G 184 -22.13 -44.26 25.62
CA LEU G 184 -22.19 -44.66 27.04
C LEU G 184 -21.67 -43.52 27.89
N PRO G 185 -22.29 -43.30 29.04
CA PRO G 185 -21.87 -42.27 30.01
C PRO G 185 -20.47 -42.54 30.51
N VAL G 186 -19.72 -41.49 30.80
CA VAL G 186 -18.36 -41.65 31.28
C VAL G 186 -18.40 -42.58 32.48
N THR G 187 -19.48 -42.43 33.24
CA THR G 187 -19.71 -43.11 34.51
C THR G 187 -20.01 -44.60 34.35
N ILE G 188 -19.83 -45.13 33.17
CA ILE G 188 -20.02 -46.55 32.89
C ILE G 188 -18.81 -47.07 32.13
N LEU G 189 -18.22 -46.21 31.30
CA LEU G 189 -17.00 -46.56 30.61
C LEU G 189 -15.90 -46.59 31.68
N SER G 190 -16.15 -45.87 32.78
CA SER G 190 -15.23 -45.82 33.91
C SER G 190 -15.47 -47.01 34.83
N ARG G 191 -16.31 -47.94 34.38
CA ARG G 191 -16.59 -49.12 35.16
C ARG G 191 -16.40 -50.39 34.35
N CYS G 192 -15.91 -50.25 33.13
CA CYS G 192 -15.69 -51.43 32.30
C CYS G 192 -14.28 -51.46 31.81
N LEU G 193 -13.71 -52.65 31.70
CA LEU G 193 -12.48 -52.78 30.93
C LEU G 193 -12.87 -52.79 29.47
N GLN G 194 -12.44 -51.80 28.70
CA GLN G 194 -12.89 -51.71 27.33
C GLN G 194 -11.84 -52.18 26.33
N PHE G 195 -12.23 -53.12 25.49
CA PHE G 195 -11.40 -53.54 24.35
C PHE G 195 -11.88 -52.95 23.02
N HIS G 196 -11.08 -52.11 22.38
CA HIS G 196 -11.51 -51.65 21.06
C HIS G 196 -10.97 -52.61 20.02
N LEU G 197 -11.88 -53.35 19.40
CA LEU G 197 -11.49 -54.26 18.34
C LEU G 197 -11.06 -53.46 17.09
N LYS G 198 -9.96 -53.87 16.47
CA LYS G 198 -9.50 -53.21 15.25
C LYS G 198 -10.33 -53.71 14.05
N ALA G 199 -10.45 -52.90 13.01
CA ALA G 199 -11.03 -53.38 11.76
C ALA G 199 -10.06 -54.33 11.09
N LEU G 200 -10.58 -55.27 10.31
CA LEU G 200 -9.72 -56.33 9.79
C LEU G 200 -8.89 -55.94 8.59
N ASP G 201 -7.74 -56.60 8.48
CA ASP G 201 -6.83 -56.35 7.40
C ASP G 201 -7.26 -57.06 6.14
N VAL G 202 -7.01 -56.39 5.01
CA VAL G 202 -7.28 -56.95 3.69
C VAL G 202 -6.94 -58.45 3.56
N GLU G 203 -5.73 -58.84 3.95
CA GLU G 203 -5.38 -60.24 3.89
C GLU G 203 -6.15 -61.06 4.91
N GLN G 204 -6.25 -60.51 6.11
CA GLN G 204 -6.88 -61.21 7.21
C GLN G 204 -8.26 -61.73 6.77
N ILE G 205 -9.02 -60.85 6.12
CA ILE G 205 -10.34 -61.19 5.57
C ILE G 205 -10.26 -62.23 4.45
N ARG G 206 -9.30 -62.03 3.54
CA ARG G 206 -9.10 -62.94 2.40
C ARG G 206 -8.81 -64.34 2.87
N HIS G 207 -7.83 -64.48 3.76
CA HIS G 207 -7.46 -65.81 4.21
C HIS G 207 -8.67 -66.49 4.83
N GLN G 208 -9.48 -65.71 5.54
CA GLN G 208 -10.67 -66.27 6.18
C GLN G 208 -11.72 -66.65 5.15
N LEU G 209 -11.79 -65.87 4.08
CA LEU G 209 -12.74 -66.15 3.02
C LEU G 209 -12.36 -67.43 2.29
N GLU G 210 -11.08 -67.59 2.00
CA GLU G 210 -10.60 -68.80 1.36
C GLU G 210 -11.04 -69.98 2.21
N HIS G 211 -10.57 -70.01 3.45
CA HIS G 211 -10.88 -71.09 4.36
C HIS G 211 -12.33 -71.54 4.22
N ILE G 212 -13.25 -70.60 4.49
CA ILE G 212 -14.70 -70.88 4.54
C ILE G 212 -15.30 -71.42 3.25
N LEU G 213 -15.00 -70.77 2.13
CA LEU G 213 -15.43 -71.26 0.82
C LEU G 213 -14.87 -72.65 0.61
N ASN G 214 -13.58 -72.79 0.87
CA ASN G 214 -12.91 -74.09 0.82
C ASN G 214 -13.74 -75.12 1.57
N GLU G 215 -14.04 -74.83 2.83
CA GLU G 215 -14.73 -75.79 3.66
C GLU G 215 -16.10 -76.13 3.09
N GLU G 216 -16.85 -75.11 2.70
CA GLU G 216 -18.20 -75.33 2.22
C GLU G 216 -18.20 -76.06 0.89
N HIS G 217 -17.02 -76.25 0.31
CA HIS G 217 -16.90 -76.87 -1.00
C HIS G 217 -17.47 -75.96 -2.09
N ILE G 218 -16.79 -74.83 -2.34
CA ILE G 218 -17.20 -73.86 -3.37
C ILE G 218 -16.03 -73.33 -4.21
N ALA G 219 -16.15 -73.44 -5.53
CA ALA G 219 -15.10 -73.00 -6.44
C ALA G 219 -14.81 -71.51 -6.24
N HIS G 220 -13.52 -71.16 -6.28
CA HIS G 220 -13.12 -69.76 -6.18
C HIS G 220 -11.84 -69.50 -6.98
N GLU G 221 -11.62 -68.25 -7.38
CA GLU G 221 -10.38 -67.89 -8.02
C GLU G 221 -9.52 -67.17 -7.00
N PRO G 222 -8.24 -66.97 -7.33
CA PRO G 222 -7.42 -66.21 -6.38
C PRO G 222 -7.91 -64.77 -6.29
N ARG G 223 -8.00 -64.10 -7.43
CA ARG G 223 -8.21 -62.67 -7.47
C ARG G 223 -9.66 -62.27 -7.23
N ALA G 224 -10.53 -63.28 -7.16
CA ALA G 224 -11.93 -63.05 -6.79
C ALA G 224 -11.98 -62.65 -5.32
N LEU G 225 -11.34 -63.46 -4.49
CA LEU G 225 -11.33 -63.23 -3.05
C LEU G 225 -10.57 -61.95 -2.72
N GLN G 226 -9.49 -61.68 -3.45
CA GLN G 226 -8.72 -60.49 -3.16
C GLN G 226 -9.68 -59.32 -3.31
N LEU G 227 -10.63 -59.49 -4.23
CA LEU G 227 -11.58 -58.42 -4.55
C LEU G 227 -12.62 -58.25 -3.45
N LEU G 228 -13.09 -59.36 -2.91
CA LEU G 228 -14.10 -59.25 -1.87
C LEU G 228 -13.47 -58.67 -0.60
N ALA G 229 -12.31 -59.16 -0.21
CA ALA G 229 -11.65 -58.70 1.01
C ALA G 229 -11.48 -57.18 0.98
N ARG G 230 -11.06 -56.69 -0.18
CA ARG G 230 -10.88 -55.27 -0.36
C ARG G 230 -12.24 -54.60 -0.14
N ALA G 231 -13.22 -55.00 -0.94
CA ALA G 231 -14.56 -54.39 -0.92
C ALA G 231 -15.29 -54.39 0.44
N ALA G 232 -14.91 -55.31 1.32
CA ALA G 232 -15.47 -55.43 2.66
C ALA G 232 -15.21 -54.18 3.48
N GLU G 233 -14.19 -53.42 3.08
CA GLU G 233 -13.79 -52.21 3.79
C GLU G 233 -13.61 -52.55 5.26
N GLY G 234 -12.85 -53.61 5.49
CA GLY G 234 -12.36 -53.89 6.82
C GLY G 234 -13.24 -54.80 7.65
N SER G 235 -14.47 -55.02 7.22
CA SER G 235 -15.47 -55.73 8.04
C SER G 235 -15.75 -57.16 7.58
N LEU G 236 -15.45 -58.11 8.46
CA LEU G 236 -15.53 -59.52 8.11
C LEU G 236 -16.95 -59.99 7.85
N ARG G 237 -17.93 -59.30 8.43
CA ARG G 237 -19.32 -59.59 8.11
C ARG G 237 -19.68 -59.05 6.73
N ASP G 238 -19.45 -57.76 6.51
CA ASP G 238 -19.62 -57.19 5.17
C ASP G 238 -19.10 -58.24 4.20
N ALA G 239 -17.99 -58.85 4.58
CA ALA G 239 -17.24 -59.78 3.73
C ALA G 239 -18.02 -61.01 3.35
N LEU G 240 -18.49 -61.74 4.36
CA LEU G 240 -19.28 -62.95 4.09
C LEU G 240 -20.66 -62.65 3.56
N SER G 241 -21.17 -61.47 3.88
CA SER G 241 -22.44 -61.02 3.32
C SER G 241 -22.22 -60.73 1.85
N LEU G 242 -21.08 -60.13 1.53
CA LEU G 242 -20.72 -59.93 0.13
C LEU G 242 -20.50 -61.26 -0.57
N THR G 243 -19.81 -62.17 0.10
CA THR G 243 -19.54 -63.48 -0.49
C THR G 243 -20.84 -64.22 -0.77
N ASP G 244 -21.75 -64.27 0.20
CA ASP G 244 -23.02 -64.95 0.02
C ASP G 244 -23.61 -64.50 -1.30
N GLN G 245 -23.76 -63.19 -1.46
CA GLN G 245 -24.30 -62.64 -2.69
C GLN G 245 -23.49 -63.17 -3.86
N ALA G 246 -22.18 -63.04 -3.76
CA ALA G 246 -21.30 -63.45 -4.84
C ALA G 246 -21.62 -64.88 -5.30
N ILE G 247 -21.88 -65.77 -4.35
CA ILE G 247 -22.18 -67.14 -4.69
C ILE G 247 -23.37 -67.20 -5.64
N ALA G 248 -24.38 -66.37 -5.40
CA ALA G 248 -25.60 -66.39 -6.21
C ALA G 248 -25.36 -65.83 -7.60
N SER G 249 -24.61 -64.75 -7.67
CA SER G 249 -24.24 -64.19 -8.95
C SER G 249 -23.48 -65.25 -9.71
N GLY G 250 -22.79 -66.10 -8.97
CA GLY G 250 -21.95 -67.12 -9.57
C GLY G 250 -22.57 -68.50 -9.79
N ASP G 251 -23.89 -68.63 -9.61
CA ASP G 251 -24.57 -69.93 -9.66
C ASP G 251 -23.68 -71.04 -9.09
N GLY G 252 -23.11 -70.82 -7.91
CA GLY G 252 -22.33 -71.84 -7.23
C GLY G 252 -20.82 -71.69 -7.30
N GLN G 253 -20.36 -70.83 -8.21
CA GLN G 253 -18.94 -70.55 -8.33
C GLN G 253 -18.69 -69.09 -7.98
N VAL G 254 -17.70 -68.83 -7.12
CA VAL G 254 -17.22 -67.47 -6.90
C VAL G 254 -16.10 -67.14 -7.86
N SER G 255 -16.47 -66.68 -9.04
CA SER G 255 -15.51 -66.39 -10.10
C SER G 255 -15.22 -64.88 -10.18
N THR G 256 -13.98 -64.54 -10.51
CA THR G 256 -13.64 -63.14 -10.69
C THR G 256 -14.64 -62.49 -11.67
N GLN G 257 -14.86 -63.16 -12.81
CA GLN G 257 -15.80 -62.70 -13.83
C GLN G 257 -17.10 -62.25 -13.18
N ALA G 258 -17.55 -62.99 -12.16
CA ALA G 258 -18.82 -62.69 -11.52
C ALA G 258 -18.69 -61.68 -10.38
N VAL G 259 -17.64 -61.85 -9.57
CA VAL G 259 -17.47 -60.98 -8.40
C VAL G 259 -17.30 -59.55 -8.84
N SER G 260 -16.45 -59.35 -9.85
CA SER G 260 -16.15 -58.02 -10.35
C SER G 260 -17.38 -57.34 -10.90
N ALA G 261 -18.27 -58.11 -11.53
CA ALA G 261 -19.53 -57.60 -12.09
C ALA G 261 -20.41 -57.07 -10.99
N MET G 262 -20.58 -57.91 -9.99
CA MET G 262 -21.41 -57.60 -8.85
C MET G 262 -20.95 -56.36 -8.13
N LEU G 263 -19.68 -56.32 -7.76
CA LEU G 263 -19.14 -55.17 -7.04
C LEU G 263 -19.28 -53.92 -7.89
N GLY G 264 -19.36 -54.13 -9.19
CA GLY G 264 -19.57 -53.05 -10.13
C GLY G 264 -20.98 -52.55 -10.04
N THR G 265 -21.86 -53.41 -9.53
CA THR G 265 -23.26 -53.08 -9.22
C THR G 265 -23.34 -52.14 -8.04
N LEU G 266 -22.33 -52.16 -7.19
CA LEU G 266 -22.41 -51.45 -5.95
C LEU G 266 -21.30 -50.46 -5.80
N ASP G 267 -20.91 -49.79 -6.86
CA ASP G 267 -19.79 -48.89 -6.71
C ASP G 267 -20.14 -47.53 -6.09
N ASP G 268 -19.43 -47.19 -5.02
CA ASP G 268 -19.42 -45.84 -4.49
C ASP G 268 -18.64 -45.00 -5.49
N ASP G 269 -17.46 -45.52 -5.86
CA ASP G 269 -16.46 -44.98 -6.83
C ASP G 269 -16.69 -43.59 -7.42
N GLN G 270 -17.50 -43.60 -8.48
CA GLN G 270 -17.78 -42.47 -9.36
C GLN G 270 -17.06 -41.14 -9.12
N ALA G 271 -17.25 -40.54 -7.96
CA ALA G 271 -16.65 -39.23 -7.70
C ALA G 271 -15.11 -39.22 -7.73
N LEU G 272 -14.47 -40.08 -6.95
CA LEU G 272 -13.02 -40.20 -7.07
C LEU G 272 -12.68 -40.67 -8.46
N SER G 273 -13.30 -41.77 -8.85
CA SER G 273 -12.99 -42.42 -10.11
C SER G 273 -13.00 -41.42 -11.27
N LEU G 274 -13.91 -40.45 -11.23
CA LEU G 274 -13.94 -39.42 -12.25
C LEU G 274 -12.76 -38.47 -12.08
N VAL G 275 -12.48 -38.03 -10.86
CA VAL G 275 -11.33 -37.16 -10.66
C VAL G 275 -10.10 -37.79 -11.28
N GLU G 276 -9.95 -39.09 -11.15
CA GLU G 276 -8.78 -39.78 -11.70
C GLU G 276 -8.72 -39.72 -13.20
N ALA G 277 -9.78 -40.18 -13.83
CA ALA G 277 -9.90 -40.09 -15.28
C ALA G 277 -9.95 -38.64 -15.78
N MET G 278 -10.25 -37.70 -14.90
CA MET G 278 -10.22 -36.32 -15.30
C MET G 278 -8.79 -35.87 -15.51
N VAL G 279 -7.93 -36.02 -14.52
CA VAL G 279 -6.54 -35.59 -14.68
C VAL G 279 -5.83 -36.26 -15.86
N GLU G 280 -5.79 -37.58 -15.85
CA GLU G 280 -5.22 -38.33 -16.97
C GLU G 280 -5.74 -37.86 -18.35
N ALA G 281 -6.87 -37.15 -18.38
CA ALA G 281 -7.49 -36.70 -19.64
C ALA G 281 -8.00 -37.83 -20.55
N ASN G 282 -8.73 -38.77 -19.95
CA ASN G 282 -9.32 -39.91 -20.64
C ASN G 282 -10.78 -39.61 -20.96
N GLY G 283 -11.03 -39.16 -22.18
CA GLY G 283 -12.40 -38.84 -22.56
C GLY G 283 -13.36 -40.00 -22.40
N GLU G 284 -13.06 -41.13 -23.02
CA GLU G 284 -13.94 -42.28 -22.91
C GLU G 284 -14.20 -42.65 -21.43
N ARG G 285 -13.14 -42.87 -20.66
CA ARG G 285 -13.36 -43.28 -19.28
C ARG G 285 -14.30 -42.30 -18.62
N VAL G 286 -14.14 -41.01 -18.90
CA VAL G 286 -15.06 -40.02 -18.35
C VAL G 286 -16.49 -40.21 -18.84
N MET G 287 -16.68 -40.17 -20.15
CA MET G 287 -18.00 -40.38 -20.71
C MET G 287 -18.66 -41.68 -20.26
N ALA G 288 -17.84 -42.64 -19.84
CA ALA G 288 -18.34 -43.94 -19.41
C ALA G 288 -18.70 -43.91 -17.94
N LEU G 289 -17.84 -43.35 -17.10
CA LEU G 289 -18.15 -43.16 -15.69
C LEU G 289 -19.43 -42.33 -15.54
N ILE G 290 -19.45 -41.12 -16.09
CA ILE G 290 -20.68 -40.34 -16.09
C ILE G 290 -21.90 -41.22 -16.40
N ASN G 291 -21.69 -42.20 -17.26
CA ASN G 291 -22.78 -43.04 -17.71
C ASN G 291 -23.07 -44.21 -16.75
N GLU G 292 -22.02 -44.70 -16.10
CA GLU G 292 -22.14 -45.67 -15.01
C GLU G 292 -22.88 -45.01 -13.85
N ALA G 293 -22.45 -43.81 -13.46
CA ALA G 293 -23.10 -43.06 -12.40
C ALA G 293 -24.56 -42.90 -12.68
N ALA G 294 -24.90 -42.65 -13.94
CA ALA G 294 -26.30 -42.58 -14.33
C ALA G 294 -27.07 -43.81 -13.86
N ALA G 295 -26.51 -44.99 -14.07
CA ALA G 295 -27.17 -46.22 -13.66
C ALA G 295 -27.31 -46.31 -12.16
N ARG G 296 -26.28 -45.94 -11.41
CA ARG G 296 -26.36 -45.99 -9.95
C ARG G 296 -27.60 -45.20 -9.58
N GLY G 297 -27.80 -44.10 -10.27
CA GLY G 297 -29.03 -43.35 -10.08
C GLY G 297 -28.80 -42.20 -9.15
N ILE G 298 -27.86 -41.34 -9.53
CA ILE G 298 -27.28 -40.32 -8.68
C ILE G 298 -27.89 -38.93 -8.79
N GLU G 299 -27.88 -38.21 -7.69
CA GLU G 299 -28.24 -36.81 -7.69
C GLU G 299 -27.01 -36.14 -8.24
N TRP G 300 -27.11 -35.40 -9.35
CA TRP G 300 -25.86 -34.94 -10.01
C TRP G 300 -25.18 -33.84 -9.24
N GLU G 301 -25.95 -32.93 -8.66
CA GLU G 301 -25.31 -31.85 -7.96
C GLU G 301 -24.40 -32.47 -6.94
N ALA G 302 -24.80 -33.62 -6.45
CA ALA G 302 -24.09 -34.25 -5.36
C ALA G 302 -22.82 -34.86 -5.86
N LEU G 303 -22.78 -35.20 -7.14
CA LEU G 303 -21.56 -35.77 -7.71
C LEU G 303 -20.46 -34.72 -7.80
N LEU G 304 -20.79 -33.56 -8.35
CA LEU G 304 -19.87 -32.43 -8.33
C LEU G 304 -19.32 -32.18 -6.94
N VAL G 305 -20.21 -32.12 -5.97
CA VAL G 305 -19.79 -31.75 -4.64
C VAL G 305 -18.79 -32.77 -4.10
N GLU G 306 -19.01 -34.05 -4.38
CA GLU G 306 -18.11 -35.08 -3.89
C GLU G 306 -16.75 -34.87 -4.57
N MET G 307 -16.77 -34.56 -5.85
CA MET G 307 -15.54 -34.33 -6.56
C MET G 307 -14.82 -33.15 -5.93
N LEU G 308 -15.49 -32.00 -5.92
CA LEU G 308 -14.90 -30.80 -5.32
C LEU G 308 -14.28 -31.09 -3.95
N GLY G 309 -15.02 -31.82 -3.12
CA GLY G 309 -14.55 -32.16 -1.80
C GLY G 309 -13.28 -32.95 -1.99
N LEU G 310 -13.35 -33.93 -2.89
CA LEU G 310 -12.23 -34.79 -3.21
C LEU G 310 -10.94 -34.02 -3.55
N LEU G 311 -11.05 -33.04 -4.46
CA LEU G 311 -9.91 -32.20 -4.86
C LEU G 311 -9.39 -31.40 -3.67
N HIS G 312 -10.30 -30.84 -2.88
CA HIS G 312 -9.92 -30.12 -1.67
C HIS G 312 -9.00 -30.96 -0.79
N ARG G 313 -9.51 -32.10 -0.33
CA ARG G 313 -8.71 -33.01 0.47
C ARG G 313 -7.31 -33.17 -0.11
N ILE G 314 -7.27 -33.57 -1.39
CA ILE G 314 -6.03 -33.84 -2.10
C ILE G 314 -5.09 -32.67 -2.03
N ALA G 315 -5.60 -31.54 -2.47
CA ALA G 315 -4.85 -30.32 -2.43
C ALA G 315 -4.11 -30.18 -1.11
N MET G 316 -4.68 -30.72 -0.05
CA MET G 316 -4.13 -30.45 1.26
C MET G 316 -3.24 -31.54 1.75
N VAL G 317 -3.43 -32.73 1.21
CA VAL G 317 -2.46 -33.78 1.37
C VAL G 317 -1.19 -33.27 0.75
N GLN G 318 -1.35 -32.26 -0.09
CA GLN G 318 -0.20 -31.61 -0.69
C GLN G 318 0.40 -30.55 0.24
N LEU G 319 -0.08 -30.46 1.46
CA LEU G 319 0.51 -29.50 2.40
C LEU G 319 0.97 -30.18 3.69
N SER G 320 0.64 -31.48 3.79
CA SER G 320 1.10 -32.37 4.86
C SER G 320 0.68 -33.79 4.54
N PRO G 321 1.52 -34.76 4.86
CA PRO G 321 0.97 -36.11 4.73
C PRO G 321 -0.25 -36.23 5.65
N ALA G 322 -0.32 -35.34 6.64
CA ALA G 322 -1.19 -35.51 7.81
C ALA G 322 -2.66 -35.29 7.55
N ALA G 323 -2.97 -34.74 6.39
CA ALA G 323 -4.36 -34.38 6.09
C ALA G 323 -5.21 -35.53 5.54
N LEU G 324 -4.72 -36.77 5.63
CA LEU G 324 -5.54 -37.91 5.23
C LEU G 324 -6.12 -38.67 6.42
N GLY G 325 -7.44 -38.84 6.41
CA GLY G 325 -8.13 -39.34 7.58
C GLY G 325 -7.80 -40.76 8.07
N ASN G 326 -7.90 -40.93 9.39
CA ASN G 326 -8.29 -42.21 9.97
C ASN G 326 -9.46 -42.67 9.09
N ASP G 327 -10.35 -41.71 8.84
CA ASP G 327 -11.49 -41.78 7.91
C ASP G 327 -11.20 -42.54 6.61
N MET G 328 -10.80 -41.78 5.58
CA MET G 328 -10.34 -42.25 4.25
C MET G 328 -10.09 -43.74 3.98
N ALA G 329 -9.05 -44.29 4.61
CA ALA G 329 -8.51 -45.65 4.41
C ALA G 329 -8.83 -46.41 3.11
N ALA G 330 -10.10 -46.76 2.91
CA ALA G 330 -10.51 -47.50 1.71
C ALA G 330 -10.10 -46.80 0.38
N ILE G 331 -10.40 -45.51 0.29
CA ILE G 331 -10.07 -44.65 -0.86
C ILE G 331 -8.60 -44.25 -0.81
N GLU G 332 -8.09 -44.05 0.41
CA GLU G 332 -6.78 -43.44 0.69
C GLU G 332 -5.58 -43.78 -0.23
N LEU G 333 -5.39 -45.05 -0.58
CA LEU G 333 -4.26 -45.34 -1.42
C LEU G 333 -4.27 -44.41 -2.64
N ARG G 334 -5.38 -44.49 -3.40
CA ARG G 334 -5.64 -43.68 -4.60
C ARG G 334 -5.48 -42.18 -4.42
N MET G 335 -5.95 -41.68 -3.29
CA MET G 335 -5.84 -40.27 -2.99
C MET G 335 -4.40 -39.79 -2.94
N ARG G 336 -3.53 -40.51 -2.23
CA ARG G 336 -2.14 -40.08 -2.04
C ARG G 336 -1.34 -40.02 -3.35
N GLU G 337 -1.48 -41.07 -4.16
CA GLU G 337 -0.79 -41.11 -5.43
C GLU G 337 -1.21 -39.88 -6.21
N LEU G 338 -2.50 -39.60 -6.17
CA LEU G 338 -3.06 -38.51 -6.93
C LEU G 338 -2.45 -37.18 -6.48
N ALA G 339 -2.19 -37.04 -5.19
CA ALA G 339 -1.58 -35.81 -4.71
C ALA G 339 -0.15 -35.74 -5.19
N ARG G 340 0.56 -36.86 -5.12
CA ARG G 340 1.95 -36.93 -5.57
C ARG G 340 2.16 -36.54 -7.02
N THR G 341 1.20 -36.88 -7.87
CA THR G 341 1.42 -36.85 -9.30
C THR G 341 0.55 -35.85 -10.06
N ILE G 342 0.16 -34.78 -9.38
CA ILE G 342 -0.48 -33.68 -10.06
C ILE G 342 -0.01 -32.38 -9.47
N PRO G 343 0.39 -31.44 -10.35
CA PRO G 343 0.81 -30.10 -9.96
C PRO G 343 -0.24 -29.43 -9.08
N PRO G 344 0.18 -28.95 -7.91
CA PRO G 344 -0.73 -28.25 -6.98
C PRO G 344 -1.41 -27.06 -7.69
N THR G 345 -0.76 -26.55 -8.72
CA THR G 345 -1.29 -25.43 -9.48
C THR G 345 -2.31 -25.98 -10.46
N ASP G 346 -2.09 -27.20 -10.94
CA ASP G 346 -3.06 -27.94 -11.75
C ASP G 346 -4.32 -28.20 -10.94
N ILE G 347 -4.13 -28.63 -9.71
CA ILE G 347 -5.26 -28.90 -8.83
C ILE G 347 -6.12 -27.66 -8.62
N GLN G 348 -5.60 -26.58 -8.02
CA GLN G 348 -6.47 -25.40 -7.83
C GLN G 348 -7.22 -25.15 -9.13
N LEU G 349 -6.58 -25.41 -10.26
CA LEU G 349 -7.24 -25.17 -11.54
C LEU G 349 -8.54 -26.00 -11.70
N TYR G 350 -8.41 -27.32 -11.53
CA TYR G 350 -9.53 -28.24 -11.70
C TYR G 350 -10.68 -27.86 -10.80
N TYR G 351 -10.32 -27.53 -9.58
CA TYR G 351 -11.26 -27.04 -8.61
C TYR G 351 -12.07 -25.87 -9.16
N GLN G 352 -11.39 -24.79 -9.55
CA GLN G 352 -12.06 -23.67 -10.17
C GLN G 352 -13.12 -24.18 -11.11
N THR G 353 -12.71 -25.03 -12.05
CA THR G 353 -13.58 -25.42 -13.15
C THR G 353 -14.80 -26.16 -12.62
N LEU G 354 -14.61 -27.00 -11.60
CA LEU G 354 -15.73 -27.71 -10.99
C LEU G 354 -16.55 -26.73 -10.17
N LEU G 355 -15.93 -26.11 -9.17
CA LEU G 355 -16.60 -25.07 -8.40
C LEU G 355 -17.52 -24.18 -9.27
N ILE G 356 -17.02 -23.77 -10.42
CA ILE G 356 -17.78 -23.03 -11.42
C ILE G 356 -19.00 -23.77 -11.97
N GLY G 357 -18.73 -24.93 -12.57
CA GLY G 357 -19.75 -25.76 -13.16
C GLY G 357 -20.90 -26.04 -12.21
N ARG G 358 -20.62 -26.07 -10.91
CA ARG G 358 -21.66 -26.22 -9.92
C ARG G 358 -22.52 -24.98 -9.87
N LYS G 359 -21.91 -23.82 -9.76
CA LYS G 359 -22.69 -22.60 -9.74
C LYS G 359 -23.58 -22.49 -10.99
N GLU G 360 -23.29 -23.27 -12.02
CA GLU G 360 -23.97 -23.16 -13.31
C GLU G 360 -25.04 -24.24 -13.53
N LEU G 361 -24.90 -25.33 -12.78
CA LEU G 361 -25.78 -26.51 -12.83
C LEU G 361 -27.28 -26.24 -13.00
N PRO G 362 -27.80 -25.24 -12.30
CA PRO G 362 -29.23 -25.05 -12.42
C PRO G 362 -29.53 -24.59 -13.81
N TYR G 363 -28.58 -23.90 -14.43
CA TYR G 363 -28.83 -23.17 -15.68
C TYR G 363 -28.43 -23.95 -16.92
N ALA G 364 -27.53 -24.90 -16.75
CA ALA G 364 -27.23 -25.85 -17.79
C ALA G 364 -28.56 -26.45 -18.15
N PRO G 365 -28.73 -26.87 -19.41
CA PRO G 365 -30.00 -27.48 -19.86
C PRO G 365 -30.53 -28.61 -18.94
N ASP G 366 -29.82 -29.74 -18.95
CA ASP G 366 -30.03 -30.89 -18.11
C ASP G 366 -29.08 -30.73 -16.92
N ARG G 367 -29.25 -31.48 -15.84
CA ARG G 367 -28.24 -31.44 -14.80
C ARG G 367 -27.15 -32.38 -15.20
N ARG G 368 -27.51 -33.54 -15.70
CA ARG G 368 -26.49 -34.41 -16.27
C ARG G 368 -25.64 -33.56 -17.20
N MET G 369 -26.29 -32.98 -18.19
CA MET G 369 -25.57 -32.20 -19.19
C MET G 369 -24.59 -31.23 -18.52
N GLY G 370 -25.02 -30.56 -17.44
CA GLY G 370 -24.15 -29.61 -16.77
C GLY G 370 -22.89 -30.16 -16.11
N VAL G 371 -22.91 -31.43 -15.80
CA VAL G 371 -21.76 -32.05 -15.21
C VAL G 371 -20.89 -32.47 -16.37
N GLU G 372 -21.52 -33.08 -17.37
CA GLU G 372 -20.83 -33.50 -18.57
C GLU G 372 -20.01 -32.31 -19.08
N MET G 373 -20.67 -31.19 -19.29
CA MET G 373 -20.00 -29.97 -19.77
C MET G 373 -18.91 -29.51 -18.86
N THR G 374 -19.12 -29.72 -17.57
CA THR G 374 -18.14 -29.22 -16.64
C THR G 374 -16.91 -30.09 -16.76
N LEU G 375 -17.11 -31.39 -16.93
CA LEU G 375 -15.99 -32.27 -17.05
C LEU G 375 -15.28 -32.03 -18.37
N LEU G 376 -15.98 -31.70 -19.45
CA LEU G 376 -15.26 -31.40 -20.70
C LEU G 376 -14.44 -30.20 -20.43
N ARG G 377 -15.09 -29.19 -19.86
CA ARG G 377 -14.40 -27.96 -19.50
C ARG G 377 -13.12 -28.28 -18.75
N ALA G 378 -13.22 -29.23 -17.85
CA ALA G 378 -12.09 -29.56 -17.02
C ALA G 378 -11.06 -30.42 -17.72
N LEU G 379 -11.48 -31.21 -18.69
CA LEU G 379 -10.60 -32.22 -19.22
C LEU G 379 -9.67 -31.63 -20.18
N ALA G 380 -10.25 -30.75 -20.98
CA ALA G 380 -9.65 -30.38 -22.25
C ALA G 380 -9.53 -28.88 -22.42
N PHE G 381 -10.31 -28.13 -21.65
CA PHE G 381 -10.34 -26.71 -21.92
C PHE G 381 -9.66 -25.95 -20.79
N HIS G 382 -9.51 -24.66 -20.98
CA HIS G 382 -8.80 -23.80 -20.06
C HIS G 382 -9.63 -22.56 -20.11
N PRO G 383 -9.86 -21.94 -18.95
CA PRO G 383 -10.56 -20.66 -18.95
C PRO G 383 -9.57 -19.59 -19.25
N ARG G 384 -9.71 -18.79 -20.29
CA ARG G 384 -8.90 -17.57 -20.33
C ARG G 384 -9.75 -16.45 -19.70
N MET G 385 -9.07 -15.51 -19.04
CA MET G 385 -9.77 -14.45 -18.28
C MET G 385 -9.21 -13.03 -18.57
N GLN H 26 -58.49 -46.98 -16.19
CA GLN H 26 -57.63 -47.24 -15.04
C GLN H 26 -56.15 -46.79 -15.15
N VAL H 27 -55.27 -47.30 -14.26
CA VAL H 27 -53.89 -46.72 -14.11
C VAL H 27 -52.76 -47.63 -14.50
N LEU H 28 -52.03 -47.24 -15.54
CA LEU H 28 -50.96 -48.08 -16.11
C LEU H 28 -49.85 -48.41 -15.13
N ALA H 29 -49.36 -47.35 -14.50
CA ALA H 29 -48.38 -47.46 -13.44
C ALA H 29 -48.68 -48.69 -12.54
N ARG H 30 -49.93 -48.83 -12.08
CA ARG H 30 -50.31 -49.93 -11.18
C ARG H 30 -50.63 -51.22 -11.92
N LYS H 31 -51.32 -51.13 -13.03
CA LYS H 31 -51.80 -52.32 -13.71
C LYS H 31 -50.67 -53.18 -14.22
N TRP H 32 -49.52 -52.59 -14.51
CA TRP H 32 -48.44 -53.36 -15.12
C TRP H 32 -47.33 -53.86 -14.18
N ARG H 33 -47.47 -53.61 -12.87
CA ARG H 33 -46.46 -54.07 -11.93
C ARG H 33 -46.27 -55.54 -12.25
N PRO H 34 -45.02 -55.94 -12.45
CA PRO H 34 -44.74 -57.27 -12.98
C PRO H 34 -45.18 -58.35 -12.00
N GLN H 35 -45.70 -59.43 -12.54
CA GLN H 35 -46.25 -60.48 -11.71
C GLN H 35 -45.37 -61.70 -11.68
N THR H 36 -44.34 -61.71 -12.53
CA THR H 36 -43.36 -62.80 -12.50
C THR H 36 -42.02 -62.22 -12.88
N PHE H 37 -40.95 -62.98 -12.70
CA PHE H 37 -39.63 -62.45 -13.02
C PHE H 37 -39.53 -62.18 -14.52
N ALA H 38 -40.15 -63.06 -15.27
CA ALA H 38 -40.26 -62.87 -16.71
C ALA H 38 -40.57 -61.42 -17.04
N ASP H 39 -41.53 -60.84 -16.34
CA ASP H 39 -42.10 -59.55 -16.72
C ASP H 39 -41.33 -58.36 -16.18
N VAL H 40 -40.19 -58.63 -15.55
CA VAL H 40 -39.38 -57.54 -15.01
C VAL H 40 -38.45 -57.02 -16.09
N VAL H 41 -38.42 -55.71 -16.27
CA VAL H 41 -37.53 -55.06 -17.23
C VAL H 41 -36.10 -54.87 -16.69
N GLY H 42 -35.12 -55.29 -17.47
CA GLY H 42 -33.72 -55.15 -17.10
C GLY H 42 -33.50 -55.69 -15.71
N GLN H 43 -32.48 -55.20 -15.02
CA GLN H 43 -32.17 -55.62 -13.66
C GLN H 43 -31.75 -57.07 -13.69
N GLU H 44 -31.11 -57.48 -14.77
CA GLU H 44 -30.70 -58.86 -14.92
C GLU H 44 -29.81 -59.26 -13.75
N HIS H 45 -28.99 -58.33 -13.29
CA HIS H 45 -28.02 -58.63 -12.24
C HIS H 45 -28.68 -58.95 -10.91
N VAL H 46 -29.92 -58.51 -10.75
CA VAL H 46 -30.70 -58.79 -9.53
C VAL H 46 -31.54 -60.04 -9.68
N LEU H 47 -32.45 -60.03 -10.65
CA LEU H 47 -33.20 -61.23 -10.95
C LEU H 47 -32.28 -62.45 -11.00
N THR H 48 -31.15 -62.30 -11.70
CA THR H 48 -30.27 -63.43 -12.00
C THR H 48 -29.63 -64.02 -10.75
N ALA H 49 -29.45 -63.19 -9.74
CA ALA H 49 -28.88 -63.67 -8.49
C ALA H 49 -29.94 -64.45 -7.76
N LEU H 50 -31.06 -63.78 -7.51
CA LEU H 50 -32.13 -64.35 -6.74
C LEU H 50 -32.55 -65.68 -7.29
N ALA H 51 -32.66 -65.79 -8.60
CA ALA H 51 -33.10 -67.04 -9.20
C ALA H 51 -32.03 -68.10 -9.00
N ASN H 52 -30.80 -67.70 -9.30
CA ASN H 52 -29.65 -68.55 -9.12
C ASN H 52 -29.58 -69.03 -7.70
N GLY H 53 -29.88 -68.14 -6.77
CA GLY H 53 -29.84 -68.46 -5.35
C GLY H 53 -31.01 -69.33 -4.86
N LEU H 54 -32.22 -69.02 -5.30
CA LEU H 54 -33.38 -69.85 -4.95
C LEU H 54 -33.12 -71.26 -5.45
N SER H 55 -32.99 -71.45 -6.76
CA SER H 55 -32.74 -72.80 -7.27
C SER H 55 -31.53 -73.45 -6.58
N LEU H 56 -30.58 -72.62 -6.13
CA LEU H 56 -29.37 -73.07 -5.44
C LEU H 56 -29.60 -73.40 -3.98
N GLY H 57 -30.82 -73.14 -3.50
CA GLY H 57 -31.12 -73.35 -2.10
C GLY H 57 -30.42 -72.38 -1.18
N ARG H 58 -29.49 -71.59 -1.72
CA ARG H 58 -28.77 -70.59 -0.93
C ARG H 58 -29.59 -69.30 -0.81
N ILE H 59 -30.22 -69.13 0.34
CA ILE H 59 -31.15 -68.04 0.55
C ILE H 59 -30.78 -67.27 1.80
N HIS H 60 -30.67 -65.95 1.68
CA HIS H 60 -30.36 -65.09 2.83
C HIS H 60 -31.63 -64.85 3.64
N HIS H 61 -31.52 -64.06 4.70
CA HIS H 61 -32.69 -63.74 5.51
C HIS H 61 -32.87 -62.23 5.53
N ALA H 62 -31.92 -61.51 4.95
CA ALA H 62 -32.09 -60.08 4.79
C ALA H 62 -31.69 -59.64 3.37
N TYR H 63 -32.71 -59.30 2.57
CA TYR H 63 -32.49 -58.75 1.25
C TYR H 63 -32.80 -57.25 1.23
N LEU H 64 -31.85 -56.42 0.74
CA LEU H 64 -32.00 -54.96 0.66
C LEU H 64 -32.05 -54.43 -0.77
N PHE H 65 -33.04 -53.59 -1.09
CA PHE H 65 -33.21 -53.17 -2.48
C PHE H 65 -33.17 -51.66 -2.66
N SER H 66 -32.30 -51.21 -3.58
CA SER H 66 -32.09 -49.78 -3.78
C SER H 66 -32.04 -49.37 -5.27
N GLY H 67 -32.14 -48.06 -5.52
CA GLY H 67 -32.27 -47.52 -6.85
C GLY H 67 -33.23 -46.35 -6.86
N THR H 68 -33.18 -45.49 -7.87
CA THR H 68 -34.07 -44.33 -7.88
C THR H 68 -35.47 -44.78 -8.16
N ARG H 69 -36.39 -43.87 -7.95
CA ARG H 69 -37.78 -44.21 -8.00
C ARG H 69 -38.10 -45.01 -9.26
N GLY H 70 -38.97 -46.02 -9.12
CA GLY H 70 -39.67 -46.60 -10.24
C GLY H 70 -38.87 -47.58 -11.07
N VAL H 71 -37.78 -48.10 -10.51
CA VAL H 71 -36.92 -48.97 -11.29
C VAL H 71 -37.22 -50.42 -10.99
N GLY H 72 -38.14 -50.64 -10.08
CA GLY H 72 -38.60 -51.98 -9.85
C GLY H 72 -38.41 -52.60 -8.48
N LYS H 73 -37.85 -51.86 -7.54
CA LYS H 73 -37.53 -52.48 -6.27
C LYS H 73 -38.75 -53.04 -5.50
N THR H 74 -39.67 -52.17 -5.11
CA THR H 74 -40.89 -52.64 -4.46
C THR H 74 -41.45 -53.89 -5.18
N SER H 75 -41.67 -53.84 -6.50
CA SER H 75 -42.25 -54.97 -7.26
C SER H 75 -41.37 -56.21 -7.38
N ILE H 76 -40.08 -56.01 -7.47
CA ILE H 76 -39.16 -57.12 -7.38
C ILE H 76 -39.32 -57.81 -6.02
N ALA H 77 -39.14 -57.05 -4.94
CA ALA H 77 -39.25 -57.60 -3.61
C ALA H 77 -40.46 -58.48 -3.52
N ARG H 78 -41.59 -57.96 -3.98
CA ARG H 78 -42.85 -58.69 -3.90
C ARG H 78 -42.78 -59.99 -4.66
N LEU H 79 -42.14 -59.96 -5.82
CA LEU H 79 -41.92 -61.18 -6.56
C LEU H 79 -41.13 -62.19 -5.74
N LEU H 80 -40.09 -61.71 -5.05
CA LEU H 80 -39.30 -62.58 -4.18
C LEU H 80 -40.13 -63.28 -3.08
N ALA H 81 -40.91 -62.50 -2.35
CA ALA H 81 -41.84 -63.08 -1.40
C ALA H 81 -42.71 -64.10 -2.13
N LYS H 82 -43.31 -63.65 -3.23
CA LYS H 82 -44.21 -64.47 -3.98
C LYS H 82 -43.56 -65.77 -4.43
N GLY H 83 -42.26 -65.76 -4.66
CA GLY H 83 -41.56 -66.97 -5.07
C GLY H 83 -41.09 -67.84 -3.91
N LEU H 84 -40.86 -67.21 -2.76
CA LEU H 84 -40.46 -67.92 -1.57
C LEU H 84 -41.61 -68.78 -1.03
N ASN H 85 -42.85 -68.40 -1.34
CA ASN H 85 -44.01 -69.02 -0.70
C ASN H 85 -44.94 -69.75 -1.66
N CYS H 86 -44.51 -69.85 -2.91
CA CYS H 86 -45.32 -70.54 -3.92
C CYS H 86 -45.60 -71.97 -3.51
N GLU H 87 -46.87 -72.35 -3.47
CA GLU H 87 -47.22 -73.68 -3.02
C GLU H 87 -46.47 -74.75 -3.81
N THR H 88 -46.06 -74.43 -5.03
CA THR H 88 -45.35 -75.42 -5.84
C THR H 88 -44.00 -75.80 -5.23
N GLY H 89 -43.45 -74.88 -4.43
CA GLY H 89 -42.13 -75.05 -3.85
C GLY H 89 -41.42 -73.71 -3.87
N ILE H 90 -40.21 -73.64 -3.31
CA ILE H 90 -39.44 -72.42 -3.37
C ILE H 90 -38.80 -72.32 -4.74
N THR H 91 -39.33 -71.45 -5.58
CA THR H 91 -38.94 -71.40 -6.98
C THR H 91 -38.88 -69.96 -7.45
N ALA H 92 -37.98 -69.69 -8.41
CA ALA H 92 -37.81 -68.35 -8.98
C ALA H 92 -38.90 -68.08 -10.00
N THR H 93 -39.66 -69.11 -10.31
CA THR H 93 -40.78 -69.05 -11.24
C THR H 93 -42.09 -69.30 -10.51
N PRO H 94 -42.52 -68.36 -9.67
CA PRO H 94 -43.79 -68.56 -8.96
C PRO H 94 -44.93 -68.78 -9.96
N CYS H 95 -45.90 -69.60 -9.57
CA CYS H 95 -46.94 -70.07 -10.49
C CYS H 95 -48.12 -69.10 -10.75
N GLY H 96 -48.35 -68.15 -9.84
CA GLY H 96 -49.43 -67.18 -9.99
C GLY H 96 -50.86 -67.73 -10.02
N VAL H 97 -51.04 -68.98 -9.58
CA VAL H 97 -52.38 -69.61 -9.51
C VAL H 97 -52.73 -70.37 -8.21
N CYS H 98 -51.72 -70.73 -7.42
CA CYS H 98 -52.00 -71.36 -6.12
C CYS H 98 -52.56 -70.27 -5.21
N ASP H 99 -53.32 -70.68 -4.19
CA ASP H 99 -53.87 -69.73 -3.24
C ASP H 99 -52.81 -68.70 -2.74
N ASN H 100 -51.59 -69.16 -2.53
CA ASN H 100 -50.52 -68.27 -2.05
C ASN H 100 -50.04 -67.16 -3.01
N CYS H 101 -49.89 -67.49 -4.29
CA CYS H 101 -49.43 -66.51 -5.29
C CYS H 101 -50.52 -65.48 -5.64
N ARG H 102 -51.74 -65.97 -5.94
CA ARG H 102 -52.87 -65.10 -6.26
C ARG H 102 -53.12 -64.14 -5.12
N GLU H 103 -53.10 -64.66 -3.89
CA GLU H 103 -53.35 -63.82 -2.71
C GLU H 103 -52.20 -62.88 -2.37
N ILE H 104 -51.02 -63.13 -2.90
CA ILE H 104 -49.94 -62.17 -2.76
C ILE H 104 -50.17 -61.08 -3.79
N GLU H 105 -50.54 -61.51 -5.00
CA GLU H 105 -50.92 -60.59 -6.07
C GLU H 105 -51.93 -59.56 -5.56
N GLN H 106 -53.02 -60.05 -4.96
CA GLN H 106 -54.08 -59.16 -4.51
C GLN H 106 -53.73 -58.47 -3.18
N GLY H 107 -52.50 -58.65 -2.72
CA GLY H 107 -52.03 -58.02 -1.48
C GLY H 107 -52.73 -58.45 -0.18
N ARG H 108 -53.53 -59.52 -0.24
CA ARG H 108 -54.18 -60.05 0.95
C ARG H 108 -53.69 -61.46 1.33
N PHE H 109 -52.37 -61.59 1.45
CA PHE H 109 -51.77 -62.85 1.82
C PHE H 109 -51.25 -62.80 3.22
N VAL H 110 -51.90 -63.56 4.09
CA VAL H 110 -51.62 -63.51 5.53
C VAL H 110 -50.12 -63.48 5.92
N ASP H 111 -49.22 -63.98 5.07
CA ASP H 111 -47.84 -64.12 5.51
C ASP H 111 -46.78 -63.26 4.82
N LEU H 112 -47.23 -62.31 4.02
CA LEU H 112 -46.33 -61.31 3.44
C LEU H 112 -46.71 -59.96 4.04
N ILE H 113 -45.97 -59.56 5.08
CA ILE H 113 -46.33 -58.42 5.90
C ILE H 113 -45.62 -57.15 5.40
N GLU H 114 -46.30 -56.41 4.53
CA GLU H 114 -45.70 -55.25 3.93
C GLU H 114 -45.78 -54.04 4.84
N ILE H 115 -44.65 -53.63 5.38
CA ILE H 115 -44.67 -52.51 6.31
C ILE H 115 -44.26 -51.19 5.68
N ASP H 116 -45.20 -50.23 5.69
CA ASP H 116 -44.92 -48.90 5.17
C ASP H 116 -44.06 -48.18 6.16
N ALA H 117 -42.76 -48.37 6.00
CA ALA H 117 -41.85 -47.91 7.00
C ALA H 117 -41.90 -46.40 7.20
N ALA H 118 -42.51 -45.67 6.27
CA ALA H 118 -42.58 -44.21 6.39
C ALA H 118 -43.68 -43.74 7.34
N SER H 119 -44.54 -44.67 7.74
CA SER H 119 -45.57 -44.42 8.76
C SER H 119 -45.39 -45.30 10.01
N ARG H 120 -44.69 -46.42 9.88
CA ARG H 120 -44.28 -47.15 11.07
C ARG H 120 -42.81 -46.85 11.29
N THR H 121 -42.48 -45.58 11.47
CA THR H 121 -41.07 -45.17 11.61
C THR H 121 -40.55 -45.27 13.03
N LYS H 122 -41.42 -45.00 13.98
CA LYS H 122 -41.06 -44.87 15.38
C LYS H 122 -40.55 -46.18 15.99
N VAL H 123 -39.92 -46.13 17.16
CA VAL H 123 -39.38 -47.36 17.72
C VAL H 123 -40.49 -48.26 18.15
N GLU H 124 -41.42 -47.68 18.87
CA GLU H 124 -42.45 -48.49 19.47
C GLU H 124 -43.07 -49.30 18.35
N ASP H 125 -43.34 -48.66 17.21
CA ASP H 125 -43.88 -49.35 16.04
C ASP H 125 -43.00 -50.50 15.59
N THR H 126 -41.69 -50.32 15.70
CA THR H 126 -40.76 -51.32 15.21
C THR H 126 -40.75 -52.47 16.20
N ARG H 127 -40.78 -52.13 17.47
CA ARG H 127 -40.83 -53.13 18.51
C ARG H 127 -42.03 -54.05 18.32
N ASP H 128 -43.16 -53.49 17.91
CA ASP H 128 -44.34 -54.30 17.68
C ASP H 128 -44.08 -55.28 16.56
N LEU H 129 -43.41 -54.83 15.52
CA LEU H 129 -43.05 -55.74 14.43
C LEU H 129 -42.10 -56.81 14.97
N LEU H 130 -41.16 -56.41 15.82
CA LEU H 130 -40.29 -57.38 16.47
C LEU H 130 -41.07 -58.44 17.30
N ASP H 131 -41.83 -57.98 18.29
CA ASP H 131 -42.55 -58.91 19.12
C ASP H 131 -43.19 -59.98 18.21
N ASN H 132 -44.03 -59.56 17.28
CA ASN H 132 -44.80 -60.50 16.45
C ASN H 132 -44.00 -61.30 15.42
N VAL H 133 -42.70 -61.42 15.63
CA VAL H 133 -41.82 -62.15 14.70
C VAL H 133 -41.73 -63.62 15.05
N GLN H 134 -41.48 -63.87 16.34
CA GLN H 134 -41.33 -65.21 16.90
C GLN H 134 -42.41 -66.20 16.45
N TYR H 135 -43.65 -65.74 16.48
CA TYR H 135 -44.81 -66.53 16.06
C TYR H 135 -44.69 -67.06 14.63
N ALA H 136 -45.11 -68.32 14.42
CA ALA H 136 -44.98 -68.98 13.12
C ALA H 136 -45.98 -68.49 12.07
N PRO H 137 -45.63 -68.63 10.80
CA PRO H 137 -46.53 -68.21 9.74
C PRO H 137 -47.85 -68.95 9.85
N ALA H 138 -48.87 -68.38 9.21
CA ALA H 138 -50.18 -69.01 9.12
C ALA H 138 -50.19 -70.03 8.00
N ARG H 139 -50.16 -69.54 6.77
CA ARG H 139 -50.37 -70.36 5.59
C ARG H 139 -49.12 -70.51 4.69
N GLY H 140 -47.98 -69.96 5.10
CA GLY H 140 -46.83 -69.92 4.21
C GLY H 140 -45.57 -70.55 4.78
N ARG H 141 -44.64 -70.88 3.88
CA ARG H 141 -43.35 -71.44 4.27
C ARG H 141 -42.58 -70.46 5.13
N PHE H 142 -42.83 -69.18 4.92
CA PHE H 142 -42.13 -68.12 5.63
C PHE H 142 -43.03 -66.94 5.96
N LYS H 143 -42.79 -66.35 7.12
CA LYS H 143 -43.30 -65.04 7.41
C LYS H 143 -42.26 -64.13 6.76
N VAL H 144 -42.64 -63.40 5.71
CA VAL H 144 -41.74 -62.45 5.06
C VAL H 144 -42.18 -61.01 5.29
N TYR H 145 -41.33 -60.24 6.00
CA TYR H 145 -41.57 -58.82 6.23
C TYR H 145 -40.90 -57.99 5.16
N LEU H 146 -41.69 -57.34 4.30
CA LEU H 146 -41.11 -56.47 3.32
C LEU H 146 -41.29 -55.06 3.83
N ILE H 147 -40.17 -54.45 4.17
CA ILE H 147 -40.19 -53.14 4.80
C ILE H 147 -39.81 -52.12 3.76
N ASP H 148 -40.81 -51.39 3.28
CA ASP H 148 -40.65 -50.52 2.14
C ASP H 148 -40.45 -49.11 2.67
N GLU H 149 -39.81 -48.29 1.85
CA GLU H 149 -39.42 -46.93 2.22
C GLU H 149 -38.71 -46.93 3.59
N VAL H 150 -37.71 -47.80 3.67
CA VAL H 150 -37.04 -48.20 4.92
C VAL H 150 -36.06 -47.19 5.47
N HIS H 151 -35.94 -46.07 4.80
CA HIS H 151 -34.90 -45.14 5.16
C HIS H 151 -35.49 -44.20 6.16
N MET H 152 -36.75 -44.41 6.48
CA MET H 152 -37.39 -43.42 7.33
C MET H 152 -37.39 -43.77 8.80
N LEU H 153 -37.05 -45.02 9.12
CA LEU H 153 -36.93 -45.47 10.50
C LEU H 153 -36.00 -44.55 11.30
N SER H 154 -36.42 -44.21 12.50
CA SER H 154 -35.63 -43.39 13.41
C SER H 154 -34.33 -44.09 13.60
N ARG H 155 -33.36 -43.42 14.23
CA ARG H 155 -32.11 -44.08 14.57
C ARG H 155 -32.49 -45.25 15.45
N HIS H 156 -33.40 -44.95 16.36
CA HIS H 156 -33.74 -45.87 17.41
C HIS H 156 -34.29 -47.19 16.94
N SER H 157 -35.16 -47.12 15.94
CA SER H 157 -35.83 -48.29 15.43
C SER H 157 -34.98 -48.97 14.40
N PHE H 158 -33.84 -48.36 14.08
CA PHE H 158 -32.89 -49.03 13.20
C PHE H 158 -32.15 -50.07 14.00
N ASN H 159 -31.53 -49.66 15.11
CA ASN H 159 -30.74 -50.60 15.88
C ASN H 159 -31.63 -51.61 16.54
N ALA H 160 -32.87 -51.19 16.79
CA ALA H 160 -33.89 -52.12 17.22
C ALA H 160 -33.89 -53.35 16.32
N LEU H 161 -33.82 -53.10 15.02
CA LEU H 161 -33.83 -54.18 14.03
C LEU H 161 -32.55 -55.03 14.01
N LEU H 162 -31.49 -54.54 14.68
CA LEU H 162 -30.11 -55.00 14.42
C LEU H 162 -29.92 -56.48 14.64
N LYS H 163 -30.04 -56.86 15.91
CA LYS H 163 -29.78 -58.24 16.29
C LYS H 163 -30.79 -59.18 15.64
N THR H 164 -32.06 -58.80 15.65
CA THR H 164 -33.08 -59.65 15.06
C THR H 164 -32.88 -59.86 13.57
N LEU H 165 -32.18 -58.92 12.93
CA LEU H 165 -31.92 -59.02 11.51
C LEU H 165 -30.70 -59.85 11.31
N GLU H 166 -29.74 -59.76 12.24
CA GLU H 166 -28.51 -60.54 12.15
C GLU H 166 -28.75 -62.04 12.29
N GLU H 167 -29.69 -62.39 13.16
CA GLU H 167 -30.03 -63.78 13.45
C GLU H 167 -31.50 -63.90 13.79
N PRO H 168 -32.33 -64.13 12.77
CA PRO H 168 -33.77 -64.27 12.84
C PRO H 168 -34.09 -65.72 13.08
N PRO H 169 -35.37 -66.09 13.12
CA PRO H 169 -35.74 -67.50 13.24
C PRO H 169 -35.80 -68.13 11.86
N GLU H 170 -35.83 -69.46 11.78
CA GLU H 170 -35.73 -70.13 10.48
C GLU H 170 -36.79 -69.62 9.50
N HIS H 171 -38.01 -69.48 9.99
CA HIS H 171 -39.17 -69.18 9.13
C HIS H 171 -39.30 -67.71 8.75
N VAL H 172 -38.39 -66.88 9.26
CA VAL H 172 -38.43 -65.45 8.97
C VAL H 172 -37.46 -65.00 7.90
N LYS H 173 -37.93 -64.08 7.06
CA LYS H 173 -37.13 -63.43 6.03
C LYS H 173 -37.42 -61.91 6.05
N PHE H 174 -36.41 -61.09 5.77
CA PHE H 174 -36.60 -59.64 5.71
C PHE H 174 -36.29 -59.01 4.35
N LEU H 175 -37.31 -58.46 3.71
CA LEU H 175 -37.13 -57.71 2.49
C LEU H 175 -37.19 -56.21 2.75
N LEU H 176 -36.03 -55.57 2.69
CA LEU H 176 -35.97 -54.12 2.82
C LEU H 176 -35.83 -53.49 1.46
N ALA H 177 -36.18 -52.21 1.35
CA ALA H 177 -36.16 -51.58 0.06
C ALA H 177 -36.24 -50.09 0.27
N THR H 178 -35.44 -49.35 -0.49
CA THR H 178 -35.38 -47.93 -0.29
C THR H 178 -34.72 -47.23 -1.46
N THR H 179 -35.14 -45.98 -1.63
CA THR H 179 -34.63 -45.08 -2.62
C THR H 179 -33.20 -44.87 -2.26
N ASP H 180 -32.92 -44.23 -1.13
CA ASP H 180 -31.50 -44.16 -0.74
C ASP H 180 -31.06 -44.93 0.49
N PRO H 181 -30.17 -45.91 0.26
CA PRO H 181 -29.60 -46.83 1.26
C PRO H 181 -28.56 -46.05 2.02
N GLN H 182 -28.24 -44.88 1.46
CA GLN H 182 -27.31 -43.92 2.04
C GLN H 182 -27.63 -43.67 3.53
N LYS H 183 -28.94 -43.58 3.84
CA LYS H 183 -29.45 -43.24 5.17
C LYS H 183 -29.41 -44.39 6.24
N LEU H 184 -29.29 -45.65 5.80
CA LEU H 184 -29.29 -46.77 6.73
C LEU H 184 -27.93 -46.91 7.40
N PRO H 185 -27.90 -47.06 8.73
CA PRO H 185 -26.67 -47.26 9.51
C PRO H 185 -25.83 -48.41 9.00
N VAL H 186 -24.49 -48.27 8.97
CA VAL H 186 -23.63 -49.29 8.34
C VAL H 186 -23.81 -50.65 8.97
N THR H 187 -24.25 -50.62 10.22
CA THR H 187 -24.58 -51.80 10.98
C THR H 187 -25.68 -52.58 10.29
N ILE H 188 -26.72 -51.88 9.82
CA ILE H 188 -27.79 -52.51 9.05
C ILE H 188 -27.26 -53.10 7.75
N LEU H 189 -26.29 -52.41 7.16
CA LEU H 189 -25.86 -52.71 5.81
C LEU H 189 -25.07 -53.99 5.77
N SER H 190 -24.21 -54.19 6.77
CA SER H 190 -23.33 -55.34 6.78
C SER H 190 -24.10 -56.63 7.04
N ARG H 191 -25.40 -56.48 7.31
CA ARG H 191 -26.27 -57.62 7.62
C ARG H 191 -27.14 -58.10 6.45
N CYS H 192 -27.04 -57.45 5.28
CA CYS H 192 -27.91 -57.81 4.16
C CYS H 192 -27.16 -58.07 2.88
N LEU H 193 -27.85 -58.77 1.99
CA LEU H 193 -27.49 -58.72 0.60
C LEU H 193 -28.02 -57.38 0.14
N GLN H 194 -27.25 -56.66 -0.65
CA GLN H 194 -27.72 -55.38 -1.14
C GLN H 194 -27.79 -55.54 -2.61
N PHE H 195 -28.98 -55.27 -3.13
CA PHE H 195 -29.17 -55.33 -4.55
C PHE H 195 -29.50 -53.94 -5.06
N HIS H 196 -28.60 -53.40 -5.89
CA HIS H 196 -28.81 -52.08 -6.45
C HIS H 196 -29.38 -52.08 -7.87
N LEU H 197 -30.68 -51.83 -7.98
CA LEU H 197 -31.30 -51.75 -9.29
C LEU H 197 -30.80 -50.52 -10.05
N LYS H 198 -30.43 -50.73 -11.30
CA LYS H 198 -29.86 -49.69 -12.11
C LYS H 198 -31.02 -48.97 -12.79
N ALA H 199 -30.89 -47.67 -13.04
CA ALA H 199 -31.92 -46.93 -13.75
C ALA H 199 -32.02 -47.48 -15.18
N LEU H 200 -33.08 -47.16 -15.89
CA LEU H 200 -33.27 -47.85 -17.16
C LEU H 200 -32.72 -47.17 -18.44
N ASP H 201 -32.24 -47.97 -19.38
CA ASP H 201 -31.77 -47.43 -20.64
C ASP H 201 -32.93 -46.79 -21.30
N VAL H 202 -32.67 -45.80 -22.16
CA VAL H 202 -33.77 -45.24 -22.93
C VAL H 202 -34.42 -46.35 -23.75
N GLU H 203 -33.61 -47.24 -24.30
CA GLU H 203 -34.16 -48.35 -25.06
C GLU H 203 -35.15 -49.17 -24.25
N GLN H 204 -34.70 -49.66 -23.10
CA GLN H 204 -35.54 -50.50 -22.26
C GLN H 204 -36.91 -49.92 -22.00
N ILE H 205 -36.95 -48.72 -21.41
CA ILE H 205 -38.21 -48.00 -21.24
C ILE H 205 -39.07 -48.01 -22.50
N ARG H 206 -38.49 -47.65 -23.64
CA ARG H 206 -39.25 -47.63 -24.87
C ARG H 206 -39.90 -48.98 -25.13
N HIS H 207 -39.09 -50.03 -25.20
CA HIS H 207 -39.58 -51.34 -25.56
C HIS H 207 -40.80 -51.77 -24.74
N GLN H 208 -40.77 -51.46 -23.46
CA GLN H 208 -41.88 -51.70 -22.54
C GLN H 208 -43.10 -50.84 -22.90
N LEU H 209 -42.84 -49.56 -23.10
CA LEU H 209 -43.89 -48.61 -23.44
C LEU H 209 -44.58 -49.12 -24.69
N GLU H 210 -43.82 -49.68 -25.62
CA GLU H 210 -44.42 -50.29 -26.80
C GLU H 210 -45.28 -51.49 -26.38
N HIS H 211 -44.64 -52.52 -25.84
CA HIS H 211 -45.37 -53.71 -25.38
C HIS H 211 -46.69 -53.36 -24.70
N ILE H 212 -46.63 -52.48 -23.70
CA ILE H 212 -47.84 -52.11 -22.94
C ILE H 212 -48.88 -51.44 -23.81
N LEU H 213 -48.48 -50.44 -24.59
CA LEU H 213 -49.48 -49.77 -25.41
C LEU H 213 -50.08 -50.76 -26.40
N ASN H 214 -49.25 -51.67 -26.91
CA ASN H 214 -49.73 -52.73 -27.78
C ASN H 214 -50.74 -53.59 -27.07
N GLU H 215 -50.30 -54.22 -25.99
CA GLU H 215 -51.17 -55.07 -25.20
C GLU H 215 -52.43 -54.32 -24.86
N GLU H 216 -52.31 -53.10 -24.35
CA GLU H 216 -53.49 -52.32 -24.01
C GLU H 216 -54.23 -51.79 -25.22
N HIS H 217 -53.83 -52.23 -26.41
CA HIS H 217 -54.41 -51.77 -27.67
C HIS H 217 -54.61 -50.27 -27.66
N ILE H 218 -53.60 -49.55 -28.13
CA ILE H 218 -53.58 -48.10 -28.12
C ILE H 218 -52.71 -47.58 -29.23
N ALA H 219 -53.29 -46.75 -30.09
CA ALA H 219 -52.53 -46.18 -31.19
C ALA H 219 -51.36 -45.38 -30.67
N HIS H 220 -50.24 -45.50 -31.36
CA HIS H 220 -49.06 -44.76 -30.97
C HIS H 220 -48.10 -44.51 -32.14
N GLU H 221 -47.60 -43.28 -32.24
CA GLU H 221 -46.54 -42.97 -33.20
C GLU H 221 -45.21 -43.44 -32.65
N PRO H 222 -44.41 -44.12 -33.46
CA PRO H 222 -43.10 -44.57 -32.99
C PRO H 222 -42.36 -43.51 -32.18
N ARG H 223 -42.22 -42.31 -32.75
CA ARG H 223 -41.35 -41.30 -32.15
C ARG H 223 -41.86 -40.77 -30.82
N ALA H 224 -43.15 -40.90 -30.58
CA ALA H 224 -43.75 -40.39 -29.37
C ALA H 224 -43.28 -41.21 -28.17
N LEU H 225 -42.89 -42.45 -28.43
CA LEU H 225 -42.35 -43.29 -27.37
C LEU H 225 -40.91 -42.90 -27.16
N GLN H 226 -40.14 -42.77 -28.24
CA GLN H 226 -38.75 -42.36 -28.10
C GLN H 226 -38.69 -41.12 -27.21
N LEU H 227 -39.70 -40.27 -27.31
CA LEU H 227 -39.73 -38.99 -26.61
C LEU H 227 -40.04 -39.14 -25.16
N LEU H 228 -40.97 -40.03 -24.86
CA LEU H 228 -41.39 -40.27 -23.49
C LEU H 228 -40.27 -40.93 -22.70
N ALA H 229 -39.71 -42.02 -23.24
CA ALA H 229 -38.66 -42.74 -22.55
C ALA H 229 -37.45 -41.83 -22.25
N ARG H 230 -37.24 -40.80 -23.07
CA ARG H 230 -36.16 -39.87 -22.78
C ARG H 230 -36.57 -39.03 -21.59
N ALA H 231 -37.79 -38.52 -21.62
CA ALA H 231 -38.31 -37.66 -20.55
C ALA H 231 -38.49 -38.39 -19.24
N ALA H 232 -38.52 -39.72 -19.33
CA ALA H 232 -38.69 -40.56 -18.17
C ALA H 232 -37.49 -40.45 -17.24
N GLU H 233 -36.33 -40.12 -17.81
CA GLU H 233 -35.11 -40.00 -17.04
C GLU H 233 -34.93 -41.19 -16.14
N GLY H 234 -34.83 -42.36 -16.76
CA GLY H 234 -34.43 -43.57 -16.08
C GLY H 234 -35.52 -44.41 -15.47
N SER H 235 -36.67 -43.77 -15.16
CA SER H 235 -37.69 -44.40 -14.32
C SER H 235 -38.85 -44.98 -15.06
N LEU H 236 -38.97 -46.29 -14.99
CA LEU H 236 -40.04 -46.97 -15.71
C LEU H 236 -41.43 -46.56 -15.23
N ARG H 237 -41.55 -46.11 -13.98
CA ARG H 237 -42.82 -45.56 -13.52
C ARG H 237 -43.02 -44.18 -14.13
N ASP H 238 -42.06 -43.29 -13.89
CA ASP H 238 -42.11 -41.95 -14.43
C ASP H 238 -42.67 -42.01 -15.84
N ALA H 239 -42.19 -42.99 -16.58
CA ALA H 239 -42.59 -43.16 -17.97
C ALA H 239 -44.07 -43.54 -18.09
N LEU H 240 -44.48 -44.53 -17.30
CA LEU H 240 -45.86 -44.98 -17.32
C LEU H 240 -46.77 -43.89 -16.79
N SER H 241 -46.26 -43.07 -15.90
CA SER H 241 -47.04 -41.94 -15.42
C SER H 241 -47.18 -40.87 -16.49
N LEU H 242 -46.20 -40.77 -17.39
CA LEU H 242 -46.23 -39.78 -18.46
C LEU H 242 -47.10 -40.29 -19.59
N THR H 243 -46.96 -41.57 -19.87
CA THR H 243 -47.79 -42.19 -20.86
C THR H 243 -49.26 -42.07 -20.46
N ASP H 244 -49.57 -42.34 -19.20
CA ASP H 244 -50.96 -42.28 -18.77
C ASP H 244 -51.49 -40.93 -19.14
N GLN H 245 -50.82 -39.87 -18.74
CA GLN H 245 -51.36 -38.56 -19.01
C GLN H 245 -51.17 -38.17 -20.45
N ALA H 246 -50.24 -38.84 -21.12
CA ALA H 246 -50.07 -38.66 -22.56
C ALA H 246 -51.33 -39.15 -23.30
N ILE H 247 -51.78 -40.34 -22.93
CA ILE H 247 -52.98 -40.95 -23.50
C ILE H 247 -54.14 -40.03 -23.30
N ALA H 248 -54.14 -39.32 -22.19
CA ALA H 248 -55.25 -38.42 -21.93
C ALA H 248 -55.04 -37.15 -22.72
N SER H 249 -53.80 -36.70 -22.82
CA SER H 249 -53.58 -35.47 -23.49
C SER H 249 -53.84 -35.64 -24.98
N GLY H 250 -53.49 -36.82 -25.49
CA GLY H 250 -53.64 -37.13 -26.91
C GLY H 250 -54.98 -37.72 -27.32
N ASP H 251 -55.88 -37.92 -26.36
CA ASP H 251 -57.21 -38.49 -26.60
C ASP H 251 -57.17 -39.94 -27.07
N GLY H 252 -56.76 -40.85 -26.18
CA GLY H 252 -56.71 -42.26 -26.52
C GLY H 252 -55.62 -42.65 -27.50
N GLN H 253 -54.95 -41.64 -28.08
CA GLN H 253 -53.81 -41.84 -28.96
C GLN H 253 -52.58 -41.28 -28.27
N VAL H 254 -51.49 -42.01 -28.32
CA VAL H 254 -50.21 -41.47 -27.87
C VAL H 254 -49.49 -40.89 -29.07
N SER H 255 -49.81 -39.65 -29.44
CA SER H 255 -49.22 -39.07 -30.65
C SER H 255 -48.06 -38.13 -30.35
N THR H 256 -47.12 -38.08 -31.28
CA THR H 256 -45.93 -37.26 -31.15
C THR H 256 -46.29 -35.82 -30.84
N GLN H 257 -47.27 -35.29 -31.56
CA GLN H 257 -47.72 -33.93 -31.34
C GLN H 257 -48.19 -33.79 -29.90
N ALA H 258 -48.83 -34.83 -29.41
CA ALA H 258 -49.42 -34.83 -28.07
C ALA H 258 -48.38 -34.90 -26.97
N VAL H 259 -47.41 -35.80 -27.14
CA VAL H 259 -46.32 -35.95 -26.18
C VAL H 259 -45.44 -34.72 -26.12
N SER H 260 -45.09 -34.16 -27.28
CA SER H 260 -44.20 -33.00 -27.32
C SER H 260 -44.93 -31.72 -26.94
N ALA H 261 -46.25 -31.72 -27.13
CA ALA H 261 -47.08 -30.68 -26.58
C ALA H 261 -46.81 -30.65 -25.09
N MET H 262 -47.34 -31.68 -24.43
CA MET H 262 -47.19 -31.89 -23.01
C MET H 262 -45.75 -31.69 -22.45
N LEU H 263 -44.75 -31.94 -23.29
CA LEU H 263 -43.37 -31.95 -22.80
C LEU H 263 -42.65 -30.59 -22.89
N GLY H 264 -43.23 -29.65 -23.62
CA GLY H 264 -42.60 -28.34 -23.79
C GLY H 264 -41.60 -28.39 -24.92
N THR H 265 -41.35 -29.60 -25.42
CA THR H 265 -40.54 -29.77 -26.59
C THR H 265 -41.30 -29.18 -27.74
N LEU H 266 -40.55 -28.60 -28.65
CA LEU H 266 -41.05 -28.38 -29.99
C LEU H 266 -40.26 -29.39 -30.82
N ASP H 267 -40.85 -29.90 -31.90
CA ASP H 267 -40.11 -30.89 -32.70
C ASP H 267 -38.88 -30.36 -33.45
N ASP H 268 -37.80 -31.09 -33.18
CA ASP H 268 -36.41 -30.63 -33.18
C ASP H 268 -35.91 -29.63 -34.22
N ASP H 269 -36.44 -29.67 -35.45
CA ASP H 269 -35.87 -28.82 -36.48
C ASP H 269 -35.68 -27.39 -35.96
N GLN H 270 -36.79 -26.69 -35.76
CA GLN H 270 -36.80 -25.27 -35.43
C GLN H 270 -35.70 -24.78 -34.45
N ALA H 271 -35.39 -25.62 -33.46
CA ALA H 271 -34.39 -25.37 -32.42
C ALA H 271 -33.02 -25.15 -33.02
N LEU H 272 -32.59 -26.23 -33.67
CA LEU H 272 -31.32 -26.32 -34.39
C LEU H 272 -31.18 -25.23 -35.42
N SER H 273 -32.20 -25.09 -36.26
CA SER H 273 -32.25 -24.07 -37.30
C SER H 273 -31.83 -22.73 -36.70
N LEU H 274 -32.08 -22.54 -35.41
CA LEU H 274 -31.72 -21.29 -34.78
C LEU H 274 -30.24 -21.25 -34.46
N VAL H 275 -29.74 -22.33 -33.86
CA VAL H 275 -28.30 -22.50 -33.66
C VAL H 275 -27.57 -22.19 -34.94
N GLU H 276 -27.77 -23.05 -35.93
CA GLU H 276 -27.26 -22.85 -37.30
C GLU H 276 -27.23 -21.39 -37.76
N ALA H 277 -28.41 -20.77 -37.82
CA ALA H 277 -28.51 -19.39 -38.22
C ALA H 277 -27.60 -18.52 -37.38
N MET H 278 -27.47 -18.87 -36.11
CA MET H 278 -26.61 -18.09 -35.22
C MET H 278 -25.11 -18.26 -35.51
N VAL H 279 -24.62 -19.50 -35.56
CA VAL H 279 -23.21 -19.72 -35.87
C VAL H 279 -22.93 -19.13 -37.22
N GLU H 280 -23.92 -19.20 -38.12
CA GLU H 280 -23.74 -18.65 -39.48
C GLU H 280 -23.88 -17.12 -39.48
N ALA H 281 -23.98 -16.54 -38.29
CA ALA H 281 -23.94 -15.08 -38.11
C ALA H 281 -25.03 -14.33 -38.85
N ASN H 282 -25.92 -15.09 -39.46
CA ASN H 282 -27.06 -14.50 -40.15
C ASN H 282 -28.12 -13.99 -39.17
N GLY H 283 -28.24 -12.68 -39.06
CA GLY H 283 -29.15 -12.09 -38.12
C GLY H 283 -30.60 -12.16 -38.54
N GLU H 284 -30.89 -11.73 -39.77
CA GLU H 284 -32.25 -11.79 -40.30
C GLU H 284 -32.87 -13.13 -39.95
N ARG H 285 -32.25 -14.20 -40.43
CA ARG H 285 -32.79 -15.53 -40.21
C ARG H 285 -33.05 -15.74 -38.75
N VAL H 286 -32.07 -15.38 -37.92
CA VAL H 286 -32.22 -15.59 -36.49
C VAL H 286 -33.52 -14.96 -36.02
N MET H 287 -33.67 -13.67 -36.28
CA MET H 287 -34.81 -12.96 -35.76
C MET H 287 -36.11 -13.43 -36.39
N ALA H 288 -36.08 -13.76 -37.67
CA ALA H 288 -37.25 -14.41 -38.30
C ALA H 288 -37.63 -15.69 -37.56
N LEU H 289 -36.71 -16.63 -37.48
CA LEU H 289 -36.93 -17.90 -36.79
C LEU H 289 -37.49 -17.76 -35.37
N ILE H 290 -37.14 -16.66 -34.72
CA ILE H 290 -37.61 -16.31 -33.39
C ILE H 290 -39.05 -15.83 -33.47
N ASN H 291 -39.29 -14.93 -34.41
CA ASN H 291 -40.62 -14.47 -34.72
C ASN H 291 -41.57 -15.66 -35.01
N GLU H 292 -41.15 -16.59 -35.87
CA GLU H 292 -41.95 -17.77 -36.21
C GLU H 292 -42.23 -18.65 -35.01
N ALA H 293 -41.26 -18.74 -34.10
CA ALA H 293 -41.42 -19.50 -32.88
C ALA H 293 -42.41 -18.77 -32.01
N ALA H 294 -42.41 -17.46 -32.13
CA ALA H 294 -43.25 -16.59 -31.32
C ALA H 294 -44.70 -16.65 -31.78
N ALA H 295 -44.86 -16.96 -33.07
CA ALA H 295 -46.17 -17.19 -33.65
C ALA H 295 -46.76 -18.49 -33.11
N ARG H 296 -45.89 -19.48 -32.93
CA ARG H 296 -46.28 -20.73 -32.29
C ARG H 296 -46.36 -20.61 -30.77
N GLY H 297 -46.11 -19.40 -30.27
CA GLY H 297 -46.16 -19.11 -28.85
C GLY H 297 -45.34 -20.04 -27.96
N ILE H 298 -44.22 -20.54 -28.48
CA ILE H 298 -43.37 -21.45 -27.72
C ILE H 298 -42.90 -20.70 -26.49
N GLU H 299 -42.74 -21.39 -25.37
CA GLU H 299 -42.36 -20.68 -24.15
C GLU H 299 -40.88 -20.43 -24.14
N TRP H 300 -40.54 -19.17 -24.03
CA TRP H 300 -39.20 -18.73 -24.30
C TRP H 300 -38.09 -19.47 -23.56
N GLU H 301 -38.17 -19.63 -22.25
CA GLU H 301 -37.04 -20.28 -21.57
C GLU H 301 -36.74 -21.60 -22.26
N ALA H 302 -37.80 -22.30 -22.63
CA ALA H 302 -37.69 -23.63 -23.21
C ALA H 302 -36.82 -23.62 -24.41
N LEU H 303 -37.06 -22.64 -25.27
CA LEU H 303 -36.32 -22.48 -26.52
C LEU H 303 -34.85 -22.42 -26.20
N LEU H 304 -34.49 -21.38 -25.46
CA LEU H 304 -33.14 -21.21 -24.98
C LEU H 304 -32.53 -22.52 -24.53
N VAL H 305 -33.35 -23.36 -23.91
CA VAL H 305 -32.81 -24.60 -23.38
C VAL H 305 -32.55 -25.66 -24.45
N GLU H 306 -33.45 -25.81 -25.41
CA GLU H 306 -33.13 -26.73 -26.48
C GLU H 306 -31.86 -26.28 -27.19
N MET H 307 -31.61 -24.97 -27.28
CA MET H 307 -30.38 -24.44 -27.87
C MET H 307 -29.13 -24.84 -27.10
N LEU H 308 -29.15 -24.64 -25.79
CA LEU H 308 -28.09 -25.11 -24.94
C LEU H 308 -27.97 -26.62 -25.04
N GLY H 309 -29.09 -27.30 -25.16
CA GLY H 309 -29.08 -28.75 -25.31
C GLY H 309 -28.30 -29.13 -26.55
N LEU H 310 -28.60 -28.46 -27.64
CA LEU H 310 -27.96 -28.77 -28.89
C LEU H 310 -26.47 -28.46 -28.86
N LEU H 311 -26.11 -27.24 -28.48
CA LEU H 311 -24.70 -26.86 -28.36
C LEU H 311 -23.92 -27.86 -27.54
N HIS H 312 -24.49 -28.24 -26.41
CA HIS H 312 -23.86 -29.21 -25.56
C HIS H 312 -23.63 -30.52 -26.28
N ARG H 313 -24.64 -31.08 -26.93
CA ARG H 313 -24.39 -32.36 -27.55
C ARG H 313 -23.31 -32.22 -28.60
N ILE H 314 -23.33 -31.12 -29.36
CA ILE H 314 -22.26 -30.86 -30.31
C ILE H 314 -20.89 -30.92 -29.69
N ALA H 315 -20.70 -30.08 -28.66
CA ALA H 315 -19.44 -29.93 -27.95
C ALA H 315 -19.00 -31.29 -27.41
N MET H 316 -19.98 -32.14 -27.14
CA MET H 316 -19.65 -33.47 -26.72
C MET H 316 -19.23 -34.32 -27.88
N VAL H 317 -19.99 -34.22 -28.96
CA VAL H 317 -19.74 -35.03 -30.14
C VAL H 317 -18.29 -34.86 -30.50
N GLN H 318 -17.82 -33.64 -30.31
CA GLN H 318 -16.42 -33.32 -30.47
C GLN H 318 -15.49 -34.11 -29.55
N LEU H 319 -15.93 -34.38 -28.31
CA LEU H 319 -15.11 -35.17 -27.40
C LEU H 319 -15.01 -36.62 -27.86
N SER H 320 -16.07 -37.39 -27.68
CA SER H 320 -16.16 -38.74 -28.25
C SER H 320 -17.17 -38.64 -29.40
N PRO H 321 -16.89 -39.35 -30.52
CA PRO H 321 -17.79 -39.22 -31.68
C PRO H 321 -18.94 -40.19 -31.50
N ALA H 322 -18.66 -41.36 -30.95
CA ALA H 322 -19.71 -42.32 -30.66
C ALA H 322 -20.65 -41.76 -29.57
N ALA H 323 -20.42 -40.50 -29.18
CA ALA H 323 -21.23 -39.81 -28.18
C ALA H 323 -22.57 -39.24 -28.66
N LEU H 324 -22.73 -38.92 -29.94
CA LEU H 324 -23.98 -38.31 -30.39
C LEU H 324 -25.18 -39.21 -30.17
N GLY H 325 -26.26 -38.63 -29.61
CA GLY H 325 -27.46 -39.36 -29.26
C GLY H 325 -28.17 -40.21 -30.33
N ASN H 326 -28.74 -41.31 -29.88
CA ASN H 326 -29.53 -42.20 -30.73
C ASN H 326 -30.82 -41.54 -31.22
N ASP H 327 -31.43 -40.74 -30.36
CA ASP H 327 -32.77 -40.17 -30.60
C ASP H 327 -32.84 -39.13 -31.71
N MET H 328 -31.72 -38.48 -31.98
CA MET H 328 -31.71 -37.37 -32.91
C MET H 328 -31.11 -37.75 -34.24
N ALA H 329 -31.49 -38.92 -34.73
CA ALA H 329 -31.18 -39.32 -36.09
C ALA H 329 -31.63 -38.23 -37.06
N ALA H 330 -32.88 -37.81 -36.93
CA ALA H 330 -33.49 -36.86 -37.88
C ALA H 330 -32.71 -35.58 -38.07
N ILE H 331 -31.58 -35.48 -37.39
CA ILE H 331 -30.86 -34.24 -37.32
C ILE H 331 -29.36 -34.50 -37.26
N GLU H 332 -29.00 -35.76 -37.12
CA GLU H 332 -27.61 -36.15 -37.00
C GLU H 332 -26.76 -35.60 -38.14
N LEU H 333 -27.20 -35.77 -39.38
CA LEU H 333 -26.45 -35.29 -40.53
C LEU H 333 -25.94 -33.91 -40.26
N ARG H 334 -26.87 -33.04 -39.86
CA ARG H 334 -26.60 -31.64 -39.67
C ARG H 334 -25.75 -31.35 -38.43
N MET H 335 -26.06 -32.03 -37.34
CA MET H 335 -25.34 -31.85 -36.09
C MET H 335 -23.89 -32.14 -36.34
N ARG H 336 -23.60 -33.36 -36.74
CA ARG H 336 -22.26 -33.82 -37.03
C ARG H 336 -21.48 -32.77 -37.80
N GLU H 337 -22.15 -32.16 -38.79
CA GLU H 337 -21.55 -31.14 -39.62
C GLU H 337 -21.05 -30.01 -38.74
N LEU H 338 -21.97 -29.40 -38.00
CA LEU H 338 -21.62 -28.40 -36.98
C LEU H 338 -20.39 -28.73 -36.10
N ALA H 339 -20.33 -29.97 -35.63
CA ALA H 339 -19.30 -30.39 -34.70
C ALA H 339 -17.99 -30.45 -35.43
N ARG H 340 -18.08 -30.64 -36.73
CA ARG H 340 -16.94 -30.79 -37.61
C ARG H 340 -16.40 -29.42 -38.01
N THR H 341 -17.30 -28.48 -38.24
CA THR H 341 -16.92 -27.19 -38.80
C THR H 341 -16.61 -26.09 -37.80
N ILE H 342 -17.29 -26.07 -36.66
CA ILE H 342 -17.14 -24.96 -35.72
C ILE H 342 -16.18 -25.26 -34.56
N PRO H 343 -15.23 -24.33 -34.33
CA PRO H 343 -14.17 -24.42 -33.31
C PRO H 343 -14.73 -24.68 -31.94
N PRO H 344 -14.14 -25.62 -31.23
CA PRO H 344 -14.65 -25.89 -29.89
C PRO H 344 -14.73 -24.62 -29.04
N THR H 345 -13.62 -23.85 -29.06
CA THR H 345 -13.49 -22.65 -28.26
C THR H 345 -14.59 -21.70 -28.64
N ASP H 346 -15.18 -21.94 -29.81
CA ASP H 346 -16.29 -21.14 -30.31
C ASP H 346 -17.62 -21.55 -29.71
N ILE H 347 -17.87 -22.85 -29.70
CA ILE H 347 -19.07 -23.36 -29.10
C ILE H 347 -19.10 -23.01 -27.61
N GLN H 348 -17.99 -23.22 -26.91
CA GLN H 348 -17.88 -22.70 -25.55
C GLN H 348 -18.34 -21.25 -25.47
N LEU H 349 -18.21 -20.52 -26.58
CA LEU H 349 -18.72 -19.16 -26.61
C LEU H 349 -20.25 -19.15 -26.60
N TYR H 350 -20.84 -19.65 -27.66
CA TYR H 350 -22.30 -19.70 -27.73
C TYR H 350 -22.96 -20.31 -26.45
N TYR H 351 -22.43 -21.43 -25.98
CA TYR H 351 -23.00 -22.08 -24.81
C TYR H 351 -23.02 -21.10 -23.65
N GLN H 352 -21.88 -20.55 -23.32
CA GLN H 352 -21.78 -19.63 -22.19
C GLN H 352 -22.71 -18.44 -22.35
N THR H 353 -22.89 -18.03 -23.59
CA THR H 353 -23.57 -16.78 -23.89
C THR H 353 -25.06 -16.93 -23.68
N LEU H 354 -25.55 -18.08 -24.13
CA LEU H 354 -26.94 -18.51 -23.96
C LEU H 354 -27.18 -18.90 -22.51
N LEU H 355 -26.15 -19.39 -21.85
CA LEU H 355 -26.27 -19.84 -20.47
C LEU H 355 -26.42 -18.67 -19.53
N ILE H 356 -25.59 -17.66 -19.65
CA ILE H 356 -25.83 -16.50 -18.81
C ILE H 356 -27.05 -15.73 -19.35
N GLY H 357 -27.52 -16.16 -20.52
CA GLY H 357 -28.76 -15.62 -21.06
C GLY H 357 -29.96 -16.15 -20.30
N ARG H 358 -29.97 -17.46 -20.05
CA ARG H 358 -30.92 -18.10 -19.15
C ARG H 358 -30.83 -17.46 -17.77
N LYS H 359 -29.62 -17.26 -17.26
CA LYS H 359 -29.44 -16.62 -15.96
C LYS H 359 -30.18 -15.30 -15.96
N GLU H 360 -30.40 -14.70 -17.13
CA GLU H 360 -30.98 -13.35 -17.21
C GLU H 360 -32.48 -13.24 -17.44
N LEU H 361 -33.00 -14.17 -18.23
CA LEU H 361 -34.40 -14.15 -18.65
C LEU H 361 -35.42 -13.67 -17.60
N PRO H 362 -35.30 -14.19 -16.36
CA PRO H 362 -36.05 -13.78 -15.18
C PRO H 362 -36.23 -12.28 -15.12
N TYR H 363 -35.15 -11.54 -15.33
CA TYR H 363 -35.17 -10.13 -15.00
C TYR H 363 -35.31 -9.29 -16.23
N ALA H 364 -34.98 -9.88 -17.37
CA ALA H 364 -35.24 -9.18 -18.60
C ALA H 364 -36.70 -8.72 -18.62
N PRO H 365 -36.95 -7.57 -19.27
CA PRO H 365 -38.19 -6.80 -19.38
C PRO H 365 -39.36 -7.64 -19.89
N ASP H 366 -39.01 -8.71 -20.61
CA ASP H 366 -39.94 -9.46 -21.42
C ASP H 366 -39.19 -10.73 -21.87
N ARG H 367 -39.78 -11.90 -21.59
CA ARG H 367 -39.06 -13.16 -21.80
C ARG H 367 -38.66 -13.34 -23.26
N ARG H 368 -39.53 -12.95 -24.19
CA ARG H 368 -39.13 -12.89 -25.60
C ARG H 368 -37.94 -11.97 -25.74
N MET H 369 -38.20 -10.68 -25.61
CA MET H 369 -37.13 -9.69 -25.59
C MET H 369 -35.86 -10.31 -25.05
N GLY H 370 -35.95 -10.88 -23.85
CA GLY H 370 -34.79 -11.45 -23.21
C GLY H 370 -34.06 -12.47 -24.06
N VAL H 371 -34.80 -13.42 -24.62
CA VAL H 371 -34.16 -14.42 -25.44
C VAL H 371 -33.55 -13.69 -26.61
N GLU H 372 -34.36 -12.94 -27.36
CA GLU H 372 -33.88 -12.14 -28.50
C GLU H 372 -32.55 -11.45 -28.22
N MET H 373 -32.63 -10.57 -27.23
CA MET H 373 -31.50 -9.79 -26.72
C MET H 373 -30.26 -10.65 -26.47
N THR H 374 -30.46 -11.87 -25.99
CA THR H 374 -29.35 -12.74 -25.69
C THR H 374 -28.69 -13.18 -26.97
N LEU H 375 -29.48 -13.37 -28.02
CA LEU H 375 -28.93 -13.81 -29.29
C LEU H 375 -28.30 -12.64 -30.02
N LEU H 376 -28.82 -11.46 -29.74
CA LEU H 376 -28.22 -10.25 -30.27
C LEU H 376 -26.86 -10.10 -29.63
N ARG H 377 -26.74 -10.43 -28.35
CA ARG H 377 -25.44 -10.43 -27.69
C ARG H 377 -24.50 -11.39 -28.42
N ALA H 378 -24.97 -12.59 -28.69
CA ALA H 378 -24.25 -13.53 -29.54
C ALA H 378 -23.73 -12.73 -30.71
N LEU H 379 -24.63 -12.37 -31.62
CA LEU H 379 -24.25 -11.67 -32.84
C LEU H 379 -23.13 -10.64 -32.71
N ALA H 380 -23.22 -9.76 -31.70
CA ALA H 380 -22.19 -8.72 -31.51
C ALA H 380 -20.83 -9.26 -31.09
N PHE H 381 -20.81 -10.32 -30.30
CA PHE H 381 -19.54 -10.94 -29.92
C PHE H 381 -19.20 -12.12 -30.80
N HIS H 382 -19.97 -12.29 -31.86
CA HIS H 382 -19.78 -13.44 -32.72
C HIS H 382 -18.33 -13.55 -33.05
N PRO H 383 -17.75 -14.75 -32.88
CA PRO H 383 -16.33 -15.01 -33.10
C PRO H 383 -15.90 -14.81 -34.52
N ARG H 384 -16.78 -15.08 -35.48
CA ARG H 384 -16.32 -15.10 -36.87
C ARG H 384 -16.78 -13.93 -37.74
N MET H 385 -17.98 -13.42 -37.53
CA MET H 385 -18.41 -12.24 -38.26
C MET H 385 -19.24 -11.37 -37.35
N PRO H 386 -18.58 -10.71 -36.40
CA PRO H 386 -19.29 -9.87 -35.45
C PRO H 386 -20.23 -8.93 -36.17
N LEU H 387 -21.01 -8.21 -35.38
CA LEU H 387 -21.92 -7.24 -35.89
C LEU H 387 -21.07 -6.05 -36.25
N PRO H 388 -21.53 -5.25 -37.21
CA PRO H 388 -20.85 -4.05 -37.71
C PRO H 388 -20.81 -2.88 -36.73
N GLU H 389 -19.62 -2.35 -36.60
CA GLU H 389 -19.35 -1.21 -35.76
C GLU H 389 -19.42 0.11 -36.55
N PRO H 390 -19.53 1.25 -35.86
CA PRO H 390 -19.78 2.57 -36.49
C PRO H 390 -18.73 3.18 -37.47
N SER I 24 -72.37 -9.45 1.96
CA SER I 24 -71.73 -10.68 1.49
C SER I 24 -70.62 -10.41 0.42
N TYR I 25 -69.91 -9.28 0.57
CA TYR I 25 -68.92 -8.86 -0.41
C TYR I 25 -67.64 -9.67 -0.35
N GLN I 26 -67.19 -10.08 -1.52
CA GLN I 26 -65.92 -10.76 -1.65
C GLN I 26 -65.16 -10.16 -2.84
N VAL I 27 -63.83 -10.06 -2.69
CA VAL I 27 -62.98 -9.48 -3.70
C VAL I 27 -63.20 -10.20 -5.03
N LEU I 28 -63.17 -9.47 -6.16
CA LEU I 28 -63.40 -10.11 -7.46
C LEU I 28 -62.55 -11.34 -7.52
N ALA I 29 -61.31 -11.15 -7.10
CA ALA I 29 -60.34 -12.22 -7.13
C ALA I 29 -60.86 -13.48 -6.43
N ARG I 30 -61.94 -13.29 -5.68
CA ARG I 30 -62.53 -14.37 -4.89
C ARG I 30 -63.87 -14.75 -5.49
N LYS I 31 -64.72 -13.74 -5.69
CA LYS I 31 -66.04 -13.90 -6.27
C LYS I 31 -65.97 -14.59 -7.62
N TRP I 32 -65.02 -14.19 -8.45
CA TRP I 32 -64.99 -14.71 -9.81
C TRP I 32 -64.29 -16.08 -10.01
N ARG I 33 -64.04 -16.81 -8.92
CA ARG I 33 -63.35 -18.10 -9.05
C ARG I 33 -64.15 -18.99 -9.98
N PRO I 34 -63.48 -19.50 -11.03
CA PRO I 34 -64.13 -20.26 -12.06
C PRO I 34 -64.83 -21.45 -11.43
N GLN I 35 -66.11 -21.60 -11.76
CA GLN I 35 -66.96 -22.58 -11.10
C GLN I 35 -67.31 -23.73 -12.03
N THR I 36 -67.10 -23.55 -13.32
CA THR I 36 -67.32 -24.60 -14.32
C THR I 36 -66.13 -24.62 -15.27
N PHE I 37 -65.78 -25.76 -15.85
CA PHE I 37 -64.62 -25.80 -16.76
C PHE I 37 -64.70 -24.71 -17.84
N ALA I 38 -65.92 -24.37 -18.23
CA ALA I 38 -66.18 -23.32 -19.22
C ALA I 38 -65.57 -21.99 -18.81
N ASP I 39 -65.62 -21.69 -17.53
CA ASP I 39 -65.29 -20.37 -17.04
C ASP I 39 -63.84 -20.24 -16.58
N VAL I 40 -62.99 -21.13 -17.07
CA VAL I 40 -61.54 -21.11 -16.77
C VAL I 40 -60.77 -20.57 -17.96
N VAL I 41 -59.79 -19.69 -17.68
CA VAL I 41 -59.07 -18.99 -18.76
C VAL I 41 -57.81 -19.71 -19.19
N GLY I 42 -57.66 -19.97 -20.47
CA GLY I 42 -56.48 -20.66 -20.96
C GLY I 42 -56.31 -22.01 -20.26
N GLN I 43 -55.08 -22.41 -19.99
CA GLN I 43 -54.77 -23.73 -19.42
C GLN I 43 -55.50 -24.83 -20.18
N GLU I 44 -55.84 -24.54 -21.42
CA GLU I 44 -56.63 -25.41 -22.26
C GLU I 44 -56.03 -26.80 -22.42
N HIS I 45 -54.71 -26.90 -22.33
CA HIS I 45 -54.06 -28.18 -22.46
C HIS I 45 -54.37 -29.02 -21.23
N VAL I 46 -54.45 -28.39 -20.06
CA VAL I 46 -54.74 -29.13 -18.84
C VAL I 46 -56.17 -29.62 -18.92
N LEU I 47 -57.10 -28.67 -19.04
CA LEU I 47 -58.53 -28.97 -19.13
C LEU I 47 -58.78 -30.04 -20.17
N THR I 48 -58.16 -29.88 -21.34
CA THR I 48 -58.27 -30.92 -22.38
C THR I 48 -57.95 -32.31 -21.85
N ALA I 49 -56.73 -32.48 -21.36
CA ALA I 49 -56.29 -33.78 -20.88
C ALA I 49 -57.25 -34.28 -19.83
N LEU I 50 -57.69 -33.36 -18.97
CA LEU I 50 -58.59 -33.71 -17.88
C LEU I 50 -59.92 -34.18 -18.41
N ALA I 51 -60.72 -33.28 -18.95
CA ALA I 51 -62.00 -33.66 -19.50
C ALA I 51 -61.83 -34.88 -20.39
N ASN I 52 -60.74 -34.92 -21.13
CA ASN I 52 -60.45 -36.06 -21.98
C ASN I 52 -60.39 -37.35 -21.17
N GLY I 53 -59.57 -37.36 -20.13
CA GLY I 53 -59.49 -38.51 -19.24
C GLY I 53 -60.80 -38.95 -18.62
N LEU I 54 -61.52 -38.02 -17.97
CA LEU I 54 -62.84 -38.34 -17.42
C LEU I 54 -63.69 -39.00 -18.49
N SER I 55 -63.66 -38.49 -19.70
CA SER I 55 -64.50 -39.04 -20.76
C SER I 55 -63.94 -40.33 -21.38
N LEU I 56 -62.63 -40.52 -21.35
CA LEU I 56 -62.07 -41.77 -21.80
C LEU I 56 -62.20 -42.84 -20.72
N GLY I 57 -62.75 -42.48 -19.56
CA GLY I 57 -62.73 -43.35 -18.40
C GLY I 57 -61.34 -43.56 -17.79
N ARG I 58 -60.38 -42.75 -18.19
CA ARG I 58 -58.99 -42.93 -17.75
C ARG I 58 -58.64 -41.97 -16.64
N ILE I 59 -59.13 -42.29 -15.46
CA ILE I 59 -58.94 -41.44 -14.31
C ILE I 59 -57.82 -41.95 -13.41
N HIS I 60 -56.92 -41.06 -13.00
CA HIS I 60 -55.74 -41.44 -12.22
C HIS I 60 -56.09 -41.29 -10.76
N HIS I 61 -55.13 -41.44 -9.86
CA HIS I 61 -55.40 -41.28 -8.42
C HIS I 61 -54.59 -40.19 -7.78
N ALA I 62 -53.62 -39.71 -8.54
CA ALA I 62 -52.73 -38.69 -8.05
C ALA I 62 -52.57 -37.65 -9.13
N TYR I 63 -53.21 -36.51 -8.94
CA TYR I 63 -53.06 -35.42 -9.88
C TYR I 63 -52.27 -34.32 -9.13
N LEU I 64 -51.10 -33.96 -9.70
CA LEU I 64 -50.31 -32.82 -9.25
C LEU I 64 -50.53 -31.63 -10.20
N PHE I 65 -50.82 -30.44 -9.68
CA PHE I 65 -51.05 -29.26 -10.50
C PHE I 65 -50.03 -28.16 -10.14
N SER I 66 -49.26 -27.68 -11.12
CA SER I 66 -48.20 -26.67 -10.88
C SER I 66 -48.29 -25.43 -11.75
N GLY I 67 -47.67 -24.35 -11.32
CA GLY I 67 -47.63 -23.11 -12.11
C GLY I 67 -47.44 -21.93 -11.19
N THR I 68 -47.20 -20.72 -11.70
CA THR I 68 -47.00 -19.62 -10.74
C THR I 68 -48.29 -19.12 -10.15
N ARG I 69 -48.11 -18.41 -9.04
CA ARG I 69 -49.19 -17.79 -8.31
C ARG I 69 -50.33 -17.38 -9.19
N GLY I 70 -51.52 -17.84 -8.82
CA GLY I 70 -52.78 -17.32 -9.34
C GLY I 70 -53.10 -17.53 -10.81
N VAL I 71 -52.85 -18.73 -11.30
CA VAL I 71 -53.05 -19.03 -12.71
C VAL I 71 -54.09 -20.13 -12.93
N GLY I 72 -54.52 -20.75 -11.85
CA GLY I 72 -55.66 -21.63 -11.92
C GLY I 72 -55.47 -22.93 -11.22
N LYS I 73 -54.41 -23.04 -10.43
CA LYS I 73 -54.03 -24.32 -9.79
C LYS I 73 -55.16 -24.86 -8.91
N THR I 74 -55.37 -24.19 -7.81
CA THR I 74 -56.33 -24.70 -6.86
C THR I 74 -57.75 -24.59 -7.42
N SER I 75 -58.03 -23.53 -8.14
CA SER I 75 -59.32 -23.40 -8.79
C SER I 75 -59.66 -24.61 -9.62
N ILE I 76 -58.72 -25.03 -10.45
CA ILE I 76 -58.95 -26.17 -11.31
C ILE I 76 -59.12 -27.42 -10.48
N ALA I 77 -58.23 -27.63 -9.51
CA ALA I 77 -58.29 -28.84 -8.67
C ALA I 77 -59.67 -29.01 -8.13
N ARG I 78 -60.21 -27.94 -7.56
CA ARG I 78 -61.56 -27.97 -7.06
C ARG I 78 -62.61 -28.26 -8.15
N LEU I 79 -62.42 -27.75 -9.38
CA LEU I 79 -63.32 -28.11 -10.48
C LEU I 79 -63.18 -29.56 -10.87
N LEU I 80 -61.96 -30.10 -10.80
CA LEU I 80 -61.75 -31.52 -11.09
C LEU I 80 -62.42 -32.36 -10.04
N ALA I 81 -62.42 -31.89 -8.80
CA ALA I 81 -63.17 -32.55 -7.76
C ALA I 81 -64.66 -32.60 -8.15
N LYS I 82 -65.30 -31.43 -8.33
CA LYS I 82 -66.69 -31.37 -8.79
C LYS I 82 -67.00 -32.49 -9.78
N GLY I 83 -66.35 -32.47 -10.93
CA GLY I 83 -66.59 -33.47 -11.96
C GLY I 83 -66.55 -34.91 -11.49
N LEU I 84 -65.63 -35.26 -10.62
CA LEU I 84 -65.57 -36.63 -10.20
C LEU I 84 -66.79 -36.95 -9.36
N ASN I 85 -67.25 -35.98 -8.59
CA ASN I 85 -68.32 -36.25 -7.64
C ASN I 85 -69.74 -35.96 -8.09
N CYS I 86 -69.90 -35.22 -9.19
CA CYS I 86 -71.19 -34.67 -9.63
C CYS I 86 -72.38 -35.65 -9.62
N GLU I 87 -73.50 -35.21 -9.06
CA GLU I 87 -74.64 -36.09 -8.94
C GLU I 87 -75.05 -36.57 -10.34
N THR I 88 -74.74 -35.81 -11.39
CA THR I 88 -75.14 -36.18 -12.76
C THR I 88 -74.42 -37.46 -13.24
N GLY I 89 -73.21 -37.68 -12.73
CA GLY I 89 -72.31 -38.74 -13.16
C GLY I 89 -70.89 -38.26 -12.97
N ILE I 90 -69.91 -39.06 -13.39
CA ILE I 90 -68.57 -38.53 -13.53
C ILE I 90 -68.55 -37.82 -14.86
N THR I 91 -68.31 -36.52 -14.82
CA THR I 91 -68.35 -35.69 -15.99
C THR I 91 -67.13 -34.81 -16.10
N ALA I 92 -66.90 -34.31 -17.31
CA ALA I 92 -65.89 -33.32 -17.57
C ALA I 92 -66.54 -31.97 -17.38
N THR I 93 -67.86 -31.98 -17.52
CA THR I 93 -68.65 -30.78 -17.64
C THR I 93 -69.62 -30.67 -16.49
N PRO I 94 -69.10 -30.64 -15.25
CA PRO I 94 -69.91 -30.73 -14.02
C PRO I 94 -70.94 -29.62 -13.94
N CYS I 95 -72.19 -29.95 -13.62
CA CYS I 95 -73.25 -28.95 -13.64
C CYS I 95 -73.01 -27.73 -12.72
N GLY I 96 -72.96 -27.93 -11.41
CA GLY I 96 -72.91 -26.84 -10.44
C GLY I 96 -74.29 -26.54 -9.85
N VAL I 97 -75.19 -27.49 -10.03
CA VAL I 97 -76.58 -27.30 -9.65
C VAL I 97 -77.13 -28.45 -8.76
N CYS I 98 -76.27 -29.40 -8.41
CA CYS I 98 -76.68 -30.46 -7.49
C CYS I 98 -76.21 -30.17 -6.06
N ASP I 99 -76.86 -30.83 -5.10
CA ASP I 99 -76.39 -30.78 -3.71
C ASP I 99 -74.84 -30.92 -3.66
N ASN I 100 -74.30 -31.83 -4.47
CA ASN I 100 -72.85 -32.02 -4.51
C ASN I 100 -72.02 -30.80 -4.98
N CYS I 101 -72.28 -30.30 -6.19
CA CYS I 101 -71.50 -29.19 -6.74
C CYS I 101 -71.62 -27.94 -5.87
N ARG I 102 -72.85 -27.64 -5.42
CA ARG I 102 -73.12 -26.45 -4.61
C ARG I 102 -72.36 -26.51 -3.31
N GLU I 103 -72.18 -27.72 -2.79
CA GLU I 103 -71.47 -27.90 -1.54
C GLU I 103 -69.96 -27.78 -1.75
N ILE I 104 -69.48 -28.09 -2.96
CA ILE I 104 -68.06 -27.95 -3.26
C ILE I 104 -67.74 -26.48 -3.47
N GLU I 105 -68.66 -25.78 -4.11
CA GLU I 105 -68.52 -24.35 -4.35
C GLU I 105 -68.38 -23.60 -3.04
N GLN I 106 -68.91 -24.20 -1.98
CA GLN I 106 -69.01 -23.53 -0.69
C GLN I 106 -68.11 -24.15 0.37
N GLY I 107 -67.31 -25.11 -0.05
CA GLY I 107 -66.46 -25.82 0.90
C GLY I 107 -67.23 -26.76 1.81
N ARG I 108 -68.53 -26.54 1.98
CA ARG I 108 -69.40 -27.39 2.79
C ARG I 108 -69.46 -28.86 2.36
N PHE I 109 -68.78 -29.20 1.26
CA PHE I 109 -68.81 -30.58 0.77
C PHE I 109 -67.92 -31.52 1.54
N VAL I 110 -68.61 -32.43 2.22
CA VAL I 110 -67.98 -33.38 3.11
C VAL I 110 -66.88 -34.24 2.49
N ASP I 111 -66.86 -34.42 1.18
CA ASP I 111 -65.97 -35.44 0.62
C ASP I 111 -64.86 -34.94 -0.28
N LEU I 112 -64.57 -33.63 -0.24
CA LEU I 112 -63.28 -33.09 -0.75
C LEU I 112 -62.61 -32.58 0.50
N ILE I 113 -61.91 -33.48 1.21
CA ILE I 113 -61.08 -33.10 2.36
C ILE I 113 -59.97 -32.23 1.77
N GLU I 114 -60.03 -30.93 2.03
CA GLU I 114 -59.07 -30.02 1.45
C GLU I 114 -58.08 -29.55 2.47
N ILE I 115 -56.82 -29.95 2.31
CA ILE I 115 -55.78 -29.73 3.30
C ILE I 115 -54.87 -28.57 3.00
N ASP I 116 -54.71 -27.67 3.98
CA ASP I 116 -53.80 -26.55 3.85
C ASP I 116 -52.42 -27.04 4.25
N ALA I 117 -51.68 -27.55 3.27
CA ALA I 117 -50.44 -28.25 3.54
C ALA I 117 -49.46 -27.36 4.25
N ALA I 118 -49.54 -26.07 4.01
CA ALA I 118 -48.52 -25.15 4.50
C ALA I 118 -48.72 -24.92 5.95
N SER I 119 -49.95 -25.22 6.40
CA SER I 119 -50.38 -25.06 7.79
C SER I 119 -50.35 -26.42 8.48
N ARG I 120 -50.80 -27.47 7.80
CA ARG I 120 -50.79 -28.82 8.40
C ARG I 120 -49.73 -29.76 7.82
N THR I 121 -48.47 -29.43 8.14
CA THR I 121 -47.30 -30.02 7.50
C THR I 121 -46.69 -31.22 8.19
N LYS I 122 -46.98 -31.40 9.48
CA LYS I 122 -46.26 -32.37 10.31
C LYS I 122 -46.70 -33.81 9.97
N VAL I 123 -45.86 -34.79 10.28
CA VAL I 123 -46.20 -36.15 9.92
C VAL I 123 -47.41 -36.67 10.65
N GLU I 124 -47.42 -36.50 11.96
CA GLU I 124 -48.55 -36.99 12.71
C GLU I 124 -49.75 -36.43 12.01
N ASP I 125 -49.74 -35.13 11.73
CA ASP I 125 -50.82 -34.51 10.98
C ASP I 125 -51.28 -35.34 9.77
N THR I 126 -50.34 -35.70 8.91
CA THR I 126 -50.68 -36.39 7.67
C THR I 126 -50.82 -37.90 7.86
N ARG I 127 -50.37 -38.41 8.99
CA ARG I 127 -50.61 -39.81 9.26
C ARG I 127 -52.07 -39.98 9.65
N ASP I 128 -52.67 -38.92 10.18
CA ASP I 128 -54.10 -38.93 10.47
C ASP I 128 -54.81 -39.05 9.14
N LEU I 129 -54.36 -38.21 8.21
CA LEU I 129 -54.85 -38.22 6.85
C LEU I 129 -54.90 -39.63 6.36
N LEU I 130 -53.76 -40.30 6.46
CA LEU I 130 -53.69 -41.65 5.96
C LEU I 130 -54.69 -42.62 6.63
N ASP I 131 -54.84 -42.54 7.94
CA ASP I 131 -55.65 -43.54 8.62
C ASP I 131 -57.11 -43.44 8.22
N ASN I 132 -57.57 -42.20 7.96
CA ASN I 132 -58.95 -41.96 7.55
C ASN I 132 -59.17 -42.01 6.06
N VAL I 133 -58.21 -42.64 5.39
CA VAL I 133 -58.32 -42.87 3.96
C VAL I 133 -59.13 -44.10 3.78
N GLN I 134 -58.65 -45.20 4.35
CA GLN I 134 -59.28 -46.50 4.14
C GLN I 134 -60.82 -46.40 4.16
N TYR I 135 -61.35 -45.48 4.96
CA TYR I 135 -62.80 -45.36 5.10
C TYR I 135 -63.52 -44.82 3.88
N ALA I 136 -64.55 -45.53 3.44
CA ALA I 136 -65.36 -45.10 2.30
C ALA I 136 -66.00 -43.71 2.52
N PRO I 137 -66.37 -43.05 1.41
CA PRO I 137 -66.76 -41.64 1.41
C PRO I 137 -68.18 -41.49 1.89
N ALA I 138 -68.48 -40.30 2.41
CA ALA I 138 -69.77 -40.03 3.02
C ALA I 138 -70.88 -40.06 1.99
N ARG I 139 -71.30 -38.88 1.56
CA ARG I 139 -72.40 -38.75 0.62
C ARG I 139 -71.90 -38.55 -0.80
N GLY I 140 -70.62 -38.83 -1.04
CA GLY I 140 -70.03 -38.59 -2.34
C GLY I 140 -69.57 -39.89 -2.94
N ARG I 141 -69.12 -39.84 -4.20
CA ARG I 141 -68.70 -41.03 -4.95
C ARG I 141 -67.23 -41.38 -4.71
N PHE I 142 -66.42 -40.34 -4.67
CA PHE I 142 -65.02 -40.48 -4.39
C PHE I 142 -64.73 -39.69 -3.13
N LYS I 143 -63.75 -40.15 -2.38
CA LYS I 143 -63.17 -39.35 -1.32
C LYS I 143 -61.95 -38.69 -2.02
N VAL I 144 -61.98 -37.37 -2.09
CA VAL I 144 -60.95 -36.58 -2.77
C VAL I 144 -60.16 -35.68 -1.83
N TYR I 145 -58.93 -36.07 -1.56
CA TYR I 145 -58.02 -35.18 -0.83
C TYR I 145 -57.42 -34.13 -1.77
N LEU I 146 -57.35 -32.89 -1.31
CA LEU I 146 -56.73 -31.87 -2.10
C LEU I 146 -55.69 -31.20 -1.21
N ILE I 147 -54.48 -31.76 -1.20
CA ILE I 147 -53.41 -31.12 -0.51
C ILE I 147 -52.96 -29.98 -1.43
N ASP I 148 -52.99 -28.76 -0.90
CA ASP I 148 -52.71 -27.51 -1.62
C ASP I 148 -51.58 -26.83 -0.87
N GLU I 149 -50.74 -26.12 -1.60
CA GLU I 149 -49.52 -25.56 -1.04
C GLU I 149 -48.60 -26.69 -0.56
N VAL I 150 -48.64 -27.78 -1.31
CA VAL I 150 -48.07 -29.08 -0.94
C VAL I 150 -46.56 -29.10 -0.81
N HIS I 151 -45.90 -28.11 -1.35
CA HIS I 151 -44.47 -28.13 -1.27
C HIS I 151 -44.06 -27.97 0.18
N MET I 152 -45.03 -27.87 1.07
CA MET I 152 -44.67 -27.50 2.43
C MET I 152 -44.66 -28.67 3.44
N LEU I 153 -45.20 -29.80 3.00
CA LEU I 153 -45.21 -31.00 3.80
C LEU I 153 -43.78 -31.31 4.16
N SER I 154 -43.53 -31.59 5.42
CA SER I 154 -42.22 -32.03 5.87
C SER I 154 -41.62 -33.08 4.97
N ARG I 155 -40.33 -33.28 5.08
CA ARG I 155 -39.69 -34.38 4.37
C ARG I 155 -40.45 -35.65 4.70
N HIS I 156 -40.66 -35.87 5.99
CA HIS I 156 -41.25 -37.11 6.49
C HIS I 156 -42.65 -37.32 6.01
N SER I 157 -43.35 -36.21 5.87
CA SER I 157 -44.74 -36.23 5.46
C SER I 157 -44.83 -36.68 4.04
N PHE I 158 -43.89 -36.23 3.19
CA PHE I 158 -43.82 -36.75 1.83
C PHE I 158 -43.68 -38.27 1.86
N ASN I 159 -42.61 -38.78 2.46
CA ASN I 159 -42.41 -40.22 2.42
C ASN I 159 -43.62 -41.03 2.91
N ALA I 160 -44.28 -40.55 3.95
CA ALA I 160 -45.52 -41.15 4.43
C ALA I 160 -46.49 -41.47 3.29
N LEU I 161 -46.77 -40.46 2.46
CA LEU I 161 -47.73 -40.61 1.37
C LEU I 161 -47.29 -41.62 0.33
N LEU I 162 -45.99 -41.82 0.21
CA LEU I 162 -45.46 -42.61 -0.89
C LEU I 162 -46.26 -43.88 -1.11
N LYS I 163 -46.40 -44.69 -0.07
CA LYS I 163 -46.98 -46.02 -0.22
C LYS I 163 -48.45 -45.97 -0.61
N THR I 164 -49.18 -44.96 -0.12
CA THR I 164 -50.63 -44.80 -0.36
C THR I 164 -50.88 -44.12 -1.69
N LEU I 165 -50.11 -43.08 -1.92
CA LEU I 165 -50.18 -42.28 -3.12
C LEU I 165 -49.97 -43.14 -4.36
N GLU I 166 -49.19 -44.20 -4.21
CA GLU I 166 -48.92 -45.09 -5.30
C GLU I 166 -50.01 -46.15 -5.43
N GLU I 167 -50.66 -46.52 -4.32
CA GLU I 167 -51.61 -47.62 -4.34
C GLU I 167 -52.87 -47.39 -3.52
N PRO I 168 -53.57 -46.29 -3.77
CA PRO I 168 -54.73 -45.92 -2.96
C PRO I 168 -55.86 -46.91 -3.13
N PRO I 169 -56.95 -46.74 -2.37
CA PRO I 169 -58.18 -47.53 -2.47
C PRO I 169 -58.99 -46.99 -3.61
N GLU I 170 -59.74 -47.84 -4.32
CA GLU I 170 -60.38 -47.40 -5.55
C GLU I 170 -61.23 -46.15 -5.34
N HIS I 171 -61.68 -45.96 -4.11
CA HIS I 171 -62.60 -44.87 -3.82
C HIS I 171 -61.88 -43.59 -3.45
N VAL I 172 -60.58 -43.60 -3.60
CA VAL I 172 -59.81 -42.43 -3.26
C VAL I 172 -59.10 -41.77 -4.48
N LYS I 173 -59.07 -40.43 -4.42
CA LYS I 173 -58.43 -39.59 -5.43
C LYS I 173 -57.61 -38.54 -4.68
N PHE I 174 -56.36 -38.38 -5.11
CA PHE I 174 -55.47 -37.40 -4.53
C PHE I 174 -55.23 -36.24 -5.48
N LEU I 175 -55.42 -35.02 -4.98
CA LEU I 175 -55.21 -33.79 -5.76
C LEU I 175 -54.14 -32.89 -5.15
N LEU I 176 -53.02 -32.76 -5.87
CA LEU I 176 -51.83 -32.08 -5.37
C LEU I 176 -51.57 -30.79 -6.13
N ALA I 177 -51.66 -29.66 -5.45
CA ALA I 177 -51.33 -28.41 -6.11
C ALA I 177 -50.22 -27.71 -5.35
N THR I 178 -49.29 -27.14 -6.11
CA THR I 178 -48.23 -26.29 -5.56
C THR I 178 -47.58 -25.39 -6.59
N THR I 179 -47.06 -24.28 -6.08
CA THR I 179 -46.41 -23.26 -6.88
C THR I 179 -45.06 -23.76 -7.26
N ASP I 180 -44.46 -24.48 -6.33
CA ASP I 180 -43.06 -24.78 -6.37
C ASP I 180 -42.76 -26.31 -6.38
N PRO I 181 -43.08 -27.02 -7.47
CA PRO I 181 -43.00 -28.48 -7.48
C PRO I 181 -41.58 -28.93 -7.34
N GLN I 182 -40.66 -28.01 -7.61
CA GLN I 182 -39.24 -28.25 -7.39
C GLN I 182 -39.03 -29.03 -6.10
N LYS I 183 -39.73 -28.60 -5.03
CA LYS I 183 -39.46 -29.06 -3.66
C LYS I 183 -39.88 -30.49 -3.39
N LEU I 184 -40.92 -30.97 -4.05
CA LEU I 184 -41.38 -32.32 -3.83
C LEU I 184 -40.33 -33.32 -4.23
N PRO I 185 -40.13 -34.33 -3.40
CA PRO I 185 -39.36 -35.54 -3.67
C PRO I 185 -39.67 -36.10 -5.03
N VAL I 186 -38.66 -36.60 -5.71
CA VAL I 186 -38.89 -37.20 -6.99
C VAL I 186 -39.67 -38.50 -6.84
N THR I 187 -39.73 -39.05 -5.63
CA THR I 187 -40.49 -40.26 -5.38
C THR I 187 -41.96 -39.92 -5.39
N ILE I 188 -42.26 -38.71 -4.96
CA ILE I 188 -43.62 -38.21 -5.00
C ILE I 188 -44.03 -37.94 -6.46
N LEU I 189 -43.12 -37.32 -7.20
CA LEU I 189 -43.42 -36.95 -8.58
C LEU I 189 -43.61 -38.20 -9.40
N SER I 190 -42.77 -39.20 -9.19
CA SER I 190 -42.90 -40.42 -9.95
C SER I 190 -44.30 -41.04 -9.86
N ARG I 191 -45.08 -40.59 -8.89
CA ARG I 191 -46.40 -41.17 -8.59
C ARG I 191 -47.60 -40.34 -9.04
N CYS I 192 -47.37 -39.25 -9.77
CA CYS I 192 -48.45 -38.35 -10.15
C CYS I 192 -48.57 -38.12 -11.64
N LEU I 193 -49.71 -37.63 -12.07
CA LEU I 193 -49.74 -36.95 -13.34
C LEU I 193 -49.47 -35.53 -12.95
N GLN I 194 -48.57 -34.89 -13.70
CA GLN I 194 -48.22 -33.52 -13.43
C GLN I 194 -48.72 -32.64 -14.55
N PHE I 195 -49.35 -31.52 -14.18
CA PHE I 195 -49.87 -30.59 -15.17
C PHE I 195 -49.33 -29.21 -14.90
N HIS I 196 -48.36 -28.74 -15.70
CA HIS I 196 -47.82 -27.40 -15.44
C HIS I 196 -48.86 -26.51 -16.10
N LEU I 197 -49.41 -25.57 -15.35
CA LEU I 197 -50.29 -24.59 -15.95
C LEU I 197 -49.34 -23.55 -16.51
N LYS I 198 -49.63 -23.03 -17.70
CA LYS I 198 -48.79 -21.97 -18.26
C LYS I 198 -49.25 -20.64 -17.63
N ALA I 199 -48.40 -19.62 -17.68
CA ALA I 199 -48.80 -18.31 -17.17
C ALA I 199 -49.82 -17.78 -18.15
N LEU I 200 -50.68 -16.91 -17.68
CA LEU I 200 -51.67 -16.46 -18.60
C LEU I 200 -51.11 -15.38 -19.54
N ASP I 201 -51.35 -15.59 -20.82
CA ASP I 201 -51.05 -14.62 -21.85
C ASP I 201 -51.65 -13.26 -21.49
N VAL I 202 -50.93 -12.19 -21.79
CA VAL I 202 -51.43 -10.82 -21.58
C VAL I 202 -52.85 -10.60 -22.10
N GLU I 203 -53.08 -11.02 -23.33
CA GLU I 203 -54.39 -10.88 -23.90
C GLU I 203 -55.41 -11.62 -23.06
N GLN I 204 -55.16 -12.91 -22.85
CA GLN I 204 -56.01 -13.75 -22.00
C GLN I 204 -56.47 -13.00 -20.76
N ILE I 205 -55.53 -12.42 -20.03
CA ILE I 205 -55.85 -11.68 -18.82
C ILE I 205 -56.74 -10.48 -19.04
N ARG I 206 -56.53 -9.75 -20.13
CA ARG I 206 -57.29 -8.54 -20.41
C ARG I 206 -58.73 -8.85 -20.81
N HIS I 207 -58.92 -9.65 -21.86
CA HIS I 207 -60.25 -10.06 -22.29
C HIS I 207 -61.09 -10.42 -21.07
N GLN I 208 -60.57 -11.32 -20.27
CA GLN I 208 -61.14 -11.60 -18.95
C GLN I 208 -61.46 -10.35 -18.13
N LEU I 209 -60.42 -9.61 -17.76
CA LEU I 209 -60.59 -8.37 -16.99
C LEU I 209 -61.75 -7.56 -17.52
N GLU I 210 -61.78 -7.39 -18.84
CA GLU I 210 -62.87 -6.67 -19.50
C GLU I 210 -64.20 -7.25 -19.07
N HIS I 211 -64.50 -8.43 -19.60
CA HIS I 211 -65.64 -9.24 -19.20
C HIS I 211 -66.07 -8.99 -17.75
N ILE I 212 -65.17 -9.22 -16.81
CA ILE I 212 -65.51 -9.10 -15.40
C ILE I 212 -66.00 -7.70 -15.06
N LEU I 213 -65.34 -6.67 -15.56
CA LEU I 213 -65.76 -5.34 -15.18
C LEU I 213 -67.08 -4.99 -15.81
N ASN I 214 -67.31 -5.58 -16.98
CA ASN I 214 -68.60 -5.43 -17.64
C ASN I 214 -69.70 -5.99 -16.75
N GLU I 215 -69.63 -7.28 -16.48
CA GLU I 215 -70.64 -7.94 -15.66
C GLU I 215 -70.86 -7.25 -14.31
N GLU I 216 -69.80 -6.73 -13.72
CA GLU I 216 -69.90 -6.07 -12.44
C GLU I 216 -70.46 -4.69 -12.60
N HIS I 217 -70.69 -4.30 -13.84
CA HIS I 217 -71.15 -2.96 -14.14
C HIS I 217 -70.16 -1.90 -13.61
N ILE I 218 -68.89 -2.00 -14.02
CA ILE I 218 -67.94 -0.93 -13.74
C ILE I 218 -67.43 -0.33 -15.05
N ALA I 219 -67.24 0.97 -15.05
CA ALA I 219 -66.74 1.66 -16.22
C ALA I 219 -65.22 1.47 -16.37
N HIS I 220 -64.76 1.29 -17.60
CA HIS I 220 -63.35 1.11 -17.85
C HIS I 220 -62.89 1.68 -19.21
N GLU I 221 -61.67 2.19 -19.26
CA GLU I 221 -61.02 2.63 -20.51
C GLU I 221 -60.02 1.54 -20.96
N PRO I 222 -60.14 1.06 -22.21
CA PRO I 222 -59.30 -0.02 -22.78
C PRO I 222 -57.81 0.05 -22.49
N ARG I 223 -57.17 1.20 -22.76
CA ARG I 223 -55.73 1.33 -22.49
C ARG I 223 -55.38 1.07 -21.02
N ALA I 224 -56.33 1.34 -20.12
CA ALA I 224 -56.15 1.07 -18.69
C ALA I 224 -56.12 -0.41 -18.44
N LEU I 225 -56.98 -1.13 -19.16
CA LEU I 225 -56.97 -2.56 -19.06
C LEU I 225 -55.64 -3.08 -19.55
N GLN I 226 -55.18 -2.53 -20.66
CA GLN I 226 -53.90 -2.96 -21.17
C GLN I 226 -52.82 -2.88 -20.09
N LEU I 227 -52.77 -1.78 -19.35
CA LEU I 227 -51.73 -1.57 -18.35
C LEU I 227 -51.80 -2.62 -17.25
N LEU I 228 -53.03 -2.91 -16.79
CA LEU I 228 -53.25 -3.92 -15.76
C LEU I 228 -52.75 -5.29 -16.20
N ALA I 229 -53.30 -5.84 -17.28
CA ALA I 229 -52.81 -7.11 -17.80
C ALA I 229 -51.25 -7.21 -17.85
N ARG I 230 -50.59 -6.12 -18.25
CA ARG I 230 -49.13 -6.11 -18.24
C ARG I 230 -48.63 -6.30 -16.83
N ALA I 231 -49.08 -5.41 -15.94
CA ALA I 231 -48.61 -5.38 -14.55
C ALA I 231 -48.86 -6.69 -13.80
N ALA I 232 -49.86 -7.45 -14.24
CA ALA I 232 -50.16 -8.78 -13.70
C ALA I 232 -48.99 -9.75 -13.89
N GLU I 233 -48.26 -9.59 -15.00
CA GLU I 233 -47.04 -10.35 -15.22
C GLU I 233 -47.41 -11.83 -15.16
N GLY I 234 -48.46 -12.18 -15.89
CA GLY I 234 -48.74 -13.57 -16.18
C GLY I 234 -49.92 -14.14 -15.42
N SER I 235 -50.35 -13.40 -14.41
CA SER I 235 -51.18 -13.97 -13.33
C SER I 235 -52.55 -13.35 -13.20
N LEU I 236 -53.57 -14.19 -13.37
CA LEU I 236 -54.95 -13.73 -13.23
C LEU I 236 -55.31 -13.23 -11.85
N ARG I 237 -54.76 -13.83 -10.80
CA ARG I 237 -55.07 -13.30 -9.47
C ARG I 237 -54.42 -11.92 -9.32
N ASP I 238 -53.15 -11.85 -9.69
CA ASP I 238 -52.43 -10.61 -9.56
C ASP I 238 -53.24 -9.56 -10.26
N ALA I 239 -53.78 -9.91 -11.43
CA ALA I 239 -54.60 -8.97 -12.21
C ALA I 239 -55.82 -8.45 -11.44
N LEU I 240 -56.63 -9.38 -10.95
CA LEU I 240 -57.85 -9.03 -10.27
C LEU I 240 -57.56 -8.28 -9.01
N SER I 241 -56.39 -8.50 -8.46
CA SER I 241 -56.07 -7.81 -7.24
C SER I 241 -55.69 -6.35 -7.54
N LEU I 242 -54.99 -6.12 -8.63
CA LEU I 242 -54.61 -4.76 -9.03
C LEU I 242 -55.85 -4.04 -9.51
N THR I 243 -56.73 -4.81 -10.14
CA THR I 243 -57.98 -4.26 -10.61
C THR I 243 -58.73 -3.73 -9.41
N ASP I 244 -58.99 -4.60 -8.45
CA ASP I 244 -59.69 -4.14 -7.30
C ASP I 244 -58.97 -2.93 -6.73
N GLN I 245 -57.65 -2.95 -6.79
CA GLN I 245 -56.90 -1.81 -6.28
C GLN I 245 -57.25 -0.58 -7.08
N ALA I 246 -57.30 -0.77 -8.39
CA ALA I 246 -57.68 0.30 -9.29
C ALA I 246 -58.96 0.99 -8.80
N ILE I 247 -60.03 0.22 -8.81
CA ILE I 247 -61.35 0.68 -8.41
C ILE I 247 -61.34 1.59 -7.16
N ALA I 248 -60.64 1.19 -6.09
CA ALA I 248 -60.53 2.02 -4.88
C ALA I 248 -59.90 3.40 -5.17
N SER I 249 -58.64 3.43 -5.58
CA SER I 249 -57.95 4.70 -5.80
C SER I 249 -58.54 5.45 -6.98
N GLY I 250 -59.58 4.88 -7.59
CA GLY I 250 -60.21 5.50 -8.73
C GLY I 250 -61.59 6.05 -8.43
N ASP I 251 -62.10 5.75 -7.24
CA ASP I 251 -63.36 6.30 -6.80
C ASP I 251 -64.57 5.76 -7.59
N GLY I 252 -64.50 4.48 -7.97
CA GLY I 252 -65.57 3.84 -8.70
C GLY I 252 -65.17 3.44 -10.11
N GLN I 253 -64.35 4.28 -10.75
CA GLN I 253 -63.95 4.06 -12.12
C GLN I 253 -62.56 3.51 -12.24
N VAL I 254 -62.37 2.65 -13.22
CA VAL I 254 -61.05 2.21 -13.58
C VAL I 254 -60.64 3.01 -14.81
N SER I 255 -59.96 4.13 -14.60
CA SER I 255 -59.57 5.00 -15.70
C SER I 255 -58.05 4.95 -16.06
N THR I 256 -57.75 5.17 -17.33
CA THR I 256 -56.39 5.14 -17.81
C THR I 256 -55.57 6.01 -16.90
N GLN I 257 -56.16 7.14 -16.51
CA GLN I 257 -55.53 8.11 -15.63
C GLN I 257 -55.15 7.50 -14.31
N ALA I 258 -56.14 6.92 -13.66
CA ALA I 258 -55.97 6.42 -12.31
C ALA I 258 -55.03 5.24 -12.31
N VAL I 259 -55.23 4.31 -13.25
CA VAL I 259 -54.45 3.07 -13.26
C VAL I 259 -52.99 3.37 -13.47
N SER I 260 -52.73 4.33 -14.35
CA SER I 260 -51.37 4.63 -14.76
C SER I 260 -50.64 5.36 -13.65
N ALA I 261 -51.33 6.27 -12.98
CA ALA I 261 -50.75 6.96 -11.84
C ALA I 261 -50.46 5.97 -10.70
N MET I 262 -51.32 4.96 -10.61
CA MET I 262 -51.23 3.93 -9.57
C MET I 262 -50.05 3.02 -9.78
N LEU I 263 -49.92 2.53 -11.00
CA LEU I 263 -48.81 1.67 -11.39
C LEU I 263 -47.50 2.43 -11.65
N GLY I 264 -47.50 3.75 -11.44
CA GLY I 264 -46.28 4.55 -11.56
C GLY I 264 -45.75 4.65 -12.99
N THR I 265 -46.65 4.40 -13.94
CA THR I 265 -46.37 4.39 -15.37
C THR I 265 -45.68 5.66 -15.87
N LEU I 266 -44.77 5.48 -16.82
CA LEU I 266 -43.91 6.55 -17.34
C LEU I 266 -44.55 7.29 -18.51
N ASP I 267 -44.19 8.56 -18.67
CA ASP I 267 -44.41 9.30 -19.91
C ASP I 267 -43.16 9.14 -20.78
N ASP I 268 -43.33 8.61 -22.00
CA ASP I 268 -42.21 8.00 -22.73
C ASP I 268 -40.87 8.77 -22.68
N ASP I 269 -40.95 10.09 -22.80
CA ASP I 269 -39.74 10.91 -22.86
C ASP I 269 -38.70 10.47 -21.82
N GLN I 270 -39.13 10.44 -20.57
CA GLN I 270 -38.22 10.39 -19.43
C GLN I 270 -37.18 9.27 -19.43
N ALA I 271 -37.58 8.09 -19.85
CA ALA I 271 -36.71 6.94 -19.82
C ALA I 271 -35.60 7.16 -20.79
N LEU I 272 -35.97 7.34 -22.06
CA LEU I 272 -35.00 7.58 -23.12
C LEU I 272 -33.96 8.64 -22.76
N SER I 273 -34.43 9.79 -22.28
CA SER I 273 -33.55 10.90 -21.93
C SER I 273 -32.43 10.43 -21.03
N LEU I 274 -32.76 9.55 -20.09
CA LEU I 274 -31.80 8.94 -19.18
C LEU I 274 -30.87 8.07 -19.98
N VAL I 275 -31.43 7.05 -20.61
CA VAL I 275 -30.66 6.18 -21.51
C VAL I 275 -29.64 6.99 -22.26
N GLU I 276 -30.09 8.13 -22.79
CA GLU I 276 -29.23 9.01 -23.57
C GLU I 276 -28.12 9.64 -22.71
N ALA I 277 -28.50 10.36 -21.68
CA ALA I 277 -27.51 10.94 -20.79
C ALA I 277 -26.55 9.91 -20.20
N MET I 278 -26.84 8.62 -20.34
CA MET I 278 -26.01 7.59 -19.72
C MET I 278 -24.86 7.17 -20.63
N VAL I 279 -25.19 7.05 -21.90
CA VAL I 279 -24.22 6.68 -22.92
C VAL I 279 -23.36 7.88 -23.33
N GLU I 280 -23.90 9.09 -23.16
CA GLU I 280 -23.13 10.31 -23.34
C GLU I 280 -22.14 10.45 -22.20
N ALA I 281 -22.22 9.57 -21.20
CA ALA I 281 -21.34 9.60 -20.04
C ALA I 281 -21.62 10.80 -19.15
N ASN I 282 -22.69 11.52 -19.44
CA ASN I 282 -23.01 12.72 -18.69
C ASN I 282 -23.54 12.48 -17.27
N GLY I 283 -22.62 12.36 -16.32
CA GLY I 283 -22.98 12.19 -14.92
C GLY I 283 -23.99 13.18 -14.41
N GLU I 284 -23.60 14.45 -14.32
CA GLU I 284 -24.44 15.49 -13.76
C GLU I 284 -25.87 15.37 -14.23
N ARG I 285 -26.04 15.04 -15.51
CA ARG I 285 -27.37 14.94 -16.08
C ARG I 285 -28.07 13.63 -15.76
N VAL I 286 -27.32 12.53 -15.63
CA VAL I 286 -27.97 11.27 -15.26
C VAL I 286 -28.53 11.44 -13.88
N MET I 287 -27.67 11.91 -13.00
CA MET I 287 -28.06 12.10 -11.62
C MET I 287 -29.21 13.07 -11.46
N ALA I 288 -29.14 14.21 -12.15
CA ALA I 288 -30.16 15.25 -11.96
C ALA I 288 -31.47 14.82 -12.60
N LEU I 289 -31.36 13.98 -13.61
CA LEU I 289 -32.52 13.43 -14.31
C LEU I 289 -33.30 12.50 -13.38
N ILE I 290 -32.55 11.70 -12.65
CA ILE I 290 -33.11 10.84 -11.63
C ILE I 290 -33.80 11.64 -10.53
N ASN I 291 -33.10 12.66 -10.04
CA ASN I 291 -33.68 13.52 -9.04
C ASN I 291 -35.09 13.98 -9.46
N GLU I 292 -35.22 14.45 -10.69
CA GLU I 292 -36.51 14.90 -11.21
C GLU I 292 -37.53 13.75 -11.27
N ALA I 293 -37.06 12.55 -11.58
CA ALA I 293 -37.93 11.38 -11.61
C ALA I 293 -38.42 11.10 -10.21
N ALA I 294 -37.48 11.08 -9.28
CA ALA I 294 -37.81 10.84 -7.88
C ALA I 294 -38.93 11.75 -7.40
N ALA I 295 -38.87 13.01 -7.83
CA ALA I 295 -39.89 13.97 -7.48
C ALA I 295 -41.24 13.53 -8.01
N ARG I 296 -41.32 13.16 -9.28
CA ARG I 296 -42.60 12.76 -9.87
C ARG I 296 -43.11 11.43 -9.32
N GLY I 297 -42.28 10.76 -8.51
CA GLY I 297 -42.70 9.54 -7.84
C GLY I 297 -42.95 8.41 -8.82
N ILE I 298 -41.88 8.03 -9.50
CA ILE I 298 -41.94 7.04 -10.55
C ILE I 298 -41.64 5.70 -9.93
N GLU I 299 -42.27 4.62 -10.37
CA GLU I 299 -41.77 3.34 -9.89
C GLU I 299 -40.42 3.07 -10.46
N TRP I 300 -39.40 3.08 -9.62
CA TRP I 300 -38.06 2.86 -10.09
C TRP I 300 -37.93 1.58 -10.91
N GLU I 301 -38.52 0.48 -10.47
CA GLU I 301 -38.36 -0.75 -11.27
C GLU I 301 -38.87 -0.49 -12.66
N ALA I 302 -39.87 0.38 -12.76
CA ALA I 302 -40.45 0.74 -14.05
C ALA I 302 -39.45 1.35 -15.04
N LEU I 303 -38.82 2.44 -14.61
CA LEU I 303 -37.72 3.07 -15.34
C LEU I 303 -36.75 2.08 -15.95
N LEU I 304 -36.15 1.25 -15.10
CA LEU I 304 -35.17 0.27 -15.52
C LEU I 304 -35.70 -0.62 -16.60
N VAL I 305 -36.93 -1.07 -16.42
CA VAL I 305 -37.53 -1.95 -17.40
C VAL I 305 -37.70 -1.21 -18.72
N GLU I 306 -38.14 0.03 -18.64
CA GLU I 306 -38.33 0.79 -19.84
C GLU I 306 -37.01 1.05 -20.55
N MET I 307 -35.95 1.33 -19.81
CA MET I 307 -34.65 1.48 -20.43
C MET I 307 -34.24 0.16 -20.99
N LEU I 308 -34.28 -0.89 -20.18
CA LEU I 308 -33.95 -2.20 -20.70
C LEU I 308 -34.69 -2.41 -22.03
N GLY I 309 -35.90 -1.88 -22.12
CA GLY I 309 -36.73 -2.06 -23.28
C GLY I 309 -36.16 -1.26 -24.42
N LEU I 310 -35.73 -0.05 -24.11
CA LEU I 310 -35.17 0.88 -25.10
C LEU I 310 -33.85 0.37 -25.67
N LEU I 311 -32.92 0.01 -24.80
CA LEU I 311 -31.71 -0.69 -25.19
C LEU I 311 -31.95 -1.94 -26.07
N HIS I 312 -33.12 -2.56 -25.94
CA HIS I 312 -33.37 -3.76 -26.68
C HIS I 312 -33.64 -3.43 -28.12
N ARG I 313 -34.55 -2.49 -28.38
CA ARG I 313 -34.78 -2.02 -29.76
C ARG I 313 -33.50 -1.59 -30.41
N ILE I 314 -32.84 -0.64 -29.75
CA ILE I 314 -31.57 -0.13 -30.20
C ILE I 314 -30.64 -1.23 -30.70
N ALA I 315 -30.41 -2.26 -29.89
CA ALA I 315 -29.58 -3.36 -30.35
C ALA I 315 -30.28 -4.11 -31.48
N MET I 316 -31.61 -3.99 -31.55
CA MET I 316 -32.43 -4.68 -32.54
C MET I 316 -32.39 -3.95 -33.84
N VAL I 317 -32.36 -2.62 -33.78
CA VAL I 317 -32.33 -1.79 -34.98
C VAL I 317 -31.00 -1.93 -35.71
N GLN I 318 -29.94 -2.03 -34.95
CA GLN I 318 -28.65 -2.29 -35.53
C GLN I 318 -28.63 -3.50 -36.47
N LEU I 319 -29.32 -4.56 -36.06
CA LEU I 319 -29.38 -5.78 -36.85
C LEU I 319 -30.04 -5.56 -38.20
N SER I 320 -31.33 -5.23 -38.20
CA SER I 320 -32.01 -4.72 -39.40
C SER I 320 -32.62 -3.37 -39.07
N PRO I 321 -32.36 -2.38 -39.92
CA PRO I 321 -32.95 -1.05 -39.74
C PRO I 321 -34.46 -1.15 -39.54
N ALA I 322 -35.14 -2.02 -40.28
CA ALA I 322 -36.60 -2.09 -40.23
C ALA I 322 -37.15 -2.31 -38.81
N ALA I 323 -36.35 -2.96 -37.95
CA ALA I 323 -36.79 -3.48 -36.65
C ALA I 323 -37.30 -2.45 -35.66
N LEU I 324 -37.20 -1.18 -36.00
CA LEU I 324 -37.82 -0.17 -35.16
C LEU I 324 -39.30 0.03 -35.49
N GLY I 325 -40.18 -0.18 -34.49
CA GLY I 325 -41.63 -0.21 -34.71
C GLY I 325 -42.35 1.03 -35.26
N ASN I 326 -43.59 0.82 -35.71
CA ASN I 326 -44.48 1.92 -36.05
C ASN I 326 -44.79 2.77 -34.81
N ASP I 327 -44.59 2.18 -33.63
CA ASP I 327 -44.91 2.75 -32.32
C ASP I 327 -44.09 3.97 -31.98
N MET I 328 -42.82 3.89 -32.33
CA MET I 328 -41.80 4.78 -31.84
C MET I 328 -41.77 6.08 -32.60
N ALA I 329 -42.56 6.19 -33.66
CA ALA I 329 -42.53 7.37 -34.51
C ALA I 329 -42.02 8.64 -33.82
N ALA I 330 -42.52 8.90 -32.63
CA ALA I 330 -42.16 10.11 -31.86
C ALA I 330 -40.67 10.18 -31.55
N ILE I 331 -40.12 9.05 -31.14
CA ILE I 331 -38.70 8.92 -30.84
C ILE I 331 -37.86 8.62 -32.08
N GLU I 332 -38.39 7.81 -33.00
CA GLU I 332 -37.57 7.11 -33.98
C GLU I 332 -36.28 7.84 -34.30
N LEU I 333 -36.38 9.14 -34.47
CA LEU I 333 -35.21 9.98 -34.69
C LEU I 333 -34.05 9.76 -33.68
N ARG I 334 -34.35 9.80 -32.39
CA ARG I 334 -33.32 9.68 -31.37
C ARG I 334 -32.85 8.26 -31.26
N MET I 335 -33.73 7.34 -31.59
CA MET I 335 -33.42 5.93 -31.45
C MET I 335 -32.38 5.61 -32.49
N ARG I 336 -32.65 6.00 -33.72
CA ARG I 336 -31.79 5.61 -34.81
C ARG I 336 -30.38 6.12 -34.56
N GLU I 337 -30.25 7.33 -34.01
CA GLU I 337 -28.90 7.82 -33.76
C GLU I 337 -28.18 6.90 -32.82
N LEU I 338 -28.79 6.69 -31.65
CA LEU I 338 -28.21 5.82 -30.64
C LEU I 338 -27.76 4.53 -31.28
N ALA I 339 -28.53 4.01 -32.20
CA ALA I 339 -28.19 2.74 -32.82
C ALA I 339 -26.98 2.86 -33.74
N ARG I 340 -26.90 3.97 -34.46
CA ARG I 340 -25.83 4.22 -35.41
C ARG I 340 -24.49 4.48 -34.73
N THR I 341 -24.52 5.25 -33.63
CA THR I 341 -23.31 5.66 -32.87
C THR I 341 -22.63 4.60 -31.98
N ILE I 342 -23.39 4.03 -31.06
CA ILE I 342 -22.87 3.14 -30.04
C ILE I 342 -22.73 1.73 -30.54
N PRO I 343 -21.57 1.11 -30.28
CA PRO I 343 -21.32 -0.26 -30.72
C PRO I 343 -22.30 -1.26 -30.13
N PRO I 344 -22.76 -2.23 -30.94
CA PRO I 344 -23.59 -3.36 -30.54
C PRO I 344 -23.06 -3.85 -29.22
N THR I 345 -21.83 -4.35 -29.30
CA THR I 345 -21.02 -4.76 -28.17
C THR I 345 -21.27 -3.91 -26.93
N ASP I 346 -20.87 -2.66 -26.98
CA ASP I 346 -21.05 -1.76 -25.85
C ASP I 346 -22.50 -1.64 -25.29
N ILE I 347 -23.51 -1.83 -26.13
CA ILE I 347 -24.89 -1.73 -25.67
C ILE I 347 -25.16 -2.93 -24.81
N GLN I 348 -24.71 -4.09 -25.24
CA GLN I 348 -24.86 -5.29 -24.45
C GLN I 348 -24.40 -5.03 -23.05
N LEU I 349 -23.33 -4.27 -22.90
CA LEU I 349 -22.86 -3.95 -21.57
C LEU I 349 -23.90 -3.15 -20.84
N TYR I 350 -24.28 -2.04 -21.44
CA TYR I 350 -25.30 -1.21 -20.84
C TYR I 350 -26.54 -2.02 -20.40
N TYR I 351 -27.08 -2.84 -21.30
CA TYR I 351 -28.28 -3.60 -21.03
C TYR I 351 -28.09 -4.47 -19.83
N GLN I 352 -27.01 -5.24 -19.83
CA GLN I 352 -26.71 -6.12 -18.72
C GLN I 352 -26.57 -5.37 -17.41
N THR I 353 -25.78 -4.32 -17.42
CA THR I 353 -25.59 -3.58 -16.20
C THR I 353 -26.93 -3.16 -15.61
N LEU I 354 -27.86 -2.79 -16.47
CA LEU I 354 -29.18 -2.38 -15.99
C LEU I 354 -30.00 -3.56 -15.52
N LEU I 355 -29.98 -4.66 -16.25
CA LEU I 355 -30.67 -5.87 -15.86
C LEU I 355 -30.26 -6.32 -14.49
N ILE I 356 -29.00 -6.62 -14.36
CA ILE I 356 -28.40 -6.83 -13.05
C ILE I 356 -28.89 -5.84 -12.01
N GLY I 357 -28.94 -4.55 -12.32
CA GLY I 357 -29.38 -3.60 -11.30
C GLY I 357 -30.85 -3.71 -10.93
N ARG I 358 -31.66 -4.09 -11.91
CA ARG I 358 -33.03 -4.41 -11.65
C ARG I 358 -33.08 -5.63 -10.73
N LYS I 359 -32.33 -6.67 -11.06
CA LYS I 359 -32.25 -7.82 -10.16
C LYS I 359 -31.97 -7.30 -8.78
N GLU I 360 -30.75 -6.86 -8.51
CA GLU I 360 -30.41 -6.44 -7.15
C GLU I 360 -31.05 -5.19 -6.62
N LEU I 361 -32.15 -4.76 -7.24
CA LEU I 361 -32.79 -3.52 -6.82
C LEU I 361 -33.42 -3.52 -5.43
N PRO I 362 -34.30 -4.46 -5.15
CA PRO I 362 -34.96 -4.36 -3.84
C PRO I 362 -34.01 -4.56 -2.64
N TYR I 363 -32.75 -4.91 -2.89
CA TYR I 363 -31.86 -5.33 -1.84
C TYR I 363 -31.01 -4.19 -1.37
N ALA I 364 -30.80 -3.25 -2.26
CA ALA I 364 -30.10 -2.01 -1.92
C ALA I 364 -30.98 -1.11 -1.05
N PRO I 365 -30.31 -0.34 -0.17
CA PRO I 365 -30.82 0.48 0.94
C PRO I 365 -32.10 1.28 0.63
N ASP I 366 -32.11 2.03 -0.48
CA ASP I 366 -33.28 2.71 -1.04
C ASP I 366 -33.48 2.03 -2.35
N ARG I 367 -34.69 2.07 -2.91
CA ARG I 367 -34.81 1.61 -4.28
C ARG I 367 -34.10 2.65 -5.14
N ARG I 368 -34.28 3.93 -4.77
CA ARG I 368 -33.67 5.01 -5.52
C ARG I 368 -32.18 4.79 -5.63
N MET I 369 -31.52 4.64 -4.48
CA MET I 369 -30.08 4.39 -4.45
C MET I 369 -29.66 3.23 -5.34
N GLY I 370 -30.37 2.11 -5.22
CA GLY I 370 -30.13 0.98 -6.11
C GLY I 370 -30.07 1.41 -7.56
N VAL I 371 -30.95 2.33 -7.96
CA VAL I 371 -30.97 2.86 -9.33
C VAL I 371 -29.78 3.74 -9.53
N GLU I 372 -29.47 4.57 -8.54
CA GLU I 372 -28.37 5.55 -8.66
C GLU I 372 -27.02 4.87 -8.78
N MET I 373 -26.86 3.76 -8.05
CA MET I 373 -25.64 2.96 -8.09
C MET I 373 -25.60 2.21 -9.38
N THR I 374 -26.76 1.87 -9.92
CA THR I 374 -26.73 1.09 -11.14
C THR I 374 -26.31 2.01 -12.25
N LEU I 375 -26.91 3.18 -12.29
CA LEU I 375 -26.49 4.13 -13.29
C LEU I 375 -24.99 4.41 -13.11
N LEU I 376 -24.54 4.70 -11.90
CA LEU I 376 -23.12 4.99 -11.70
C LEU I 376 -22.31 3.89 -12.30
N ARG I 377 -22.49 2.66 -11.84
CA ARG I 377 -21.67 1.57 -12.38
C ARG I 377 -21.64 1.64 -13.90
N ALA I 378 -22.80 1.82 -14.48
CA ALA I 378 -22.91 1.88 -15.94
C ALA I 378 -22.31 3.14 -16.53
N LEU I 379 -22.31 4.19 -15.72
CA LEU I 379 -21.93 5.53 -16.19
C LEU I 379 -20.58 5.43 -16.84
N ALA I 380 -19.61 5.03 -16.04
CA ALA I 380 -18.23 4.98 -16.52
C ALA I 380 -17.94 3.73 -17.36
N PHE I 381 -18.59 3.65 -18.49
CA PHE I 381 -18.28 2.61 -19.42
C PHE I 381 -17.73 3.34 -20.58
N HIS I 382 -17.89 4.67 -20.59
CA HIS I 382 -17.78 5.37 -21.86
C HIS I 382 -16.43 5.43 -22.60
N PRO I 383 -15.33 5.83 -21.90
CA PRO I 383 -14.24 5.85 -22.91
C PRO I 383 -13.36 4.56 -22.95
N ARG I 384 -13.32 3.91 -24.13
CA ARG I 384 -12.74 2.57 -24.29
C ARG I 384 -11.22 2.49 -24.00
N MET I 385 -10.43 3.03 -24.95
CA MET I 385 -8.98 3.26 -24.87
C MET I 385 -8.33 3.30 -26.27
N MET J 1 -46.29 4.56 18.73
CA MET J 1 -47.12 4.72 17.55
C MET J 1 -47.82 6.09 17.51
N ARG J 2 -47.61 6.83 16.43
CA ARG J 2 -48.02 8.23 16.28
C ARG J 2 -48.86 8.43 15.03
N TRP J 3 -49.73 9.42 15.03
CA TRP J 3 -50.52 9.68 13.82
C TRP J 3 -50.08 10.96 13.18
N TYR J 4 -49.56 10.81 11.97
CA TYR J 4 -48.98 11.88 11.17
C TYR J 4 -49.94 12.43 10.09
N PRO J 5 -49.87 13.75 9.86
CA PRO J 5 -50.89 14.51 9.12
C PRO J 5 -51.00 14.14 7.66
N TRP J 6 -49.97 13.55 7.07
CA TRP J 6 -50.03 13.10 5.68
C TRP J 6 -50.78 11.77 5.50
N LEU J 7 -51.47 11.34 6.57
CA LEU J 7 -52.20 10.09 6.57
C LEU J 7 -53.68 10.33 6.28
N ARG J 8 -54.20 11.49 6.70
CA ARG J 8 -55.61 11.89 6.48
C ARG J 8 -56.18 11.50 5.13
N PRO J 9 -55.46 11.77 4.05
CA PRO J 9 -55.97 11.43 2.72
C PRO J 9 -55.90 9.94 2.49
N ASP J 10 -54.72 9.37 2.71
CA ASP J 10 -54.52 7.94 2.48
C ASP J 10 -55.56 7.15 3.31
N PHE J 11 -55.81 7.58 4.55
CA PHE J 11 -56.85 6.97 5.37
C PHE J 11 -58.23 7.16 4.76
N GLU J 12 -58.64 8.41 4.54
CA GLU J 12 -59.99 8.68 4.06
C GLU J 12 -60.36 7.87 2.83
N LYS J 13 -59.47 7.83 1.84
CA LYS J 13 -59.70 7.02 0.64
C LYS J 13 -59.92 5.56 1.00
N LEU J 14 -59.00 5.01 1.78
CA LEU J 14 -59.07 3.60 2.17
C LEU J 14 -60.35 3.29 2.94
N VAL J 15 -60.70 4.15 3.89
CA VAL J 15 -61.88 3.94 4.70
C VAL J 15 -63.15 3.95 3.86
N ALA J 16 -63.15 4.81 2.85
CA ALA J 16 -64.26 4.93 1.91
C ALA J 16 -64.64 3.58 1.31
N SER J 17 -63.67 2.88 0.71
CA SER J 17 -63.91 1.53 0.21
C SER J 17 -64.51 0.60 1.30
N TYR J 18 -63.91 0.58 2.49
CA TYR J 18 -64.43 -0.27 3.55
C TYR J 18 -65.85 0.14 3.81
N GLN J 19 -66.10 1.45 3.92
CA GLN J 19 -67.42 2.00 4.27
C GLN J 19 -68.49 1.61 3.28
N ALA J 20 -68.09 1.43 2.03
CA ALA J 20 -69.00 0.89 1.04
C ALA J 20 -69.39 -0.55 1.41
N GLY J 21 -68.48 -1.23 2.11
CA GLY J 21 -68.66 -2.63 2.46
C GLY J 21 -67.84 -3.44 1.49
N ARG J 22 -67.31 -2.73 0.49
CA ARG J 22 -66.62 -3.28 -0.67
C ARG J 22 -65.09 -3.19 -0.52
N GLY J 23 -64.63 -3.07 0.72
CA GLY J 23 -63.21 -3.07 1.00
C GLY J 23 -62.63 -4.44 0.76
N HIS J 24 -61.32 -4.50 0.49
CA HIS J 24 -60.60 -5.75 0.20
C HIS J 24 -60.09 -6.35 1.52
N HIS J 25 -60.15 -7.67 1.64
CA HIS J 25 -59.93 -8.33 2.93
C HIS J 25 -58.47 -8.49 3.34
N ALA J 26 -57.57 -8.48 2.36
CA ALA J 26 -56.15 -8.58 2.62
C ALA J 26 -55.47 -7.35 2.09
N LEU J 27 -55.35 -6.32 2.93
CA LEU J 27 -54.65 -5.13 2.52
C LEU J 27 -53.21 -5.36 2.81
N LEU J 28 -52.35 -4.87 1.91
CA LEU J 28 -50.93 -4.77 2.13
C LEU J 28 -50.51 -3.33 1.91
N ILE J 29 -50.16 -2.64 2.97
CA ILE J 29 -49.65 -1.30 2.83
C ILE J 29 -48.14 -1.38 2.69
N GLN J 30 -47.57 -0.72 1.68
CA GLN J 30 -46.12 -0.61 1.62
C GLN J 30 -45.68 0.79 1.99
N ALA J 31 -44.77 0.88 2.94
CA ALA J 31 -44.30 2.16 3.40
C ALA J 31 -42.89 2.08 4.02
N LEU J 32 -42.21 3.21 4.01
CA LEU J 32 -40.93 3.26 4.67
C LEU J 32 -41.28 3.25 6.12
N PRO J 33 -40.33 2.84 6.94
CA PRO J 33 -40.48 3.01 8.38
C PRO J 33 -40.66 4.49 8.72
N GLY J 34 -41.14 4.75 9.93
CA GLY J 34 -41.35 6.11 10.37
C GLY J 34 -42.51 6.75 9.62
N MET J 35 -42.86 6.20 8.46
CA MET J 35 -43.97 6.71 7.67
C MET J 35 -45.35 6.61 8.35
N GLY J 36 -45.42 5.85 9.43
CA GLY J 36 -46.64 5.74 10.24
C GLY J 36 -47.71 4.88 9.59
N ASP J 37 -47.27 3.76 9.02
CA ASP J 37 -48.20 2.82 8.45
C ASP J 37 -49.05 2.30 9.57
N ASP J 38 -48.41 1.98 10.68
CA ASP J 38 -49.08 1.31 11.79
C ASP J 38 -50.34 2.06 12.24
N ALA J 39 -50.21 3.38 12.33
CA ALA J 39 -51.31 4.27 12.74
C ALA J 39 -52.43 4.29 11.73
N LEU J 40 -52.10 4.10 10.47
CA LEU J 40 -53.09 4.00 9.43
C LEU J 40 -53.79 2.71 9.67
N ILE J 41 -53.04 1.66 9.95
CA ILE J 41 -53.66 0.39 10.20
C ILE J 41 -54.56 0.46 11.43
N TYR J 42 -54.02 0.94 12.55
CA TYR J 42 -54.77 1.02 13.78
C TYR J 42 -56.08 1.76 13.53
N ALA J 43 -56.00 2.93 12.90
CA ALA J 43 -57.18 3.70 12.56
C ALA J 43 -58.21 2.90 11.80
N LEU J 44 -57.75 2.09 10.86
CA LEU J 44 -58.68 1.26 10.09
C LEU J 44 -59.18 0.11 10.95
N SER J 45 -58.32 -0.37 11.81
CA SER J 45 -58.71 -1.41 12.71
C SER J 45 -59.84 -0.90 13.60
N ARG J 46 -59.59 0.19 14.31
CA ARG J 46 -60.62 0.78 15.16
C ARG J 46 -61.92 0.97 14.40
N TYR J 47 -61.83 1.27 13.11
CA TYR J 47 -63.05 1.52 12.36
C TYR J 47 -63.88 0.27 12.21
N LEU J 48 -63.19 -0.85 11.95
CA LEU J 48 -63.85 -2.12 11.70
C LEU J 48 -64.48 -2.73 12.96
N LEU J 49 -63.69 -2.78 14.04
CA LEU J 49 -64.19 -3.20 15.33
C LEU J 49 -65.02 -2.09 16.00
N CYS J 50 -65.86 -1.44 15.19
CA CYS J 50 -66.76 -0.42 15.70
C CYS J 50 -68.23 -0.75 15.36
N GLN J 51 -69.00 -0.98 16.41
CA GLN J 51 -70.41 -1.40 16.34
C GLN J 51 -71.36 -0.22 16.21
N GLN J 52 -70.87 0.97 16.55
CA GLN J 52 -71.66 2.20 16.54
C GLN J 52 -70.87 3.35 15.88
N PRO J 53 -70.15 3.09 14.76
CA PRO J 53 -69.24 4.14 14.23
C PRO J 53 -69.94 5.48 13.94
N GLN J 54 -69.14 6.55 13.94
CA GLN J 54 -69.61 7.92 13.70
C GLN J 54 -68.95 8.56 12.45
N GLY J 55 -69.36 8.08 11.27
CA GLY J 55 -68.71 8.42 10.03
C GLY J 55 -67.39 7.68 9.88
N HIS J 56 -66.33 8.43 9.53
CA HIS J 56 -64.92 7.95 9.42
C HIS J 56 -64.31 7.56 10.80
N LYS J 57 -64.88 8.11 11.88
CA LYS J 57 -64.32 7.99 13.25
C LYS J 57 -64.83 6.79 14.10
N SER J 58 -64.06 6.47 15.16
CA SER J 58 -64.50 5.53 16.20
C SER J 58 -64.97 6.27 17.48
N CYS J 59 -66.19 5.92 17.92
CA CYS J 59 -66.89 6.55 19.05
C CYS J 59 -66.11 6.69 20.38
N GLY J 60 -65.53 5.59 20.86
CA GLY J 60 -64.98 5.51 22.21
C GLY J 60 -65.87 4.76 23.20
N HIS J 61 -67.20 4.85 23.03
CA HIS J 61 -68.17 4.46 24.06
C HIS J 61 -68.94 3.13 23.87
N CYS J 62 -68.79 2.46 22.73
CA CYS J 62 -69.37 1.12 22.54
C CYS J 62 -68.51 0.04 23.21
N ARG J 63 -69.13 -1.09 23.58
CA ARG J 63 -68.40 -2.18 24.23
C ARG J 63 -67.19 -2.63 23.42
N GLY J 64 -67.30 -2.56 22.09
CA GLY J 64 -66.21 -2.87 21.19
C GLY J 64 -64.92 -2.07 21.38
N CYS J 65 -65.01 -0.74 21.38
CA CYS J 65 -63.84 0.15 21.38
C CYS J 65 -63.21 0.30 22.77
N GLN J 66 -64.03 0.20 23.80
CA GLN J 66 -63.51 0.17 25.15
C GLN J 66 -62.42 -0.91 25.16
N LEU J 67 -62.82 -2.15 24.85
CA LEU J 67 -61.90 -3.30 24.73
C LEU J 67 -60.65 -3.01 23.87
N MET J 68 -60.86 -2.29 22.78
CA MET J 68 -59.81 -2.00 21.82
C MET J 68 -58.83 -0.95 22.38
N GLN J 69 -59.38 0.01 23.12
CA GLN J 69 -58.58 0.97 23.88
C GLN J 69 -57.76 0.24 24.94
N ALA J 70 -58.38 -0.72 25.64
CA ALA J 70 -57.71 -1.52 26.67
C ALA J 70 -57.05 -2.83 26.15
N GLY J 71 -56.30 -2.74 25.06
CA GLY J 71 -55.58 -3.87 24.52
C GLY J 71 -56.42 -5.05 24.07
N THR J 72 -57.08 -5.69 25.03
CA THR J 72 -57.70 -6.99 24.81
C THR J 72 -59.06 -7.03 24.08
N HIS J 73 -59.04 -6.87 22.77
CA HIS J 73 -60.23 -7.18 21.98
C HIS J 73 -60.08 -8.57 21.41
N PRO J 74 -60.94 -9.50 21.85
CA PRO J 74 -60.95 -10.94 21.52
C PRO J 74 -60.82 -11.30 20.04
N ASP J 75 -61.11 -10.34 19.15
CA ASP J 75 -61.19 -10.59 17.71
C ASP J 75 -60.19 -9.73 16.97
N TYR J 76 -59.13 -9.35 17.67
CA TYR J 76 -58.15 -8.44 17.14
C TYR J 76 -56.77 -9.04 17.32
N TYR J 77 -56.27 -9.65 16.26
CA TYR J 77 -55.03 -10.40 16.36
C TYR J 77 -53.79 -9.61 15.86
N THR J 78 -52.69 -9.68 16.59
CA THR J 78 -51.47 -8.99 16.17
C THR J 78 -50.27 -9.92 15.95
N LEU J 79 -49.95 -10.16 14.69
CA LEU J 79 -48.73 -10.90 14.36
C LEU J 79 -47.43 -10.07 14.35
N ALA J 80 -46.79 -9.95 15.50
CA ALA J 80 -45.47 -9.37 15.54
C ALA J 80 -44.49 -10.40 16.06
N PRO J 81 -43.20 -10.07 16.07
CA PRO J 81 -42.26 -11.12 16.42
C PRO J 81 -42.11 -11.24 17.92
N GLU J 82 -41.85 -12.44 18.44
CA GLU J 82 -41.61 -12.61 19.86
C GLU J 82 -40.66 -11.53 20.39
N LYS J 83 -40.66 -11.33 21.71
CA LYS J 83 -39.91 -10.20 22.28
C LYS J 83 -38.45 -10.24 21.90
N GLY J 84 -37.77 -11.31 22.32
CA GLY J 84 -36.36 -11.48 22.03
C GLY J 84 -35.95 -11.66 20.58
N LYS J 85 -36.88 -12.00 19.70
CA LYS J 85 -36.51 -12.43 18.37
C LYS J 85 -36.82 -11.38 17.29
N ASN J 86 -36.44 -11.66 16.06
CA ASN J 86 -36.65 -10.68 15.00
C ASN J 86 -37.27 -11.30 13.76
N THR J 87 -37.77 -12.53 13.92
CA THR J 87 -38.57 -13.16 12.89
C THR J 87 -39.97 -13.44 13.42
N LEU J 88 -40.83 -13.92 12.55
CA LEU J 88 -42.21 -14.02 12.91
C LEU J 88 -42.69 -15.40 12.49
N GLY J 89 -42.72 -16.29 13.48
CA GLY J 89 -42.73 -17.74 13.28
C GLY J 89 -44.03 -18.37 12.87
N VAL J 90 -43.95 -19.57 12.30
CA VAL J 90 -45.11 -20.21 11.71
C VAL J 90 -46.13 -20.52 12.77
N ASP J 91 -45.64 -21.12 13.86
CA ASP J 91 -46.51 -21.52 14.94
C ASP J 91 -47.44 -20.34 15.33
N ALA J 92 -46.87 -19.17 15.55
CA ALA J 92 -47.68 -17.98 15.85
C ALA J 92 -48.70 -17.59 14.78
N VAL J 93 -48.43 -17.88 13.51
CA VAL J 93 -49.40 -17.58 12.49
C VAL J 93 -50.51 -18.60 12.56
N ARG J 94 -50.16 -19.83 12.92
CA ARG J 94 -51.12 -20.92 12.88
C ARG J 94 -52.16 -20.79 13.96
N GLU J 95 -51.83 -20.12 15.04
CA GLU J 95 -52.78 -19.91 16.11
C GLU J 95 -53.81 -18.96 15.59
N VAL J 96 -53.34 -17.93 14.92
CA VAL J 96 -54.22 -16.94 14.36
C VAL J 96 -55.09 -17.57 13.27
N THR J 97 -54.50 -18.32 12.35
CA THR J 97 -55.31 -19.02 11.35
C THR J 97 -56.33 -19.93 12.03
N GLU J 98 -55.96 -20.61 13.10
CA GLU J 98 -56.93 -21.47 13.78
C GLU J 98 -58.06 -20.66 14.40
N LYS J 99 -57.72 -19.82 15.38
CA LYS J 99 -58.73 -19.03 16.07
C LYS J 99 -59.71 -18.37 15.11
N LEU J 100 -59.22 -18.01 13.92
CA LEU J 100 -60.04 -17.24 12.99
C LEU J 100 -61.30 -17.93 12.60
N ASN J 101 -61.37 -19.22 12.84
CA ASN J 101 -62.51 -19.99 12.40
C ASN J 101 -63.64 -19.98 13.39
N GLU J 102 -63.31 -20.15 14.66
CA GLU J 102 -64.24 -19.88 15.72
C GLU J 102 -64.98 -18.59 15.41
N HIS J 103 -66.31 -18.65 15.43
CA HIS J 103 -67.16 -17.46 15.26
C HIS J 103 -66.62 -16.36 16.16
N ALA J 104 -66.41 -15.16 15.60
CA ALA J 104 -65.92 -14.01 16.36
C ALA J 104 -66.37 -14.00 17.82
N ARG J 105 -65.42 -14.00 18.76
CA ARG J 105 -65.73 -14.09 20.20
C ARG J 105 -66.52 -12.92 20.80
N LEU J 106 -66.61 -11.81 20.07
CA LEU J 106 -67.46 -10.69 20.49
C LEU J 106 -68.60 -10.47 19.50
N GLY J 107 -68.60 -11.22 18.41
CA GLY J 107 -69.65 -11.11 17.40
C GLY J 107 -69.51 -9.93 16.46
N GLY J 108 -68.33 -9.32 16.47
CA GLY J 108 -68.00 -8.31 15.46
C GLY J 108 -67.07 -8.93 14.45
N ALA J 109 -66.55 -8.14 13.53
CA ALA J 109 -65.56 -8.69 12.63
C ALA J 109 -64.27 -9.03 13.38
N LYS J 110 -63.39 -9.77 12.72
CA LYS J 110 -62.07 -10.06 13.24
C LYS J 110 -61.03 -9.41 12.35
N VAL J 111 -60.06 -8.70 12.95
CA VAL J 111 -58.97 -8.10 12.18
C VAL J 111 -57.62 -8.65 12.62
N VAL J 112 -56.79 -9.02 11.65
CA VAL J 112 -55.47 -9.56 11.92
C VAL J 112 -54.46 -8.64 11.28
N TRP J 113 -53.51 -8.15 12.07
CA TRP J 113 -52.55 -7.15 11.63
C TRP J 113 -51.18 -7.75 11.70
N VAL J 114 -50.58 -7.97 10.54
CA VAL J 114 -49.21 -8.42 10.48
C VAL J 114 -48.34 -7.18 10.36
N THR J 115 -47.57 -6.92 11.40
CA THR J 115 -46.82 -5.66 11.55
C THR J 115 -45.81 -5.49 10.44
N ASP J 116 -45.11 -6.56 10.07
CA ASP J 116 -44.12 -6.49 9.03
C ASP J 116 -43.92 -7.83 8.33
N ALA J 117 -44.59 -7.98 7.20
CA ALA J 117 -44.59 -9.22 6.46
C ALA J 117 -43.19 -9.57 6.03
N ALA J 118 -42.32 -8.56 6.06
CA ALA J 118 -40.93 -8.79 5.76
C ALA J 118 -40.44 -9.90 6.72
N LEU J 119 -40.97 -9.87 7.94
CA LEU J 119 -40.46 -10.71 9.00
C LEU J 119 -41.04 -12.13 9.05
N LEU J 120 -42.09 -12.42 8.28
CA LEU J 120 -42.62 -13.78 8.20
C LEU J 120 -41.53 -14.74 7.81
N THR J 121 -41.51 -15.93 8.37
CA THR J 121 -40.60 -16.98 7.92
C THR J 121 -41.07 -17.53 6.59
N ASP J 122 -40.34 -18.46 5.99
CA ASP J 122 -40.85 -19.12 4.79
C ASP J 122 -42.08 -19.92 5.17
N ALA J 123 -41.97 -20.69 6.25
CA ALA J 123 -43.07 -21.58 6.65
C ALA J 123 -44.22 -20.74 7.12
N ALA J 124 -43.88 -19.62 7.75
CA ALA J 124 -44.86 -18.71 8.31
C ALA J 124 -45.57 -17.96 7.19
N ALA J 125 -44.85 -17.64 6.12
CA ALA J 125 -45.47 -16.96 5.01
C ALA J 125 -46.47 -17.87 4.38
N ASN J 126 -46.04 -19.08 4.02
CA ASN J 126 -46.96 -20.00 3.39
C ASN J 126 -48.17 -20.36 4.27
N ALA J 127 -47.91 -20.56 5.56
CA ALA J 127 -48.99 -20.89 6.47
C ALA J 127 -50.16 -19.94 6.24
N LEU J 128 -49.80 -18.69 6.00
CA LEU J 128 -50.75 -17.60 5.85
C LEU J 128 -51.52 -17.60 4.51
N LEU J 129 -51.11 -18.43 3.57
CA LEU J 129 -51.55 -18.28 2.18
C LEU J 129 -53.03 -18.53 2.03
N LYS J 130 -53.48 -19.68 2.54
CA LYS J 130 -54.82 -20.10 2.23
C LYS J 130 -55.82 -19.32 3.03
N THR J 131 -55.49 -19.01 4.28
CA THR J 131 -56.41 -18.18 5.05
C THR J 131 -56.49 -16.80 4.43
N LEU J 132 -55.45 -16.38 3.74
CA LEU J 132 -55.42 -15.04 3.22
C LEU J 132 -56.24 -15.00 1.98
N GLU J 133 -56.08 -15.99 1.12
CA GLU J 133 -56.82 -16.02 -0.14
C GLU J 133 -58.31 -15.96 0.08
N GLU J 134 -58.79 -16.80 1.00
CA GLU J 134 -60.19 -16.84 1.32
C GLU J 134 -60.39 -17.10 2.81
N PRO J 135 -60.49 -16.02 3.58
CA PRO J 135 -60.66 -16.12 5.01
C PRO J 135 -62.13 -16.19 5.36
N PRO J 136 -62.45 -16.68 6.56
CA PRO J 136 -63.84 -16.72 7.00
C PRO J 136 -64.48 -15.37 6.79
N ALA J 137 -65.77 -15.28 7.06
CA ALA J 137 -66.48 -14.03 6.79
C ALA J 137 -66.14 -12.90 7.76
N GLU J 138 -66.37 -11.67 7.33
CA GLU J 138 -66.12 -10.49 8.14
C GLU J 138 -64.77 -10.59 8.83
N THR J 139 -63.75 -10.98 8.08
CA THR J 139 -62.39 -10.98 8.58
C THR J 139 -61.54 -10.06 7.71
N TRP J 140 -60.73 -9.24 8.36
CA TRP J 140 -59.96 -8.26 7.64
C TRP J 140 -58.49 -8.30 8.03
N PHE J 141 -57.63 -8.40 7.02
CA PHE J 141 -56.19 -8.48 7.24
C PHE J 141 -55.48 -7.17 6.86
N PHE J 142 -54.44 -6.84 7.64
CA PHE J 142 -53.57 -5.72 7.34
C PHE J 142 -52.14 -6.15 7.46
N LEU J 143 -51.38 -5.90 6.40
CA LEU J 143 -49.97 -6.25 6.29
C LEU J 143 -49.15 -5.01 5.85
N ALA J 144 -47.94 -4.87 6.38
CA ALA J 144 -47.09 -3.75 6.00
C ALA J 144 -45.66 -4.21 5.72
N THR J 145 -45.03 -3.67 4.68
CA THR J 145 -43.60 -3.83 4.43
C THR J 145 -42.99 -2.63 3.80
N ARG J 146 -41.65 -2.63 3.83
CA ARG J 146 -40.84 -1.68 3.12
C ARG J 146 -40.94 -2.11 1.68
N GLU J 147 -40.69 -3.38 1.41
CA GLU J 147 -40.47 -3.77 0.03
C GLU J 147 -41.22 -4.99 -0.41
N PRO J 148 -42.40 -4.80 -0.95
CA PRO J 148 -43.13 -5.95 -1.47
C PRO J 148 -42.29 -6.94 -2.26
N GLU J 149 -41.30 -6.53 -3.03
CA GLU J 149 -40.67 -7.50 -3.93
C GLU J 149 -39.88 -8.54 -3.11
N ARG J 150 -39.59 -8.21 -1.86
CA ARG J 150 -38.90 -9.10 -0.92
C ARG J 150 -39.86 -10.08 -0.24
N LEU J 151 -41.09 -10.07 -0.71
CA LEU J 151 -42.19 -10.76 -0.08
C LEU J 151 -42.53 -11.92 -0.95
N LEU J 152 -42.82 -13.06 -0.32
CA LEU J 152 -43.22 -14.24 -1.04
C LEU J 152 -44.18 -13.97 -2.22
N ALA J 153 -43.82 -14.58 -3.35
CA ALA J 153 -44.55 -14.53 -4.61
C ALA J 153 -46.06 -14.55 -4.48
N THR J 154 -46.53 -15.66 -3.91
CA THR J 154 -47.94 -16.04 -3.78
C THR J 154 -48.67 -15.24 -2.74
N LEU J 155 -47.96 -14.91 -1.68
CA LEU J 155 -48.54 -14.10 -0.65
C LEU J 155 -48.91 -12.81 -1.29
N ARG J 156 -48.19 -12.44 -2.32
CA ARG J 156 -48.43 -11.11 -2.82
C ARG J 156 -49.70 -11.01 -3.64
N SER J 157 -49.99 -12.03 -4.44
CA SER J 157 -51.16 -11.99 -5.33
C SER J 157 -52.48 -12.12 -4.60
N ARG J 158 -52.40 -12.28 -3.30
CA ARG J 158 -53.61 -12.41 -2.52
C ARG J 158 -53.96 -11.08 -1.93
N CYS J 159 -53.07 -10.10 -2.09
CA CYS J 159 -53.26 -8.79 -1.47
C CYS J 159 -53.66 -7.64 -2.39
N ARG J 160 -54.23 -6.61 -1.77
CA ARG J 160 -54.42 -5.37 -2.47
C ARG J 160 -53.32 -4.51 -1.95
N LEU J 161 -52.65 -3.81 -2.87
CA LEU J 161 -51.54 -2.97 -2.47
C LEU J 161 -52.01 -1.57 -2.17
N HIS J 162 -51.48 -0.99 -1.12
CA HIS J 162 -51.63 0.43 -0.96
C HIS J 162 -50.28 1.08 -0.61
N TYR J 163 -49.82 1.96 -1.49
CA TYR J 163 -48.54 2.64 -1.30
C TYR J 163 -48.71 3.94 -0.53
N LEU J 164 -48.15 3.94 0.67
CA LEU J 164 -48.13 5.10 1.54
C LEU J 164 -46.96 5.97 1.11
N ALA J 165 -47.16 6.87 0.16
CA ALA J 165 -46.04 7.69 -0.30
C ALA J 165 -45.81 8.92 0.56
N PRO J 166 -44.51 9.25 0.79
CA PRO J 166 -44.05 10.30 1.70
C PRO J 166 -44.30 11.66 1.11
N PRO J 167 -44.49 12.65 1.97
CA PRO J 167 -44.91 13.97 1.54
C PRO J 167 -43.76 14.50 0.76
N PRO J 168 -43.98 15.57 -0.02
CA PRO J 168 -42.90 16.38 -0.60
C PRO J 168 -41.83 16.83 0.43
N GLU J 169 -40.56 16.71 0.08
CA GLU J 169 -39.47 17.06 0.98
C GLU J 169 -39.67 18.40 1.62
N GLN J 170 -40.11 19.38 0.81
CA GLN J 170 -40.40 20.69 1.37
C GLN J 170 -41.30 20.60 2.61
N TYR J 171 -42.41 19.88 2.48
CA TYR J 171 -43.35 19.66 3.57
C TYR J 171 -42.65 19.01 4.74
N ALA J 172 -41.90 17.98 4.40
CA ALA J 172 -41.21 17.17 5.39
C ALA J 172 -40.29 18.01 6.25
N VAL J 173 -39.57 18.91 5.60
CA VAL J 173 -38.60 19.72 6.31
C VAL J 173 -39.35 20.63 7.25
N THR J 174 -40.39 21.23 6.70
CA THR J 174 -41.22 22.09 7.51
C THR J 174 -41.78 21.32 8.71
N TRP J 175 -42.33 20.11 8.51
CA TRP J 175 -42.76 19.27 9.64
C TRP J 175 -41.66 19.26 10.70
N LEU J 176 -40.49 18.79 10.26
CA LEU J 176 -39.38 18.54 11.15
C LEU J 176 -38.95 19.76 11.91
N SER J 177 -38.84 20.88 11.21
CA SER J 177 -38.41 22.13 11.83
C SER J 177 -39.30 22.53 13.00
N ARG J 178 -40.45 21.87 13.10
CA ARG J 178 -41.39 22.13 14.18
C ARG J 178 -41.14 21.20 15.38
N GLU J 179 -40.72 19.97 15.07
CA GLU J 179 -40.51 18.90 16.05
C GLU J 179 -39.13 18.90 16.69
N VAL J 180 -38.14 19.41 15.94
CA VAL J 180 -36.77 19.59 16.41
C VAL J 180 -36.22 20.94 16.03
N THR J 181 -35.19 21.38 16.75
CA THR J 181 -34.47 22.58 16.40
C THR J 181 -33.09 22.23 15.86
N MET J 182 -33.04 22.09 14.54
CA MET J 182 -31.82 21.67 13.87
C MET J 182 -31.57 22.59 12.67
N SER J 183 -30.35 22.55 12.13
CA SER J 183 -30.02 23.36 10.97
C SER J 183 -30.79 22.77 9.79
N GLN J 184 -31.38 23.63 8.97
CA GLN J 184 -32.09 23.19 7.78
C GLN J 184 -31.31 22.11 7.02
N ASP J 185 -29.99 22.24 7.06
CA ASP J 185 -29.09 21.32 6.36
C ASP J 185 -29.32 19.94 6.96
N ALA J 186 -29.12 19.85 8.27
CA ALA J 186 -29.29 18.62 9.06
C ALA J 186 -30.62 17.94 8.81
N LEU J 187 -31.70 18.67 9.00
CA LEU J 187 -33.01 18.11 8.71
C LEU J 187 -32.94 17.44 7.37
N LEU J 188 -32.70 18.26 6.34
CA LEU J 188 -32.74 17.78 4.97
C LEU J 188 -31.85 16.56 4.78
N ALA J 189 -30.73 16.52 5.50
CA ALA J 189 -29.88 15.35 5.48
C ALA J 189 -30.59 14.18 6.16
N ALA J 190 -31.12 14.44 7.34
CA ALA J 190 -31.75 13.39 8.12
C ALA J 190 -32.86 12.86 7.26
N LEU J 191 -33.66 13.77 6.75
CA LEU J 191 -34.80 13.37 5.98
C LEU J 191 -34.35 12.51 4.81
N ARG J 192 -33.17 12.82 4.28
CA ARG J 192 -32.77 12.21 3.03
C ARG J 192 -32.13 10.87 3.22
N LEU J 193 -31.52 10.71 4.39
CA LEU J 193 -31.00 9.43 4.80
C LEU J 193 -32.16 8.45 4.86
N SER J 194 -33.29 8.94 5.36
CA SER J 194 -34.45 8.13 5.61
C SER J 194 -35.40 8.09 4.44
N ALA J 195 -34.87 8.00 3.24
CA ALA J 195 -35.66 7.83 2.04
C ALA J 195 -36.90 8.73 1.92
N GLY J 196 -36.88 9.86 2.62
CA GLY J 196 -37.96 10.82 2.53
C GLY J 196 -39.05 10.79 3.60
N SER J 197 -39.09 9.74 4.39
CA SER J 197 -40.07 9.69 5.46
C SER J 197 -39.73 10.59 6.67
N PRO J 198 -40.54 11.62 6.93
CA PRO J 198 -40.34 12.42 8.13
C PRO J 198 -40.44 11.46 9.28
N GLY J 199 -40.23 11.92 10.50
CA GLY J 199 -40.38 11.01 11.61
C GLY J 199 -39.31 9.93 11.63
N ALA J 200 -39.25 9.08 10.61
CA ALA J 200 -38.12 8.19 10.43
C ALA J 200 -36.87 9.07 10.41
N ALA J 201 -37.06 10.25 9.81
CA ALA J 201 -36.18 11.37 9.99
C ALA J 201 -36.06 11.71 11.46
N LEU J 202 -37.14 12.27 11.98
CA LEU J 202 -37.24 12.69 13.37
C LEU J 202 -36.53 11.72 14.30
N ALA J 203 -36.74 10.43 14.06
CA ALA J 203 -36.10 9.37 14.84
C ALA J 203 -34.63 9.63 15.05
N LEU J 204 -33.91 9.76 13.94
CA LEU J 204 -32.48 9.96 13.99
C LEU J 204 -32.13 10.95 15.09
N PHE J 205 -32.85 12.06 15.11
CA PHE J 205 -32.60 13.12 16.08
C PHE J 205 -32.91 12.70 17.51
N GLN J 206 -34.01 11.98 17.68
CA GLN J 206 -34.48 11.58 18.98
C GLN J 206 -33.47 10.68 19.67
N GLY J 207 -33.24 9.50 19.10
CA GLY J 207 -32.35 8.51 19.69
C GLY J 207 -30.92 8.99 19.97
N ASP J 208 -30.12 8.08 20.52
CA ASP J 208 -28.72 8.37 20.75
C ASP J 208 -28.09 8.50 19.37
N ASN J 209 -28.90 8.13 18.39
CA ASN J 209 -28.50 7.94 17.00
C ASN J 209 -27.69 9.04 16.28
N TRP J 210 -28.19 10.27 16.31
CA TRP J 210 -27.55 11.37 15.60
C TRP J 210 -26.17 11.64 16.16
N GLN J 211 -26.04 11.75 17.48
CA GLN J 211 -24.70 11.81 18.05
C GLN J 211 -23.83 10.69 17.46
N ALA J 212 -24.43 9.55 17.18
CA ALA J 212 -23.68 8.40 16.69
C ALA J 212 -23.27 8.48 15.23
N ARG J 213 -24.01 9.24 14.43
CA ARG J 213 -23.59 9.52 13.07
C ARG J 213 -22.43 10.49 13.15
N GLU J 214 -22.54 11.48 14.02
CA GLU J 214 -21.44 12.41 14.13
C GLU J 214 -20.18 11.65 14.45
N THR J 215 -20.33 10.53 15.15
CA THR J 215 -19.15 9.76 15.52
C THR J 215 -18.61 8.88 14.40
N LEU J 216 -19.48 8.47 13.49
CA LEU J 216 -19.02 7.76 12.31
C LEU J 216 -18.29 8.79 11.50
N CYS J 217 -18.91 9.95 11.37
CA CYS J 217 -18.29 11.07 10.66
C CYS J 217 -16.96 11.43 11.27
N GLN J 218 -16.88 11.46 12.58
CA GLN J 218 -15.66 11.82 13.22
C GLN J 218 -14.60 10.84 12.77
N ALA J 219 -14.92 9.56 12.85
CA ALA J 219 -13.94 8.50 12.68
C ALA J 219 -13.62 8.29 11.25
N LEU J 220 -14.57 8.60 10.39
CA LEU J 220 -14.34 8.55 8.96
C LEU J 220 -13.32 9.63 8.58
N ALA J 221 -13.61 10.85 9.02
CA ALA J 221 -12.73 11.97 8.81
C ALA J 221 -11.32 11.55 9.03
N TYR J 222 -11.11 10.57 9.89
CA TYR J 222 -9.75 10.17 10.11
C TYR J 222 -9.36 9.06 9.16
N SER J 223 -10.22 8.07 9.01
CA SER J 223 -9.87 6.91 8.21
C SER J 223 -9.50 7.28 6.77
N VAL J 224 -10.30 8.13 6.16
CA VAL J 224 -10.06 8.50 4.78
C VAL J 224 -8.61 8.90 4.57
N PRO J 225 -8.18 10.02 5.17
CA PRO J 225 -6.85 10.55 4.90
C PRO J 225 -5.78 9.62 5.37
N SER J 226 -6.06 8.84 6.40
CA SER J 226 -5.02 8.01 6.94
C SER J 226 -4.98 6.62 6.33
N GLY J 227 -5.99 6.26 5.57
CA GLY J 227 -6.04 4.93 5.01
C GLY J 227 -6.22 3.86 6.07
N ASP J 228 -6.58 4.28 7.28
CA ASP J 228 -6.90 3.34 8.34
C ASP J 228 -8.40 3.19 8.48
N TRP J 229 -8.96 2.13 7.92
CA TRP J 229 -10.41 1.93 7.99
C TRP J 229 -10.83 0.99 9.13
N TYR J 230 -9.95 0.09 9.53
CA TYR J 230 -10.29 -0.81 10.63
C TYR J 230 -10.52 0.00 11.88
N SER J 231 -10.04 1.23 11.87
CA SER J 231 -10.38 2.25 12.86
C SER J 231 -11.89 2.37 13.06
N LEU J 232 -12.62 2.22 11.96
CA LEU J 232 -14.07 2.39 11.94
C LEU J 232 -14.81 1.34 12.78
N LEU J 233 -14.20 0.17 12.95
CA LEU J 233 -14.85 -0.93 13.67
C LEU J 233 -15.62 -0.40 14.86
N ALA J 234 -14.93 0.39 15.68
CA ALA J 234 -15.56 1.05 16.82
C ALA J 234 -16.94 1.64 16.51
N ALA J 235 -17.01 2.53 15.52
CA ALA J 235 -18.27 3.23 15.25
C ALA J 235 -19.34 2.39 14.54
N LEU J 236 -18.90 1.37 13.83
CA LEU J 236 -19.83 0.59 13.05
C LEU J 236 -20.34 -0.56 13.89
N ASN J 237 -19.45 -1.24 14.61
CA ASN J 237 -19.81 -2.45 15.30
C ASN J 237 -20.71 -2.21 16.50
N HIS J 238 -22.00 -2.37 16.28
CA HIS J 238 -23.02 -1.98 17.24
C HIS J 238 -24.23 -2.70 16.73
N GLU J 239 -25.30 -2.72 17.52
CA GLU J 239 -26.51 -3.41 17.10
C GLU J 239 -27.14 -2.80 15.83
N GLN J 240 -27.18 -1.46 15.80
CA GLN J 240 -27.75 -0.68 14.69
C GLN J 240 -26.83 -0.64 13.48
N ALA J 241 -25.89 -1.57 13.39
CA ALA J 241 -24.90 -1.60 12.33
C ALA J 241 -25.45 -1.44 10.92
N PRO J 242 -26.56 -2.10 10.60
CA PRO J 242 -26.96 -2.03 9.20
C PRO J 242 -27.46 -0.66 8.87
N ALA J 243 -27.83 0.05 9.92
CA ALA J 243 -28.30 1.41 9.78
C ALA J 243 -27.12 2.36 9.56
N ARG J 244 -26.06 2.16 10.34
CA ARG J 244 -24.89 3.01 10.29
C ARG J 244 -24.08 2.73 9.03
N LEU J 245 -24.13 1.49 8.56
CA LEU J 245 -23.47 1.17 7.31
C LEU J 245 -24.16 1.96 6.20
N HIS J 246 -25.47 1.97 6.23
CA HIS J 246 -26.20 2.70 5.24
C HIS J 246 -25.72 4.13 5.17
N TRP J 247 -25.43 4.73 6.33
CA TRP J 247 -24.93 6.11 6.42
C TRP J 247 -23.61 6.21 5.69
N LEU J 248 -22.76 5.23 5.93
CA LEU J 248 -21.44 5.22 5.36
C LEU J 248 -21.50 5.05 3.86
N ALA J 249 -22.48 4.28 3.42
CA ALA J 249 -22.67 4.04 2.01
C ALA J 249 -23.16 5.31 1.33
N THR J 250 -24.03 6.05 1.99
CA THR J 250 -24.54 7.27 1.40
C THR J 250 -23.46 8.32 1.35
N LEU J 251 -22.56 8.30 2.31
CA LEU J 251 -21.41 9.19 2.22
C LEU J 251 -20.59 8.84 0.96
N LEU J 252 -20.24 7.57 0.84
CA LEU J 252 -19.53 7.10 -0.31
C LEU J 252 -20.24 7.47 -1.59
N MET J 253 -21.56 7.42 -1.63
CA MET J 253 -22.16 7.68 -2.91
C MET J 253 -22.15 9.14 -3.22
N ASP J 254 -22.25 9.96 -2.19
CA ASP J 254 -22.28 11.40 -2.44
C ASP J 254 -20.95 11.80 -3.05
N ALA J 255 -19.88 11.19 -2.56
CA ALA J 255 -18.57 11.42 -3.11
C ALA J 255 -18.63 11.03 -4.55
N LEU J 256 -18.93 9.79 -4.82
CA LEU J 256 -19.10 9.37 -6.19
C LEU J 256 -19.97 10.34 -7.02
N LYS J 257 -20.99 10.93 -6.41
CA LYS J 257 -21.84 11.85 -7.17
C LYS J 257 -21.07 13.14 -7.46
N ARG J 258 -20.19 13.53 -6.56
CA ARG J 258 -19.42 14.73 -6.80
C ARG J 258 -18.39 14.49 -7.88
N HIS J 259 -17.88 13.28 -7.98
CA HIS J 259 -16.94 13.02 -9.06
C HIS J 259 -17.58 13.25 -10.41
N HIS J 260 -18.91 13.32 -10.40
CA HIS J 260 -19.71 13.61 -11.58
C HIS J 260 -20.36 14.96 -11.53
N GLY J 261 -20.08 15.73 -10.48
CA GLY J 261 -20.65 17.06 -10.29
C GLY J 261 -22.17 17.11 -10.18
N ALA J 262 -22.73 16.15 -9.45
CA ALA J 262 -24.16 15.99 -9.38
C ALA J 262 -24.74 17.10 -8.51
N ALA J 263 -26.03 17.33 -8.63
CA ALA J 263 -26.71 18.37 -7.87
C ALA J 263 -27.09 17.96 -6.41
N GLN J 264 -27.95 16.95 -6.25
CA GLN J 264 -28.30 16.49 -4.92
C GLN J 264 -27.18 15.61 -4.47
N VAL J 265 -26.73 15.83 -3.25
CA VAL J 265 -26.16 14.75 -2.47
C VAL J 265 -27.10 14.46 -1.33
N THR J 266 -26.90 13.32 -0.69
CA THR J 266 -27.67 12.96 0.48
C THR J 266 -27.23 13.64 1.77
N ASN J 267 -25.96 13.56 2.13
CA ASN J 267 -25.57 14.17 3.37
C ASN J 267 -25.27 15.64 3.26
N VAL J 268 -26.27 16.42 2.84
CA VAL J 268 -26.18 17.87 2.81
C VAL J 268 -25.52 18.57 4.00
N ASP J 269 -25.49 17.91 5.14
CA ASP J 269 -25.03 18.59 6.35
C ASP J 269 -23.53 18.55 6.54
N VAL J 270 -22.85 17.56 5.97
CA VAL J 270 -21.37 17.51 6.07
C VAL J 270 -20.65 17.48 4.71
N PRO J 271 -20.60 18.62 4.02
CA PRO J 271 -20.13 18.53 2.66
C PRO J 271 -18.61 18.52 2.72
N GLY J 272 -18.08 18.71 3.92
CA GLY J 272 -16.67 18.50 4.16
C GLY J 272 -16.25 17.06 4.05
N LEU J 273 -16.99 16.20 4.73
CA LEU J 273 -16.67 14.80 4.68
C LEU J 273 -16.88 14.27 3.27
N VAL J 274 -17.97 14.69 2.64
CA VAL J 274 -18.26 14.28 1.29
C VAL J 274 -17.08 14.66 0.42
N ALA J 275 -16.53 15.84 0.62
CA ALA J 275 -15.40 16.26 -0.19
C ALA J 275 -14.17 15.43 0.10
N GLU J 276 -13.72 15.39 1.34
CA GLU J 276 -12.47 14.69 1.55
C GLU J 276 -12.50 13.28 1.03
N LEU J 277 -13.67 12.72 0.89
CA LEU J 277 -13.83 11.42 0.26
C LEU J 277 -13.58 11.46 -1.24
N ALA J 278 -14.11 12.48 -1.92
CA ALA J 278 -13.90 12.63 -3.36
C ALA J 278 -12.46 12.93 -3.63
N ASN J 279 -11.76 13.40 -2.60
CA ASN J 279 -10.39 13.82 -2.79
C ASN J 279 -9.38 12.70 -2.64
N HIS J 280 -9.48 11.92 -1.58
CA HIS J 280 -8.47 10.89 -1.39
C HIS J 280 -8.90 9.52 -1.86
N LEU J 281 -10.03 9.42 -2.55
CA LEU J 281 -10.39 8.14 -3.14
C LEU J 281 -10.76 8.22 -4.61
N SER J 282 -10.09 7.44 -5.41
CA SER J 282 -10.45 7.33 -6.80
C SER J 282 -11.84 6.78 -6.85
N PRO J 283 -12.62 7.27 -7.81
CA PRO J 283 -13.96 6.77 -8.12
C PRO J 283 -13.96 5.26 -8.17
N SER J 284 -12.89 4.67 -8.72
CA SER J 284 -12.85 3.22 -8.85
C SER J 284 -13.00 2.58 -7.49
N ARG J 285 -12.24 3.07 -6.52
CA ARG J 285 -12.37 2.54 -5.19
C ARG J 285 -13.62 3.07 -4.47
N LEU J 286 -13.94 4.34 -4.62
CA LEU J 286 -15.16 4.83 -3.99
C LEU J 286 -16.25 3.82 -4.28
N GLN J 287 -16.37 3.42 -5.53
CA GLN J 287 -17.48 2.57 -5.94
C GLN J 287 -17.37 1.10 -5.54
N ALA J 288 -16.17 0.56 -5.57
CA ALA J 288 -15.97 -0.81 -5.17
C ALA J 288 -16.31 -0.96 -3.68
N ILE J 289 -15.94 0.04 -2.89
CA ILE J 289 -16.20 0.02 -1.46
C ILE J 289 -17.67 0.24 -1.22
N LEU J 290 -18.28 1.17 -1.95
CA LEU J 290 -19.70 1.37 -1.80
C LEU J 290 -20.34 0.00 -1.95
N GLY J 291 -19.85 -0.72 -2.93
CA GLY J 291 -20.30 -2.06 -3.22
C GLY J 291 -20.28 -2.97 -2.02
N ASP J 292 -19.11 -3.21 -1.46
CA ASP J 292 -19.02 -4.13 -0.34
C ASP J 292 -19.76 -3.60 0.86
N VAL J 293 -19.70 -2.31 1.08
CA VAL J 293 -20.46 -1.77 2.18
C VAL J 293 -21.91 -2.24 2.10
N CYS J 294 -22.56 -1.98 0.98
CA CYS J 294 -23.96 -2.34 0.83
C CYS J 294 -24.15 -3.80 0.99
N HIS J 295 -23.22 -4.58 0.48
CA HIS J 295 -23.40 -6.01 0.42
C HIS J 295 -23.33 -6.66 1.80
N ILE J 296 -22.32 -6.28 2.55
CA ILE J 296 -22.15 -6.73 3.92
C ILE J 296 -23.36 -6.31 4.75
N ARG J 297 -24.01 -5.22 4.37
CA ARG J 297 -25.18 -4.75 5.10
C ARG J 297 -26.28 -5.77 4.92
N GLU J 298 -26.56 -6.10 3.67
CA GLU J 298 -27.55 -7.12 3.43
C GLU J 298 -27.34 -8.28 4.39
N GLN J 299 -26.16 -8.88 4.33
CA GLN J 299 -25.93 -10.09 5.09
C GLN J 299 -26.12 -9.82 6.55
N LEU J 300 -25.67 -8.67 7.01
CA LEU J 300 -25.87 -8.36 8.43
C LEU J 300 -27.33 -8.47 8.78
N MET J 301 -28.17 -8.19 7.79
CA MET J 301 -29.61 -8.10 7.97
C MET J 301 -30.31 -9.36 7.57
N SER J 302 -29.73 -10.11 6.65
CA SER J 302 -30.46 -11.23 6.12
C SER J 302 -30.00 -12.57 6.66
N VAL J 303 -28.77 -12.67 7.12
CA VAL J 303 -28.30 -13.93 7.70
C VAL J 303 -28.56 -14.00 9.19
N THR J 304 -29.23 -15.06 9.57
CA THR J 304 -29.77 -15.16 10.90
C THR J 304 -28.66 -15.57 11.81
N GLY J 305 -28.38 -14.70 12.77
CA GLY J 305 -27.36 -14.96 13.77
C GLY J 305 -25.90 -14.71 13.40
N ILE J 306 -25.64 -14.32 12.16
CA ILE J 306 -24.29 -14.04 11.70
C ILE J 306 -23.54 -13.08 12.61
N ASN J 307 -22.24 -13.31 12.76
CA ASN J 307 -21.43 -12.55 13.71
C ASN J 307 -21.01 -11.19 13.18
N ARG J 308 -21.55 -10.14 13.77
CA ARG J 308 -21.31 -8.79 13.32
C ARG J 308 -19.83 -8.43 13.33
N GLU J 309 -19.22 -8.56 14.48
CA GLU J 309 -17.82 -8.24 14.61
C GLU J 309 -17.05 -8.93 13.52
N LEU J 310 -17.24 -10.22 13.33
CA LEU J 310 -16.43 -10.88 12.31
C LEU J 310 -16.69 -10.31 10.93
N LEU J 311 -17.94 -10.15 10.54
CA LEU J 311 -18.18 -9.59 9.21
C LEU J 311 -17.66 -8.19 9.03
N ILE J 312 -18.00 -7.28 9.93
CA ILE J 312 -17.57 -5.90 9.77
C ILE J 312 -16.07 -5.83 9.79
N THR J 313 -15.42 -6.58 10.67
CA THR J 313 -13.96 -6.59 10.69
C THR J 313 -13.38 -7.00 9.33
N ASP J 314 -13.86 -8.08 8.75
CA ASP J 314 -13.44 -8.45 7.39
C ASP J 314 -13.63 -7.27 6.43
N LEU J 315 -14.86 -6.79 6.29
CA LEU J 315 -15.15 -5.66 5.42
C LEU J 315 -14.16 -4.50 5.55
N LEU J 316 -13.65 -4.24 6.74
CA LEU J 316 -12.79 -3.08 6.88
C LEU J 316 -11.39 -3.41 6.43
N LEU J 317 -10.91 -4.61 6.73
CA LEU J 317 -9.57 -5.02 6.32
C LEU J 317 -9.51 -5.12 4.82
N ARG J 318 -10.59 -5.66 4.28
CA ARG J 318 -10.71 -5.87 2.86
C ARG J 318 -10.81 -4.53 2.14
N ILE J 319 -11.31 -3.50 2.80
CA ILE J 319 -11.44 -2.20 2.16
C ILE J 319 -10.07 -1.65 2.06
N GLU J 320 -9.31 -1.71 3.14
CA GLU J 320 -7.95 -1.25 3.07
C GLU J 320 -7.22 -1.93 1.92
N HIS J 321 -7.47 -3.21 1.71
CA HIS J 321 -6.74 -3.88 0.66
C HIS J 321 -7.08 -3.23 -0.66
N TYR J 322 -8.35 -2.90 -0.87
CA TYR J 322 -8.81 -2.22 -2.07
C TYR J 322 -8.04 -0.94 -2.32
N LEU J 323 -7.57 -0.33 -1.23
CA LEU J 323 -6.88 0.95 -1.29
C LEU J 323 -5.49 0.81 -1.86
N GLN J 324 -4.91 -0.35 -1.70
CA GLN J 324 -3.66 -0.69 -2.35
C GLN J 324 -3.76 -0.54 -3.87
N PRO J 325 -2.64 -0.15 -4.50
CA PRO J 325 -2.73 0.16 -5.94
C PRO J 325 -2.68 -1.12 -6.76
N GLY J 326 -3.50 -1.21 -7.80
CA GLY J 326 -3.44 -2.37 -8.68
C GLY J 326 -4.21 -3.59 -8.23
N VAL J 327 -4.58 -3.66 -6.96
CA VAL J 327 -5.48 -4.70 -6.49
C VAL J 327 -6.71 -4.87 -7.41
N VAL J 328 -7.19 -6.08 -7.57
CA VAL J 328 -8.37 -6.27 -8.39
C VAL J 328 -9.64 -5.88 -7.61
N LEU J 329 -10.49 -5.06 -8.21
CA LEU J 329 -11.73 -4.68 -7.53
C LEU J 329 -12.95 -5.53 -7.97
N PRO J 330 -13.99 -5.60 -7.13
CA PRO J 330 -15.25 -6.33 -7.37
C PRO J 330 -16.11 -5.80 -8.54
N VAL J 331 -16.88 -6.68 -9.18
CA VAL J 331 -17.86 -6.33 -10.23
C VAL J 331 -19.12 -7.21 -10.18
N PRO J 332 -20.30 -6.65 -9.82
CA PRO J 332 -21.48 -7.48 -9.49
C PRO J 332 -21.87 -8.65 -10.44
N HIS J 333 -22.66 -9.58 -9.90
CA HIS J 333 -22.75 -10.94 -10.44
C HIS J 333 -24.15 -11.35 -10.93
N LEU J 334 -24.16 -12.15 -12.01
CA LEU J 334 -25.36 -12.89 -12.50
C LEU J 334 -26.31 -12.04 -13.41
N THR O 1 -4.96 17.99 16.77
CA THR O 1 -4.76 18.74 15.53
C THR O 1 -5.98 19.58 15.15
N SER O 2 -5.92 20.87 15.51
CA SER O 2 -7.03 21.78 15.24
C SER O 2 -7.13 22.01 13.73
N ARG O 3 -8.24 22.60 13.28
CA ARG O 3 -8.30 23.06 11.91
C ARG O 3 -7.36 24.24 11.76
N ARG O 4 -7.26 25.07 12.80
CA ARG O 4 -6.27 26.14 12.79
C ARG O 4 -4.87 25.55 12.66
N ASP O 5 -4.55 24.58 13.51
CA ASP O 5 -3.23 23.95 13.47
C ASP O 5 -2.96 23.40 12.09
N TRP O 6 -4.00 22.94 11.41
CA TRP O 6 -3.86 22.47 10.03
C TRP O 6 -3.52 23.63 9.09
N GLN O 7 -4.29 24.73 9.18
CA GLN O 7 -4.06 25.90 8.35
C GLN O 7 -2.64 26.45 8.49
N LEU O 8 -2.15 26.44 9.73
CA LEU O 8 -0.79 26.88 9.95
C LEU O 8 0.14 25.99 9.16
N GLN O 9 -0.08 24.69 9.17
CA GLN O 9 0.71 23.85 8.28
C GLN O 9 0.72 24.30 6.84
N GLN O 10 -0.46 24.53 6.28
CA GLN O 10 -0.55 24.86 4.87
C GLN O 10 0.20 26.15 4.58
N LEU O 11 0.30 27.00 5.61
CA LEU O 11 0.86 28.34 5.47
C LEU O 11 2.37 28.40 5.70
N GLY O 12 2.98 27.28 6.10
CA GLY O 12 4.40 27.27 6.45
C GLY O 12 4.75 27.89 7.81
N ILE O 13 3.76 28.42 8.51
CA ILE O 13 4.03 28.99 9.82
C ILE O 13 4.18 27.87 10.82
N THR O 14 5.42 27.61 11.21
CA THR O 14 5.70 26.49 12.08
C THR O 14 5.43 26.86 13.52
N GLN O 15 4.65 26.04 14.20
CA GLN O 15 4.33 26.37 15.59
C GLN O 15 5.40 25.89 16.54
N TRP O 16 5.98 26.80 17.30
CA TRP O 16 6.91 26.39 18.35
C TRP O 16 6.25 26.42 19.76
N SER O 17 6.71 25.54 20.63
CA SER O 17 6.11 25.38 21.95
C SER O 17 7.15 24.85 22.92
N LEU O 18 7.09 25.25 24.18
CA LEU O 18 8.10 24.89 25.18
C LEU O 18 8.35 23.41 25.29
N ARG O 19 9.33 23.04 26.12
CA ARG O 19 9.80 21.68 26.17
C ARG O 19 10.81 21.57 27.29
N ARG O 20 11.34 22.71 27.69
CA ARG O 20 12.30 22.77 28.79
C ARG O 20 12.20 24.16 29.43
N PRO O 21 11.00 24.50 29.89
CA PRO O 21 10.77 25.83 30.47
C PRO O 21 11.84 26.10 31.50
N GLY O 22 12.32 25.03 32.12
CA GLY O 22 13.31 25.13 33.18
C GLY O 22 14.49 26.07 32.93
N ALA O 23 15.05 26.04 31.72
CA ALA O 23 16.24 26.84 31.46
C ALA O 23 15.89 28.19 30.85
N LEU O 24 14.61 28.47 30.78
CA LEU O 24 14.11 29.73 30.29
C LEU O 24 13.84 30.71 31.44
N GLN O 25 12.58 30.75 31.89
CA GLN O 25 12.12 31.59 33.01
C GLN O 25 13.30 31.95 33.92
N GLY O 26 13.64 31.04 34.84
CA GLY O 26 14.88 31.09 35.60
C GLY O 26 16.13 31.53 34.82
N GLU O 27 16.18 32.82 34.52
CA GLU O 27 17.41 33.53 34.15
C GLU O 27 18.46 32.63 33.46
N THR P 1 -5.10 -9.06 -24.47
CA THR P 1 -6.42 -8.67 -23.94
C THR P 1 -7.14 -7.66 -24.86
N SER P 2 -8.09 -8.16 -25.65
CA SER P 2 -8.81 -7.33 -26.60
C SER P 2 -9.78 -6.46 -25.83
N ARG P 3 -10.31 -5.43 -26.46
CA ARG P 3 -11.39 -4.70 -25.84
C ARG P 3 -12.60 -5.61 -25.81
N ARG P 4 -12.75 -6.48 -26.80
CA ARG P 4 -13.83 -7.48 -26.77
C ARG P 4 -13.61 -8.37 -25.57
N ASP P 5 -12.43 -8.95 -25.47
CA ASP P 5 -12.12 -9.80 -24.34
C ASP P 5 -12.42 -9.12 -23.02
N TRP P 6 -12.22 -7.81 -22.95
CA TRP P 6 -12.58 -7.07 -21.76
C TRP P 6 -14.10 -7.07 -21.59
N GLN P 7 -14.83 -6.74 -22.63
CA GLN P 7 -16.27 -6.64 -22.54
C GLN P 7 -16.86 -7.96 -22.11
N LEU P 8 -16.29 -9.04 -22.59
CA LEU P 8 -16.79 -10.33 -22.17
C LEU P 8 -16.60 -10.46 -20.67
N GLN P 9 -15.47 -10.05 -20.12
CA GLN P 9 -15.33 -9.98 -18.67
C GLN P 9 -16.47 -9.27 -17.97
N GLN P 10 -16.74 -8.04 -18.39
CA GLN P 10 -17.78 -7.25 -17.74
C GLN P 10 -19.14 -7.95 -17.77
N LEU P 11 -19.32 -8.79 -18.79
CA LEU P 11 -20.61 -9.44 -19.05
C LEU P 11 -20.73 -10.81 -18.38
N GLY P 12 -19.68 -11.27 -17.72
CA GLY P 12 -19.72 -12.58 -17.11
C GLY P 12 -19.57 -13.75 -18.05
N ILE P 13 -19.49 -13.48 -19.34
CA ILE P 13 -19.33 -14.55 -20.29
C ILE P 13 -17.90 -15.02 -20.28
N THR P 14 -17.70 -16.16 -19.64
CA THR P 14 -16.37 -16.70 -19.52
C THR P 14 -15.88 -17.35 -20.81
N GLN P 15 -14.74 -16.91 -21.31
CA GLN P 15 -14.22 -17.53 -22.50
C GLN P 15 -13.47 -18.81 -22.23
N TRP P 16 -13.93 -19.90 -22.82
CA TRP P 16 -13.17 -21.16 -22.75
C TRP P 16 -12.37 -21.46 -24.03
N SER P 17 -11.24 -22.14 -23.88
CA SER P 17 -10.32 -22.37 -24.98
C SER P 17 -9.52 -23.63 -24.73
N LEU P 18 -9.16 -24.34 -25.79
CA LEU P 18 -8.51 -25.64 -25.65
C LEU P 18 -7.23 -25.62 -24.82
N ARG P 19 -6.67 -26.80 -24.59
CA ARG P 19 -5.57 -26.92 -23.67
C ARG P 19 -5.07 -28.35 -23.75
N ARG P 20 -5.92 -29.24 -24.23
CA ARG P 20 -5.56 -30.62 -24.40
C ARG P 20 -6.34 -31.19 -25.56
N PRO P 21 -6.19 -30.56 -26.74
CA PRO P 21 -6.95 -31.00 -27.92
C PRO P 21 -6.78 -32.50 -28.10
N GLY P 22 -5.62 -33.01 -27.70
CA GLY P 22 -5.32 -34.41 -27.83
C GLY P 22 -6.43 -35.39 -27.45
N ALA P 23 -7.12 -35.15 -26.33
CA ALA P 23 -8.10 -36.12 -25.88
C ALA P 23 -9.49 -35.80 -26.38
N LEU P 24 -9.57 -34.82 -27.27
CA LEU P 24 -10.83 -34.38 -27.87
C LEU P 24 -11.02 -35.01 -29.24
N GLN P 25 -10.66 -34.26 -30.26
CA GLN P 25 -10.68 -34.72 -31.64
C GLN P 25 -10.69 -36.25 -31.70
N GLY P 26 -9.50 -36.86 -31.67
CA GLY P 26 -9.33 -38.29 -31.44
C GLY P 26 -10.29 -38.93 -30.43
N GLU P 27 -11.54 -39.05 -30.85
CA GLU P 27 -12.50 -39.97 -30.26
C GLU P 27 -12.26 -40.21 -28.75
PB ADP Q . 59.61 21.16 10.01
O1B ADP Q . 60.56 21.87 9.03
O2B ADP Q . 59.48 19.66 10.04
O3B ADP Q . 58.08 21.57 9.71
PA ADP Q . 61.25 22.06 12.16
O1A ADP Q . 62.01 20.80 12.39
O2A ADP Q . 61.82 23.14 11.27
O3A ADP Q . 59.81 21.65 11.55
O5' ADP Q . 61.00 22.69 13.60
C5' ADP Q . 61.20 24.09 13.76
C4' ADP Q . 61.22 24.36 15.23
O4' ADP Q . 60.20 23.57 15.82
C3' ADP Q . 62.50 23.85 15.84
O3' ADP Q . 63.44 24.91 15.96
C2' ADP Q . 62.05 23.36 17.20
O2' ADP Q . 61.97 24.49 18.06
C1' ADP Q . 60.62 22.98 17.03
N9 ADP Q . 60.56 21.52 16.93
C8 ADP Q . 59.86 20.84 16.01
N7 ADP Q . 59.98 19.50 16.16
C5 ADP Q . 60.79 19.31 17.22
C6 ADP Q . 61.31 18.13 17.92
N6 ADP Q . 60.99 16.89 17.49
N1 ADP Q . 62.11 18.35 18.97
C2 ADP Q . 62.41 19.59 19.39
N3 ADP Q . 61.97 20.71 18.80
C4 ADP Q . 61.16 20.63 17.73
BE BEF R . 57.76 22.59 8.48
F1 BEF R . 59.01 23.48 8.28
F2 BEF R . 56.53 23.36 8.99
F3 BEF R . 57.42 21.69 7.28
MG MG S . 60.79 23.00 7.24
ZN ZN T . 80.71 16.76 15.09
PB ADP U . 41.97 47.11 9.14
O1B ADP U . 43.03 47.39 8.08
O2B ADP U . 42.24 46.29 10.37
O3B ADP U . 40.75 46.33 8.44
PA ADP U . 42.38 49.77 9.71
O1A ADP U . 43.38 49.43 10.80
O2A ADP U . 42.92 50.03 8.32
O3A ADP U . 41.37 48.51 9.66
O5' ADP U . 41.53 51.06 10.17
C5' ADP U . 41.09 51.99 9.18
C4' ADP U . 40.42 53.16 9.89
O4' ADP U . 39.48 52.66 10.82
C3' ADP U . 41.44 53.93 10.68
O3' ADP U . 41.77 55.12 9.96
C2' ADP U . 40.78 54.20 12.02
O2' ADP U . 40.21 55.49 12.05
C1' ADP U . 39.64 53.22 12.10
N9 ADP U . 39.99 52.18 13.07
C8 ADP U . 39.94 50.85 12.88
N7 ADP U . 40.31 50.16 13.99
C5 ADP U . 40.62 51.07 14.92
C6 ADP U . 41.09 51.04 16.34
N6 ADP U . 41.32 49.87 16.98
N1 ADP U . 41.28 52.23 16.96
C2 ADP U . 41.06 53.40 16.34
N3 ADP U . 40.64 53.50 15.06
C4 ADP U . 40.40 52.40 14.32
BE BEF V . 40.84 45.94 6.84
F1 BEF V . 42.35 45.71 6.57
F2 BEF V . 40.17 47.12 6.14
F3 BEF V . 40.02 44.66 6.64
MG MG W . 43.54 47.37 6.01
ZN ZN X . 60.39 58.31 16.57
PB ADP Y . 20.88 52.66 -13.41
O1B ADP Y . 22.24 52.56 -14.15
O2B ADP Y . 20.78 52.97 -11.95
O3B ADP Y . 20.12 51.25 -13.57
PA ADP Y . 20.18 54.86 -14.91
O1A ADP Y . 20.54 55.88 -13.86
O2A ADP Y . 21.23 54.44 -15.90
O3A ADP Y . 19.75 53.56 -14.10
O5' ADP Y . 18.88 55.36 -15.72
C5' ADP Y . 18.66 55.00 -17.09
C4' ADP Y . 17.45 55.78 -17.59
O4' ADP Y . 16.49 55.79 -16.56
C3' ADP Y . 17.78 57.22 -17.84
O3' ADP Y . 17.71 57.41 -19.24
C2' ADP Y . 16.68 58.03 -17.20
O2' ADP Y . 15.79 58.49 -18.20
C1' ADP Y . 15.88 57.07 -16.40
N9 ADP Y . 15.97 57.38 -14.97
C8 ADP Y . 16.30 56.49 -14.01
N7 ADP Y . 16.29 57.07 -12.78
C5 ADP Y . 15.96 58.36 -12.95
C6 ADP Y . 15.79 59.51 -12.07
N6 ADP Y . 15.97 59.38 -10.74
N1 ADP Y . 15.47 60.69 -12.62
C2 ADP Y . 15.29 60.80 -13.95
N3 ADP Y . 15.42 59.79 -14.82
C4 ADP Y . 15.76 58.56 -14.39
BE BEF Z . 20.89 49.81 -13.75
F1 BEF Z . 22.41 50.11 -13.96
F2 BEF Z . 20.10 49.15 -14.90
F3 BEF Z . 20.64 49.10 -12.42
MG MG AA . 23.73 51.34 -15.07
ZN ZN BA . 30.27 72.66 -16.06
ZN ZN CA . 20.18 44.46 -50.08
PB ADP DA . -20.17 -57.66 16.01
O1B ADP DA . -21.41 -58.02 16.85
O2B ADP DA . -18.89 -57.25 16.65
O3B ADP DA . -20.56 -56.37 15.12
PA ADP DA . -20.00 -60.33 15.08
O1A ADP DA . -18.90 -60.75 16.00
O2A ADP DA . -21.45 -60.57 15.45
O3A ADP DA . -19.78 -58.75 14.87
O5' ADP DA . -19.69 -61.10 13.72
C5' ADP DA . -20.81 -61.72 13.11
C4' ADP DA . -20.22 -62.61 12.04
O4' ADP DA . -19.12 -61.92 11.47
C3' ADP DA . -19.64 -63.86 12.63
O3' ADP DA . -20.60 -64.90 12.52
C2' ADP DA . -18.47 -64.16 11.74
O2' ADP DA . -18.91 -64.85 10.59
C1' ADP DA . -18.07 -62.82 11.22
N9 ADP DA . -16.93 -62.34 11.99
C8 ADP DA . -16.80 -61.11 12.50
N7 ADP DA . -15.60 -60.97 13.14
C5 ADP DA . -14.97 -62.15 13.03
C6 ADP DA . -13.68 -62.67 13.47
N6 ADP DA . -12.83 -61.90 14.18
N1 ADP DA . -13.41 -63.95 13.16
C2 ADP DA . -14.26 -64.73 12.45
N3 ADP DA . -15.45 -64.31 12.00
C4 ADP DA . -15.85 -63.05 12.26
BE BEF EA . -22.04 -55.65 15.18
F1 BEF EA . -23.06 -56.74 15.60
F2 BEF EA . -22.28 -55.09 13.76
F3 BEF EA . -21.90 -54.57 16.28
MG MG FA . -23.33 -57.46 17.56
ZN ZN GA . -16.63 -76.43 27.25
PB ADP HA . -39.96 -48.91 -6.88
O1B ADP HA . -40.93 -49.24 -5.71
O2B ADP HA . -38.68 -49.65 -7.06
O3B ADP HA . -39.54 -47.35 -6.75
PA ADP HA . -41.98 -50.15 -8.29
O1A ADP HA . -41.27 -51.45 -8.28
O2A ADP HA . -42.98 -49.83 -7.18
O3A ADP HA . -40.81 -49.04 -8.24
O5' ADP HA . -42.73 -50.05 -9.70
C5' ADP HA . -43.92 -49.28 -9.83
C4' ADP HA . -44.44 -49.41 -11.24
O4' ADP HA . -43.42 -49.04 -12.14
C3' ADP HA . -44.75 -50.86 -11.56
O3' ADP HA . -46.18 -51.00 -11.54
C2' ADP HA . -44.17 -51.14 -12.93
O2' ADP HA . -45.12 -50.97 -13.97
C1' ADP HA . -43.21 -50.02 -13.15
N9 ADP HA . -41.85 -50.60 -13.06
C8 ADP HA . -40.81 -50.14 -12.33
N7 ADP HA . -39.70 -50.90 -12.49
C5 ADP HA . -40.05 -51.86 -13.35
C6 ADP HA . -39.35 -53.00 -13.94
N6 ADP HA . -38.06 -53.24 -13.64
N1 ADP HA . -40.05 -53.78 -14.79
C2 ADP HA . -41.33 -53.54 -15.09
N3 ADP HA . -42.04 -52.53 -14.59
C4 ADP HA . -41.45 -51.67 -13.72
BE BEF IA . -40.08 -46.43 -5.46
F1 BEF IA . -40.27 -47.41 -4.23
F2 BEF IA . -41.38 -45.78 -6.00
F3 BEF IA . -39.02 -45.35 -5.16
MG MG JA . -42.08 -48.50 -4.07
ZN ZN KA . -47.70 -70.29 -6.53
PB ADP LA . -53.80 -20.78 -7.51
O1B ADP LA . -54.31 -21.42 -6.19
O2B ADP LA . -53.24 -21.57 -8.65
O3B ADP LA . -52.63 -19.75 -7.18
PA ADP LA . -56.40 -20.00 -8.11
O1A ADP LA . -56.65 -21.10 -9.10
O2A ADP LA . -56.67 -20.20 -6.64
O3A ADP LA . -54.82 -19.76 -8.23
O5' ADP LA . -57.23 -18.68 -8.56
C5' ADP LA . -57.51 -17.60 -7.65
C4' ADP LA . -58.24 -16.51 -8.42
O4' ADP LA . -57.58 -16.27 -9.65
C3' ADP LA . -59.63 -16.95 -8.80
O3' ADP LA . -60.51 -16.17 -8.01
C2' ADP LA . -59.79 -16.59 -10.27
O2' ADP LA . -60.58 -15.42 -10.38
C1' ADP LA . -58.45 -16.17 -10.76
N9 ADP LA . -57.97 -17.13 -11.76
C8 ADP LA . -56.77 -17.69 -11.75
N7 ADP LA . -56.58 -18.51 -12.79
C5 ADP LA . -57.71 -18.45 -13.48
C6 ADP LA . -58.18 -19.08 -14.70
N6 ADP LA . -57.40 -19.94 -15.38
N1 ADP LA . -59.40 -18.77 -15.14
C2 ADP LA . -60.16 -17.92 -14.46
N3 ADP LA . -59.81 -17.30 -13.32
C4 ADP LA . -58.60 -17.54 -12.80
BE BEF MA . -51.64 -19.95 -5.88
F1 BEF MA . -52.22 -21.10 -4.96
F2 BEF MA . -51.65 -18.55 -5.23
F3 BEF MA . -50.25 -20.28 -6.50
MG MG NA . -54.02 -21.82 -4.11
ZN ZN OA . -73.18 -31.43 -10.34
ZN ZN PA . -66.84 2.09 18.79
#